data_6CCE
#
_entry.id   6CCE
#
_cell.length_a   130.564
_cell.length_b   161.583
_cell.length_c   135.141
_cell.angle_alpha   90.00
_cell.angle_beta   110.73
_cell.angle_gamma   90.00
#
_symmetry.space_group_name_H-M   'P 1 21 1'
#
loop_
_entity.id
_entity.type
_entity.pdbx_description
1 polymer 'RNA polymerase-binding protein RbpA'
2 polymer 'DNA-directed RNA polymerase subunit alpha'
3 polymer 'DNA-directed RNA polymerase subunit beta'
4 polymer "DNA-directed RNA polymerase subunit beta'"
5 polymer 'DNA-directed RNA polymerase subunit omega'
6 polymer 'RNA polymerase sigma factor SigA'
7 polymer 'DNA (57-MER)'
8 polymer poly(UNK)
9 non-polymer 'Kanglemycin A'
10 non-polymer 'SULFATE ION'
11 non-polymer 'ZINC ION'
12 non-polymer 'MAGNESIUM ION'
13 non-polymer 'GLUTAMIC ACID'
14 non-polymer 1,2-ETHANEDIOL
#
loop_
_entity_poly.entity_id
_entity_poly.type
_entity_poly.pdbx_seq_one_letter_code
_entity_poly.pdbx_strand_id
1 'polypeptide(L)'
;MADRVLRGSRLGAVSYETDRNHDLAPRQVARYRTDNGEEFDVPFADDAEIPGTWLCRNGLEGTLIEGDVPEPKKVKPPRT
HWDMLLERRSVEELEELLKERLDLIKAKRRGTGS
;
J
2 'polypeptide(L)'
;MLISQRPTLSEETVAENRSRFVIEPLEPGFGYTLGNSLRRTLLSSIPGAAVTSIRIDGVLHEFTTVPGVKEDVTDIILNL
KGLVVSSDDDEPVTMYLRKQGPGVVTAGDIVPPAGVTVHNPDMHIATLNDKGKLEVELVVERGRGYVPAVQNKASGAEIG
RIPVDSIYSPVLKVTYKVEATRVEQRTDFDKLIIDVETKNSISPRDALASAGGTLVELFGLARELNADSEHIEIGPSPAE
ADHIASFALPIDDLDLTVRSYNCLKREGVHTVGELVARTESDLLDIRNFGQKSIDEVKIKLHQLGLSLKDSPATFDPSEV
AGYDAATGTWTSDAGYDLDDNQDYAETEQL
;
A,B
3 'polypeptide(L)'
;MLEGCILAVSSQSKSNAITNNSVPGAPNRVSFAKLREPLEVPGLLDVQTDSFEWLVGSDRWRQAAIDRGEENPVGGLEEV
LAELSPIEDFSGSMSLSFSDPRFDEVKASVDECKDKDMTYAAPLFVTAEFINNNTGEIKSQTVFMGDFPMMTEKGTFIIN
GTERVVVSQLVRSPGVYFDETIDKSTEKTLHSVKVIPGRGAWLEFDVDKRDTVGVRIDRKRRQPVTVLLKALGWTNEQIV
ERFGFSEIMMGTLEKDTTSGTDEALLDIYRKLRPGEPPTKESAQTLLENLFFKEKRYDLARVGRYKVNKKLGLNAGKPIT
SSTLTEEDVVATIEYLVRLHEGQTSMTVPGGVEVPVEVDDIDHFGNRRLRTVGELIQNQIRVGLSRMERVVRERMTTQDV
EAITPQTLINIRPVVAAIKEFFGTSQLSQFMDQNNPLSGLTHKRRLSALGPGGLSRERAGLEVRDVHPSHYGRMCPIETP
EGPNIGLIGSLSVYARVNPFGFIETPYRKVENGVVTDQIDYLTADEEDRHVVAQANSPTDENGRFTEDRVMVRKKGGEVE
FVSADQVDYMDVSPRQMVSVATAMIPFLEHDDANRALMGANMQRQAVPLVRSEAPLVGTGMELRAAIDAGDVVVADKTGV
IEEVSADYITVMADDGTRQSYRLRKFARSNHGTCANQRPIVDAGQRVEAGQVIADGPCTQNGEMALGKNLLVAIMPWEGH
NYEDAIILSNRLVEEDVLTSIHIEEHEIDARDTKLGAEEITRDIPNVSDEVLADLDERGIVRIGAEVRDGDILVGKVTPK
GETELTPEERLLRAIFGEKAREVRDTSLKVPHGESGKVIGIRVFSREDDDELPAGVNELVRVYVAQKRKISDGDKLAGRH
GNKGVIGKILPVEDMPFLPDGTPVDIILNTHGVPRRMNIGQILETHLGWVAKAGWNIDVAAGVPDWASKLPEELYSAPAD
STVATPVFDGAQEGELAGLLGSTLPNRDGEVMVDADGKSTLFDGRSGEPFPYPVTVGYMYILKLHHLVDDKIHARSTGPY
SMITQQPLGGKAQFGGQRFGEMECWAMQAYGAAYTLQELLTIKSDDTVGRVKVYEAIVKGENIPEPGIPESFKVLLKELQ
SLCLNVEVLSSDGAAIEMRDGDDEDLERAAANLGINLSRNESASVEDLA
;
C
4 'polypeptide(L)'
;MLDVNFFDELRIGLATADDIRNWSYGEVKKPETINYRTLKPEKDGLFCEKIFGPTRDWECYCGKYKRVRFKGIICERCGV
EVTRAKVRRERMGHIELAAPVTHIWYFKGVPSRLGYLLDLAPKDLEKIIYFAAYVITSVDDEMRHNELSTLEAEMAVEKK
AVEDQRDADLEARAQKLEADLAELEAEGAKSDVRRKVRDSGEREMRQLRDRAQRELDRLDEIWNTFTKLAPKQLIVDEVL
YRELQDRYGEYFTGAMGAESIKKLIENFDIDAEAESLREVIRSGKGQKKLRALKRLKVVAAFQQSGNSPMGMVLDAVPVI
PPELRPMVQLDGGRFATSDLNDLYRRVINRNNRLKRLIDLGAPEIIVNNEKRMLQESVDALFDNGRRGRPVTGPGNRPLK
SLSDLLKGKQGRFRQNLLGKRVDYSGRSVIVVGPQLKLHQCGLPKLMALELFKPFVMKRLVDLNHAQNIKSAKRMVERQR
PQVWDVLEEVIAEHPVLLNRAPTLHRLGIQAFEPQLVEGKAIQLHPLVCEAFNADFDGDQMAVHLPLSAEAQAEARILML
SSNNILSPASGKPLAMPRLDMVTGLYYLTTLVEGATGEYQAATKDAPEQGVYSSPAEAIMAMDRGALSVRAKIKVRLTEL
RPPTDLEAQLFENGWKPGDAWTAETTLGRVMFNELLPKSYPFVNEQMHKKVQARIINDLAERFPMIVVAQTVDKLKDAGF
YWATRSGVTVSMADVLVPPQKQEILERHEAEADAIERKYQRGALNHTERNESLVKIWQDATEEVGKALEEFYPADNPIIT
IVKSGATGNLTQTRTLAGMKGLVTNPKGEFIPRPIKSSFREGLTVLEYFINTHGARKGLADTALRTADSGYLTRRLVDVS
QDVIVREHDCETERGINVTLAERGPDGTLIRDAHVETSAFARTLATDAVDANGNVIIERGHDLGDPAIDALLAAGITTVK
VRSVLTCTSATGVCAMCYGRSMATGKLVDIGEAVGIVAAQSIGEPGTQLTMRTFHQGGVTGGADIVGGLPRVQELFEARV
PRNKAPIADVAGRVRLEESDKFFKITIVPDDGGEEVVYDKLSKRQRLRVITHEDGTEGVLSDGDHVEVGDQLMEGAADPH
EVLRVQGPREVQIHLVKEVQEVYRAQGVSIHDKHIEVIVRQMLRRVTIIDSGSTEFLPGSLTERAEFEAENRRVVAEGGE
PAAGRPVLMGITKASLATDSWLSAASFQETTRVLTDAAINCRSDKLNGLKENVIIGKLIPAGTGISRYRNIQVQPTEEAR
AAAYTIPSYEDQYYSPDFGQATGAAVPLDDYGYSDYR
;
D
5 'polypeptide(L)'
;MSTPHADAQLNAADDLGIDSSAASAYDTPLGITNPPIDELLSRASSKYALVIYAAKRARQINDYYNQLGDGILEYVGPLV
EPGLQEKPLSIALREIHGDLLEHTEGE
;
E
6 'polypeptide(L)'
;MAATKASPATEEPVKRTATKTPAKKAPAKRAAKSAAAKAGGKAPAKKAPAKRAAKGTAAKPEDGVTDDLEVTDDLEAEPG
EDLDVEDTDLELDDLDSDDDTAVEDEEEEADAATPAVATAKAADDDIDEPSEKDKASGDFVWDEEESEALRQARKDAELT
ASADSVRAYLKQIGKVALLNAEEEVELAKRIEAGLYATQKLAELAEKGEKLPVQQRRDMQWICRDGDRAKNHLLEANLRL
VVSLAKRYTGRGMAFLDLIQEGNLGLIRAVEKFDYTKGYKFSTYATWWIRQAITRAMADQARTIRIPVHMVEVINKLGRI
QRELLQDLGREPTPEELAKEMDITPEKVLEIQQYAREPISLDQTIGDEGDSQLGDFIEDSEAVVAVDAVSFTLLQDQLQS
VLETLSEREAGVVRLRFGLTDGQPRTLDEIGQVYGVTRERIRQIESKTMSKLRHPSRSQVLRDYLD
;
F
7 'polydeoxyribonucleotide'
;(DG)(DC)(DT)(DT)(DG)(DA)(DC)(DA)(DA)(DA)(DA)(DG)(DT)(DG)(DT)(DT)(DA)(DA)(DA)(DT)
(DT)(DG)(DT)(DG)(DC)(DT)(DA)(DT)(DA)(DC)(DT)(DA)(DG)(DC)(DA)(DC)(DA)(DA)(DT)(DT)
(DT)(DA)(DA)(DC)(DA)(DC)(DT)(DT)(DT)(DT)(DG)(DT)(DC)(DA)(DA)(DG)(DC)
;
O
8 'polypeptide(L)'
;(UNK)(UNK)(UNK)(UNK)(UNK)(UNK)(UNK)(UNK)(UNK)(UNK)(UNK)(UNK)(UNK)(UNK)(UNK)(UNK)
(UNK)(UNK)(UNK)
;
G
#
# COMPACT_ATOMS: atom_id res chain seq x y z
N PRO A 77 -52.84 7.00 -36.27
CA PRO A 77 -52.68 7.69 -37.55
C PRO A 77 -51.21 7.93 -37.93
N PRO A 78 -50.53 6.87 -38.35
CA PRO A 78 -49.15 7.02 -38.83
C PRO A 78 -49.13 7.48 -40.28
N ARG A 79 -47.93 7.75 -40.77
CA ARG A 79 -47.70 7.99 -42.20
C ARG A 79 -47.17 6.69 -42.79
N THR A 80 -47.99 6.05 -43.62
CA THR A 80 -47.71 4.72 -44.12
C THR A 80 -47.19 4.78 -45.55
N HIS A 81 -46.81 3.61 -46.07
CA HIS A 81 -46.30 3.53 -47.43
C HIS A 81 -47.35 3.96 -48.44
N TRP A 82 -48.63 3.71 -48.15
CA TRP A 82 -49.70 4.14 -49.05
C TRP A 82 -49.76 5.66 -49.14
N ASP A 83 -49.76 6.33 -47.98
CA ASP A 83 -49.81 7.80 -47.97
C ASP A 83 -48.66 8.38 -48.78
N MET A 84 -47.44 7.86 -48.60
CA MET A 84 -46.29 8.37 -49.32
C MET A 84 -46.42 8.15 -50.83
N LEU A 85 -47.08 7.05 -51.23
CA LEU A 85 -47.28 6.79 -52.65
C LEU A 85 -48.37 7.67 -53.23
N LEU A 86 -49.48 7.84 -52.52
CA LEU A 86 -50.57 8.67 -53.01
C LEU A 86 -50.13 10.12 -53.17
N GLU A 87 -49.21 10.59 -52.33
CA GLU A 87 -48.76 11.97 -52.40
C GLU A 87 -48.08 12.30 -53.73
N ARG A 88 -47.39 11.33 -54.32
CA ARG A 88 -46.59 11.59 -55.52
C ARG A 88 -47.25 11.10 -56.80
N ARG A 89 -48.38 10.42 -56.74
CA ARG A 89 -49.04 9.94 -57.94
C ARG A 89 -50.55 9.90 -57.73
N SER A 90 -51.29 10.42 -58.71
CA SER A 90 -52.74 10.41 -58.65
C SER A 90 -53.28 9.01 -58.90
N VAL A 91 -54.54 8.80 -58.54
CA VAL A 91 -55.17 7.50 -58.70
C VAL A 91 -55.20 7.08 -60.17
N GLU A 92 -55.26 8.05 -61.09
CA GLU A 92 -55.27 7.70 -62.50
C GLU A 92 -53.89 7.23 -62.96
N GLU A 93 -52.83 7.80 -62.40
CA GLU A 93 -51.48 7.31 -62.70
C GLU A 93 -51.28 5.91 -62.16
N LEU A 94 -51.70 5.68 -60.91
CA LEU A 94 -51.60 4.34 -60.33
C LEU A 94 -52.46 3.34 -61.10
N GLU A 95 -53.68 3.76 -61.47
CA GLU A 95 -54.58 2.86 -62.18
C GLU A 95 -53.96 2.38 -63.49
N GLU A 96 -53.38 3.30 -64.26
CA GLU A 96 -52.75 2.91 -65.52
C GLU A 96 -51.57 1.98 -65.28
N LEU A 97 -50.81 2.22 -64.20
CA LEU A 97 -49.73 1.30 -63.83
C LEU A 97 -50.30 -0.09 -63.53
N LEU A 98 -51.38 -0.14 -62.75
CA LEU A 98 -52.00 -1.42 -62.43
C LEU A 98 -52.50 -2.13 -63.68
N LYS A 99 -53.03 -1.38 -64.64
CA LYS A 99 -53.49 -1.98 -65.89
C LYS A 99 -52.33 -2.66 -66.62
N GLU A 100 -51.20 -1.97 -66.75
CA GLU A 100 -50.02 -2.58 -67.36
C GLU A 100 -49.66 -3.87 -66.64
N ARG A 101 -49.47 -3.79 -65.32
CA ARG A 101 -49.13 -4.98 -64.55
C ARG A 101 -50.15 -6.09 -64.75
N LEU A 102 -51.44 -5.73 -64.82
CA LEU A 102 -52.47 -6.74 -65.04
C LEU A 102 -52.35 -7.38 -66.41
N ASP A 103 -52.02 -6.60 -67.44
CA ASP A 103 -51.86 -7.17 -68.77
C ASP A 103 -50.67 -8.10 -68.86
N LEU A 104 -49.61 -7.82 -68.09
CA LEU A 104 -48.44 -8.69 -68.07
C LEU A 104 -48.82 -10.10 -67.63
N ILE A 105 -49.39 -10.21 -66.43
CA ILE A 105 -49.89 -11.50 -65.96
C ILE A 105 -50.95 -12.04 -66.91
N LYS A 106 -51.77 -11.16 -67.46
CA LYS A 106 -52.77 -11.58 -68.43
C LYS A 106 -52.13 -12.27 -69.64
N ALA A 107 -51.04 -11.69 -70.17
CA ALA A 107 -50.35 -12.30 -71.30
C ALA A 107 -49.67 -13.60 -70.91
N LYS A 108 -49.16 -13.70 -69.69
CA LYS A 108 -48.44 -14.90 -69.27
C LYS A 108 -49.33 -16.13 -69.32
N ARG A 109 -50.49 -16.07 -68.65
CA ARG A 109 -51.39 -17.21 -68.61
C ARG A 109 -52.06 -17.43 -69.96
N ARG A 110 -52.51 -16.36 -70.62
CA ARG A 110 -53.27 -16.50 -71.85
C ARG A 110 -52.38 -16.89 -73.02
N GLY A 111 -51.31 -16.12 -73.24
CA GLY A 111 -50.39 -16.40 -74.33
C GLY A 111 -49.27 -17.31 -73.87
N THR A 112 -48.94 -18.29 -74.71
CA THR A 112 -47.88 -19.25 -74.40
C THR A 112 -46.52 -18.59 -74.45
N MET B 1 32.83 6.97 62.27
CA MET B 1 33.98 7.87 62.28
C MET B 1 33.62 9.22 61.68
N LEU B 2 32.51 9.79 62.14
CA LEU B 2 32.04 11.06 61.61
C LEU B 2 33.14 12.11 61.67
N ILE B 3 33.38 12.77 60.54
CA ILE B 3 34.13 14.03 60.51
C ILE B 3 33.12 15.15 60.45
N SER B 4 33.34 16.20 61.25
CA SER B 4 32.40 17.30 61.39
C SER B 4 33.02 18.55 60.79
N GLN B 5 32.51 18.98 59.64
CA GLN B 5 32.94 20.22 59.02
C GLN B 5 31.81 20.74 58.14
N ARG B 6 31.40 21.98 58.37
CA ARG B 6 30.29 22.55 57.63
C ARG B 6 30.64 22.64 56.15
N PRO B 7 29.76 22.20 55.25
CA PRO B 7 30.03 22.36 53.81
C PRO B 7 30.20 23.82 53.45
N THR B 8 31.34 24.15 52.86
CA THR B 8 31.70 25.53 52.58
C THR B 8 31.19 25.97 51.22
N LEU B 9 31.10 27.29 51.04
CA LEU B 9 30.81 27.92 49.76
C LEU B 9 32.03 28.72 49.34
N SER B 10 32.76 28.21 48.37
CA SER B 10 33.78 28.99 47.66
C SER B 10 33.21 29.41 46.32
N GLU B 11 33.50 30.64 45.92
CA GLU B 11 33.05 31.17 44.64
C GLU B 11 34.24 31.67 43.85
N GLU B 12 34.20 31.46 42.54
CA GLU B 12 35.24 31.90 41.63
C GLU B 12 34.62 32.55 40.41
N THR B 13 35.36 33.45 39.79
CA THR B 13 34.92 34.17 38.60
C THR B 13 35.76 33.69 37.42
N VAL B 14 35.16 32.86 36.56
CA VAL B 14 35.84 32.42 35.36
C VAL B 14 35.73 33.45 34.25
N ALA B 15 34.65 34.22 34.23
CA ALA B 15 34.46 35.26 33.23
C ALA B 15 33.32 36.17 33.69
N GLU B 16 33.00 37.15 32.85
CA GLU B 16 31.92 38.07 33.18
C GLU B 16 30.56 37.38 33.13
N ASN B 17 30.37 36.52 32.12
CA ASN B 17 29.09 35.84 31.95
C ASN B 17 28.95 34.66 32.90
N ARG B 18 30.01 33.86 33.05
CA ARG B 18 29.96 32.67 33.90
C ARG B 18 31.00 32.76 35.01
N SER B 19 30.68 32.10 36.13
CA SER B 19 31.56 32.08 37.29
C SER B 19 31.49 30.70 37.93
N ARG B 20 32.65 30.10 38.19
CA ARG B 20 32.70 28.77 38.77
C ARG B 20 32.31 28.82 40.25
N PHE B 21 31.83 27.67 40.74
CA PHE B 21 31.55 27.46 42.15
C PHE B 21 32.13 26.12 42.57
N VAL B 22 32.51 26.02 43.84
CA VAL B 22 33.08 24.80 44.40
C VAL B 22 32.55 24.62 45.81
N ILE B 23 32.17 23.39 46.14
CA ILE B 23 31.60 23.06 47.44
C ILE B 23 32.41 21.93 48.05
N GLU B 24 32.73 22.06 49.34
CA GLU B 24 33.54 21.08 50.06
C GLU B 24 33.48 21.35 51.56
N PRO B 25 33.61 20.32 52.41
CA PRO B 25 33.75 18.91 52.03
C PRO B 25 32.42 18.17 52.11
N LEU B 26 32.25 17.14 51.28
CA LEU B 26 31.00 16.40 51.22
C LEU B 26 31.26 14.90 51.30
N GLU B 27 30.23 14.17 51.74
CA GLU B 27 30.33 12.72 51.85
C GLU B 27 30.61 12.09 50.50
N PRO B 28 31.16 10.88 50.49
CA PRO B 28 31.47 10.23 49.20
C PRO B 28 30.20 9.94 48.40
N GLY B 29 30.28 10.19 47.09
CA GLY B 29 29.19 9.93 46.19
C GLY B 29 28.23 11.08 45.97
N PHE B 30 28.29 12.12 46.81
CA PHE B 30 27.34 13.22 46.70
C PHE B 30 27.66 14.17 45.55
N GLY B 31 28.93 14.23 45.13
CA GLY B 31 29.32 15.24 44.16
C GLY B 31 28.50 15.20 42.89
N TYR B 32 28.30 14.01 42.32
CA TYR B 32 27.65 13.92 41.02
C TYR B 32 26.14 14.15 41.12
N THR B 33 25.47 13.42 42.00
CA THR B 33 24.01 13.55 42.09
C THR B 33 23.60 14.95 42.53
N LEU B 34 24.40 15.61 43.34
CA LEU B 34 24.02 16.92 43.85
C LEU B 34 24.25 18.01 42.82
N GLY B 35 25.41 17.99 42.15
CA GLY B 35 25.65 18.97 41.10
C GLY B 35 24.62 18.92 39.99
N ASN B 36 24.25 17.71 39.56
CA ASN B 36 23.22 17.57 38.53
C ASN B 36 21.86 17.99 39.04
N SER B 37 21.56 17.70 40.31
CA SER B 37 20.28 18.15 40.88
C SER B 37 20.18 19.67 40.85
N LEU B 38 21.30 20.37 40.94
CA LEU B 38 21.32 21.82 40.73
C LEU B 38 21.23 22.16 39.24
N ARG B 39 21.97 21.43 38.41
CA ARG B 39 21.97 21.70 36.97
C ARG B 39 20.56 21.64 36.40
N ARG B 40 19.85 20.55 36.65
CA ARG B 40 18.50 20.40 36.11
C ARG B 40 17.62 21.58 36.49
N THR B 41 17.75 22.06 37.73
CA THR B 41 16.93 23.19 38.18
C THR B 41 17.42 24.50 37.58
N LEU B 42 18.72 24.64 37.35
CA LEU B 42 19.24 25.85 36.73
C LEU B 42 18.63 26.06 35.35
N LEU B 43 18.64 25.01 34.52
CA LEU B 43 18.20 25.14 33.14
C LEU B 43 16.70 25.33 33.02
N SER B 44 15.93 24.82 33.98
CA SER B 44 14.47 24.76 33.84
C SER B 44 13.74 25.87 34.56
N SER B 45 14.23 26.31 35.73
CA SER B 45 13.41 27.11 36.64
C SER B 45 13.92 28.53 36.89
N ILE B 46 15.05 28.94 36.31
CA ILE B 46 15.54 30.28 36.56
C ILE B 46 14.62 31.29 35.90
N PRO B 47 13.95 32.15 36.66
CA PRO B 47 13.01 33.11 36.06
C PRO B 47 13.74 34.14 35.22
N GLY B 48 13.04 34.65 34.22
CA GLY B 48 13.62 35.66 33.34
C GLY B 48 12.56 36.39 32.56
N ALA B 49 13.01 37.36 31.78
CA ALA B 49 12.14 38.14 30.90
C ALA B 49 12.30 37.67 29.46
N ALA B 50 11.17 37.51 28.77
CA ALA B 50 11.18 37.12 27.38
C ALA B 50 10.05 37.83 26.65
N VAL B 51 10.29 38.12 25.37
CA VAL B 51 9.30 38.83 24.55
C VAL B 51 8.21 37.84 24.15
N THR B 52 6.96 38.16 24.53
CA THR B 52 5.84 37.28 24.26
C THR B 52 5.33 37.44 22.84
N SER B 53 4.87 38.65 22.49
CA SER B 53 4.33 38.94 21.17
C SER B 53 4.90 40.25 20.67
N ILE B 54 4.85 40.43 19.34
CA ILE B 54 5.32 41.65 18.70
C ILE B 54 4.33 42.06 17.61
N ARG B 55 4.41 43.33 17.23
CA ARG B 55 3.51 43.91 16.24
C ARG B 55 4.31 44.79 15.28
N ILE B 56 4.01 44.67 14.00
CA ILE B 56 4.54 45.55 12.98
C ILE B 56 3.37 46.15 12.21
N ASP B 57 3.33 47.49 12.13
CA ASP B 57 2.15 48.17 11.62
C ASP B 57 1.76 47.66 10.24
N GLY B 58 2.73 47.54 9.34
CA GLY B 58 2.41 47.19 7.96
C GLY B 58 1.94 45.77 7.78
N VAL B 59 2.42 44.84 8.62
CA VAL B 59 2.16 43.42 8.44
C VAL B 59 0.94 43.01 9.26
N LEU B 60 0.16 42.08 8.71
CA LEU B 60 -0.92 41.44 9.45
C LEU B 60 -0.57 40.03 9.90
N HIS B 61 0.48 39.43 9.35
CA HIS B 61 0.94 38.12 9.76
C HIS B 61 2.44 38.05 9.55
N GLU B 62 3.04 36.94 9.99
CA GLU B 62 4.49 36.78 9.99
C GLU B 62 5.04 36.19 8.70
N PHE B 63 4.21 35.99 7.68
CA PHE B 63 4.64 35.34 6.44
C PHE B 63 4.70 36.30 5.27
N THR B 64 4.98 37.58 5.52
CA THR B 64 5.07 38.57 4.47
C THR B 64 6.38 39.34 4.61
N THR B 65 6.78 40.00 3.53
CA THR B 65 7.94 40.86 3.53
C THR B 65 7.54 42.30 3.82
N VAL B 66 8.53 43.13 4.16
CA VAL B 66 8.33 44.54 4.39
C VAL B 66 9.13 45.29 3.33
N PRO B 67 8.56 46.28 2.65
CA PRO B 67 9.28 46.96 1.57
C PRO B 67 10.57 47.59 2.08
N GLY B 68 11.66 47.34 1.35
CA GLY B 68 12.95 47.93 1.64
C GLY B 68 13.84 47.13 2.57
N VAL B 69 13.27 46.23 3.37
CA VAL B 69 14.05 45.44 4.31
C VAL B 69 14.59 44.21 3.59
N LYS B 70 15.72 43.70 4.08
CA LYS B 70 16.36 42.55 3.46
C LYS B 70 15.84 41.22 3.99
N GLU B 71 15.32 41.19 5.22
CA GLU B 71 14.82 39.97 5.84
C GLU B 71 13.31 39.95 5.81
N ASP B 72 12.74 38.77 5.54
CA ASP B 72 11.31 38.60 5.69
C ASP B 72 10.95 38.61 7.18
N VAL B 73 9.65 38.67 7.45
CA VAL B 73 9.20 38.84 8.83
C VAL B 73 9.57 37.63 9.67
N THR B 74 9.19 36.43 9.23
CA THR B 74 9.50 35.23 10.01
C THR B 74 11.01 35.06 10.17
N ASP B 75 11.79 35.56 9.21
CA ASP B 75 13.24 35.60 9.40
C ASP B 75 13.62 36.61 10.47
N ILE B 76 12.91 37.72 10.54
CA ILE B 76 13.17 38.71 11.59
C ILE B 76 12.79 38.14 12.95
N ILE B 77 11.70 37.38 13.01
CA ILE B 77 11.29 36.77 14.29
C ILE B 77 12.38 35.84 14.80
N LEU B 78 12.92 35.00 13.91
CA LEU B 78 13.99 34.10 14.31
C LEU B 78 15.22 34.88 14.77
N ASN B 79 15.49 36.04 14.16
CA ASN B 79 16.57 36.88 14.64
C ASN B 79 16.22 37.54 15.96
N LEU B 80 14.93 37.81 16.21
CA LEU B 80 14.51 38.39 17.48
C LEU B 80 14.57 37.38 18.62
N LYS B 81 14.64 36.09 18.32
CA LYS B 81 14.64 35.10 19.40
C LYS B 81 15.87 35.23 20.28
N GLY B 82 17.00 35.62 19.70
CA GLY B 82 18.24 35.70 20.45
C GLY B 82 18.28 36.79 21.50
N LEU B 83 17.22 37.59 21.59
CA LEU B 83 17.18 38.71 22.52
C LEU B 83 17.29 38.21 23.96
N VAL B 84 18.23 38.76 24.70
CA VAL B 84 18.34 38.56 26.14
C VAL B 84 17.86 39.84 26.81
N VAL B 85 16.71 39.76 27.48
CA VAL B 85 16.05 40.93 28.05
C VAL B 85 15.76 40.67 29.53
N SER B 86 15.87 41.72 30.33
CA SER B 86 15.59 41.67 31.76
C SER B 86 14.52 42.70 32.09
N SER B 87 13.42 42.25 32.67
CA SER B 87 12.28 43.11 32.98
C SER B 87 11.91 42.95 34.44
N ASP B 88 12.14 43.99 35.24
CA ASP B 88 11.72 43.99 36.63
C ASP B 88 10.22 44.22 36.78
N ASP B 89 9.52 44.54 35.69
CA ASP B 89 8.09 44.83 35.74
C ASP B 89 7.30 43.53 35.73
N ASP B 90 6.49 43.32 36.78
CA ASP B 90 5.69 42.10 36.87
C ASP B 90 4.74 41.99 35.70
N GLU B 91 4.14 43.10 35.29
CA GLU B 91 3.08 43.08 34.28
C GLU B 91 3.67 43.24 32.88
N PRO B 92 2.85 42.98 31.86
CA PRO B 92 3.34 43.08 30.47
C PRO B 92 3.59 44.53 30.08
N VAL B 93 4.80 44.81 29.63
CA VAL B 93 5.18 46.13 29.13
C VAL B 93 5.47 46.00 27.64
N THR B 94 5.25 47.10 26.92
CA THR B 94 5.44 47.14 25.47
C THR B 94 6.60 48.08 25.16
N MET B 95 7.70 47.51 24.67
CA MET B 95 8.79 48.33 24.15
C MET B 95 8.44 48.80 22.75
N TYR B 96 9.34 49.58 22.14
CA TYR B 96 9.12 50.08 20.80
C TYR B 96 10.43 50.08 20.04
N LEU B 97 10.33 49.98 18.71
CA LEU B 97 11.48 50.06 17.82
C LEU B 97 11.05 50.77 16.55
N ARG B 98 11.63 51.94 16.32
CA ARG B 98 11.33 52.74 15.13
C ARG B 98 12.65 53.17 14.50
N LYS B 99 12.83 52.84 13.23
CA LYS B 99 14.04 53.22 12.51
C LYS B 99 13.73 53.26 11.02
N GLN B 100 14.46 54.10 10.29
CA GLN B 100 14.26 54.23 8.85
C GLN B 100 15.57 54.70 8.23
N GLY B 101 15.62 54.61 6.90
CA GLY B 101 16.80 55.01 6.16
C GLY B 101 17.80 53.88 6.04
N PRO B 102 18.74 54.01 5.10
CA PRO B 102 19.73 52.95 4.92
C PRO B 102 20.62 52.80 6.14
N GLY B 103 20.98 51.57 6.45
CA GLY B 103 21.79 51.27 7.59
C GLY B 103 21.45 49.89 8.13
N VAL B 104 21.78 49.66 9.39
CA VAL B 104 21.55 48.40 10.07
C VAL B 104 20.73 48.65 11.33
N VAL B 105 19.74 47.80 11.58
CA VAL B 105 18.90 47.88 12.76
C VAL B 105 19.43 46.85 13.76
N THR B 106 20.06 47.33 14.82
CA THR B 106 20.55 46.46 15.87
C THR B 106 19.52 46.32 16.98
N ALA B 107 19.84 45.52 18.00
CA ALA B 107 18.94 45.40 19.15
C ALA B 107 18.97 46.67 20.01
N GLY B 108 20.08 47.42 19.97
CA GLY B 108 20.17 48.63 20.77
C GLY B 108 19.20 49.71 20.34
N ASP B 109 18.79 49.71 19.07
CA ASP B 109 17.82 50.69 18.59
C ASP B 109 16.46 50.53 19.26
N ILE B 110 16.22 49.44 19.97
CA ILE B 110 14.98 49.27 20.71
C ILE B 110 15.01 50.14 21.95
N VAL B 111 13.94 50.92 22.15
CA VAL B 111 13.82 51.80 23.30
C VAL B 111 13.09 51.04 24.41
N PRO B 112 13.75 50.73 25.53
CA PRO B 112 13.09 50.00 26.60
C PRO B 112 12.16 50.91 27.39
N PRO B 113 11.03 50.39 27.86
CA PRO B 113 10.15 51.20 28.72
C PRO B 113 10.72 51.36 30.12
N ALA B 114 9.95 51.96 31.01
CA ALA B 114 10.42 52.17 32.38
C ALA B 114 10.61 50.83 33.09
N GLY B 115 11.84 50.56 33.52
CA GLY B 115 12.13 49.43 34.37
C GLY B 115 12.81 48.26 33.70
N VAL B 116 12.84 48.21 32.36
CA VAL B 116 13.42 47.08 31.65
C VAL B 116 14.69 47.54 30.94
N THR B 117 15.53 46.58 30.57
CA THR B 117 16.80 46.86 29.93
C THR B 117 17.15 45.73 28.97
N VAL B 118 17.88 46.09 27.92
CA VAL B 118 18.35 45.15 26.90
C VAL B 118 19.84 44.97 27.09
N HIS B 119 20.29 43.71 27.14
CA HIS B 119 21.65 43.38 27.55
C HIS B 119 22.59 43.07 26.39
N ASN B 120 22.09 43.02 25.15
CA ASN B 120 22.93 42.78 23.98
C ASN B 120 22.49 43.68 22.84
N PRO B 121 22.78 44.98 22.93
CA PRO B 121 22.39 45.90 21.85
C PRO B 121 23.04 45.58 20.51
N ASP B 122 24.17 44.87 20.51
CA ASP B 122 24.90 44.62 19.27
C ASP B 122 24.21 43.62 18.35
N MET B 123 23.12 42.99 18.78
CA MET B 123 22.47 41.98 17.96
C MET B 123 21.92 42.58 16.68
N HIS B 124 22.23 41.95 15.55
CA HIS B 124 21.64 42.32 14.28
C HIS B 124 20.18 41.89 14.25
N ILE B 125 19.27 42.84 14.05
CA ILE B 125 17.86 42.52 13.90
C ILE B 125 17.53 42.47 12.42
N ALA B 126 17.80 43.57 11.71
CA ALA B 126 17.50 43.65 10.28
C ALA B 126 18.43 44.68 9.65
N THR B 127 18.46 44.67 8.32
CA THR B 127 19.24 45.62 7.53
C THR B 127 18.31 46.30 6.54
N LEU B 128 18.26 47.63 6.58
CA LEU B 128 17.35 48.42 5.78
C LEU B 128 18.11 49.22 4.72
N ASN B 129 17.38 49.61 3.68
CA ASN B 129 17.89 50.46 2.62
C ASN B 129 17.05 51.75 2.57
N ASP B 130 17.29 52.56 1.55
CA ASP B 130 16.65 53.87 1.47
C ASP B 130 15.14 53.78 1.61
N LYS B 131 14.51 52.88 0.86
CA LYS B 131 13.06 52.75 0.86
C LYS B 131 12.53 52.03 2.08
N GLY B 132 13.39 51.34 2.83
CA GLY B 132 12.93 50.54 3.96
C GLY B 132 12.75 51.35 5.23
N LYS B 133 11.58 51.23 5.84
CA LYS B 133 11.30 51.84 7.13
C LYS B 133 10.62 50.81 8.02
N LEU B 134 11.09 50.68 9.26
CA LEU B 134 10.65 49.62 10.16
C LEU B 134 10.09 50.21 11.44
N GLU B 135 8.86 49.85 11.78
CA GLU B 135 8.24 50.19 13.05
C GLU B 135 7.72 48.90 13.66
N VAL B 136 8.11 48.64 14.91
CA VAL B 136 7.72 47.42 15.59
C VAL B 136 7.74 47.66 17.09
N GLU B 137 6.67 47.21 17.76
CA GLU B 137 6.60 47.20 19.21
C GLU B 137 6.63 45.76 19.71
N LEU B 138 7.29 45.55 20.85
CA LEU B 138 7.50 44.21 21.40
C LEU B 138 6.95 44.14 22.80
N VAL B 139 6.14 43.13 23.07
CA VAL B 139 5.55 42.91 24.39
C VAL B 139 6.45 42.00 25.20
N VAL B 140 6.99 42.52 26.29
CA VAL B 140 7.88 41.77 27.18
C VAL B 140 7.08 41.36 28.42
N GLU B 141 7.12 40.08 28.74
CA GLU B 141 6.49 39.52 29.92
C GLU B 141 7.54 38.80 30.76
N ARG B 142 7.13 38.29 31.90
CA ARG B 142 8.03 37.58 32.80
C ARG B 142 7.53 36.16 33.04
N GLY B 143 8.46 35.22 33.14
CA GLY B 143 8.11 33.83 33.34
C GLY B 143 9.36 33.00 33.52
N ARG B 144 9.20 31.69 33.31
CA ARG B 144 10.32 30.77 33.45
C ARG B 144 10.17 29.63 32.45
N GLY B 145 11.31 29.08 32.04
CA GLY B 145 11.29 27.96 31.11
C GLY B 145 11.08 28.40 29.68
N TYR B 146 10.48 27.50 28.90
CA TYR B 146 10.18 27.75 27.49
C TYR B 146 8.69 27.54 27.27
N VAL B 147 7.99 28.60 26.92
CA VAL B 147 6.56 28.56 26.60
C VAL B 147 6.40 28.82 25.11
N PRO B 148 5.71 27.94 24.38
CA PRO B 148 5.49 28.20 22.96
C PRO B 148 4.58 29.40 22.76
N ALA B 149 4.60 29.93 21.54
CA ALA B 149 3.80 31.10 21.21
C ALA B 149 2.33 30.85 21.54
N VAL B 150 1.80 31.67 22.45
CA VAL B 150 0.39 31.58 22.82
C VAL B 150 -0.46 32.11 21.67
N GLN B 151 -1.25 31.23 21.06
CA GLN B 151 -2.11 31.65 19.97
C GLN B 151 -3.01 32.80 20.41
N ASN B 152 -3.22 33.76 19.51
CA ASN B 152 -4.10 34.88 19.83
C ASN B 152 -5.55 34.46 20.02
N LYS B 153 -5.89 33.19 19.75
CA LYS B 153 -7.21 32.69 20.06
C LYS B 153 -7.39 32.50 21.56
N ALA B 154 -6.42 31.84 22.21
CA ALA B 154 -6.51 31.62 23.65
C ALA B 154 -6.70 32.92 24.41
N SER B 155 -6.11 34.01 23.93
CA SER B 155 -6.32 35.33 24.48
C SER B 155 -7.33 36.09 23.61
N GLY B 156 -7.58 37.34 23.98
CA GLY B 156 -8.41 38.21 23.16
C GLY B 156 -7.57 39.10 22.29
N ALA B 157 -6.47 38.55 21.75
CA ALA B 157 -5.49 39.35 21.05
C ALA B 157 -6.00 39.80 19.69
N GLU B 158 -5.42 40.90 19.21
CA GLU B 158 -5.81 41.50 17.95
C GLU B 158 -5.26 40.71 16.78
N ILE B 159 -5.85 40.94 15.60
CA ILE B 159 -5.41 40.24 14.40
C ILE B 159 -4.02 40.69 13.97
N GLY B 160 -3.60 41.89 14.36
CA GLY B 160 -2.27 42.36 14.01
C GLY B 160 -1.16 41.81 14.86
N ARG B 161 -1.49 41.28 16.05
CA ARG B 161 -0.47 40.79 16.96
C ARG B 161 0.15 39.49 16.43
N ILE B 162 1.47 39.39 16.56
CA ILE B 162 2.20 38.19 16.13
C ILE B 162 2.75 37.47 17.35
N PRO B 163 2.11 36.41 17.81
CA PRO B 163 2.67 35.64 18.93
C PRO B 163 4.02 35.03 18.55
N VAL B 164 4.93 34.98 19.52
CA VAL B 164 6.27 34.47 19.30
C VAL B 164 6.63 33.52 20.44
N ASP B 165 7.38 32.46 20.11
CA ASP B 165 7.92 31.59 21.14
C ASP B 165 8.75 32.39 22.14
N SER B 166 8.60 32.07 23.41
CA SER B 166 9.26 32.80 24.49
C SER B 166 10.23 31.86 25.22
N ILE B 167 11.46 32.31 25.38
CA ILE B 167 12.50 31.54 26.07
C ILE B 167 12.97 32.37 27.26
N TYR B 168 12.50 32.03 28.46
CA TYR B 168 12.99 32.63 29.70
C TYR B 168 14.03 31.67 30.28
N SER B 169 15.30 31.87 29.90
CA SER B 169 16.38 31.04 30.40
C SER B 169 17.63 31.90 30.54
N PRO B 170 17.81 32.55 31.69
CA PRO B 170 19.02 33.36 31.89
C PRO B 170 20.30 32.55 31.86
N VAL B 171 20.23 31.24 32.05
CA VAL B 171 21.41 30.38 32.08
C VAL B 171 21.67 29.84 30.68
N LEU B 172 22.92 29.92 30.24
CA LEU B 172 23.29 29.52 28.89
C LEU B 172 23.84 28.09 28.86
N LYS B 173 24.85 27.81 29.69
CA LYS B 173 25.53 26.52 29.66
C LYS B 173 25.99 26.20 31.07
N VAL B 174 25.76 24.95 31.50
CA VAL B 174 26.06 24.51 32.85
C VAL B 174 26.62 23.10 32.82
N THR B 175 27.64 22.85 33.64
CA THR B 175 28.24 21.54 33.77
C THR B 175 28.82 21.42 35.18
N TYR B 176 29.51 20.31 35.44
CA TYR B 176 30.16 20.11 36.72
C TYR B 176 31.21 19.02 36.59
N LYS B 177 32.11 18.97 37.57
CA LYS B 177 33.07 17.89 37.69
C LYS B 177 33.44 17.75 39.16
N VAL B 178 33.99 16.60 39.52
CA VAL B 178 34.29 16.27 40.91
C VAL B 178 35.77 15.98 41.05
N GLU B 179 36.40 16.60 42.03
CA GLU B 179 37.71 16.20 42.53
C GLU B 179 37.47 15.41 43.82
N ALA B 180 37.66 14.10 43.75
CA ALA B 180 37.29 13.19 44.83
C ALA B 180 38.54 12.75 45.57
N THR B 181 38.55 12.97 46.88
CA THR B 181 39.67 12.57 47.73
C THR B 181 39.38 11.19 48.31
N ARG B 182 40.03 10.17 47.75
CA ARG B 182 39.94 8.80 48.24
C ARG B 182 41.36 8.36 48.57
N VAL B 183 41.80 8.68 49.78
CA VAL B 183 43.17 8.48 50.24
C VAL B 183 43.29 7.07 50.86
N GLU B 184 44.33 6.85 51.66
CA GLU B 184 44.62 5.52 52.17
C GLU B 184 43.56 5.11 53.19
N GLN B 185 42.34 4.88 52.69
CA GLN B 185 41.20 4.45 53.51
C GLN B 185 40.97 5.39 54.69
N ARG B 186 41.42 6.63 54.58
CA ARG B 186 41.32 7.60 55.68
C ARG B 186 40.71 8.88 55.16
N THR B 187 39.50 9.19 55.62
CA THR B 187 38.87 10.48 55.38
C THR B 187 38.62 10.73 53.89
N ASP B 188 37.97 9.77 53.24
CA ASP B 188 37.54 9.97 51.87
C ASP B 188 36.49 11.08 51.81
N PHE B 189 36.78 12.13 51.05
CA PHE B 189 35.88 13.26 50.91
C PHE B 189 35.64 13.55 49.44
N ASP B 190 34.55 14.26 49.16
CA ASP B 190 34.18 14.63 47.81
C ASP B 190 34.23 16.15 47.66
N LYS B 191 34.90 16.60 46.60
CA LYS B 191 34.98 18.01 46.23
C LYS B 191 34.39 18.18 44.85
N LEU B 192 33.42 19.07 44.71
CA LEU B 192 32.64 19.21 43.49
C LEU B 192 32.60 20.68 43.07
N ILE B 193 32.96 20.93 41.82
CA ILE B 193 32.93 22.27 41.23
C ILE B 193 31.88 22.28 40.13
N ILE B 194 31.04 23.32 40.12
CA ILE B 194 30.05 23.51 39.07
C ILE B 194 30.45 24.73 38.25
N ASP B 195 30.16 24.67 36.96
CA ASP B 195 30.49 25.73 36.01
C ASP B 195 29.19 26.29 35.46
N VAL B 196 28.75 27.42 35.99
CA VAL B 196 27.47 28.03 35.64
C VAL B 196 27.72 29.23 34.74
N GLU B 197 27.07 29.24 33.57
CA GLU B 197 27.15 30.35 32.63
C GLU B 197 25.77 30.91 32.39
N THR B 198 25.69 32.24 32.30
CA THR B 198 24.43 32.96 32.11
C THR B 198 24.48 33.72 30.78
N LYS B 199 23.36 34.36 30.45
CA LYS B 199 23.22 35.15 29.23
C LYS B 199 23.43 36.63 29.48
N ASN B 200 24.08 36.99 30.58
CA ASN B 200 24.28 38.38 31.01
C ASN B 200 22.99 39.01 31.51
N SER B 201 21.86 38.31 31.45
CA SER B 201 20.64 38.81 32.08
C SER B 201 20.83 38.93 33.59
N ILE B 202 21.33 37.87 34.22
CA ILE B 202 21.68 37.88 35.64
C ILE B 202 23.03 37.18 35.79
N SER B 203 23.77 37.55 36.83
CA SER B 203 25.07 36.95 37.05
C SER B 203 24.93 35.53 37.59
N PRO B 204 25.94 34.68 37.38
CA PRO B 204 25.82 33.28 37.81
C PRO B 204 25.51 33.14 39.28
N ARG B 205 26.08 33.99 40.14
CA ARG B 205 25.78 33.93 41.56
C ARG B 205 24.29 34.11 41.80
N ASP B 206 23.65 35.00 41.04
CA ASP B 206 22.25 35.31 41.26
C ASP B 206 21.34 34.20 40.76
N ALA B 207 21.67 33.59 39.62
CA ALA B 207 20.89 32.48 39.12
C ALA B 207 21.03 31.26 40.02
N LEU B 208 22.26 30.87 40.34
CA LEU B 208 22.48 29.76 41.25
C LEU B 208 21.71 29.95 42.56
N ALA B 209 21.75 31.16 43.10
CA ALA B 209 21.01 31.44 44.33
C ALA B 209 19.51 31.28 44.10
N SER B 210 19.02 31.70 42.94
CA SER B 210 17.59 31.54 42.64
C SER B 210 17.21 30.07 42.59
N ALA B 211 18.00 29.26 41.87
CA ALA B 211 17.74 27.82 41.84
C ALA B 211 17.93 27.21 43.22
N GLY B 212 19.04 27.54 43.88
CA GLY B 212 19.26 27.01 45.23
C GLY B 212 18.13 27.36 46.17
N GLY B 213 17.70 28.62 46.16
CA GLY B 213 16.57 29.01 46.99
C GLY B 213 15.31 28.26 46.63
N THR B 214 15.11 28.00 45.34
CA THR B 214 13.95 27.22 44.92
C THR B 214 14.06 25.77 45.36
N LEU B 215 15.25 25.19 45.27
CA LEU B 215 15.45 23.82 45.74
C LEU B 215 15.14 23.71 47.22
N VAL B 216 15.63 24.66 48.02
CA VAL B 216 15.32 24.68 49.45
C VAL B 216 13.82 24.60 49.68
N GLU B 217 13.05 25.33 48.88
CA GLU B 217 11.61 25.39 49.11
C GLU B 217 10.94 24.04 48.84
N LEU B 218 11.42 23.30 47.83
CA LEU B 218 10.78 22.03 47.50
C LEU B 218 11.09 20.95 48.51
N PHE B 219 12.35 20.86 48.95
CA PHE B 219 12.74 19.87 49.96
C PHE B 219 12.06 20.20 51.27
N GLY B 220 11.10 19.38 51.67
CA GLY B 220 10.35 19.62 52.89
C GLY B 220 9.98 18.33 53.58
N LEU B 221 9.84 18.39 54.89
CA LEU B 221 9.48 17.23 55.69
C LEU B 221 7.99 16.91 55.54
N LEU C 2 8.50 33.01 40.67
CA LEU C 2 7.17 32.51 40.34
C LEU C 2 6.69 31.51 41.40
N ILE C 3 5.37 31.31 41.46
CA ILE C 3 4.76 30.46 42.47
C ILE C 3 3.83 29.47 41.79
N SER C 4 4.02 28.18 42.06
CA SER C 4 3.13 27.12 41.61
C SER C 4 2.46 26.49 42.83
N GLN C 5 1.63 25.48 42.59
CA GLN C 5 0.68 25.04 43.61
C GLN C 5 0.66 23.51 43.79
N ARG C 6 0.37 23.11 45.02
CA ARG C 6 -0.16 21.81 45.44
C ARG C 6 0.75 20.60 45.23
N PRO C 7 2.01 20.63 45.70
CA PRO C 7 2.76 19.38 45.86
C PRO C 7 2.60 18.82 47.27
N THR C 8 2.45 17.50 47.35
CA THR C 8 2.19 16.82 48.61
C THR C 8 3.14 15.64 48.79
N LEU C 9 3.12 15.08 49.99
CA LEU C 9 3.97 13.95 50.36
C LEU C 9 3.17 12.97 51.19
N SER C 10 3.04 11.74 50.70
CA SER C 10 2.28 10.70 51.38
C SER C 10 3.13 9.44 51.52
N GLU C 11 2.83 8.63 52.54
CA GLU C 11 3.62 7.46 52.87
C GLU C 11 2.72 6.27 53.14
N GLU C 12 3.04 5.14 52.51
CA GLU C 12 2.39 3.86 52.78
C GLU C 12 3.41 2.94 53.44
N THR C 13 3.06 2.43 54.61
CA THR C 13 3.97 1.60 55.39
C THR C 13 3.87 0.15 54.91
N VAL C 14 4.99 -0.40 54.45
CA VAL C 14 5.01 -1.81 54.05
C VAL C 14 5.21 -2.70 55.26
N ALA C 15 6.08 -2.30 56.18
CA ALA C 15 6.31 -3.03 57.42
C ALA C 15 6.97 -2.07 58.41
N GLU C 16 7.11 -2.54 59.66
CA GLU C 16 7.76 -1.72 60.67
C GLU C 16 9.13 -1.24 60.25
N ASN C 17 9.76 -1.90 59.29
CA ASN C 17 11.08 -1.52 58.79
C ASN C 17 11.06 -0.90 57.40
N ARG C 18 10.00 -1.11 56.61
CA ARG C 18 9.93 -0.60 55.25
C ARG C 18 8.75 0.36 55.13
N SER C 19 9.01 1.52 54.53
CA SER C 19 7.98 2.51 54.24
C SER C 19 8.16 3.05 52.82
N ARG C 20 7.03 3.22 52.14
CA ARG C 20 7.01 3.74 50.77
C ARG C 20 6.43 5.14 50.78
N PHE C 21 7.01 6.03 49.98
CA PHE C 21 6.62 7.43 49.94
C PHE C 21 6.32 7.85 48.51
N VAL C 22 5.46 8.87 48.38
CA VAL C 22 5.08 9.41 47.08
C VAL C 22 5.08 10.93 47.17
N ILE C 23 5.39 11.57 46.05
CA ILE C 23 5.31 13.02 45.92
C ILE C 23 4.39 13.32 44.74
N GLU C 24 3.34 14.12 45.00
CA GLU C 24 2.34 14.40 43.98
C GLU C 24 1.77 15.80 44.16
N PRO C 25 1.70 16.60 43.08
CA PRO C 25 2.43 16.28 41.84
C PRO C 25 3.70 17.12 41.76
N LEU C 26 4.53 16.85 40.76
CA LEU C 26 5.75 17.63 40.54
C LEU C 26 5.79 18.14 39.12
N GLU C 27 6.48 19.25 38.93
CA GLU C 27 6.62 19.83 37.60
C GLU C 27 7.73 19.11 36.84
N PRO C 28 7.54 18.86 35.54
CA PRO C 28 8.60 18.22 34.77
C PRO C 28 9.85 19.09 34.74
N GLY C 29 11.00 18.47 34.98
CA GLY C 29 11.08 17.05 35.27
C GLY C 29 11.64 16.79 36.66
N PHE C 30 11.14 17.54 37.64
CA PHE C 30 11.72 17.52 38.98
C PHE C 30 11.87 16.12 39.57
N GLY C 31 11.13 15.13 39.06
CA GLY C 31 11.26 13.77 39.56
C GLY C 31 12.70 13.31 39.62
N TYR C 32 13.38 13.31 38.46
CA TYR C 32 14.77 12.89 38.41
C TYR C 32 15.71 13.87 39.09
N THR C 33 15.30 15.14 39.19
CA THR C 33 16.18 16.15 39.77
C THR C 33 16.51 15.83 41.22
N LEU C 34 15.50 15.82 42.08
CA LEU C 34 15.68 15.55 43.50
C LEU C 34 15.58 14.07 43.85
N GLY C 35 15.19 13.22 42.89
CA GLY C 35 15.07 11.80 43.14
C GLY C 35 16.36 11.14 43.55
N ASN C 36 17.36 11.15 42.66
CA ASN C 36 18.63 10.49 42.98
C ASN C 36 19.34 11.18 44.14
N SER C 37 19.08 12.47 44.35
CA SER C 37 19.71 13.18 45.47
C SER C 37 19.13 12.73 46.81
N LEU C 38 17.81 12.49 46.86
CA LEU C 38 17.19 11.96 48.07
C LEU C 38 17.80 10.62 48.45
N ARG C 39 17.71 9.64 47.55
CA ARG C 39 18.24 8.31 47.83
C ARG C 39 19.70 8.36 48.25
N ARG C 40 20.51 9.15 47.53
CA ARG C 40 21.91 9.28 47.91
C ARG C 40 22.05 9.88 49.30
N THR C 41 21.23 10.89 49.62
CA THR C 41 21.28 11.51 50.94
C THR C 41 20.93 10.50 52.03
N LEU C 42 19.84 9.75 51.83
CA LEU C 42 19.47 8.72 52.80
C LEU C 42 20.61 7.76 53.06
N LEU C 43 21.36 7.39 52.01
CA LEU C 43 22.33 6.31 52.14
C LEU C 43 23.56 6.74 52.94
N SER C 44 24.19 7.85 52.55
CA SER C 44 25.54 8.17 53.03
C SER C 44 25.59 9.43 53.88
N SER C 45 24.45 9.96 54.33
CA SER C 45 24.44 11.22 55.08
C SER C 45 24.09 11.07 56.55
N ILE C 46 23.23 10.13 56.91
CA ILE C 46 22.70 10.08 58.28
C ILE C 46 23.76 9.54 59.22
N PRO C 47 23.95 10.13 60.40
CA PRO C 47 24.90 9.55 61.36
C PRO C 47 24.33 8.29 61.98
N GLY C 48 25.20 7.29 62.17
CA GLY C 48 24.81 6.04 62.77
C GLY C 48 26.02 5.27 63.26
N ALA C 49 25.77 4.40 64.25
CA ALA C 49 26.82 3.61 64.87
C ALA C 49 26.81 2.18 64.34
N ALA C 50 27.99 1.60 64.18
CA ALA C 50 28.12 0.25 63.65
C ALA C 50 29.50 -0.29 64.00
N VAL C 51 29.69 -1.58 63.71
CA VAL C 51 30.94 -2.27 64.03
C VAL C 51 32.00 -1.95 62.99
N THR C 52 33.23 -1.74 63.45
CA THR C 52 34.37 -1.47 62.58
C THR C 52 35.31 -2.66 62.46
N SER C 53 35.79 -3.17 63.58
CA SER C 53 36.72 -4.30 63.59
C SER C 53 36.44 -5.17 64.80
N ILE C 54 36.82 -6.45 64.69
CA ILE C 54 36.63 -7.42 65.76
C ILE C 54 37.85 -8.32 65.85
N ARG C 55 38.04 -8.89 67.03
CA ARG C 55 39.09 -9.86 67.29
C ARG C 55 38.54 -10.91 68.24
N ILE C 56 38.69 -12.18 67.88
CA ILE C 56 38.17 -13.29 68.66
C ILE C 56 39.30 -14.17 69.11
N ASP C 57 39.28 -14.56 70.40
CA ASP C 57 40.28 -15.48 70.91
C ASP C 57 40.15 -16.83 70.21
N GLY C 58 41.30 -17.46 69.96
CA GLY C 58 41.34 -18.68 69.18
C GLY C 58 41.43 -18.46 67.68
N VAL C 59 41.23 -17.25 67.20
CA VAL C 59 41.39 -16.92 65.79
C VAL C 59 42.80 -16.40 65.57
N LEU C 60 43.51 -17.03 64.64
CA LEU C 60 44.93 -16.78 64.46
C LEU C 60 45.29 -17.20 63.03
N HIS C 61 46.58 -17.44 62.80
CA HIS C 61 47.13 -17.79 61.49
C HIS C 61 46.19 -18.65 60.66
N GLU C 62 45.50 -19.61 61.30
CA GLU C 62 44.49 -20.40 60.61
C GLU C 62 43.45 -19.48 59.97
N PHE C 63 43.16 -19.69 58.70
CA PHE C 63 42.38 -18.73 57.93
C PHE C 63 41.04 -18.38 58.58
N THR C 64 40.15 -19.35 58.70
CA THR C 64 38.87 -19.15 59.36
C THR C 64 38.28 -20.52 59.70
N THR C 65 38.34 -20.86 60.98
CA THR C 65 37.60 -21.98 61.54
C THR C 65 37.30 -21.62 62.97
N VAL C 66 36.35 -22.32 63.58
CA VAL C 66 35.84 -21.99 64.90
C VAL C 66 36.10 -23.15 65.83
N PRO C 67 36.77 -22.94 66.96
CA PRO C 67 36.85 -23.97 68.03
C PRO C 67 35.58 -24.01 68.87
N GLY C 68 34.51 -24.57 68.31
CA GLY C 68 33.29 -24.76 69.08
C GLY C 68 32.05 -23.97 68.72
N VAL C 69 31.82 -23.72 67.43
CA VAL C 69 30.53 -23.24 66.96
C VAL C 69 30.21 -23.90 65.63
N LYS C 70 29.01 -23.66 65.13
CA LYS C 70 28.50 -24.43 64.01
C LYS C 70 28.93 -23.87 62.66
N GLU C 71 29.14 -22.56 62.54
CA GLU C 71 29.45 -21.92 61.27
C GLU C 71 30.84 -21.31 61.30
N ASP C 72 31.46 -21.24 60.13
CA ASP C 72 32.81 -20.73 60.01
C ASP C 72 32.86 -19.25 60.42
N VAL C 73 34.08 -18.72 60.50
CA VAL C 73 34.25 -17.34 60.95
C VAL C 73 33.69 -16.36 59.93
N THR C 74 33.82 -16.68 58.64
CA THR C 74 33.20 -15.83 57.61
C THR C 74 31.70 -15.69 57.87
N ASP C 75 31.01 -16.81 58.11
CA ASP C 75 29.58 -16.77 58.35
C ASP C 75 29.25 -15.94 59.58
N ILE C 76 30.11 -16.00 60.62
CA ILE C 76 29.87 -15.20 61.81
C ILE C 76 30.11 -13.72 61.53
N ILE C 77 31.09 -13.40 60.70
CA ILE C 77 31.35 -12.01 60.35
C ILE C 77 30.11 -11.37 59.74
N LEU C 78 29.53 -12.04 58.73
CA LEU C 78 28.33 -11.50 58.09
C LEU C 78 27.12 -11.59 59.02
N ASN C 79 27.14 -12.52 59.97
CA ASN C 79 26.12 -12.52 61.02
C ASN C 79 26.25 -11.28 61.90
N LEU C 80 27.49 -10.95 62.30
CA LEU C 80 27.71 -9.79 63.14
C LEU C 80 27.42 -8.49 62.40
N LYS C 81 27.58 -8.48 61.08
CA LYS C 81 27.29 -7.27 60.31
C LYS C 81 25.84 -6.85 60.41
N GLY C 82 24.95 -7.77 60.80
CA GLY C 82 23.56 -7.44 61.03
C GLY C 82 23.25 -6.86 62.39
N LEU C 83 24.28 -6.66 63.22
CA LEU C 83 24.08 -6.11 64.55
C LEU C 83 23.81 -4.61 64.45
N VAL C 84 22.67 -4.17 64.96
CA VAL C 84 22.28 -2.77 64.97
C VAL C 84 22.47 -2.24 66.38
N VAL C 85 23.35 -1.25 66.54
CA VAL C 85 23.66 -0.67 67.84
C VAL C 85 23.75 0.84 67.68
N SER C 86 22.90 1.56 68.42
CA SER C 86 22.97 3.02 68.48
C SER C 86 23.87 3.41 69.64
N SER C 87 24.91 4.19 69.34
CA SER C 87 25.92 4.57 70.33
C SER C 87 25.95 6.07 70.50
N ASP C 88 26.33 6.50 71.70
CA ASP C 88 26.50 7.92 72.03
C ASP C 88 27.95 8.26 72.34
N ASP C 89 28.89 7.37 72.02
CA ASP C 89 30.28 7.57 72.41
C ASP C 89 31.02 8.49 71.44
N ASP C 90 30.62 8.51 70.17
CA ASP C 90 31.22 9.35 69.13
C ASP C 90 32.63 8.91 68.77
N GLU C 91 33.15 7.86 69.40
CA GLU C 91 34.48 7.33 69.12
C GLU C 91 34.45 5.83 69.32
N PRO C 92 35.45 5.12 68.82
CA PRO C 92 35.45 3.65 68.94
C PRO C 92 35.35 3.19 70.40
N VAL C 93 34.40 2.32 70.67
CA VAL C 93 34.20 1.71 71.97
C VAL C 93 34.16 0.21 71.82
N THR C 94 34.87 -0.50 72.69
CA THR C 94 34.97 -1.96 72.63
C THR C 94 33.88 -2.59 73.49
N MET C 95 33.01 -3.36 72.87
CA MET C 95 31.98 -4.11 73.58
C MET C 95 32.53 -5.47 74.02
N TYR C 96 31.84 -6.08 74.96
CA TYR C 96 32.31 -7.30 75.61
C TYR C 96 31.25 -8.39 75.51
N LEU C 97 31.64 -9.54 74.96
CA LEU C 97 30.77 -10.69 74.82
C LEU C 97 31.57 -11.96 75.03
N ARG C 98 31.08 -12.85 75.89
CA ARG C 98 31.77 -14.09 76.19
C ARG C 98 30.76 -15.07 76.75
N LYS C 99 30.69 -16.27 76.19
CA LYS C 99 29.73 -17.27 76.60
C LYS C 99 30.38 -18.66 76.60
N GLN C 100 29.82 -19.54 77.43
CA GLN C 100 30.31 -20.91 77.55
C GLN C 100 29.12 -21.85 77.61
N GLY C 101 29.39 -23.13 77.41
CA GLY C 101 28.37 -24.15 77.46
C GLY C 101 27.59 -24.28 76.16
N PRO C 102 27.02 -25.45 75.92
CA PRO C 102 26.24 -25.65 74.70
C PRO C 102 25.00 -24.76 74.69
N GLY C 103 24.80 -24.06 73.59
CA GLY C 103 23.65 -23.18 73.47
C GLY C 103 23.82 -22.24 72.30
N VAL C 104 22.86 -21.33 72.19
CA VAL C 104 22.81 -20.34 71.11
C VAL C 104 23.12 -18.97 71.70
N VAL C 105 24.10 -18.30 71.12
CA VAL C 105 24.45 -16.94 71.52
C VAL C 105 23.59 -15.96 70.72
N THR C 106 23.19 -14.88 71.36
CA THR C 106 22.39 -13.85 70.70
C THR C 106 22.99 -12.47 70.96
N ALA C 107 22.27 -11.42 70.57
CA ALA C 107 22.76 -10.06 70.83
C ALA C 107 22.69 -9.72 72.31
N GLY C 108 21.72 -10.31 73.03
CA GLY C 108 21.58 -10.04 74.45
C GLY C 108 22.74 -10.55 75.29
N ASP C 109 23.56 -11.43 74.75
CA ASP C 109 24.70 -11.99 75.47
C ASP C 109 25.88 -11.01 75.56
N ILE C 110 25.77 -9.84 74.94
CA ILE C 110 26.83 -8.85 74.96
C ILE C 110 26.41 -7.66 75.82
N VAL C 111 27.29 -7.26 76.74
CA VAL C 111 27.02 -6.13 77.63
C VAL C 111 27.24 -4.82 76.88
N PRO C 112 26.34 -3.85 77.01
CA PRO C 112 26.55 -2.55 76.36
C PRO C 112 27.46 -1.67 77.20
N PRO C 113 28.67 -1.38 76.73
CA PRO C 113 29.62 -0.62 77.54
C PRO C 113 29.25 0.84 77.76
N ALA C 114 28.99 1.59 76.69
CA ALA C 114 28.82 3.03 76.81
C ALA C 114 27.96 3.56 75.67
N GLY C 115 26.91 4.30 76.03
CA GLY C 115 26.03 4.91 75.05
C GLY C 115 25.39 3.91 74.11
N VAL C 116 25.59 2.62 74.39
CA VAL C 116 25.17 1.53 73.51
C VAL C 116 23.87 0.95 74.03
N THR C 117 22.87 0.87 73.16
CA THR C 117 21.61 0.17 73.42
C THR C 117 21.33 -0.69 72.21
N VAL C 118 21.68 -1.99 72.30
CA VAL C 118 21.47 -2.89 71.17
C VAL C 118 19.99 -3.00 70.88
N HIS C 119 19.63 -2.83 69.61
CA HIS C 119 18.24 -2.74 69.20
C HIS C 119 17.66 -4.04 68.66
N ASN C 120 18.47 -5.10 68.55
CA ASN C 120 18.00 -6.40 68.06
C ASN C 120 18.54 -7.50 68.96
N PRO C 121 18.04 -7.59 70.18
CA PRO C 121 18.56 -8.63 71.10
C PRO C 121 18.36 -10.05 70.59
N ASP C 122 17.27 -10.31 69.87
CA ASP C 122 17.00 -11.66 69.38
C ASP C 122 17.90 -12.07 68.23
N MET C 123 18.80 -11.21 67.78
CA MET C 123 19.64 -11.54 66.63
C MET C 123 20.55 -12.71 66.95
N HIS C 124 20.52 -13.73 66.09
CA HIS C 124 21.42 -14.86 66.23
C HIS C 124 22.83 -14.50 65.77
N ILE C 125 23.82 -15.04 66.46
CA ILE C 125 25.23 -14.86 66.10
C ILE C 125 25.91 -16.19 65.80
N ALA C 126 25.74 -17.17 66.68
CA ALA C 126 26.34 -18.48 66.47
C ALA C 126 25.73 -19.48 67.43
N THR C 127 25.72 -20.74 67.00
CA THR C 127 25.30 -21.85 67.85
C THR C 127 26.54 -22.54 68.39
N LEU C 128 26.65 -22.63 69.72
CA LEU C 128 27.85 -23.13 70.35
C LEU C 128 27.89 -24.65 70.37
N ASN C 129 29.08 -25.20 70.18
CA ASN C 129 29.30 -26.64 70.32
C ASN C 129 29.01 -27.07 71.76
N ASP C 130 28.98 -28.39 71.96
CA ASP C 130 28.89 -28.92 73.32
C ASP C 130 30.11 -28.49 74.11
N LYS C 131 29.88 -28.03 75.34
CA LYS C 131 30.94 -27.56 76.23
C LYS C 131 31.86 -26.58 75.49
N GLY C 132 31.24 -25.65 74.77
CA GLY C 132 31.97 -24.68 73.97
C GLY C 132 32.01 -23.32 74.64
N LYS C 133 33.14 -22.62 74.45
CA LYS C 133 33.32 -21.27 74.96
C LYS C 133 33.66 -20.35 73.80
N LEU C 134 33.37 -19.06 73.98
CA LEU C 134 33.63 -18.06 72.95
C LEU C 134 34.04 -16.76 73.60
N GLU C 135 35.16 -16.20 73.15
CA GLU C 135 35.66 -14.92 73.62
C GLU C 135 35.99 -14.04 72.43
N VAL C 136 35.41 -12.85 72.38
CA VAL C 136 35.57 -11.96 71.23
C VAL C 136 35.31 -10.53 71.68
N GLU C 137 35.99 -9.58 71.04
CA GLU C 137 35.79 -8.17 71.26
C GLU C 137 35.15 -7.54 70.03
N LEU C 138 34.55 -6.37 70.22
CA LEU C 138 33.85 -5.68 69.14
C LEU C 138 34.17 -4.19 69.22
N VAL C 139 34.62 -3.62 68.10
CA VAL C 139 34.92 -2.20 68.00
C VAL C 139 33.76 -1.52 67.30
N VAL C 140 33.06 -0.66 68.02
CA VAL C 140 31.89 0.04 67.51
C VAL C 140 32.17 1.54 67.55
N GLU C 141 31.97 2.20 66.40
CA GLU C 141 32.12 3.65 66.30
C GLU C 141 31.06 4.18 65.36
N ARG C 142 30.47 5.32 65.73
CA ARG C 142 29.45 5.94 64.88
C ARG C 142 30.06 6.29 63.52
N GLY C 143 29.20 6.67 62.59
CA GLY C 143 29.67 7.04 61.27
C GLY C 143 28.53 7.39 60.35
N ARG C 144 28.82 7.39 59.05
CA ARG C 144 27.87 7.77 58.01
C ARG C 144 27.95 6.79 56.86
N GLY C 145 26.80 6.22 56.49
CA GLY C 145 26.71 5.45 55.26
C GLY C 145 27.38 4.09 55.40
N TYR C 146 28.21 3.76 54.41
CA TYR C 146 28.87 2.46 54.33
C TYR C 146 30.34 2.68 53.99
N VAL C 147 31.23 2.15 54.82
CA VAL C 147 32.66 2.19 54.60
C VAL C 147 33.18 0.76 54.57
N PRO C 148 33.87 0.34 53.51
CA PRO C 148 34.37 -1.04 53.45
C PRO C 148 35.34 -1.33 54.59
N ALA C 149 35.69 -2.60 54.70
CA ALA C 149 36.65 -3.02 55.72
C ALA C 149 37.96 -2.28 55.54
N VAL C 150 38.34 -1.51 56.55
CA VAL C 150 39.53 -0.66 56.51
C VAL C 150 40.69 -1.44 57.15
N GLN C 151 41.69 -1.78 56.35
CA GLN C 151 42.87 -2.47 56.85
C GLN C 151 44.14 -1.69 56.51
N ALA C 157 50.32 -4.01 63.13
CA ALA C 157 50.40 -3.83 64.58
C ALA C 157 49.69 -4.97 65.32
N GLU C 158 48.41 -5.16 65.01
CA GLU C 158 47.59 -6.15 65.70
C GLU C 158 47.55 -7.45 64.93
N ILE C 159 47.54 -8.56 65.66
CA ILE C 159 47.37 -9.89 65.11
C ILE C 159 46.03 -10.43 65.59
N GLY C 160 45.32 -11.12 64.71
CA GLY C 160 43.96 -11.53 64.98
C GLY C 160 42.94 -10.42 64.85
N ARG C 161 43.35 -9.23 64.44
CA ARG C 161 42.43 -8.12 64.23
C ARG C 161 41.78 -8.26 62.86
N ILE C 162 40.46 -8.39 62.84
CA ILE C 162 39.72 -8.57 61.59
C ILE C 162 38.91 -7.31 61.31
N PRO C 163 39.35 -6.47 60.37
CA PRO C 163 38.50 -5.35 59.94
C PRO C 163 37.32 -5.88 59.12
N VAL C 164 36.14 -5.36 59.42
CA VAL C 164 34.92 -5.81 58.75
C VAL C 164 34.25 -4.62 58.06
N ASP C 165 33.51 -4.93 57.00
CA ASP C 165 32.71 -3.91 56.33
C ASP C 165 31.69 -3.34 57.31
N SER C 166 31.63 -2.01 57.37
CA SER C 166 30.86 -1.31 58.39
C SER C 166 29.67 -0.61 57.75
N ILE C 167 28.47 -1.00 58.18
CA ILE C 167 27.23 -0.38 57.69
C ILE C 167 26.81 0.64 58.74
N TYR C 168 27.22 1.90 58.53
CA TYR C 168 26.92 2.94 59.49
C TYR C 168 25.47 3.41 59.40
N SER C 169 25.00 3.67 58.18
CA SER C 169 23.68 4.25 58.01
C SER C 169 22.58 3.28 58.45
N PRO C 170 21.46 3.80 58.97
CA PRO C 170 20.34 2.93 59.33
C PRO C 170 19.49 2.47 58.15
N VAL C 171 19.65 3.06 56.97
CA VAL C 171 18.91 2.66 55.79
C VAL C 171 19.71 1.62 55.02
N LEU C 172 19.12 0.46 54.81
CA LEU C 172 19.83 -0.63 54.13
C LEU C 172 19.73 -0.49 52.61
N LYS C 173 18.54 -0.20 52.10
CA LYS C 173 18.33 -0.09 50.65
C LYS C 173 17.23 0.92 50.39
N VAL C 174 17.45 1.78 49.39
CA VAL C 174 16.46 2.74 48.95
C VAL C 174 16.42 2.72 47.43
N THR C 175 15.21 2.56 46.88
CA THR C 175 15.01 2.53 45.43
C THR C 175 13.89 3.48 45.07
N TYR C 176 13.99 4.08 43.89
CA TYR C 176 13.04 5.10 43.45
C TYR C 176 12.73 4.93 41.97
N LYS C 177 11.56 5.44 41.58
CA LYS C 177 11.16 5.55 40.19
C LYS C 177 10.09 6.62 40.11
N VAL C 178 9.88 7.15 38.90
CA VAL C 178 9.00 8.29 38.69
C VAL C 178 7.95 7.91 37.66
N GLU C 179 6.68 7.96 38.07
CA GLU C 179 5.55 7.84 37.17
C GLU C 179 5.09 9.24 36.75
N ALA C 180 4.01 9.31 35.97
CA ALA C 180 3.51 10.58 35.47
C ALA C 180 2.01 10.48 35.25
N THR C 181 1.25 11.30 35.96
CA THR C 181 -0.21 11.30 35.88
C THR C 181 -0.74 12.56 36.57
N ARG C 182 -2.07 12.61 36.76
CA ARG C 182 -2.71 13.62 37.58
C ARG C 182 -2.62 15.04 37.04
N VAL C 183 -3.14 15.27 35.84
CA VAL C 183 -3.37 16.63 35.34
C VAL C 183 -4.44 16.57 34.27
N GLU C 184 -5.18 17.67 34.11
CA GLU C 184 -6.34 17.68 33.22
C GLU C 184 -5.92 17.80 31.76
N GLN C 185 -5.27 18.91 31.39
CA GLN C 185 -4.80 19.13 30.04
C GLN C 185 -3.29 19.09 29.94
N ARG C 186 -2.58 18.91 31.06
CA ARG C 186 -1.13 18.87 31.07
C ARG C 186 -0.64 17.51 30.59
N THR C 187 0.66 17.43 30.33
CA THR C 187 1.28 16.21 29.79
C THR C 187 1.92 15.41 30.91
N ASP C 188 1.07 14.84 31.75
CA ASP C 188 1.47 13.81 32.71
C ASP C 188 2.58 14.30 33.64
N PHE C 189 2.19 15.26 34.50
CA PHE C 189 3.09 15.76 35.53
C PHE C 189 3.80 14.60 36.23
N ASP C 190 5.02 14.87 36.70
CA ASP C 190 5.84 13.85 37.34
C ASP C 190 5.25 13.43 38.68
N LYS C 191 5.51 12.17 39.04
CA LYS C 191 5.05 11.58 40.29
C LYS C 191 6.19 10.73 40.85
N LEU C 192 6.68 11.08 42.04
CA LEU C 192 7.88 10.48 42.59
C LEU C 192 7.52 9.36 43.57
N ILE C 193 8.18 8.22 43.42
CA ILE C 193 8.03 7.07 44.31
C ILE C 193 9.39 6.73 44.88
N ILE C 194 9.48 6.59 46.20
CA ILE C 194 10.70 6.19 46.87
C ILE C 194 10.38 5.09 47.87
N ASP C 195 11.25 4.09 47.94
CA ASP C 195 11.04 2.90 48.77
C ASP C 195 12.28 2.70 49.62
N VAL C 196 12.15 2.90 50.93
CA VAL C 196 13.27 2.84 51.86
C VAL C 196 13.00 1.74 52.88
N GLU C 197 14.02 0.92 53.14
CA GLU C 197 13.98 -0.09 54.20
C GLU C 197 14.88 0.38 55.33
N THR C 198 14.34 0.38 56.54
CA THR C 198 15.03 0.96 57.69
C THR C 198 15.68 -0.10 58.56
N LYS C 199 16.86 0.22 59.07
CA LYS C 199 17.31 -0.41 60.30
C LYS C 199 16.40 0.06 61.44
N ASN C 200 16.25 -0.77 62.46
CA ASN C 200 15.32 -0.42 63.53
C ASN C 200 15.90 0.62 64.49
N SER C 201 17.11 1.11 64.24
CA SER C 201 17.64 2.21 65.05
C SER C 201 16.73 3.42 65.00
N ILE C 202 16.24 3.76 63.80
CA ILE C 202 15.32 4.87 63.61
C ILE C 202 14.20 4.40 62.68
N SER C 203 13.09 5.13 62.72
CA SER C 203 12.00 4.82 61.82
C SER C 203 12.20 5.54 60.49
N PRO C 204 11.54 5.07 59.43
CA PRO C 204 11.83 5.62 58.10
C PRO C 204 11.57 7.11 57.98
N ARG C 205 10.43 7.59 58.49
CA ARG C 205 10.05 8.97 58.29
C ARG C 205 11.01 9.93 59.00
N ASP C 206 11.55 9.52 60.15
CA ASP C 206 12.60 10.33 60.78
C ASP C 206 13.84 10.36 59.91
N ALA C 207 14.18 9.24 59.28
CA ALA C 207 15.30 9.22 58.35
C ALA C 207 15.04 10.14 57.17
N LEU C 208 13.81 10.13 56.65
CA LEU C 208 13.44 11.06 55.58
C LEU C 208 13.47 12.50 56.08
N ALA C 209 12.92 12.74 57.27
CA ALA C 209 12.94 14.10 57.82
C ALA C 209 14.37 14.58 58.04
N SER C 210 15.23 13.68 58.54
CA SER C 210 16.65 14.04 58.67
C SER C 210 17.26 14.36 57.31
N ALA C 211 16.99 13.53 56.31
CA ALA C 211 17.52 13.78 54.98
C ALA C 211 17.10 15.16 54.47
N GLY C 212 15.80 15.46 54.53
CA GLY C 212 15.34 16.77 54.12
C GLY C 212 16.05 17.89 54.86
N GLY C 213 16.18 17.74 56.19
CA GLY C 213 16.90 18.73 56.95
C GLY C 213 18.35 18.89 56.49
N THR C 214 18.99 17.78 56.13
CA THR C 214 20.36 17.87 55.62
C THR C 214 20.41 18.59 54.28
N LEU C 215 19.46 18.31 53.39
CA LEU C 215 19.47 18.94 52.08
C LEU C 215 19.16 20.43 52.17
N VAL C 216 18.07 20.79 52.86
CA VAL C 216 17.69 22.20 52.97
C VAL C 216 18.84 23.01 53.56
N GLU C 217 19.55 22.45 54.54
CA GLU C 217 20.74 23.12 55.06
C GLU C 217 21.86 23.12 54.05
N LEU C 218 21.92 22.11 53.18
CA LEU C 218 22.97 22.03 52.17
C LEU C 218 22.70 22.99 51.02
N PHE C 219 21.43 23.23 50.68
CA PHE C 219 21.10 24.15 49.61
C PHE C 219 20.97 25.59 50.08
N GLY C 220 20.72 25.80 51.38
CA GLY C 220 20.89 27.14 51.93
C GLY C 220 22.28 27.69 51.72
N LEU C 221 23.24 26.83 51.40
CA LEU C 221 24.57 27.29 51.02
C LEU C 221 24.50 28.22 49.83
N ALA C 222 23.71 27.86 48.81
CA ALA C 222 23.54 28.72 47.65
C ALA C 222 22.51 29.81 47.90
N ARG C 223 21.49 29.53 48.72
CA ARG C 223 20.49 30.54 49.03
C ARG C 223 21.11 31.73 49.76
N GLU C 224 21.98 31.46 50.73
CA GLU C 224 22.63 32.53 51.49
C GLU C 224 23.49 33.44 50.60
N LEU C 225 23.79 33.02 49.37
CA LEU C 225 24.59 33.85 48.48
C LEU C 225 23.85 35.15 48.16
N ASN C 226 22.71 35.05 47.49
CA ASN C 226 21.91 36.23 47.15
C ASN C 226 20.53 36.20 47.80
N ALA C 227 19.76 35.12 47.61
CA ALA C 227 18.48 34.90 48.27
C ALA C 227 17.36 35.83 47.79
N ASP C 228 17.60 36.63 46.77
CA ASP C 228 16.56 37.53 46.28
C ASP C 228 15.64 36.85 45.27
N SER C 229 16.21 36.36 44.16
CA SER C 229 15.42 35.60 43.20
C SER C 229 15.04 34.25 43.80
N GLU C 230 13.78 33.86 43.66
CA GLU C 230 13.24 32.70 44.36
C GLU C 230 12.12 32.10 43.52
N HIS C 231 11.43 31.11 44.10
CA HIS C 231 10.28 30.48 43.47
C HIS C 231 9.37 29.95 44.57
N ILE C 232 8.31 29.25 44.17
CA ILE C 232 7.32 28.73 45.11
C ILE C 232 7.97 27.92 46.22
N ASN D 21 34.48 23.85 -7.11
CA ASN D 21 35.17 25.00 -7.69
C ASN D 21 34.67 25.29 -9.09
N SER D 22 35.35 26.19 -9.79
CA SER D 22 34.97 26.61 -11.13
C SER D 22 33.59 27.28 -11.14
N VAL D 23 33.19 27.83 -10.00
CA VAL D 23 31.91 28.54 -9.87
C VAL D 23 32.14 29.80 -9.06
N PRO D 24 31.59 30.95 -9.47
CA PRO D 24 31.89 32.21 -8.77
C PRO D 24 31.51 32.19 -7.30
N GLY D 25 30.34 31.64 -6.95
CA GLY D 25 29.96 31.59 -5.55
C GLY D 25 31.03 30.93 -4.69
N ALA D 26 31.47 29.74 -5.09
CA ALA D 26 32.60 29.03 -4.51
C ALA D 26 32.59 29.06 -2.97
N PRO D 27 31.61 28.45 -2.33
CA PRO D 27 31.69 28.25 -0.88
C PRO D 27 32.78 27.24 -0.55
N ASN D 28 33.64 27.59 0.40
CA ASN D 28 34.84 26.81 0.66
C ASN D 28 34.48 25.49 1.33
N ARG D 29 34.59 24.39 0.59
CA ARG D 29 34.36 23.05 1.10
C ARG D 29 35.52 22.17 0.65
N VAL D 30 36.35 21.72 1.61
CA VAL D 30 37.58 21.04 1.28
C VAL D 30 37.27 19.62 0.80
N SER D 31 37.96 19.20 -0.26
CA SER D 31 37.72 17.90 -0.88
C SER D 31 38.82 16.91 -0.52
N PHE D 32 38.42 15.68 -0.25
CA PHE D 32 39.34 14.58 0.04
C PHE D 32 39.74 13.80 -1.21
N ALA D 33 39.20 14.17 -2.38
CA ALA D 33 39.47 13.40 -3.59
C ALA D 33 40.93 13.44 -3.95
N LYS D 34 41.40 12.34 -4.57
CA LYS D 34 42.78 12.22 -5.02
C LYS D 34 42.93 12.28 -6.53
N LEU D 35 41.83 12.38 -7.28
CA LEU D 35 41.89 12.47 -8.73
C LEU D 35 41.12 13.70 -9.18
N ARG D 36 41.77 14.55 -9.97
CA ARG D 36 41.09 15.72 -10.52
C ARG D 36 39.92 15.29 -11.39
N GLU D 37 38.87 16.12 -11.40
CA GLU D 37 37.74 15.85 -12.27
C GLU D 37 38.09 16.29 -13.69
N PRO D 38 38.28 15.36 -14.62
CA PRO D 38 38.65 15.78 -15.99
C PRO D 38 37.52 16.50 -16.71
N LEU D 39 36.28 16.16 -16.42
CA LEU D 39 35.12 16.74 -17.09
C LEU D 39 34.14 17.23 -16.04
N GLU D 40 33.84 18.53 -16.08
CA GLU D 40 32.83 19.07 -15.17
C GLU D 40 31.48 18.44 -15.48
N VAL D 41 30.63 18.37 -14.45
CA VAL D 41 29.31 17.77 -14.59
C VAL D 41 28.55 18.52 -15.68
N PRO D 42 28.16 17.86 -16.77
CA PRO D 42 27.31 18.53 -17.76
C PRO D 42 26.02 19.00 -17.11
N GLY D 43 25.43 20.04 -17.67
CA GLY D 43 24.20 20.56 -17.12
C GLY D 43 23.15 19.46 -17.06
N LEU D 44 22.87 18.96 -15.86
CA LEU D 44 22.04 17.78 -15.71
C LEU D 44 20.58 18.04 -16.08
N LEU D 45 20.19 19.28 -16.30
CA LEU D 45 18.89 19.57 -16.88
C LEU D 45 18.92 19.59 -18.40
N ASP D 46 20.09 19.42 -19.01
CA ASP D 46 20.20 19.44 -20.47
C ASP D 46 19.30 18.40 -21.11
N VAL D 47 19.13 17.24 -20.45
CA VAL D 47 18.36 16.17 -21.05
C VAL D 47 16.95 16.63 -21.39
N GLN D 48 16.33 17.43 -20.51
CA GLN D 48 14.99 17.93 -20.76
C GLN D 48 14.98 19.06 -21.80
N THR D 49 15.93 19.99 -21.70
CA THR D 49 15.94 21.13 -22.60
C THR D 49 16.39 20.73 -24.00
N ASP D 50 17.39 19.84 -24.10
CA ASP D 50 17.89 19.45 -25.41
C ASP D 50 16.81 18.76 -26.23
N SER D 51 16.05 17.85 -25.61
CA SER D 51 15.00 17.15 -26.34
C SER D 51 13.90 18.10 -26.78
N PHE D 52 13.53 19.04 -25.92
CA PHE D 52 12.47 19.97 -26.27
C PHE D 52 12.93 20.94 -27.36
N GLU D 53 14.18 21.42 -27.28
CA GLU D 53 14.70 22.32 -28.30
C GLU D 53 14.81 21.61 -29.65
N TRP D 54 15.06 20.30 -29.65
CA TRP D 54 15.04 19.54 -30.89
C TRP D 54 13.64 19.51 -31.50
N LEU D 55 12.61 19.37 -30.65
CA LEU D 55 11.24 19.35 -31.15
C LEU D 55 10.87 20.69 -31.77
N VAL D 56 11.07 21.78 -31.03
CA VAL D 56 10.73 23.10 -31.56
C VAL D 56 11.74 23.53 -32.61
N GLY D 57 12.97 23.03 -32.55
CA GLY D 57 14.00 23.41 -33.49
C GLY D 57 14.52 24.81 -33.24
N SER D 58 14.88 25.11 -31.99
CA SER D 58 15.38 26.42 -31.65
C SER D 58 16.69 26.71 -32.39
N ASP D 59 16.99 28.00 -32.53
CA ASP D 59 18.21 28.39 -33.22
C ASP D 59 19.46 27.91 -32.50
N ARG D 60 19.38 27.72 -31.17
CA ARG D 60 20.53 27.22 -30.42
C ARG D 60 20.90 25.82 -30.88
N TRP D 61 19.92 24.92 -30.97
CA TRP D 61 20.18 23.58 -31.46
C TRP D 61 20.48 23.56 -32.95
N ARG D 62 19.90 24.50 -33.71
CA ARG D 62 20.16 24.55 -35.14
C ARG D 62 21.62 24.80 -35.43
N GLN D 63 22.24 25.75 -34.72
CA GLN D 63 23.66 26.04 -34.93
C GLN D 63 24.55 24.96 -34.35
N ALA D 64 24.10 24.29 -33.29
CA ALA D 64 24.88 23.19 -32.73
C ALA D 64 24.98 22.03 -33.71
N ALA D 65 23.90 21.75 -34.44
CA ALA D 65 23.94 20.68 -35.43
C ALA D 65 24.74 21.06 -36.66
N ILE D 66 24.68 22.35 -37.06
CA ILE D 66 25.53 22.81 -38.16
C ILE D 66 27.01 22.67 -37.81
N ASP D 67 27.36 22.94 -36.55
CA ASP D 67 28.74 22.79 -36.12
C ASP D 67 29.14 21.32 -36.09
N ARG D 68 28.28 20.45 -35.56
CA ARG D 68 28.58 19.04 -35.43
C ARG D 68 27.42 18.21 -35.97
N GLY D 69 27.73 17.27 -36.85
CA GLY D 69 26.72 16.38 -37.38
C GLY D 69 26.14 16.87 -38.69
N GLU D 70 24.82 16.88 -38.78
CA GLU D 70 24.16 17.19 -40.04
C GLU D 70 24.43 18.62 -40.48
N GLU D 71 24.67 18.79 -41.78
CA GLU D 71 24.82 20.14 -42.33
C GLU D 71 23.51 20.93 -42.19
N ASN D 72 22.38 20.29 -42.50
CA ASN D 72 21.07 20.87 -42.30
C ASN D 72 20.33 20.04 -41.26
N PRO D 73 19.92 20.60 -40.13
CA PRO D 73 19.21 19.83 -39.11
C PRO D 73 17.75 19.64 -39.51
N VAL D 74 17.03 18.88 -38.70
CA VAL D 74 15.62 18.57 -38.92
C VAL D 74 14.86 18.85 -37.63
N GLY D 75 14.00 19.86 -37.64
CA GLY D 75 13.16 20.12 -36.50
C GLY D 75 12.10 19.03 -36.33
N GLY D 76 11.87 18.65 -35.07
CA GLY D 76 10.87 17.63 -34.80
C GLY D 76 9.53 17.91 -35.44
N LEU D 77 9.10 19.17 -35.39
CA LEU D 77 7.86 19.56 -36.06
C LEU D 77 8.01 19.46 -37.57
N GLU D 78 9.13 19.94 -38.11
CA GLU D 78 9.38 19.81 -39.54
C GLU D 78 9.45 18.35 -39.95
N GLU D 79 9.96 17.50 -39.06
CA GLU D 79 10.06 16.07 -39.38
C GLU D 79 8.67 15.45 -39.55
N VAL D 80 7.72 15.80 -38.67
CA VAL D 80 6.37 15.26 -38.80
C VAL D 80 5.63 15.94 -39.95
N LEU D 81 6.00 17.19 -40.28
CA LEU D 81 5.36 17.86 -41.40
C LEU D 81 5.86 17.34 -42.74
N ALA D 82 7.11 16.93 -42.82
CA ALA D 82 7.61 16.30 -44.04
C ALA D 82 6.92 14.96 -44.31
N GLU D 83 6.32 14.35 -43.28
CA GLU D 83 5.65 13.07 -43.46
C GLU D 83 4.28 13.24 -44.09
N LEU D 84 3.54 14.30 -43.71
CA LEU D 84 2.22 14.52 -44.25
C LEU D 84 2.24 15.20 -45.61
N SER D 85 3.24 16.04 -45.86
CA SER D 85 3.28 16.77 -47.12
C SER D 85 3.81 15.87 -48.23
N PRO D 86 3.08 15.73 -49.35
CA PRO D 86 1.76 16.35 -49.51
C PRO D 86 0.61 15.37 -49.28
N ILE D 87 -0.57 15.88 -48.91
CA ILE D 87 -1.78 15.08 -48.89
C ILE D 87 -2.30 15.02 -50.32
N GLU D 88 -2.09 13.88 -50.99
CA GLU D 88 -2.41 13.72 -52.40
C GLU D 88 -3.74 12.99 -52.55
N ASP D 89 -4.57 13.48 -53.47
CA ASP D 89 -5.83 12.81 -53.76
C ASP D 89 -5.57 11.42 -54.33
N PHE D 90 -6.55 10.53 -54.13
CA PHE D 90 -6.52 9.24 -54.81
C PHE D 90 -6.22 9.44 -56.29
N SER D 91 -6.96 10.34 -56.93
CA SER D 91 -6.65 10.71 -58.31
C SER D 91 -5.36 11.52 -58.40
N GLY D 92 -4.98 12.18 -57.31
CA GLY D 92 -3.89 13.14 -57.35
C GLY D 92 -4.26 14.48 -57.95
N SER D 93 -5.53 14.70 -58.27
CA SER D 93 -5.94 15.97 -58.85
C SER D 93 -5.65 17.13 -57.91
N MET D 94 -5.94 16.97 -56.63
CA MET D 94 -5.72 18.00 -55.63
C MET D 94 -4.67 17.52 -54.63
N SER D 95 -3.59 18.29 -54.49
CA SER D 95 -2.51 17.99 -53.56
C SER D 95 -2.31 19.19 -52.64
N LEU D 96 -2.23 18.92 -51.34
CA LEU D 96 -2.10 19.96 -50.32
C LEU D 96 -0.80 19.75 -49.56
N SER D 97 0.02 20.80 -49.45
CA SER D 97 1.36 20.71 -48.91
C SER D 97 1.49 21.56 -47.65
N PHE D 98 2.12 21.00 -46.63
CA PHE D 98 2.42 21.70 -45.38
C PHE D 98 3.90 22.05 -45.32
N SER D 99 4.20 23.16 -44.66
CA SER D 99 5.60 23.60 -44.56
C SER D 99 5.69 24.82 -43.66
N ASP D 100 6.93 25.10 -43.22
CA ASP D 100 7.31 26.33 -42.52
C ASP D 100 6.54 26.57 -41.23
N PRO D 101 6.82 25.82 -40.17
CA PRO D 101 6.15 26.09 -38.88
C PRO D 101 6.54 27.45 -38.33
N ARG D 102 5.57 28.12 -37.71
CA ARG D 102 5.73 29.46 -37.16
C ARG D 102 5.28 29.49 -35.71
N PHE D 103 6.09 30.08 -34.85
CA PHE D 103 5.78 30.21 -33.43
C PHE D 103 5.70 31.69 -33.06
N ASP D 104 4.64 32.06 -32.35
CA ASP D 104 4.47 33.41 -31.84
C ASP D 104 4.94 33.49 -30.39
N GLU D 105 5.26 34.71 -29.95
CA GLU D 105 5.73 34.93 -28.60
C GLU D 105 4.69 34.43 -27.60
N VAL D 106 5.17 33.99 -26.42
CA VAL D 106 4.30 33.35 -25.45
C VAL D 106 3.19 34.30 -25.03
N LYS D 107 2.04 33.72 -24.67
CA LYS D 107 0.89 34.53 -24.29
C LYS D 107 1.11 35.24 -22.96
N ALA D 108 1.51 34.49 -21.93
CA ALA D 108 1.69 35.06 -20.60
C ALA D 108 2.87 34.38 -19.92
N SER D 109 3.36 35.03 -18.87
CA SER D 109 4.52 34.52 -18.14
C SER D 109 4.15 33.28 -17.33
N VAL D 110 5.18 32.50 -16.98
CA VAL D 110 4.96 31.31 -16.18
C VAL D 110 4.31 31.67 -14.85
N ASP D 111 4.70 32.81 -14.26
CA ASP D 111 4.08 33.24 -13.02
C ASP D 111 2.63 33.66 -13.22
N GLU D 112 2.30 34.17 -14.41
CA GLU D 112 0.92 34.54 -14.71
C GLU D 112 0.06 33.33 -15.04
N CYS D 113 0.65 32.30 -15.64
CA CYS D 113 -0.11 31.09 -15.95
C CYS D 113 -0.45 30.32 -14.68
N LYS D 114 0.53 30.12 -13.81
CA LYS D 114 0.25 29.47 -12.53
C LYS D 114 -0.75 30.26 -11.70
N ASP D 115 -0.88 31.57 -11.96
CA ASP D 115 -1.83 32.39 -11.22
C ASP D 115 -3.25 32.19 -11.71
N LYS D 116 -3.46 32.28 -13.03
CA LYS D 116 -4.80 32.29 -13.61
C LYS D 116 -5.27 30.91 -14.10
N ASP D 117 -4.54 29.84 -13.75
CA ASP D 117 -4.95 28.48 -14.11
C ASP D 117 -5.09 28.33 -15.62
N MET D 118 -4.03 28.70 -16.35
CA MET D 118 -3.98 28.52 -17.79
C MET D 118 -2.64 27.91 -18.17
N THR D 119 -2.61 27.30 -19.35
CA THR D 119 -1.45 26.55 -19.81
C THR D 119 -0.45 27.47 -20.49
N TYR D 120 0.83 27.32 -20.13
CA TYR D 120 1.92 28.07 -20.73
C TYR D 120 2.14 27.59 -22.15
N ALA D 121 1.73 28.38 -23.13
CA ALA D 121 1.74 27.94 -24.52
C ALA D 121 2.04 29.11 -25.45
N ALA D 122 2.44 28.77 -26.68
CA ALA D 122 2.70 29.74 -27.73
C ALA D 122 1.98 29.30 -28.99
N PRO D 123 1.16 30.17 -29.60
CA PRO D 123 0.42 29.76 -30.80
C PRO D 123 1.36 29.31 -31.91
N LEU D 124 0.84 28.44 -32.78
CA LEU D 124 1.64 27.81 -33.82
C LEU D 124 0.92 27.96 -35.15
N PHE D 125 1.45 28.84 -36.01
CA PHE D 125 0.96 29.00 -37.37
C PHE D 125 1.75 28.11 -38.32
N VAL D 126 1.11 27.72 -39.42
CA VAL D 126 1.75 26.93 -40.46
C VAL D 126 1.48 27.58 -41.81
N THR D 127 2.28 27.18 -42.80
CA THR D 127 2.20 27.72 -44.15
C THR D 127 1.86 26.57 -45.10
N ALA D 128 0.56 26.38 -45.33
CA ALA D 128 0.08 25.29 -46.16
C ALA D 128 -0.12 25.77 -47.60
N GLU D 129 -0.68 24.90 -48.45
CA GLU D 129 -0.93 25.20 -49.84
C GLU D 129 -1.76 24.07 -50.45
N PHE D 130 -2.65 24.43 -51.36
CA PHE D 130 -3.53 23.48 -52.04
C PHE D 130 -3.44 23.74 -53.54
N ILE D 131 -3.04 22.72 -54.29
CA ILE D 131 -2.84 22.83 -55.73
C ILE D 131 -3.83 21.90 -56.42
N ASN D 132 -4.48 22.39 -57.47
CA ASN D 132 -5.38 21.60 -58.29
C ASN D 132 -4.69 21.27 -59.60
N ASN D 133 -4.49 19.98 -59.87
CA ASN D 133 -3.80 19.56 -61.09
C ASN D 133 -4.65 19.81 -62.33
N ASN D 134 -5.97 19.78 -62.20
CA ASN D 134 -6.84 19.98 -63.36
C ASN D 134 -6.75 21.40 -63.87
N THR D 135 -6.97 22.38 -63.00
CA THR D 135 -6.97 23.79 -63.39
C THR D 135 -5.65 24.50 -63.08
N GLY D 136 -4.72 23.84 -62.39
CA GLY D 136 -3.41 24.41 -62.15
C GLY D 136 -3.36 25.58 -61.21
N GLU D 137 -4.46 25.94 -60.57
CA GLU D 137 -4.49 27.09 -59.67
C GLU D 137 -3.67 26.81 -58.41
N ILE D 138 -3.17 27.89 -57.81
CA ILE D 138 -2.40 27.83 -56.56
C ILE D 138 -3.16 28.61 -55.51
N LYS D 139 -3.38 28.00 -54.35
CA LYS D 139 -4.09 28.63 -53.23
C LYS D 139 -3.22 28.51 -51.98
N SER D 140 -2.54 29.58 -51.61
CA SER D 140 -1.76 29.63 -50.39
C SER D 140 -2.57 30.27 -49.27
N GLN D 141 -2.22 29.94 -48.03
CA GLN D 141 -2.99 30.40 -46.89
C GLN D 141 -2.15 30.25 -45.63
N THR D 142 -2.61 30.89 -44.55
CA THR D 142 -2.00 30.79 -43.24
C THR D 142 -2.95 30.06 -42.30
N VAL D 143 -2.45 29.04 -41.63
CA VAL D 143 -3.26 28.15 -40.81
C VAL D 143 -2.77 28.23 -39.36
N PHE D 144 -3.71 28.40 -38.43
CA PHE D 144 -3.42 28.40 -37.00
C PHE D 144 -3.70 27.01 -36.46
N MET D 145 -2.65 26.29 -36.06
CA MET D 145 -2.82 24.96 -35.51
C MET D 145 -3.41 25.02 -34.10
N GLY D 146 -2.79 25.79 -33.22
CA GLY D 146 -3.27 25.91 -31.87
C GLY D 146 -2.16 26.34 -30.94
N ASP D 147 -2.52 26.46 -29.66
CA ASP D 147 -1.57 26.87 -28.63
C ASP D 147 -0.67 25.69 -28.28
N PHE D 148 0.64 25.88 -28.48
CA PHE D 148 1.60 24.79 -28.32
C PHE D 148 2.31 24.96 -26.98
N PRO D 149 2.01 24.14 -25.97
CA PRO D 149 2.66 24.30 -24.67
C PRO D 149 4.18 24.31 -24.79
N MET D 150 4.81 25.26 -24.10
CA MET D 150 6.25 25.45 -24.13
C MET D 150 6.87 24.97 -22.81
N MET D 151 8.19 24.77 -22.85
CA MET D 151 8.95 24.29 -21.71
C MET D 151 9.66 25.47 -21.03
N THR D 152 9.53 25.55 -19.71
CA THR D 152 10.12 26.63 -18.96
C THR D 152 11.64 26.50 -18.94
N GLU D 153 12.29 27.52 -18.36
CA GLU D 153 13.74 27.45 -18.17
C GLU D 153 14.11 26.34 -17.20
N LYS D 154 13.21 26.00 -16.28
CA LYS D 154 13.42 24.90 -15.34
C LYS D 154 13.08 23.55 -15.94
N GLY D 155 12.75 23.50 -17.23
CA GLY D 155 12.46 22.23 -17.89
C GLY D 155 11.11 21.65 -17.59
N THR D 156 10.14 22.47 -17.18
CA THR D 156 8.81 21.99 -16.84
C THR D 156 7.77 22.64 -17.74
N PHE D 157 6.59 22.03 -17.76
CA PHE D 157 5.44 22.56 -18.47
C PHE D 157 4.39 23.04 -17.48
N ILE D 158 3.68 24.10 -17.86
CA ILE D 158 2.53 24.59 -17.11
C ILE D 158 1.29 24.20 -17.90
N ILE D 159 0.51 23.28 -17.36
CA ILE D 159 -0.72 22.80 -18.01
C ILE D 159 -1.88 23.14 -17.08
N ASN D 160 -2.66 24.15 -17.46
CA ASN D 160 -3.80 24.60 -16.66
C ASN D 160 -3.34 25.08 -15.29
N GLY D 161 -2.18 25.74 -15.24
CA GLY D 161 -1.66 26.33 -14.03
C GLY D 161 -0.80 25.43 -13.17
N THR D 162 -0.78 24.13 -13.43
CA THR D 162 -0.01 23.19 -12.64
C THR D 162 1.33 22.90 -13.34
N GLU D 163 2.40 22.92 -12.55
CA GLU D 163 3.74 22.66 -13.08
C GLU D 163 3.92 21.16 -13.27
N ARG D 164 4.16 20.75 -14.52
CA ARG D 164 4.24 19.34 -14.87
C ARG D 164 5.59 19.00 -15.49
N VAL D 165 5.97 17.73 -15.37
CA VAL D 165 7.22 17.22 -15.90
C VAL D 165 6.92 16.01 -16.77
N VAL D 166 7.58 15.92 -17.91
CA VAL D 166 7.42 14.80 -18.84
C VAL D 166 8.63 13.89 -18.68
N VAL D 167 8.39 12.68 -18.18
CA VAL D 167 9.44 11.71 -17.90
C VAL D 167 9.72 10.89 -19.16
N SER D 168 11.01 10.68 -19.45
CA SER D 168 11.40 9.89 -20.59
C SER D 168 11.06 8.42 -20.37
N GLN D 169 10.65 7.75 -21.44
CA GLN D 169 10.14 6.38 -21.36
C GLN D 169 11.11 5.41 -22.02
N LEU D 170 11.33 4.27 -21.36
CA LEU D 170 12.18 3.21 -21.89
C LEU D 170 11.31 2.25 -22.71
N VAL D 171 11.66 2.08 -23.98
CA VAL D 171 10.94 1.18 -24.87
C VAL D 171 11.94 0.36 -25.66
N ARG D 172 11.47 -0.77 -26.19
CA ARG D 172 12.30 -1.58 -27.07
C ARG D 172 12.62 -0.81 -28.35
N SER D 173 13.84 -0.95 -28.81
CA SER D 173 14.25 -0.31 -30.06
C SER D 173 13.65 -1.07 -31.24
N PRO D 174 12.80 -0.44 -32.05
CA PRO D 174 12.17 -1.17 -33.16
C PRO D 174 13.21 -1.81 -34.06
N GLY D 175 13.01 -3.09 -34.34
CA GLY D 175 13.95 -3.85 -35.14
C GLY D 175 13.75 -5.34 -34.90
N VAL D 176 14.74 -6.11 -35.37
CA VAL D 176 14.71 -7.56 -35.24
C VAL D 176 15.50 -7.97 -34.02
N TYR D 177 15.05 -9.03 -33.35
CA TYR D 177 15.70 -9.55 -32.16
C TYR D 177 15.63 -11.07 -32.17
N PHE D 178 16.77 -11.71 -32.44
CA PHE D 178 16.84 -13.17 -32.36
C PHE D 178 17.04 -13.58 -30.91
N ASP D 179 16.28 -14.59 -30.48
CA ASP D 179 16.42 -15.13 -29.13
C ASP D 179 16.53 -16.64 -29.23
N GLU D 180 17.63 -17.19 -28.72
CA GLU D 180 17.79 -18.63 -28.65
C GLU D 180 17.02 -19.18 -27.46
N THR D 181 16.36 -20.32 -27.67
CA THR D 181 15.62 -20.98 -26.60
C THR D 181 15.92 -22.47 -26.66
N ILE D 182 15.75 -23.13 -25.52
CA ILE D 182 15.93 -24.57 -25.41
C ILE D 182 14.55 -25.20 -25.23
N ASP D 183 14.22 -26.14 -26.12
CA ASP D 183 12.92 -26.78 -26.06
C ASP D 183 12.69 -27.42 -24.69
N LYS D 184 11.44 -27.38 -24.23
CA LYS D 184 11.13 -27.88 -22.89
C LYS D 184 11.43 -29.37 -22.78
N SER D 185 10.91 -30.17 -23.71
CA SER D 185 11.09 -31.62 -23.68
C SER D 185 12.20 -32.09 -24.60
N THR D 186 12.14 -31.75 -25.89
CA THR D 186 13.13 -32.21 -26.85
C THR D 186 14.51 -31.62 -26.59
N GLU D 187 14.59 -30.45 -25.94
CA GLU D 187 15.85 -29.82 -25.56
C GLU D 187 16.75 -29.55 -26.76
N LYS D 188 16.19 -29.56 -27.97
CA LYS D 188 16.96 -29.20 -29.16
C LYS D 188 16.93 -27.69 -29.34
N THR D 189 18.09 -27.11 -29.66
CA THR D 189 18.22 -25.66 -29.75
C THR D 189 17.24 -25.08 -30.76
N LEU D 190 16.26 -24.33 -30.28
CA LEU D 190 15.27 -23.66 -31.12
C LEU D 190 15.61 -22.18 -31.24
N HIS D 191 15.18 -21.57 -32.34
CA HIS D 191 15.47 -20.17 -32.60
C HIS D 191 14.20 -19.48 -33.10
N SER D 192 13.70 -18.53 -32.31
CA SER D 192 12.60 -17.68 -32.71
C SER D 192 13.07 -16.23 -32.78
N VAL D 193 12.51 -15.48 -33.72
CA VAL D 193 12.89 -14.09 -33.93
C VAL D 193 11.64 -13.27 -34.20
N LYS D 194 11.69 -12.00 -33.76
CA LYS D 194 10.57 -11.09 -33.92
C LYS D 194 11.04 -9.80 -34.57
N VAL D 195 10.15 -9.20 -35.36
CA VAL D 195 10.38 -7.91 -36.00
C VAL D 195 9.33 -6.95 -35.45
N ILE D 196 9.78 -5.96 -34.68
CA ILE D 196 8.88 -5.03 -33.99
C ILE D 196 8.96 -3.68 -34.72
N PRO D 197 7.92 -3.28 -35.45
CA PRO D 197 7.94 -1.97 -36.10
C PRO D 197 7.38 -0.87 -35.21
N GLY D 198 7.31 0.35 -35.75
CA GLY D 198 6.61 1.41 -35.06
C GLY D 198 5.10 1.31 -35.16
N ARG D 199 4.60 0.72 -36.24
CA ARG D 199 3.17 0.50 -36.42
C ARG D 199 2.98 -0.71 -37.32
N GLY D 200 1.86 -1.39 -37.12
CA GLY D 200 1.51 -2.56 -37.91
C GLY D 200 1.71 -3.85 -37.12
N ALA D 201 1.21 -4.94 -37.70
CA ALA D 201 1.36 -6.25 -37.08
C ALA D 201 2.83 -6.64 -37.01
N TRP D 202 3.13 -7.58 -36.12
CA TRP D 202 4.49 -8.06 -35.93
C TRP D 202 4.65 -9.47 -36.49
N LEU D 203 5.84 -9.75 -37.01
CA LEU D 203 6.17 -11.04 -37.59
C LEU D 203 7.12 -11.80 -36.68
N GLU D 204 6.92 -13.12 -36.61
CA GLU D 204 7.74 -13.99 -35.78
C GLU D 204 8.05 -15.25 -36.56
N PHE D 205 9.32 -15.65 -36.54
CA PHE D 205 9.77 -16.82 -37.29
C PHE D 205 10.12 -17.96 -36.36
N VAL D 215 6.04 -19.57 -40.79
CA VAL D 215 6.09 -18.15 -40.50
C VAL D 215 4.83 -17.71 -39.73
N ARG D 216 4.89 -17.82 -38.41
CA ARG D 216 3.81 -17.30 -37.58
C ARG D 216 3.72 -15.79 -37.75
N ILE D 217 2.60 -15.31 -38.27
CA ILE D 217 2.38 -13.89 -38.48
C ILE D 217 1.17 -13.47 -37.64
N ASP D 218 1.41 -12.53 -36.71
CA ASP D 218 0.40 -11.87 -35.88
C ASP D 218 -0.69 -12.83 -35.37
N ARG D 219 -0.26 -13.81 -34.57
CA ARG D 219 -1.17 -14.68 -33.82
C ARG D 219 -1.84 -15.73 -34.68
N LYS D 220 -1.08 -16.36 -35.57
CA LYS D 220 -1.50 -17.51 -36.35
C LYS D 220 -0.36 -18.51 -36.33
N ARG D 221 -0.56 -19.65 -35.68
CA ARG D 221 0.53 -20.54 -35.34
C ARG D 221 1.04 -21.32 -36.54
N ARG D 222 2.34 -21.22 -36.79
CA ARG D 222 3.08 -22.07 -37.71
C ARG D 222 2.46 -22.08 -39.11
N GLN D 223 2.51 -20.91 -39.74
CA GLN D 223 2.40 -20.87 -41.20
C GLN D 223 3.65 -21.46 -41.82
N PRO D 224 3.53 -22.25 -42.88
CA PRO D 224 4.73 -22.80 -43.52
C PRO D 224 5.66 -21.68 -43.97
N VAL D 225 6.95 -21.84 -43.66
CA VAL D 225 7.92 -20.80 -43.97
C VAL D 225 8.02 -20.55 -45.46
N THR D 226 7.58 -21.51 -46.29
CA THR D 226 7.69 -21.36 -47.73
C THR D 226 6.62 -20.44 -48.31
N VAL D 227 5.45 -20.37 -47.67
CA VAL D 227 4.34 -19.62 -48.24
C VAL D 227 4.63 -18.13 -48.35
N LEU D 228 5.56 -17.61 -47.54
CA LEU D 228 5.79 -16.17 -47.54
C LEU D 228 6.49 -15.72 -48.81
N LEU D 229 7.50 -16.47 -49.26
CA LEU D 229 8.14 -16.11 -50.52
C LEU D 229 7.24 -16.43 -51.71
N LYS D 230 6.41 -17.47 -51.60
CA LYS D 230 5.39 -17.70 -52.61
C LYS D 230 4.46 -16.50 -52.73
N ALA D 231 4.18 -15.84 -51.59
CA ALA D 231 3.41 -14.60 -51.63
C ALA D 231 4.11 -13.54 -52.46
N LEU D 232 5.44 -13.53 -52.45
CA LEU D 232 6.21 -12.57 -53.24
C LEU D 232 6.59 -13.17 -54.58
N GLU D 237 11.99 -17.58 -58.71
CA GLU D 237 12.06 -19.03 -58.62
C GLU D 237 13.41 -19.47 -58.04
N GLN D 238 13.70 -20.76 -58.18
CA GLN D 238 14.94 -21.32 -57.66
C GLN D 238 15.12 -20.99 -56.18
N ILE D 239 14.03 -21.14 -55.42
CA ILE D 239 14.08 -20.85 -53.98
C ILE D 239 15.08 -21.76 -53.29
N VAL D 240 15.22 -22.99 -53.77
CA VAL D 240 16.20 -23.92 -53.20
C VAL D 240 17.62 -23.47 -53.56
N GLU D 241 17.81 -23.01 -54.79
CA GLU D 241 19.16 -22.77 -55.29
C GLU D 241 19.88 -21.67 -54.51
N ARG D 242 19.19 -20.56 -54.24
CA ARG D 242 19.86 -19.43 -53.61
C ARG D 242 20.16 -19.70 -52.14
N PHE D 243 19.38 -20.56 -51.49
CA PHE D 243 19.56 -20.87 -50.07
C PHE D 243 19.95 -22.33 -49.85
N GLY D 244 20.69 -22.91 -50.78
CA GLY D 244 21.08 -24.31 -50.67
C GLY D 244 22.05 -24.61 -49.54
N PHE D 245 22.60 -23.59 -48.89
CA PHE D 245 23.58 -23.83 -47.84
C PHE D 245 22.95 -24.50 -46.63
N SER D 246 21.77 -24.06 -46.22
CA SER D 246 21.10 -24.62 -45.05
C SER D 246 20.43 -25.94 -45.42
N GLU D 247 20.76 -27.01 -44.70
CA GLU D 247 20.14 -28.30 -44.97
C GLU D 247 18.72 -28.36 -44.41
N ILE D 248 18.49 -27.74 -43.25
CA ILE D 248 17.18 -27.82 -42.62
C ILE D 248 16.17 -26.95 -43.36
N MET D 249 16.60 -25.77 -43.81
CA MET D 249 15.69 -24.91 -44.59
C MET D 249 15.13 -25.64 -45.80
N MET D 250 15.93 -26.53 -46.41
CA MET D 250 15.42 -27.34 -47.51
C MET D 250 14.49 -28.44 -47.01
N GLY D 251 14.72 -28.92 -45.79
CA GLY D 251 13.81 -29.91 -45.21
C GLY D 251 12.42 -29.36 -44.95
N THR D 252 12.35 -28.12 -44.46
CA THR D 252 11.05 -27.48 -44.27
C THR D 252 10.38 -27.20 -45.60
N LEU D 253 11.15 -26.76 -46.60
CA LEU D 253 10.60 -26.51 -47.92
C LEU D 253 10.06 -27.80 -48.54
N GLU D 254 10.81 -28.89 -48.42
CA GLU D 254 10.32 -30.18 -48.92
C GLU D 254 9.00 -30.56 -48.26
N LYS D 255 8.83 -30.21 -46.98
CA LYS D 255 7.59 -30.48 -46.26
C LYS D 255 6.47 -29.50 -46.62
N ASP D 256 6.79 -28.41 -47.30
CA ASP D 256 5.78 -27.44 -47.68
C ASP D 256 5.03 -27.93 -48.92
N THR D 257 3.70 -27.98 -48.83
CA THR D 257 2.90 -28.55 -49.91
C THR D 257 2.61 -27.54 -51.01
N THR D 258 2.60 -26.25 -50.69
CA THR D 258 2.19 -25.24 -51.65
C THR D 258 3.21 -25.13 -52.79
N SER D 259 2.69 -24.86 -53.99
CA SER D 259 3.51 -24.66 -55.17
C SER D 259 2.94 -23.50 -55.98
N GLY D 260 3.81 -22.54 -56.32
CA GLY D 260 3.41 -21.37 -57.06
C GLY D 260 3.26 -20.15 -56.17
N THR D 261 3.15 -18.99 -56.82
CA THR D 261 3.02 -17.71 -56.12
C THR D 261 1.59 -17.41 -55.72
N ASP D 262 0.62 -17.67 -56.61
CA ASP D 262 -0.77 -17.36 -56.31
C ASP D 262 -1.43 -18.45 -55.50
N GLU D 263 -1.05 -19.71 -55.72
CA GLU D 263 -1.69 -20.82 -55.01
C GLU D 263 -1.39 -20.79 -53.52
N ALA D 264 -0.17 -20.38 -53.14
CA ALA D 264 0.19 -20.30 -51.73
C ALA D 264 -0.21 -18.98 -51.10
N LEU D 265 -0.31 -17.92 -51.88
CA LEU D 265 -0.85 -16.65 -51.37
C LEU D 265 -2.30 -16.80 -50.93
N LEU D 266 -3.01 -17.79 -51.47
CA LEU D 266 -4.34 -18.13 -50.94
C LEU D 266 -4.21 -18.84 -49.61
N ASP D 267 -3.20 -19.71 -49.47
CA ASP D 267 -2.95 -20.38 -48.20
C ASP D 267 -2.68 -19.36 -47.09
N ILE D 268 -1.84 -18.36 -47.38
CA ILE D 268 -1.57 -17.32 -46.40
C ILE D 268 -2.74 -16.36 -46.26
N TYR D 269 -3.60 -16.25 -47.28
CA TYR D 269 -4.76 -15.37 -47.19
C TYR D 269 -5.78 -15.90 -46.18
N ARG D 270 -6.05 -17.21 -46.22
CA ARG D 270 -7.13 -17.77 -45.42
C ARG D 270 -6.95 -17.50 -43.93
N LYS D 271 -5.70 -17.37 -43.47
CA LYS D 271 -5.44 -17.19 -42.04
C LYS D 271 -5.41 -15.72 -41.62
N LEU D 272 -5.14 -14.80 -42.55
CA LEU D 272 -5.14 -13.38 -42.19
C LEU D 272 -6.56 -12.84 -42.08
N ARG D 273 -7.43 -13.20 -43.02
CA ARG D 273 -8.84 -12.78 -43.01
C ARG D 273 -9.70 -14.03 -43.00
N PRO D 274 -10.04 -14.57 -41.83
CA PRO D 274 -10.91 -15.76 -41.75
C PRO D 274 -12.36 -15.38 -42.02
N GLY D 275 -12.85 -15.74 -43.20
CA GLY D 275 -14.24 -15.50 -43.56
C GLY D 275 -14.45 -14.66 -44.80
N GLU D 276 -13.41 -14.22 -45.49
CA GLU D 276 -13.56 -13.39 -46.69
C GLU D 276 -13.14 -14.19 -47.92
N PRO D 277 -14.00 -14.34 -48.92
CA PRO D 277 -13.58 -14.96 -50.17
C PRO D 277 -12.55 -14.10 -50.89
N PRO D 278 -11.35 -14.63 -51.14
CA PRO D 278 -10.31 -13.82 -51.77
C PRO D 278 -10.70 -13.35 -53.16
N THR D 279 -10.08 -12.25 -53.57
CA THR D 279 -10.21 -11.72 -54.91
C THR D 279 -8.86 -11.82 -55.62
N LYS D 280 -8.90 -11.98 -56.95
CA LYS D 280 -7.66 -12.07 -57.70
C LYS D 280 -6.79 -10.83 -57.47
N GLU D 281 -7.42 -9.66 -57.36
CA GLU D 281 -6.68 -8.44 -57.04
C GLU D 281 -6.34 -8.39 -55.55
N SER D 282 -7.27 -8.82 -54.69
CA SER D 282 -7.06 -8.71 -53.26
C SER D 282 -5.91 -9.59 -52.78
N ALA D 283 -5.64 -10.69 -53.49
CA ALA D 283 -4.54 -11.57 -53.08
C ALA D 283 -3.21 -10.87 -53.19
N GLN D 284 -2.99 -10.11 -54.27
CA GLN D 284 -1.70 -9.46 -54.49
C GLN D 284 -1.54 -8.20 -53.65
N THR D 285 -2.62 -7.42 -53.49
CA THR D 285 -2.55 -6.26 -52.61
C THR D 285 -2.50 -6.66 -51.14
N LEU D 286 -2.89 -7.89 -50.81
CA LEU D 286 -2.87 -8.34 -49.43
C LEU D 286 -1.47 -8.24 -48.84
N LEU D 287 -0.49 -8.87 -49.48
CA LEU D 287 0.85 -8.96 -48.90
C LEU D 287 1.56 -7.61 -48.92
N GLU D 288 1.35 -6.81 -49.98
CA GLU D 288 2.05 -5.54 -50.07
C GLU D 288 1.42 -4.46 -49.18
N ASN D 289 0.08 -4.44 -49.10
CA ASN D 289 -0.58 -3.48 -48.22
C ASN D 289 -0.31 -3.75 -46.75
N LEU D 290 0.07 -4.99 -46.40
CA LEU D 290 0.19 -5.34 -44.99
C LEU D 290 1.45 -4.75 -44.37
N PHE D 291 2.62 -5.00 -44.97
CA PHE D 291 3.89 -4.69 -44.33
C PHE D 291 4.80 -3.77 -45.13
N PHE D 292 4.49 -3.46 -46.39
CA PHE D 292 5.43 -2.77 -47.25
C PHE D 292 4.98 -1.39 -47.72
N LYS D 293 3.84 -0.90 -47.25
CA LYS D 293 3.40 0.45 -47.55
C LYS D 293 3.18 1.22 -46.25
N GLU D 294 3.34 2.54 -46.32
CA GLU D 294 3.29 3.37 -45.13
C GLU D 294 1.90 3.41 -44.49
N LYS D 295 0.85 3.12 -45.26
CA LYS D 295 -0.51 3.26 -44.74
C LYS D 295 -0.72 2.39 -43.52
N ARG D 296 -0.32 1.12 -43.59
CA ARG D 296 -0.53 0.17 -42.50
C ARG D 296 0.77 -0.32 -41.87
N TYR D 297 1.92 0.18 -42.31
CA TYR D 297 3.20 -0.21 -41.71
C TYR D 297 4.05 1.05 -41.56
N ASP D 298 4.04 1.65 -40.38
CA ASP D 298 4.87 2.81 -40.09
C ASP D 298 6.33 2.37 -40.03
N LEU D 299 7.09 2.76 -41.05
CA LEU D 299 8.53 2.49 -41.05
C LEU D 299 9.18 3.26 -39.90
N ALA D 300 9.82 2.52 -39.00
CA ALA D 300 10.45 3.14 -37.83
C ALA D 300 11.80 3.73 -38.22
N ARG D 301 11.96 5.04 -38.05
CA ARG D 301 13.26 5.66 -38.27
C ARG D 301 14.33 4.94 -37.47
N VAL D 302 14.05 4.67 -36.19
CA VAL D 302 14.94 3.82 -35.39
C VAL D 302 14.97 2.41 -35.97
N GLY D 303 13.82 1.89 -36.38
CA GLY D 303 13.79 0.55 -36.95
C GLY D 303 14.56 0.45 -38.25
N ARG D 304 14.45 1.48 -39.10
CA ARG D 304 15.22 1.48 -40.34
C ARG D 304 16.71 1.50 -40.07
N TYR D 305 17.12 2.10 -38.94
CA TYR D 305 18.54 2.13 -38.60
C TYR D 305 18.98 0.85 -37.88
N LYS D 306 18.06 0.19 -37.18
CA LYS D 306 18.43 -1.02 -36.46
C LYS D 306 18.72 -2.17 -37.41
N VAL D 307 17.93 -2.31 -38.47
CA VAL D 307 18.12 -3.43 -39.39
C VAL D 307 19.22 -3.13 -40.41
N ASN D 308 19.40 -1.86 -40.78
CA ASN D 308 20.47 -1.52 -41.71
C ASN D 308 21.84 -1.81 -41.11
N LYS D 309 22.00 -1.55 -39.82
CA LYS D 309 23.22 -1.94 -39.12
C LYS D 309 23.26 -3.43 -38.81
N LYS D 310 22.09 -4.08 -38.78
CA LYS D 310 22.03 -5.52 -38.54
C LYS D 310 22.29 -6.34 -39.81
N LEU D 311 22.11 -5.75 -40.99
CA LEU D 311 22.31 -6.47 -42.23
C LEU D 311 22.58 -5.51 -43.38
N THR D 323 10.71 2.09 -46.51
CA THR D 323 9.94 1.25 -45.61
C THR D 323 10.51 -0.16 -45.58
N LEU D 324 9.67 -1.12 -45.18
CA LEU D 324 10.05 -2.52 -45.27
C LEU D 324 10.27 -2.91 -46.72
N THR D 325 11.30 -3.72 -46.97
CA THR D 325 11.58 -4.23 -48.30
C THR D 325 11.65 -5.76 -48.24
N GLU D 326 11.05 -6.40 -49.25
CA GLU D 326 10.97 -7.85 -49.25
C GLU D 326 12.36 -8.48 -49.12
N GLU D 327 13.35 -7.92 -49.82
CA GLU D 327 14.71 -8.43 -49.72
C GLU D 327 15.21 -8.44 -48.28
N ASP D 328 14.82 -7.43 -47.49
CA ASP D 328 15.23 -7.39 -46.10
C ASP D 328 14.60 -8.54 -45.30
N VAL D 329 13.33 -8.87 -45.59
CA VAL D 329 12.69 -9.99 -44.92
C VAL D 329 13.46 -11.28 -45.19
N VAL D 330 13.93 -11.45 -46.42
CA VAL D 330 14.74 -12.62 -46.75
C VAL D 330 16.04 -12.61 -45.94
N ALA D 331 16.71 -11.45 -45.89
CA ALA D 331 17.96 -11.36 -45.13
C ALA D 331 17.74 -11.71 -43.66
N THR D 332 16.53 -11.50 -43.15
CA THR D 332 16.23 -11.88 -41.77
C THR D 332 16.13 -13.40 -41.64
N ILE D 333 15.61 -14.07 -42.67
CA ILE D 333 15.40 -15.51 -42.59
C ILE D 333 16.73 -16.24 -42.51
N GLU D 334 17.71 -15.83 -43.31
CA GLU D 334 18.96 -16.57 -43.38
C GLU D 334 19.86 -16.31 -42.17
N TYR D 335 19.81 -15.11 -41.58
CA TYR D 335 20.40 -14.91 -40.27
C TYR D 335 19.86 -15.94 -39.29
N LEU D 336 18.53 -16.05 -39.23
CA LEU D 336 17.91 -17.15 -38.48
C LEU D 336 18.52 -18.48 -38.88
N VAL D 337 18.61 -18.74 -40.19
CA VAL D 337 19.27 -19.95 -40.68
C VAL D 337 20.74 -19.95 -40.28
N ARG D 338 21.45 -18.85 -40.57
CA ARG D 338 22.87 -18.79 -40.29
C ARG D 338 23.15 -18.81 -38.79
N LEU D 339 22.24 -18.26 -37.98
CA LEU D 339 22.42 -18.26 -36.52
C LEU D 339 22.06 -19.60 -35.90
N HIS D 340 21.23 -20.40 -36.57
CA HIS D 340 20.95 -21.74 -36.08
C HIS D 340 22.15 -22.65 -36.28
N GLU D 341 22.85 -22.52 -37.41
CA GLU D 341 24.10 -23.22 -37.59
C GLU D 341 25.11 -22.87 -36.52
N GLY D 342 24.97 -21.70 -35.90
CA GLY D 342 25.97 -21.20 -34.98
C GLY D 342 27.09 -20.42 -35.63
N GLN D 343 27.14 -20.38 -36.96
CA GLN D 343 28.17 -19.61 -37.64
C GLN D 343 28.13 -18.17 -37.18
N THR D 344 29.31 -17.59 -36.96
CA THR D 344 29.42 -16.28 -36.36
C THR D 344 29.37 -15.13 -37.37
N SER D 345 29.44 -15.43 -38.66
CA SER D 345 29.42 -14.39 -39.69
C SER D 345 28.39 -14.74 -40.75
N MET D 346 27.54 -13.77 -41.08
CA MET D 346 26.59 -13.88 -42.19
C MET D 346 26.84 -12.73 -43.15
N THR D 347 26.99 -13.05 -44.43
CA THR D 347 27.16 -12.05 -45.47
C THR D 347 25.89 -12.01 -46.31
N VAL D 348 25.13 -10.93 -46.18
CA VAL D 348 23.94 -10.74 -47.02
C VAL D 348 24.39 -10.38 -48.43
N PRO D 349 23.85 -11.01 -49.47
CA PRO D 349 24.26 -10.66 -50.84
C PRO D 349 24.17 -9.18 -51.12
N GLY D 350 25.29 -8.55 -51.45
CA GLY D 350 25.31 -7.13 -51.72
C GLY D 350 25.38 -6.25 -50.50
N GLY D 351 25.79 -6.78 -49.35
CA GLY D 351 25.89 -5.99 -48.14
C GLY D 351 27.01 -6.50 -47.26
N VAL D 352 27.51 -5.61 -46.41
CA VAL D 352 28.62 -5.95 -45.53
C VAL D 352 28.14 -6.96 -44.48
N GLU D 353 29.08 -7.78 -44.00
CA GLU D 353 28.75 -8.84 -43.07
C GLU D 353 28.65 -8.31 -41.64
N VAL D 354 27.88 -9.03 -40.83
CA VAL D 354 27.76 -8.73 -39.41
C VAL D 354 27.80 -10.04 -38.63
N PRO D 355 28.11 -9.97 -37.34
CA PRO D 355 28.04 -11.18 -36.51
C PRO D 355 26.61 -11.68 -36.44
N VAL D 356 26.46 -12.99 -36.29
CA VAL D 356 25.16 -13.64 -36.21
C VAL D 356 25.08 -14.30 -34.84
N GLU D 357 24.40 -13.65 -33.91
CA GLU D 357 24.26 -14.14 -32.54
C GLU D 357 22.91 -13.68 -32.00
N VAL D 358 22.59 -14.14 -30.81
CA VAL D 358 21.33 -13.77 -30.15
C VAL D 358 21.44 -12.36 -29.60
N ASP D 359 20.36 -11.59 -29.74
CA ASP D 359 20.31 -10.23 -29.24
C ASP D 359 19.79 -10.20 -27.82
N ASP D 360 20.22 -9.19 -27.07
CA ASP D 360 19.75 -8.93 -25.71
C ASP D 360 18.86 -7.71 -25.74
N ILE D 361 17.59 -7.88 -25.34
CA ILE D 361 16.65 -6.76 -25.37
C ILE D 361 16.99 -5.77 -24.26
N ASP D 362 17.61 -6.23 -23.18
CA ASP D 362 17.96 -5.35 -22.06
C ASP D 362 19.22 -4.55 -22.32
N HIS D 363 20.07 -5.01 -23.24
CA HIS D 363 21.28 -4.25 -23.59
C HIS D 363 20.88 -2.87 -24.09
N PHE D 364 21.49 -1.84 -23.51
CA PHE D 364 21.09 -0.47 -23.83
C PHE D 364 21.41 -0.07 -25.26
N GLY D 365 22.09 -0.92 -26.03
CA GLY D 365 22.23 -0.65 -27.45
C GLY D 365 20.99 -1.01 -28.24
N ASN D 366 20.23 -2.00 -27.79
CA ASN D 366 18.96 -2.38 -28.38
C ASN D 366 17.77 -1.90 -27.57
N ARG D 367 18.01 -1.12 -26.51
CA ARG D 367 16.95 -0.53 -25.71
C ARG D 367 17.16 0.97 -25.67
N ARG D 368 16.16 1.72 -26.15
CA ARG D 368 16.21 3.17 -26.24
C ARG D 368 15.16 3.77 -25.31
N LEU D 369 15.27 5.07 -25.06
CA LEU D 369 14.31 5.81 -24.25
C LEU D 369 13.75 6.95 -25.08
N ARG D 370 12.43 6.98 -25.23
CA ARG D 370 11.75 8.07 -25.93
C ARG D 370 11.77 9.31 -25.04
N THR D 371 12.53 10.32 -25.45
CA THR D 371 12.65 11.53 -24.65
C THR D 371 11.42 12.43 -24.85
N VAL D 372 11.38 13.52 -24.09
CA VAL D 372 10.20 14.37 -24.06
C VAL D 372 9.86 14.91 -25.45
N GLY D 373 10.88 15.39 -26.17
CA GLY D 373 10.62 15.95 -27.49
C GLY D 373 9.97 14.95 -28.43
N GLU D 374 10.40 13.69 -28.38
CA GLU D 374 9.79 12.67 -29.23
C GLU D 374 8.42 12.27 -28.71
N LEU D 375 8.25 12.21 -27.38
CA LEU D 375 6.94 11.90 -26.82
C LEU D 375 5.90 12.92 -27.25
N ILE D 376 6.31 14.19 -27.41
CA ILE D 376 5.42 15.18 -27.99
C ILE D 376 5.25 14.92 -29.49
N GLN D 377 6.36 14.62 -30.18
CA GLN D 377 6.31 14.38 -31.61
C GLN D 377 5.35 13.26 -31.97
N ASN D 378 5.35 12.17 -31.19
CA ASN D 378 4.46 11.06 -31.50
C ASN D 378 3.00 11.47 -31.36
N GLN D 379 2.68 12.29 -30.35
CA GLN D 379 1.30 12.71 -30.18
C GLN D 379 0.90 13.75 -31.21
N ILE D 380 1.86 14.53 -31.72
CA ILE D 380 1.57 15.42 -32.84
C ILE D 380 1.27 14.60 -34.10
N ARG D 381 2.03 13.53 -34.32
CA ARG D 381 1.80 12.68 -35.48
C ARG D 381 0.40 12.09 -35.48
N VAL D 382 -0.08 11.66 -34.31
CA VAL D 382 -1.41 11.07 -34.23
C VAL D 382 -2.48 12.11 -34.56
N GLY D 383 -2.30 13.34 -34.07
CA GLY D 383 -3.27 14.39 -34.36
C GLY D 383 -3.29 14.78 -35.82
N LEU D 384 -2.13 14.71 -36.50
CA LEU D 384 -2.09 15.03 -37.92
C LEU D 384 -2.64 13.90 -38.78
N SER D 385 -2.59 12.65 -38.28
CA SER D 385 -3.09 11.53 -39.07
C SER D 385 -4.61 11.51 -39.10
N ARG D 386 -5.26 11.70 -37.96
CA ARG D 386 -6.72 11.82 -37.97
C ARG D 386 -7.17 13.07 -38.70
N MET D 387 -6.32 14.10 -38.76
CA MET D 387 -6.60 15.23 -39.64
C MET D 387 -6.53 14.80 -41.10
N GLU D 388 -5.62 13.90 -41.43
CA GLU D 388 -5.49 13.42 -42.81
C GLU D 388 -6.78 12.79 -43.30
N ARG D 389 -7.45 12.01 -42.44
CA ARG D 389 -8.70 11.37 -42.84
C ARG D 389 -9.80 12.39 -43.08
N VAL D 390 -9.94 13.36 -42.17
CA VAL D 390 -10.98 14.38 -42.34
C VAL D 390 -10.72 15.21 -43.58
N VAL D 391 -9.45 15.57 -43.83
CA VAL D 391 -9.12 16.30 -45.05
C VAL D 391 -9.51 15.49 -46.29
N ARG D 392 -9.31 14.17 -46.23
CA ARG D 392 -9.64 13.32 -47.37
C ARG D 392 -11.14 13.32 -47.63
N GLU D 393 -11.93 13.03 -46.61
CA GLU D 393 -13.39 13.02 -46.78
C GLU D 393 -13.90 14.42 -47.13
N ARG D 394 -13.31 15.44 -46.52
CA ARG D 394 -13.74 16.81 -46.80
C ARG D 394 -13.56 17.14 -48.28
N MET D 395 -12.52 16.62 -48.91
CA MET D 395 -12.27 16.88 -50.33
C MET D 395 -13.43 16.39 -51.19
N THR D 396 -13.96 15.21 -50.89
CA THR D 396 -14.91 14.56 -51.80
C THR D 396 -16.24 15.28 -51.83
N THR D 397 -16.89 15.41 -50.68
CA THR D 397 -18.22 16.01 -50.62
C THR D 397 -18.20 17.52 -50.79
N GLN D 398 -17.02 18.15 -50.73
CA GLN D 398 -16.91 19.59 -50.96
C GLN D 398 -16.81 19.87 -52.46
N ASP D 399 -17.33 21.02 -52.85
CA ASP D 399 -17.33 21.40 -54.27
C ASP D 399 -15.91 21.76 -54.71
N VAL D 400 -15.53 21.26 -55.89
CA VAL D 400 -14.25 21.63 -56.46
C VAL D 400 -14.24 23.13 -56.75
N GLU D 401 -13.11 23.77 -56.45
CA GLU D 401 -12.89 25.21 -56.53
C GLU D 401 -13.55 25.93 -55.34
N ALA D 402 -14.30 25.25 -54.50
CA ALA D 402 -14.89 25.83 -53.31
C ALA D 402 -14.08 25.51 -52.05
N ILE D 403 -12.90 24.93 -52.20
CA ILE D 403 -12.08 24.49 -51.07
C ILE D 403 -10.79 25.30 -51.04
N THR D 404 -10.36 25.64 -49.84
CA THR D 404 -9.09 26.28 -49.56
C THR D 404 -8.43 25.50 -48.43
N PRO D 405 -7.14 25.69 -48.20
CA PRO D 405 -6.50 25.04 -47.05
C PRO D 405 -7.31 25.15 -45.77
N GLN D 406 -8.03 26.26 -45.57
CA GLN D 406 -8.83 26.42 -44.37
C GLN D 406 -10.03 25.47 -44.36
N THR D 407 -10.68 25.29 -45.51
CA THR D 407 -11.89 24.47 -45.55
C THR D 407 -11.60 23.01 -45.22
N LEU D 408 -10.49 22.47 -45.73
CA LEU D 408 -10.20 21.06 -45.56
C LEU D 408 -9.74 20.72 -44.14
N ILE D 409 -9.34 21.70 -43.35
CA ILE D 409 -8.65 21.47 -42.09
C ILE D 409 -9.56 21.88 -40.93
N ASN D 410 -9.93 20.90 -40.11
CA ASN D 410 -10.43 21.14 -38.76
C ASN D 410 -9.37 20.61 -37.79
N ILE D 411 -8.90 21.48 -36.89
CA ILE D 411 -7.76 21.13 -36.05
C ILE D 411 -8.13 20.33 -34.82
N ARG D 412 -9.42 20.17 -34.53
CA ARG D 412 -9.92 19.55 -33.30
C ARG D 412 -9.08 18.36 -32.87
N PRO D 413 -8.71 17.45 -33.79
CA PRO D 413 -7.88 16.31 -33.38
C PRO D 413 -6.49 16.70 -32.91
N VAL D 414 -5.86 17.68 -33.58
CA VAL D 414 -4.47 18.00 -33.27
C VAL D 414 -4.34 18.58 -31.87
N VAL D 415 -5.05 19.68 -31.59
CA VAL D 415 -4.96 20.28 -30.27
C VAL D 415 -5.55 19.37 -29.20
N ALA D 416 -6.45 18.45 -29.59
CA ALA D 416 -6.94 17.46 -28.64
C ALA D 416 -5.87 16.43 -28.32
N ALA D 417 -5.04 16.08 -29.29
CA ALA D 417 -3.94 15.16 -29.04
C ALA D 417 -2.92 15.77 -28.08
N ILE D 418 -2.60 17.05 -28.28
CA ILE D 418 -1.68 17.74 -27.38
C ILE D 418 -2.29 17.88 -26.00
N LYS D 419 -3.56 18.33 -25.94
CA LYS D 419 -4.23 18.51 -24.66
C LYS D 419 -4.38 17.18 -23.93
N GLU D 420 -4.79 16.14 -24.64
CA GLU D 420 -5.00 14.83 -24.02
C GLU D 420 -3.69 14.28 -23.45
N PHE D 421 -2.60 14.39 -24.21
CA PHE D 421 -1.32 13.89 -23.73
C PHE D 421 -0.89 14.60 -22.45
N PHE D 422 -0.73 15.93 -22.51
CA PHE D 422 -0.36 16.68 -21.32
C PHE D 422 -1.37 16.47 -20.21
N GLY D 423 -2.66 16.38 -20.55
CA GLY D 423 -3.70 16.29 -19.56
C GLY D 423 -3.88 14.91 -18.94
N THR D 424 -3.74 13.85 -19.73
CA THR D 424 -4.06 12.50 -19.30
C THR D 424 -2.87 11.56 -19.26
N SER D 425 -1.95 11.68 -20.22
CA SER D 425 -0.92 10.66 -20.43
C SER D 425 -0.16 10.35 -19.14
N GLN D 426 0.20 9.08 -18.99
CA GLN D 426 1.00 8.65 -17.84
C GLN D 426 2.34 9.37 -17.79
N LEU D 427 2.90 9.71 -18.95
CA LEU D 427 4.23 10.31 -18.98
C LEU D 427 4.24 11.74 -18.46
N SER D 428 3.15 12.48 -18.64
CA SER D 428 3.05 13.83 -18.12
C SER D 428 2.63 13.74 -16.65
N GLN D 429 3.52 14.16 -15.75
CA GLN D 429 3.35 13.92 -14.32
C GLN D 429 3.30 15.23 -13.55
N PHE D 430 2.49 15.22 -12.49
CA PHE D 430 2.50 16.30 -11.51
C PHE D 430 3.89 16.41 -10.89
N MET D 431 4.52 17.56 -11.03
CA MET D 431 5.87 17.75 -10.51
C MET D 431 5.86 17.68 -8.98
N ASP D 432 6.72 16.82 -8.43
CA ASP D 432 6.86 16.69 -6.98
C ASP D 432 7.89 17.71 -6.51
N GLN D 433 7.46 18.67 -5.69
CA GLN D 433 8.23 19.88 -5.41
C GLN D 433 8.56 20.05 -3.93
N ASN D 434 8.41 19.01 -3.11
CA ASN D 434 8.62 19.18 -1.67
C ASN D 434 10.00 19.76 -1.38
N ASN D 435 11.02 19.34 -2.12
CA ASN D 435 12.34 19.92 -2.02
C ASN D 435 12.98 19.98 -3.40
N PRO D 436 13.84 20.97 -3.65
CA PRO D 436 14.41 21.12 -5.00
C PRO D 436 15.14 19.89 -5.50
N LEU D 437 15.66 19.05 -4.60
CA LEU D 437 16.32 17.83 -5.05
C LEU D 437 15.31 16.85 -5.63
N SER D 438 14.11 16.80 -5.08
CA SER D 438 13.08 15.90 -5.61
C SER D 438 12.67 16.31 -7.03
N GLY D 439 12.45 17.61 -7.25
CA GLY D 439 12.11 18.08 -8.57
C GLY D 439 13.21 17.89 -9.58
N LEU D 440 14.47 17.82 -9.13
CA LEU D 440 15.57 17.58 -10.05
C LEU D 440 15.67 16.11 -10.46
N THR D 441 15.30 15.20 -9.57
CA THR D 441 15.26 13.78 -9.90
C THR D 441 13.96 13.35 -10.54
N HIS D 442 12.90 14.15 -10.42
CA HIS D 442 11.70 13.91 -11.23
C HIS D 442 12.03 14.07 -12.71
N LYS D 443 12.63 15.20 -13.07
CA LYS D 443 13.38 15.26 -14.31
C LYS D 443 14.59 14.33 -14.21
N ARG D 444 15.13 13.95 -15.36
CA ARG D 444 16.24 13.01 -15.42
C ARG D 444 15.84 11.61 -14.98
N ARG D 445 14.54 11.32 -14.94
CA ARG D 445 14.02 10.03 -14.54
C ARG D 445 13.55 9.27 -15.78
N LEU D 446 13.87 7.98 -15.84
CA LEU D 446 13.46 7.10 -16.93
C LEU D 446 12.71 5.91 -16.37
N SER D 447 11.52 5.65 -16.90
CA SER D 447 10.69 4.54 -16.44
C SER D 447 10.21 3.75 -17.66
N ALA D 448 10.06 2.44 -17.46
CA ALA D 448 9.71 1.57 -18.57
C ALA D 448 8.21 1.48 -18.81
N LEU D 449 7.40 1.67 -17.76
CA LEU D 449 5.96 1.53 -17.90
C LEU D 449 5.35 2.76 -18.56
N GLY D 450 4.10 2.62 -18.98
CA GLY D 450 3.39 3.67 -19.66
C GLY D 450 2.85 3.21 -21.00
N PRO D 451 2.29 4.15 -21.78
CA PRO D 451 1.82 3.79 -23.13
C PRO D 451 2.99 3.52 -24.06
N GLY D 452 2.92 2.40 -24.77
CA GLY D 452 3.96 2.00 -25.68
C GLY D 452 5.08 1.19 -25.05
N GLY D 453 5.23 1.26 -23.73
CA GLY D 453 6.19 0.45 -23.01
C GLY D 453 5.56 -0.78 -22.39
N LEU D 454 6.39 -1.54 -21.70
CA LEU D 454 5.90 -2.75 -21.04
C LEU D 454 4.86 -2.40 -19.98
N SER D 455 3.84 -3.24 -19.86
CA SER D 455 2.78 -3.00 -18.90
C SER D 455 3.30 -3.21 -17.48
N ARG D 456 2.53 -2.73 -16.50
CA ARG D 456 2.97 -2.78 -15.12
C ARG D 456 2.97 -4.20 -14.57
N GLU D 457 2.14 -5.09 -15.13
CA GLU D 457 2.00 -6.45 -14.63
C GLU D 457 2.85 -7.45 -15.41
N ARG D 458 2.84 -7.38 -16.74
CA ARG D 458 3.44 -8.39 -17.58
C ARG D 458 4.96 -8.27 -17.70
N ALA D 459 5.56 -7.22 -17.14
CA ALA D 459 6.99 -7.03 -17.29
C ALA D 459 7.77 -8.10 -16.53
N GLY D 460 8.71 -8.74 -17.22
CA GLY D 460 9.52 -9.78 -16.61
C GLY D 460 10.54 -9.22 -15.63
N LEU D 461 11.16 -10.13 -14.89
CA LEU D 461 12.13 -9.77 -13.87
C LEU D 461 13.55 -9.65 -14.42
N GLU D 462 13.83 -10.22 -15.59
CA GLU D 462 15.16 -10.10 -16.18
C GLU D 462 15.46 -8.67 -16.60
N VAL D 463 14.45 -7.91 -16.97
CA VAL D 463 14.66 -6.51 -17.36
C VAL D 463 14.86 -5.63 -16.13
N ARG D 464 14.28 -6.01 -14.99
CA ARG D 464 14.45 -5.23 -13.77
C ARG D 464 15.90 -5.24 -13.31
N ASP D 465 16.61 -6.34 -13.53
CA ASP D 465 17.99 -6.46 -13.06
C ASP D 465 18.86 -5.40 -13.71
N VAL D 466 19.97 -5.07 -13.03
CA VAL D 466 20.95 -4.18 -13.60
C VAL D 466 21.66 -4.88 -14.76
N HIS D 467 22.28 -4.08 -15.62
CA HIS D 467 22.93 -4.62 -16.80
C HIS D 467 24.35 -4.07 -16.92
N PRO D 468 25.30 -4.87 -17.42
CA PRO D 468 26.65 -4.35 -17.63
C PRO D 468 26.67 -3.12 -18.53
N SER D 469 25.72 -3.01 -19.45
CA SER D 469 25.62 -1.84 -20.32
C SER D 469 25.05 -0.62 -19.60
N HIS D 470 24.43 -0.80 -18.44
CA HIS D 470 23.89 0.33 -17.69
C HIS D 470 24.97 1.22 -17.10
N TYR D 471 26.18 0.69 -16.90
CA TYR D 471 27.24 1.45 -16.24
C TYR D 471 27.48 2.77 -16.95
N GLY D 472 27.30 3.87 -16.22
CA GLY D 472 27.52 5.19 -16.75
C GLY D 472 26.31 5.83 -17.41
N ARG D 473 25.22 5.08 -17.61
CA ARG D 473 24.04 5.59 -18.29
C ARG D 473 22.83 5.67 -17.37
N MET D 474 22.45 4.57 -16.73
CA MET D 474 21.34 4.53 -15.81
C MET D 474 21.84 4.10 -14.43
N CYS D 475 21.40 4.81 -13.40
CA CYS D 475 21.88 4.51 -12.05
C CYS D 475 21.28 3.21 -11.54
N PRO D 476 22.09 2.25 -11.08
CA PRO D 476 21.53 1.01 -10.54
C PRO D 476 21.07 1.14 -9.09
N ILE D 477 21.50 2.17 -8.37
CA ILE D 477 21.18 2.28 -6.95
C ILE D 477 19.86 3.00 -6.71
N GLU D 478 19.50 3.96 -7.56
CA GLU D 478 18.28 4.75 -7.37
C GLU D 478 17.14 4.09 -8.16
N THR D 479 16.15 3.59 -7.43
CA THR D 479 14.95 2.99 -8.01
C THR D 479 13.93 2.82 -6.89
N PRO D 480 12.63 2.79 -7.21
CA PRO D 480 11.62 2.62 -6.16
C PRO D 480 11.90 1.35 -5.36
N GLU D 481 11.46 1.37 -4.09
CA GLU D 481 11.61 0.22 -3.21
C GLU D 481 10.45 -0.75 -3.31
N GLY D 482 9.35 -0.36 -3.95
CA GLY D 482 8.17 -1.19 -4.01
C GLY D 482 8.08 -2.03 -5.26
N PRO D 483 6.86 -2.22 -5.77
CA PRO D 483 6.66 -3.10 -6.92
C PRO D 483 7.30 -2.60 -8.21
N ASN D 484 7.80 -1.37 -8.25
CA ASN D 484 8.35 -0.78 -9.47
C ASN D 484 9.87 -0.91 -9.54
N ILE D 485 10.47 -1.82 -8.78
CA ILE D 485 11.92 -1.98 -8.82
C ILE D 485 12.36 -2.37 -10.22
N GLY D 486 13.44 -1.75 -10.68
CA GLY D 486 13.96 -1.99 -12.01
C GLY D 486 13.21 -1.32 -13.13
N LEU D 487 11.94 -0.98 -12.93
CA LEU D 487 11.16 -0.30 -13.97
C LEU D 487 11.47 1.19 -14.01
N ILE D 488 11.78 1.80 -12.88
CA ILE D 488 12.02 3.24 -12.78
C ILE D 488 13.45 3.46 -12.34
N GLY D 489 14.12 4.41 -12.99
CA GLY D 489 15.49 4.76 -12.63
C GLY D 489 15.82 6.14 -13.14
N SER D 490 16.79 6.77 -12.49
CA SER D 490 17.21 8.11 -12.84
C SER D 490 18.47 8.07 -13.69
N LEU D 491 18.63 9.08 -14.55
CA LEU D 491 19.78 9.15 -15.43
C LEU D 491 21.06 9.37 -14.62
N SER D 492 22.15 8.77 -15.08
CA SER D 492 23.43 8.96 -14.42
C SER D 492 23.87 10.42 -14.54
N VAL D 493 24.90 10.76 -13.75
CA VAL D 493 25.35 12.15 -13.68
C VAL D 493 25.86 12.63 -15.04
N TYR D 494 26.87 11.94 -15.57
CA TYR D 494 27.54 12.37 -16.79
C TYR D 494 26.87 11.86 -18.07
N ALA D 495 25.75 11.17 -17.95
CA ALA D 495 25.13 10.58 -19.13
C ALA D 495 24.56 11.65 -20.06
N ARG D 496 24.42 11.28 -21.34
CA ARG D 496 23.92 12.17 -22.37
C ARG D 496 23.08 11.36 -23.35
N VAL D 497 22.03 11.98 -23.87
CA VAL D 497 21.08 11.31 -24.76
C VAL D 497 21.45 11.59 -26.20
N ASN D 498 21.34 10.58 -27.06
CA ASN D 498 21.64 10.61 -28.48
C ASN D 498 20.42 11.06 -29.27
N PRO D 499 20.62 11.79 -30.37
CA PRO D 499 19.48 12.18 -31.22
C PRO D 499 18.66 11.00 -31.69
N PHE D 500 19.18 9.77 -31.62
CA PHE D 500 18.42 8.58 -31.97
C PHE D 500 17.75 7.92 -30.77
N GLY D 501 18.01 8.41 -29.56
CA GLY D 501 17.34 7.92 -28.38
C GLY D 501 18.11 6.95 -27.51
N PHE D 502 19.41 6.79 -27.74
CA PHE D 502 20.24 5.90 -26.94
C PHE D 502 21.14 6.73 -26.03
N ILE D 503 21.33 6.25 -24.81
CA ILE D 503 22.11 6.98 -23.81
C ILE D 503 23.60 6.79 -24.11
N GLU D 504 24.36 7.88 -23.99
CA GLU D 504 25.80 7.87 -24.18
C GLU D 504 26.50 8.19 -22.88
N THR D 505 27.79 7.84 -22.81
CA THR D 505 28.57 8.02 -21.60
C THR D 505 29.90 8.66 -21.94
N PRO D 506 30.35 9.65 -21.16
CA PRO D 506 31.62 10.31 -21.45
C PRO D 506 32.79 9.44 -21.03
N TYR D 507 33.77 9.30 -21.93
CA TYR D 507 34.99 8.57 -21.64
C TYR D 507 36.18 9.34 -22.19
N ARG D 508 37.34 9.07 -21.60
CA ARG D 508 38.62 9.62 -22.06
C ARG D 508 39.38 8.50 -22.74
N LYS D 509 39.69 8.70 -24.03
CA LYS D 509 40.36 7.67 -24.80
C LYS D 509 41.84 7.60 -24.42
N VAL D 510 42.35 6.37 -24.32
CA VAL D 510 43.73 6.11 -23.94
C VAL D 510 44.37 5.23 -25.00
N GLU D 511 45.49 5.68 -25.55
CA GLU D 511 46.19 4.96 -26.60
C GLU D 511 47.64 4.69 -26.19
N ASN D 512 48.19 3.60 -26.73
CA ASN D 512 49.59 3.23 -26.50
C ASN D 512 49.99 3.37 -25.04
N GLY D 513 49.06 3.06 -24.15
CA GLY D 513 49.30 3.21 -22.72
C GLY D 513 49.43 4.63 -22.25
N VAL D 514 48.87 5.59 -22.99
CA VAL D 514 48.87 6.99 -22.62
C VAL D 514 47.46 7.52 -22.77
N VAL D 515 47.03 8.34 -21.82
CA VAL D 515 45.66 8.85 -21.78
C VAL D 515 45.66 10.26 -22.33
N THR D 516 45.06 10.44 -23.50
CA THR D 516 44.92 11.77 -24.08
C THR D 516 43.70 12.47 -23.50
N ASP D 517 43.69 13.80 -23.64
CA ASP D 517 42.60 14.61 -23.11
C ASP D 517 41.36 14.58 -23.99
N GLN D 518 41.40 13.92 -25.13
CA GLN D 518 40.22 13.75 -25.95
C GLN D 518 39.14 13.01 -25.15
N ILE D 519 37.89 13.45 -25.33
CA ILE D 519 36.75 12.83 -24.64
C ILE D 519 35.73 12.42 -25.70
N ASP D 520 35.34 11.15 -25.67
CA ASP D 520 34.40 10.58 -26.64
C ASP D 520 33.18 10.06 -25.89
N TYR D 521 32.01 10.60 -26.22
CA TYR D 521 30.75 10.05 -25.73
C TYR D 521 30.42 8.81 -26.56
N LEU D 522 30.48 7.64 -25.95
CA LEU D 522 30.28 6.37 -26.64
C LEU D 522 29.01 5.70 -26.15
N THR D 523 28.16 5.30 -27.09
CA THR D 523 26.95 4.57 -26.74
C THR D 523 27.29 3.13 -26.32
N ALA D 524 26.26 2.41 -25.87
CA ALA D 524 26.49 1.08 -25.32
C ALA D 524 27.11 0.13 -26.34
N ASP D 525 26.59 0.14 -27.57
CA ASP D 525 27.13 -0.72 -28.61
C ASP D 525 28.62 -0.48 -28.80
N GLU D 526 29.01 0.78 -29.00
CA GLU D 526 30.42 1.12 -29.13
C GLU D 526 31.21 0.84 -27.86
N GLU D 527 30.53 0.81 -26.71
CA GLU D 527 31.23 0.52 -25.45
C GLU D 527 31.69 -0.93 -25.40
N ASP D 528 30.90 -1.85 -25.96
CA ASP D 528 31.30 -3.25 -26.03
C ASP D 528 32.42 -3.46 -27.03
N ARG D 529 32.76 -2.46 -27.83
CA ARG D 529 33.78 -2.56 -28.86
C ARG D 529 35.16 -2.10 -28.39
N HIS D 530 35.30 -1.75 -27.11
CA HIS D 530 36.56 -1.25 -26.58
C HIS D 530 36.79 -1.79 -25.18
N VAL D 531 38.02 -1.63 -24.70
CA VAL D 531 38.39 -1.96 -23.33
C VAL D 531 38.39 -0.67 -22.53
N VAL D 532 37.56 -0.61 -21.49
CA VAL D 532 37.32 0.62 -20.74
C VAL D 532 38.12 0.54 -19.44
N ALA D 533 39.16 1.36 -19.33
CA ALA D 533 39.97 1.41 -18.12
C ALA D 533 39.16 1.97 -16.95
N GLN D 534 39.56 1.59 -15.74
CA GLN D 534 38.84 1.97 -14.54
C GLN D 534 39.16 3.42 -14.14
N ALA D 535 38.23 4.01 -13.37
CA ALA D 535 38.34 5.42 -13.03
C ALA D 535 39.61 5.69 -12.23
N ASN D 536 39.80 4.98 -11.12
CA ASN D 536 41.01 5.13 -10.32
C ASN D 536 42.10 4.25 -10.91
N SER D 537 43.18 4.88 -11.37
CA SER D 537 44.32 4.20 -11.96
C SER D 537 45.53 5.04 -11.61
N PRO D 538 46.65 4.42 -11.22
CA PRO D 538 47.81 5.22 -10.79
C PRO D 538 48.19 6.24 -11.86
N THR D 539 48.47 7.45 -11.42
CA THR D 539 48.67 8.59 -12.30
C THR D 539 50.11 9.07 -12.19
N ASP D 540 50.75 9.29 -13.34
CA ASP D 540 52.10 9.85 -13.35
C ASP D 540 52.19 11.02 -14.31
N GLU D 541 53.42 11.49 -14.57
CA GLU D 541 53.68 12.82 -15.10
C GLU D 541 52.75 13.23 -16.25
N ASN D 542 52.85 12.57 -17.40
CA ASN D 542 52.04 13.03 -18.53
C ASN D 542 50.75 12.25 -18.67
N GLY D 543 50.87 10.94 -18.93
CA GLY D 543 49.71 10.09 -19.02
C GLY D 543 50.02 8.65 -18.70
N ARG D 544 51.29 8.37 -18.43
CA ARG D 544 51.75 6.99 -18.33
C ARG D 544 51.21 6.32 -17.08
N PHE D 545 50.94 5.02 -17.21
CA PHE D 545 50.43 4.23 -16.10
C PHE D 545 51.52 3.99 -15.07
N THR D 546 51.23 4.28 -13.81
CA THR D 546 52.22 4.09 -12.75
C THR D 546 52.37 2.62 -12.37
N GLU D 547 51.30 1.84 -12.49
CA GLU D 547 51.35 0.42 -12.18
C GLU D 547 51.45 -0.41 -13.47
N ASP D 548 51.83 -1.68 -13.30
CA ASP D 548 52.18 -2.51 -14.45
C ASP D 548 50.96 -2.82 -15.32
N ARG D 549 49.85 -3.24 -14.71
CA ARG D 549 48.68 -3.66 -15.45
C ARG D 549 47.48 -2.83 -15.04
N VAL D 550 46.45 -2.86 -15.89
CA VAL D 550 45.28 -1.99 -15.77
C VAL D 550 44.05 -2.84 -15.54
N MET D 551 43.12 -2.32 -14.74
CA MET D 551 41.81 -2.94 -14.52
C MET D 551 40.79 -2.28 -15.42
N VAL D 552 40.06 -3.08 -16.19
CA VAL D 552 39.18 -2.58 -17.24
C VAL D 552 37.90 -3.42 -17.26
N ARG D 553 36.95 -2.97 -18.09
CA ARG D 553 35.73 -3.71 -18.38
C ARG D 553 35.75 -4.14 -19.84
N LYS D 554 35.38 -5.40 -20.09
CA LYS D 554 35.41 -5.98 -21.41
C LYS D 554 34.03 -5.89 -22.07
N LYS D 555 33.88 -6.57 -23.20
CA LYS D 555 32.60 -6.57 -23.93
C LYS D 555 31.53 -7.39 -23.23
N GLY D 556 31.87 -8.11 -22.16
CA GLY D 556 30.91 -8.94 -21.45
C GLY D 556 29.63 -8.23 -21.06
N GLY D 557 29.73 -7.22 -20.20
CA GLY D 557 31.01 -6.79 -19.66
C GLY D 557 31.50 -7.63 -18.50
N GLU D 558 32.79 -7.94 -18.51
CA GLU D 558 33.43 -8.70 -17.47
C GLU D 558 34.69 -7.98 -17.00
N VAL D 559 35.01 -8.12 -15.72
CA VAL D 559 36.19 -7.49 -15.15
C VAL D 559 37.42 -8.30 -15.53
N GLU D 560 38.53 -7.60 -15.77
CA GLU D 560 39.76 -8.27 -16.18
C GLU D 560 40.95 -7.40 -15.83
N PHE D 561 42.14 -8.00 -15.94
CA PHE D 561 43.40 -7.35 -15.65
C PHE D 561 44.32 -7.57 -16.85
N VAL D 562 44.60 -6.52 -17.61
CA VAL D 562 45.25 -6.65 -18.91
C VAL D 562 46.44 -5.70 -19.00
N SER D 563 47.21 -5.86 -20.07
CA SER D 563 48.35 -5.00 -20.35
C SER D 563 47.89 -3.60 -20.70
N ALA D 564 48.79 -2.63 -20.48
CA ALA D 564 48.47 -1.23 -20.75
C ALA D 564 48.35 -0.94 -22.24
N ASP D 565 48.94 -1.78 -23.10
CA ASP D 565 48.87 -1.53 -24.53
C ASP D 565 47.46 -1.73 -25.08
N GLN D 566 46.69 -2.64 -24.48
CA GLN D 566 45.39 -3.00 -25.02
C GLN D 566 44.34 -1.91 -24.79
N VAL D 567 44.44 -1.19 -23.68
CA VAL D 567 43.36 -0.28 -23.29
C VAL D 567 43.16 0.79 -24.36
N ASP D 568 41.90 1.12 -24.63
CA ASP D 568 41.54 2.15 -25.60
C ASP D 568 40.82 3.34 -25.00
N TYR D 569 39.94 3.12 -24.03
CA TYR D 569 39.21 4.20 -23.37
C TYR D 569 39.26 4.01 -21.86
N MET D 570 39.05 5.11 -21.14
CA MET D 570 39.07 5.11 -19.69
C MET D 570 37.89 5.91 -19.15
N ASP D 571 37.45 5.55 -17.95
CA ASP D 571 36.39 6.31 -17.30
C ASP D 571 36.86 7.74 -17.03
N VAL D 572 35.96 8.69 -17.26
CA VAL D 572 36.27 10.08 -16.95
C VAL D 572 36.38 10.29 -15.44
N SER D 573 35.31 9.95 -14.72
CA SER D 573 35.25 10.07 -13.27
C SER D 573 34.65 8.79 -12.68
N PRO D 574 34.76 8.57 -11.37
CA PRO D 574 34.27 7.32 -10.77
C PRO D 574 32.79 7.30 -10.42
N ARG D 575 32.07 8.41 -10.57
CA ARG D 575 30.64 8.45 -10.28
C ARG D 575 29.79 8.20 -11.52
N GLN D 576 30.40 7.82 -12.64
CA GLN D 576 29.64 7.67 -13.88
C GLN D 576 28.43 6.76 -13.72
N MET D 577 28.53 5.75 -12.86
CA MET D 577 27.40 4.86 -12.62
C MET D 577 26.37 5.46 -11.68
N VAL D 578 26.73 6.50 -10.94
CA VAL D 578 25.87 7.07 -9.90
C VAL D 578 25.09 8.23 -10.46
N SER D 579 23.90 8.46 -9.90
CA SER D 579 23.04 9.57 -10.29
C SER D 579 23.28 10.76 -9.37
N VAL D 580 22.46 11.80 -9.50
CA VAL D 580 22.63 13.00 -8.70
C VAL D 580 22.36 12.72 -7.23
N ALA D 581 21.19 12.15 -6.94
CA ALA D 581 20.83 11.91 -5.55
C ALA D 581 21.79 10.92 -4.89
N THR D 582 22.08 9.80 -5.57
CA THR D 582 22.97 8.81 -5.00
C THR D 582 24.36 9.36 -4.76
N ALA D 583 24.82 10.29 -5.61
CA ALA D 583 26.13 10.89 -5.46
C ALA D 583 26.20 11.88 -4.30
N MET D 584 25.10 12.14 -3.62
CA MET D 584 25.07 13.07 -2.50
C MET D 584 25.20 12.39 -1.15
N ILE D 585 25.39 11.07 -1.12
CA ILE D 585 25.52 10.31 0.11
C ILE D 585 26.99 10.16 0.43
N PRO D 586 27.52 10.80 1.47
CA PRO D 586 28.93 10.63 1.81
C PRO D 586 29.21 9.20 2.25
N PHE D 587 30.43 8.75 1.99
CA PHE D 587 30.85 7.39 2.32
C PHE D 587 29.92 6.37 1.65
N LEU D 588 29.51 6.66 0.42
CA LEU D 588 28.62 5.74 -0.30
C LEU D 588 29.25 4.35 -0.43
N GLU D 589 30.57 4.29 -0.63
CA GLU D 589 31.24 3.02 -0.82
C GLU D 589 31.21 2.13 0.40
N HIS D 590 30.68 2.61 1.54
CA HIS D 590 30.65 1.85 2.77
C HIS D 590 29.26 1.33 3.12
N ASP D 591 28.26 1.57 2.28
CA ASP D 591 26.88 1.20 2.57
C ASP D 591 26.36 0.21 1.54
N ASP D 592 25.57 -0.76 2.02
CA ASP D 592 24.98 -1.75 1.12
C ASP D 592 24.01 -1.08 0.15
N ALA D 593 23.83 -1.71 -1.00
CA ALA D 593 22.93 -1.15 -2.01
C ALA D 593 21.52 -1.00 -1.49
N ASN D 594 21.11 -1.84 -0.53
CA ASN D 594 19.77 -1.74 0.03
C ASN D 594 19.57 -0.40 0.72
N ARG D 595 20.36 -0.14 1.77
CA ARG D 595 20.21 1.11 2.52
C ARG D 595 20.60 2.31 1.67
N ALA D 596 21.53 2.14 0.73
CA ALA D 596 21.89 3.22 -0.17
C ALA D 596 20.72 3.57 -1.09
N LEU D 597 20.07 2.56 -1.66
CA LEU D 597 18.85 2.79 -2.42
C LEU D 597 17.83 3.53 -1.57
N MET D 598 17.65 3.12 -0.32
CA MET D 598 16.75 3.83 0.59
C MET D 598 17.21 5.26 0.81
N GLY D 599 18.50 5.46 1.08
CA GLY D 599 19.00 6.80 1.31
C GLY D 599 18.76 7.74 0.15
N ALA D 600 18.90 7.23 -1.07
CA ALA D 600 18.65 8.07 -2.25
C ALA D 600 17.17 8.41 -2.37
N ASN D 601 16.29 7.48 -2.03
CA ASN D 601 14.85 7.74 -2.15
C ASN D 601 14.38 8.74 -1.10
N MET D 602 15.03 8.78 0.06
CA MET D 602 14.56 9.63 1.15
C MET D 602 15.09 11.06 1.06
N GLN D 603 16.17 11.30 0.31
CA GLN D 603 16.61 12.67 0.10
C GLN D 603 15.54 13.49 -0.62
N ARG D 604 14.91 12.90 -1.63
CA ARG D 604 13.80 13.58 -2.31
C ARG D 604 12.54 13.63 -1.47
N GLN D 605 12.55 13.07 -0.27
CA GLN D 605 11.41 13.12 0.64
C GLN D 605 11.57 14.17 1.73
N ALA D 606 12.72 14.84 1.78
CA ALA D 606 12.92 15.87 2.80
C ALA D 606 11.95 17.02 2.62
N VAL D 607 11.89 17.89 3.61
CA VAL D 607 11.03 19.07 3.56
C VAL D 607 11.88 20.30 3.84
N PRO D 608 11.54 21.46 3.27
CA PRO D 608 12.35 22.66 3.51
C PRO D 608 12.13 23.20 4.91
N LEU D 609 13.21 23.37 5.64
CA LEU D 609 13.16 23.95 6.97
C LEU D 609 13.28 25.47 6.88
N VAL D 610 12.83 26.15 7.94
CA VAL D 610 12.89 27.60 7.96
C VAL D 610 14.33 28.09 8.02
N ARG D 611 15.23 27.31 8.61
CA ARG D 611 16.63 27.71 8.76
C ARG D 611 17.50 27.29 7.59
N SER D 612 17.32 26.06 7.10
CA SER D 612 18.00 25.58 5.90
C SER D 612 19.52 25.69 6.04
N GLU D 613 20.04 24.91 6.98
CA GLU D 613 21.46 24.83 7.24
C GLU D 613 22.10 23.74 6.39
N ALA D 614 23.28 24.04 5.85
CA ALA D 614 23.95 23.13 4.93
C ALA D 614 24.63 21.99 5.66
N PRO D 615 24.92 20.90 4.95
CA PRO D 615 25.53 19.73 5.61
C PRO D 615 27.00 19.98 5.93
N LEU D 616 27.38 19.63 7.16
CA LEU D 616 28.76 19.83 7.60
C LEU D 616 29.70 18.87 6.88
N VAL D 617 29.32 17.61 6.78
CA VAL D 617 30.06 16.60 6.03
C VAL D 617 29.25 16.25 4.80
N GLY D 618 29.71 16.69 3.63
CA GLY D 618 29.01 16.39 2.38
C GLY D 618 29.93 15.93 1.28
N THR D 619 29.39 15.76 0.08
CA THR D 619 30.13 15.38 -1.10
C THR D 619 30.22 16.58 -2.05
N GLY D 620 30.77 16.34 -3.24
CA GLY D 620 30.91 17.42 -4.20
C GLY D 620 29.58 17.88 -4.77
N MET D 621 28.69 16.93 -5.07
CA MET D 621 27.44 17.25 -5.77
C MET D 621 26.54 18.21 -5.03
N GLU D 622 26.83 18.53 -3.76
CA GLU D 622 25.96 19.43 -3.01
C GLU D 622 25.77 20.75 -3.73
N LEU D 623 26.84 21.29 -4.32
CA LEU D 623 26.77 22.60 -4.95
C LEU D 623 26.02 22.54 -6.28
N ARG D 624 26.51 21.71 -7.21
CA ARG D 624 25.98 21.73 -8.57
C ARG D 624 24.51 21.33 -8.61
N ALA D 625 24.10 20.39 -7.75
CA ALA D 625 22.72 19.94 -7.76
C ALA D 625 21.76 21.07 -7.42
N ALA D 626 22.17 21.99 -6.54
CA ALA D 626 21.28 23.07 -6.14
C ALA D 626 21.07 24.06 -7.27
N ILE D 627 22.16 24.51 -7.91
CA ILE D 627 22.04 25.53 -8.95
C ILE D 627 21.33 24.96 -10.17
N ASP D 628 21.63 23.71 -10.54
CA ASP D 628 20.97 23.12 -11.70
C ASP D 628 19.52 22.76 -11.44
N ALA D 629 19.10 22.68 -10.17
CA ALA D 629 17.70 22.40 -9.87
C ALA D 629 16.79 23.53 -10.31
N GLY D 630 17.28 24.78 -10.27
CA GLY D 630 16.51 25.93 -10.69
C GLY D 630 15.81 26.68 -9.59
N ASP D 631 15.85 26.19 -8.35
CA ASP D 631 15.21 26.86 -7.22
C ASP D 631 16.12 27.89 -6.56
N VAL D 632 17.25 28.23 -7.18
CA VAL D 632 18.19 29.21 -6.66
C VAL D 632 18.30 30.34 -7.66
N VAL D 633 18.46 31.57 -7.15
CA VAL D 633 18.58 32.75 -7.99
C VAL D 633 20.03 32.93 -8.40
N VAL D 634 20.30 32.88 -9.70
CA VAL D 634 21.65 32.95 -10.24
C VAL D 634 21.79 34.22 -11.07
N ALA D 635 22.94 34.88 -10.94
CA ALA D 635 23.23 36.07 -11.72
C ALA D 635 23.80 35.66 -13.07
N ASP D 636 23.14 36.09 -14.15
CA ASP D 636 23.56 35.75 -15.50
C ASP D 636 24.56 36.74 -16.08
N LYS D 637 24.90 37.80 -15.35
CA LYS D 637 25.86 38.79 -15.82
C LYS D 637 26.68 39.31 -14.65
N THR D 638 27.99 39.43 -14.86
CA THR D 638 28.86 39.98 -13.83
C THR D 638 28.54 41.45 -13.60
N GLY D 639 28.27 41.80 -12.36
CA GLY D 639 27.94 43.17 -12.03
C GLY D 639 28.04 43.45 -10.55
N VAL D 640 27.30 44.46 -10.12
CA VAL D 640 27.27 44.87 -8.72
C VAL D 640 25.82 45.10 -8.32
N ILE D 641 25.49 44.74 -7.07
CA ILE D 641 24.11 44.85 -6.60
C ILE D 641 23.74 46.32 -6.43
N GLU D 642 22.57 46.69 -6.94
CA GLU D 642 22.03 48.04 -6.80
C GLU D 642 21.09 48.19 -5.62
N GLU D 643 20.18 47.24 -5.41
CA GLU D 643 19.28 47.25 -4.27
C GLU D 643 19.06 45.82 -3.80
N VAL D 644 18.87 45.69 -2.49
CA VAL D 644 18.59 44.39 -1.87
C VAL D 644 17.32 44.55 -1.04
N SER D 645 16.26 43.88 -1.46
CA SER D 645 14.99 43.91 -0.75
C SER D 645 14.46 42.49 -0.63
N ALA D 646 13.74 42.23 0.46
CA ALA D 646 13.09 40.94 0.61
C ALA D 646 12.18 40.61 -0.55
N ASP D 647 11.68 41.64 -1.26
CA ASP D 647 10.81 41.43 -2.41
C ASP D 647 11.61 41.11 -3.67
N TYR D 648 12.68 41.86 -3.93
CA TYR D 648 13.44 41.70 -5.16
C TYR D 648 14.86 42.22 -4.93
N ILE D 649 15.72 41.93 -5.91
CA ILE D 649 17.11 42.38 -5.88
C ILE D 649 17.52 42.76 -7.30
N THR D 650 18.20 43.90 -7.43
CA THR D 650 18.65 44.41 -8.72
C THR D 650 20.17 44.45 -8.73
N VAL D 651 20.75 44.19 -9.90
CA VAL D 651 22.20 44.14 -10.08
C VAL D 651 22.56 44.91 -11.34
N MET D 652 23.53 45.82 -11.23
CA MET D 652 24.02 46.60 -12.35
C MET D 652 25.30 45.96 -12.87
N ALA D 653 25.30 45.61 -14.16
CA ALA D 653 26.42 44.91 -14.76
C ALA D 653 27.44 45.90 -15.31
N ASP D 654 28.52 45.36 -15.88
CA ASP D 654 29.51 46.20 -16.55
C ASP D 654 28.94 46.85 -17.79
N ASP D 655 27.94 46.21 -18.42
CA ASP D 655 27.26 46.82 -19.55
C ASP D 655 26.48 48.06 -19.14
N GLY D 656 26.26 48.27 -17.85
CA GLY D 656 25.34 49.27 -17.37
C GLY D 656 23.89 48.84 -17.36
N THR D 657 23.56 47.75 -18.05
CA THR D 657 22.18 47.25 -18.08
C THR D 657 21.81 46.65 -16.73
N ARG D 658 20.60 46.96 -16.26
CA ARG D 658 20.09 46.43 -15.00
C ARG D 658 19.42 45.09 -15.24
N GLN D 659 19.75 44.11 -14.41
CA GLN D 659 18.97 42.90 -14.27
C GLN D 659 18.32 42.88 -12.90
N SER D 660 17.10 42.36 -12.83
CA SER D 660 16.36 42.30 -11.57
C SER D 660 15.71 40.94 -11.43
N TYR D 661 15.66 40.45 -10.20
CA TYR D 661 15.13 39.13 -9.91
C TYR D 661 14.13 39.24 -8.76
N ARG D 662 12.89 38.83 -9.02
CA ARG D 662 11.86 38.83 -8.00
C ARG D 662 11.87 37.50 -7.26
N LEU D 663 11.76 37.56 -5.94
CA LEU D 663 11.95 36.42 -5.07
C LEU D 663 10.62 35.74 -4.74
N ARG D 664 10.61 34.41 -4.82
CA ARG D 664 9.48 33.65 -4.29
C ARG D 664 9.50 33.70 -2.77
N LYS D 665 8.47 34.30 -2.19
CA LYS D 665 8.35 34.42 -0.73
C LYS D 665 7.10 33.68 -0.29
N PHE D 666 7.30 32.51 0.33
CA PHE D 666 6.19 31.72 0.89
C PHE D 666 5.25 31.22 -0.21
N ALA D 667 5.83 30.82 -1.34
CA ALA D 667 5.05 30.19 -2.39
C ALA D 667 4.76 28.73 -2.01
N ARG D 668 3.51 28.33 -2.14
CA ARG D 668 3.11 26.97 -1.81
C ARG D 668 3.49 26.03 -2.95
N SER D 669 4.32 25.03 -2.64
CA SER D 669 4.67 24.01 -3.61
C SER D 669 3.47 23.12 -3.89
N ASN D 670 3.63 22.19 -4.83
CA ASN D 670 2.54 21.29 -5.20
C ASN D 670 2.18 20.32 -4.08
N HIS D 671 3.11 20.05 -3.17
CA HIS D 671 2.86 19.13 -2.06
C HIS D 671 2.76 19.85 -0.71
N GLY D 672 2.62 21.17 -0.72
CA GLY D 672 2.41 21.92 0.49
C GLY D 672 3.67 22.44 1.16
N THR D 673 4.84 22.24 0.57
CA THR D 673 6.07 22.72 1.17
C THR D 673 6.29 24.19 0.83
N CYS D 674 7.10 24.85 1.67
CA CYS D 674 7.36 26.28 1.53
C CYS D 674 8.49 26.52 0.54
N ALA D 675 8.22 27.36 -0.45
CA ALA D 675 9.19 27.70 -1.50
C ALA D 675 9.80 29.09 -1.29
N ASN D 676 10.03 29.48 -0.04
CA ASN D 676 10.54 30.80 0.25
C ASN D 676 11.98 30.94 -0.24
N GLN D 677 12.29 32.12 -0.78
CA GLN D 677 13.64 32.47 -1.21
C GLN D 677 14.15 33.63 -0.34
N ARG D 678 15.47 33.68 -0.18
CA ARG D 678 16.09 34.70 0.65
C ARG D 678 17.41 35.14 0.03
N PRO D 679 17.71 36.45 0.05
CA PRO D 679 18.94 36.93 -0.57
C PRO D 679 20.14 36.71 0.33
N ILE D 680 21.29 36.42 -0.28
CA ILE D 680 22.53 36.16 0.44
C ILE D 680 23.56 37.25 0.23
N VAL D 681 23.24 38.29 -0.54
CA VAL D 681 24.20 39.33 -0.87
C VAL D 681 23.76 40.64 -0.23
N ASP D 682 24.75 41.49 0.05
CA ASP D 682 24.51 42.82 0.61
C ASP D 682 24.47 43.85 -0.51
N ALA D 683 24.38 45.13 -0.14
CA ALA D 683 24.15 46.18 -1.12
C ALA D 683 25.29 46.27 -2.12
N GLY D 684 26.49 46.64 -1.65
CA GLY D 684 27.60 46.94 -2.55
C GLY D 684 28.42 45.76 -3.02
N GLN D 685 27.97 44.53 -2.79
CA GLN D 685 28.78 43.38 -3.15
C GLN D 685 28.95 43.27 -4.66
N ARG D 686 30.12 42.77 -5.06
CA ARG D 686 30.43 42.52 -6.46
C ARG D 686 30.28 41.03 -6.75
N VAL D 687 29.49 40.70 -7.77
CA VAL D 687 29.20 39.32 -8.12
C VAL D 687 29.69 39.03 -9.52
N GLU D 688 29.87 37.74 -9.81
CA GLU D 688 30.29 37.26 -11.11
C GLU D 688 29.16 36.50 -11.78
N ALA D 689 29.19 36.46 -13.11
CA ALA D 689 28.16 35.77 -13.86
C ALA D 689 28.10 34.31 -13.47
N GLY D 690 26.90 33.83 -13.17
CA GLY D 690 26.69 32.48 -12.72
C GLY D 690 26.75 32.29 -11.21
N GLN D 691 26.86 33.37 -10.45
CA GLN D 691 26.96 33.28 -9.00
C GLN D 691 25.57 33.17 -8.38
N VAL D 692 25.53 32.80 -7.10
CA VAL D 692 24.28 32.63 -6.37
C VAL D 692 23.95 33.93 -5.65
N ILE D 693 22.75 34.45 -5.89
CA ILE D 693 22.29 35.69 -5.28
C ILE D 693 21.37 35.42 -4.10
N ALA D 694 20.43 34.48 -4.25
CA ALA D 694 19.47 34.16 -3.20
C ALA D 694 19.40 32.65 -3.00
N ASP D 695 19.13 32.26 -1.77
CA ASP D 695 19.02 30.84 -1.42
C ASP D 695 17.60 30.35 -1.66
N GLY D 696 17.50 29.10 -2.12
CA GLY D 696 16.22 28.47 -2.30
C GLY D 696 15.68 27.91 -1.00
N PRO D 697 14.68 27.03 -1.09
CA PRO D 697 14.10 26.45 0.13
C PRO D 697 15.08 25.57 0.90
N CYS D 698 15.74 24.65 0.19
CA CYS D 698 16.64 23.68 0.80
C CYS D 698 18.09 23.90 0.38
N THR D 699 18.50 25.15 0.23
CA THR D 699 19.87 25.48 -0.14
C THR D 699 20.43 26.53 0.81
N GLN D 700 21.75 26.51 0.96
CA GLN D 700 22.46 27.52 1.74
C GLN D 700 23.78 27.82 1.05
N ASN D 701 23.99 29.08 0.68
CA ASN D 701 25.21 29.54 0.02
C ASN D 701 25.50 28.77 -1.26
N GLY D 702 24.48 28.20 -1.90
CA GLY D 702 24.62 27.59 -3.20
C GLY D 702 24.56 26.07 -3.21
N GLU D 703 24.66 25.41 -2.07
CA GLU D 703 24.66 23.96 -2.01
C GLU D 703 23.42 23.46 -1.29
N MET D 704 22.89 22.32 -1.74
CA MET D 704 21.66 21.79 -1.19
C MET D 704 21.79 21.48 0.29
N ALA D 705 20.84 21.97 1.07
CA ALA D 705 20.78 21.74 2.52
C ALA D 705 19.43 21.10 2.82
N LEU D 706 19.37 19.78 2.69
CA LEU D 706 18.11 19.05 2.88
C LEU D 706 17.82 18.75 4.34
N GLY D 707 18.79 18.90 5.24
CA GLY D 707 18.59 18.65 6.65
C GLY D 707 19.40 19.56 7.55
N LYS D 708 19.63 19.11 8.78
CA LYS D 708 20.40 19.88 9.75
C LYS D 708 21.51 19.01 10.32
N ASN D 709 22.49 19.68 10.92
CA ASN D 709 23.60 19.01 11.59
C ASN D 709 23.29 18.96 13.09
N LEU D 710 23.22 17.75 13.64
CA LEU D 710 22.81 17.55 15.02
C LEU D 710 23.85 16.74 15.77
N LEU D 711 23.98 17.03 17.06
CA LEU D 711 24.85 16.28 17.94
C LEU D 711 24.19 14.95 18.28
N VAL D 712 24.89 13.85 18.00
CA VAL D 712 24.32 12.52 18.09
C VAL D 712 25.10 11.70 19.13
N ALA D 713 24.38 10.85 19.86
CA ALA D 713 24.96 9.87 20.76
C ALA D 713 24.38 8.51 20.40
N ILE D 714 25.23 7.52 20.23
CA ILE D 714 24.82 6.23 19.68
C ILE D 714 24.53 5.20 20.78
N MET D 715 24.30 5.66 22.00
CA MET D 715 23.95 4.76 23.08
C MET D 715 22.45 4.47 23.09
N PRO D 716 22.06 3.25 23.48
CA PRO D 716 20.65 3.01 23.80
C PRO D 716 20.30 3.71 25.11
N TRP D 717 19.11 4.32 25.16
CA TRP D 717 18.73 5.20 26.26
C TRP D 717 17.36 4.81 26.81
N GLU D 718 17.37 3.89 27.78
CA GLU D 718 16.18 3.57 28.58
C GLU D 718 15.00 3.14 27.70
N GLY D 719 15.29 2.53 26.55
CA GLY D 719 14.25 1.99 25.69
C GLY D 719 13.43 3.00 24.91
N HIS D 720 13.55 4.30 25.21
CA HIS D 720 12.80 5.29 24.45
C HIS D 720 13.27 5.35 23.00
N ASN D 721 14.52 5.02 22.74
CA ASN D 721 15.01 4.77 21.39
C ASN D 721 15.22 3.27 21.28
N TYR D 722 14.28 2.60 20.61
CA TYR D 722 14.25 1.14 20.58
C TYR D 722 13.49 0.71 19.34
N GLU D 723 14.08 -0.19 18.56
CA GLU D 723 13.46 -0.68 17.33
C GLU D 723 13.29 0.46 16.33
N ASP D 724 14.36 1.23 16.13
CA ASP D 724 14.47 2.33 15.16
C ASP D 724 13.83 3.63 15.65
N ALA D 725 13.21 3.66 16.82
CA ALA D 725 12.68 4.93 17.33
C ALA D 725 13.82 5.88 17.66
N ILE D 726 13.46 7.14 17.93
CA ILE D 726 14.43 8.19 18.17
C ILE D 726 13.95 9.10 19.29
N ILE D 727 14.90 9.66 20.03
CA ILE D 727 14.62 10.68 21.04
C ILE D 727 15.46 11.91 20.73
N LEU D 728 14.89 13.09 20.99
CA LEU D 728 15.51 14.35 20.64
C LEU D 728 15.56 15.27 21.85
N SER D 729 16.42 16.28 21.74
CA SER D 729 16.43 17.36 22.72
C SER D 729 15.27 18.31 22.44
N ASN D 730 14.64 18.80 23.51
CA ASN D 730 13.61 19.82 23.33
C ASN D 730 14.18 21.09 22.69
N ARG D 731 15.51 21.22 22.65
CA ARG D 731 16.12 22.36 21.97
C ARG D 731 15.65 22.45 20.52
N LEU D 732 15.49 21.30 19.86
CA LEU D 732 15.05 21.29 18.47
C LEU D 732 13.67 21.90 18.31
N VAL D 733 12.87 21.93 19.39
CA VAL D 733 11.60 22.64 19.35
C VAL D 733 11.79 24.12 19.65
N GLU D 734 12.48 24.42 20.76
CA GLU D 734 12.64 25.81 21.18
C GLU D 734 13.34 26.65 20.12
N GLU D 735 14.37 26.08 19.48
CA GLU D 735 15.20 26.83 18.54
C GLU D 735 14.80 26.60 17.09
N ASP D 736 13.64 25.98 16.84
CA ASP D 736 13.03 25.93 15.51
C ASP D 736 13.99 25.39 14.45
N VAL D 737 14.92 24.51 14.86
CA VAL D 737 15.90 23.98 13.92
C VAL D 737 15.23 22.99 12.96
N LEU D 738 14.39 22.11 13.47
CA LEU D 738 13.63 21.18 12.65
C LEU D 738 12.21 21.68 12.38
N THR D 739 11.95 22.95 12.59
CA THR D 739 10.66 23.54 12.25
C THR D 739 10.59 23.81 10.76
N SER D 740 9.46 23.44 10.14
CA SER D 740 9.28 23.61 8.71
C SER D 740 7.87 24.14 8.45
N ILE D 741 7.78 25.16 7.59
CA ILE D 741 6.50 25.77 7.27
C ILE D 741 5.80 24.92 6.21
N HIS D 742 4.50 24.72 6.39
CA HIS D 742 3.67 23.99 5.45
C HIS D 742 2.45 24.82 5.09
N ILE D 743 2.16 24.91 3.79
CA ILE D 743 1.05 25.71 3.29
C ILE D 743 0.04 24.77 2.63
N GLU D 744 -1.23 25.18 2.68
CA GLU D 744 -2.32 24.42 2.07
C GLU D 744 -3.21 25.38 1.30
N GLU D 745 -3.83 24.88 0.23
CA GLU D 745 -4.65 25.68 -0.67
C GLU D 745 -6.07 25.16 -0.65
N HIS D 746 -7.02 26.02 -0.29
CA HIS D 746 -8.43 25.68 -0.29
C HIS D 746 -9.14 26.43 -1.40
N GLU D 747 -10.30 25.91 -1.80
CA GLU D 747 -10.97 26.41 -2.99
C GLU D 747 -12.47 26.16 -2.88
N ILE D 748 -13.26 27.16 -3.24
CA ILE D 748 -14.71 27.05 -3.29
C ILE D 748 -15.21 27.99 -4.38
N ASP D 749 -16.23 27.55 -5.11
CA ASP D 749 -16.75 28.30 -6.24
C ASP D 749 -18.25 28.52 -6.07
N ALA D 750 -18.73 29.64 -6.60
CA ALA D 750 -20.15 29.99 -6.61
C ALA D 750 -20.63 29.91 -8.06
N ARG D 751 -21.50 28.95 -8.34
CA ARG D 751 -21.98 28.70 -9.69
C ARG D 751 -23.46 29.01 -9.80
N ASP D 752 -23.98 28.91 -11.01
CA ASP D 752 -25.41 29.07 -11.29
C ASP D 752 -26.06 27.70 -11.26
N THR D 753 -26.92 27.47 -10.28
CA THR D 753 -27.67 26.22 -10.20
C THR D 753 -29.00 26.36 -10.92
N LYS D 754 -29.72 25.26 -11.02
CA LYS D 754 -31.02 25.28 -11.69
C LYS D 754 -32.03 26.09 -10.90
N LEU D 755 -31.96 26.03 -9.56
CA LEU D 755 -32.90 26.75 -8.73
C LEU D 755 -32.48 28.20 -8.52
N GLY D 756 -31.18 28.47 -8.52
CA GLY D 756 -30.70 29.83 -8.33
C GLY D 756 -29.19 29.86 -8.39
N ALA D 757 -28.65 31.07 -8.30
CA ALA D 757 -27.22 31.28 -8.40
C ALA D 757 -26.59 31.24 -7.01
N GLU D 758 -25.50 30.49 -6.88
CA GLU D 758 -24.72 30.49 -5.65
C GLU D 758 -24.11 31.86 -5.41
N GLU D 759 -24.13 32.30 -4.15
CA GLU D 759 -23.61 33.62 -3.78
C GLU D 759 -22.65 33.48 -2.63
N ILE D 760 -21.40 33.92 -2.84
CA ILE D 760 -20.45 34.05 -1.75
C ILE D 760 -20.88 35.23 -0.88
N THR D 761 -21.30 34.96 0.35
CA THR D 761 -21.85 36.00 1.19
C THR D 761 -21.45 35.76 2.64
N ARG D 762 -21.50 36.83 3.43
CA ARG D 762 -21.24 36.75 4.86
C ARG D 762 -22.49 36.40 5.67
N ASP D 763 -23.67 36.43 5.05
CA ASP D 763 -24.92 36.16 5.74
C ASP D 763 -25.20 34.66 5.69
N ILE D 764 -25.16 34.00 6.84
CA ILE D 764 -25.34 32.56 6.92
C ILE D 764 -26.63 32.25 7.67
N PRO D 765 -27.41 31.26 7.23
CA PRO D 765 -28.73 31.02 7.82
C PRO D 765 -28.77 30.96 9.35
N ASN D 766 -28.03 30.02 9.94
CA ASN D 766 -28.13 29.77 11.38
C ASN D 766 -26.72 29.62 11.95
N VAL D 767 -26.15 30.74 12.38
CA VAL D 767 -24.81 30.74 12.97
C VAL D 767 -24.72 31.88 13.97
N SER D 768 -23.88 31.70 14.97
CA SER D 768 -23.56 32.78 15.88
C SER D 768 -22.75 33.86 15.16
N ASP D 769 -22.78 35.06 15.71
CA ASP D 769 -21.96 36.14 15.15
C ASP D 769 -20.48 35.92 15.41
N GLU D 770 -20.13 35.06 16.37
CA GLU D 770 -18.73 34.86 16.72
C GLU D 770 -17.98 34.06 15.66
N VAL D 771 -18.62 33.01 15.12
CA VAL D 771 -17.99 32.22 14.07
C VAL D 771 -17.75 33.06 12.82
N LEU D 772 -18.48 34.17 12.66
CA LEU D 772 -18.26 35.10 11.58
C LEU D 772 -17.28 36.22 11.95
N ALA D 773 -16.85 36.28 13.21
CA ALA D 773 -16.07 37.41 13.70
C ALA D 773 -14.75 37.59 12.94
N ASP D 774 -14.29 36.58 12.20
CA ASP D 774 -13.05 36.67 11.44
C ASP D 774 -13.29 36.85 9.94
N LEU D 775 -14.53 37.04 9.52
CA LEU D 775 -14.87 37.22 8.12
C LEU D 775 -15.01 38.70 7.78
N ASP D 776 -14.82 39.00 6.50
CA ASP D 776 -14.98 40.36 5.98
C ASP D 776 -16.37 40.51 5.38
N GLU D 777 -16.58 41.63 4.67
CA GLU D 777 -17.90 41.88 4.08
C GLU D 777 -18.30 40.75 3.14
N ARG D 778 -17.44 40.43 2.17
CA ARG D 778 -17.79 39.43 1.17
C ARG D 778 -18.12 38.08 1.82
N GLY D 779 -17.56 37.81 3.00
CA GLY D 779 -17.74 36.54 3.66
C GLY D 779 -16.54 35.63 3.65
N ILE D 780 -15.38 36.11 3.22
CA ILE D 780 -14.15 35.32 3.20
C ILE D 780 -13.30 35.71 4.40
N VAL D 781 -12.51 34.77 4.89
CA VAL D 781 -11.71 35.01 6.09
C VAL D 781 -10.68 36.10 5.80
N ARG D 782 -10.48 36.98 6.78
CA ARG D 782 -9.57 38.10 6.62
C ARG D 782 -8.12 37.64 6.69
N ILE D 783 -7.25 38.37 5.98
CA ILE D 783 -5.84 38.00 5.94
C ILE D 783 -5.25 38.10 7.34
N GLY D 784 -4.31 37.20 7.63
CA GLY D 784 -3.67 37.15 8.93
C GLY D 784 -4.51 36.54 10.03
N ALA D 785 -5.76 36.17 9.75
CA ALA D 785 -6.62 35.58 10.75
C ALA D 785 -6.26 34.11 10.97
N GLU D 786 -6.56 33.61 12.16
CA GLU D 786 -6.31 32.24 12.51
C GLU D 786 -7.41 31.33 11.97
N VAL D 787 -7.17 30.02 12.04
CA VAL D 787 -8.17 29.04 11.64
C VAL D 787 -8.03 27.80 12.50
N ARG D 788 -9.10 27.42 13.18
CA ARG D 788 -9.20 26.15 13.89
C ARG D 788 -10.12 25.22 13.11
N ASP D 789 -9.84 23.92 13.22
CA ASP D 789 -10.64 22.94 12.49
C ASP D 789 -12.13 23.19 12.71
N GLY D 790 -12.87 23.27 11.60
CA GLY D 790 -14.28 23.57 11.64
C GLY D 790 -14.63 25.03 11.46
N ASP D 791 -13.65 25.93 11.57
CA ASP D 791 -13.91 27.34 11.34
C ASP D 791 -14.23 27.59 9.87
N ILE D 792 -14.72 28.79 9.57
CA ILE D 792 -15.23 29.14 8.25
C ILE D 792 -14.16 29.94 7.50
N LEU D 793 -13.87 29.51 6.28
CA LEU D 793 -12.97 30.26 5.40
C LEU D 793 -13.75 31.20 4.49
N VAL D 794 -14.68 30.67 3.71
CA VAL D 794 -15.50 31.45 2.79
C VAL D 794 -16.95 31.06 2.99
N GLY D 795 -17.79 32.03 3.33
CA GLY D 795 -19.20 31.79 3.47
C GLY D 795 -19.90 31.74 2.11
N LYS D 796 -20.46 30.58 1.78
CA LYS D 796 -21.17 30.39 0.52
C LYS D 796 -22.55 29.82 0.82
N VAL D 797 -23.52 30.20 -0.01
CA VAL D 797 -24.92 29.80 0.17
C VAL D 797 -25.49 29.41 -1.19
N THR D 798 -26.39 28.43 -1.16
CA THR D 798 -27.02 27.90 -2.35
C THR D 798 -28.52 27.80 -2.15
N PRO D 799 -29.30 27.97 -3.22
CA PRO D 799 -30.77 27.92 -3.08
C PRO D 799 -31.24 26.56 -2.63
N LYS D 800 -32.35 26.55 -1.88
CA LYS D 800 -32.93 25.34 -1.33
C LYS D 800 -34.44 25.40 -1.49
N GLY D 801 -35.00 24.37 -2.14
CA GLY D 801 -36.43 24.29 -2.34
C GLY D 801 -36.85 23.04 -3.09
N GLU D 802 -38.06 22.55 -2.84
CA GLU D 802 -38.97 23.19 -1.89
C GLU D 802 -38.55 22.87 -0.45
N THR D 803 -38.82 23.82 0.46
CA THR D 803 -38.40 23.67 1.85
C THR D 803 -39.04 22.44 2.49
N GLU D 804 -40.37 22.44 2.58
CA GLU D 804 -41.12 21.39 3.27
C GLU D 804 -40.46 21.05 4.60
N LEU D 805 -40.40 22.05 5.48
CA LEU D 805 -39.74 21.89 6.76
C LEU D 805 -40.55 20.97 7.67
N THR D 806 -39.98 20.67 8.84
CA THR D 806 -40.59 19.76 9.80
C THR D 806 -41.68 20.48 10.59
N PRO D 807 -42.82 19.82 10.84
CA PRO D 807 -43.83 20.45 11.70
C PRO D 807 -43.29 20.84 13.05
N GLU D 808 -42.42 20.02 13.64
CA GLU D 808 -41.78 20.39 14.90
C GLU D 808 -40.89 21.61 14.71
N GLU D 809 -40.20 21.72 13.58
CA GLU D 809 -39.29 22.83 13.37
C GLU D 809 -40.05 24.12 13.06
N ARG D 810 -41.10 24.05 12.24
CA ARG D 810 -41.81 25.25 11.85
C ARG D 810 -42.35 26.02 13.06
N LEU D 811 -42.69 25.31 14.13
CA LEU D 811 -43.17 25.98 15.33
C LEU D 811 -42.06 26.81 15.98
N LEU D 812 -40.90 26.19 16.21
CA LEU D 812 -39.77 26.94 16.75
C LEU D 812 -39.46 28.19 15.92
N ARG D 813 -39.65 28.10 14.60
CA ARG D 813 -39.46 29.28 13.77
C ARG D 813 -40.47 30.37 14.12
N ALA D 814 -41.70 29.98 14.44
CA ALA D 814 -42.74 30.95 14.78
C ALA D 814 -42.54 31.53 16.19
N ILE D 815 -42.02 30.73 17.12
CA ILE D 815 -41.83 31.19 18.49
C ILE D 815 -40.73 32.25 18.54
N PHE D 816 -39.50 31.85 18.17
CA PHE D 816 -38.36 32.74 18.28
C PHE D 816 -38.24 33.71 17.11
N GLY D 817 -39.21 33.72 16.19
CA GLY D 817 -39.26 34.75 15.18
C GLY D 817 -38.13 34.74 14.16
N GLU D 818 -37.39 33.65 14.05
CA GLU D 818 -36.35 33.53 13.05
C GLU D 818 -36.95 32.92 11.78
N LYS D 819 -37.08 33.74 10.74
CA LYS D 819 -37.64 33.27 9.48
C LYS D 819 -36.79 32.14 8.91
N ALA D 820 -37.46 31.04 8.56
CA ALA D 820 -36.77 29.95 7.89
C ALA D 820 -36.20 30.44 6.57
N ARG D 821 -34.87 30.52 6.46
CA ARG D 821 -34.26 31.13 5.29
C ARG D 821 -34.50 30.27 4.06
N GLU D 822 -34.50 30.93 2.90
CA GLU D 822 -34.85 30.30 1.64
C GLU D 822 -33.70 29.48 1.04
N VAL D 823 -32.55 29.39 1.70
CA VAL D 823 -31.34 28.85 1.08
C VAL D 823 -30.58 27.96 2.05
N ARG D 824 -29.77 27.08 1.47
CA ARG D 824 -28.97 26.10 2.21
C ARG D 824 -27.55 26.62 2.38
N ASP D 825 -26.95 26.30 3.53
CA ASP D 825 -25.59 26.73 3.84
C ASP D 825 -24.60 25.70 3.34
N THR D 826 -23.83 26.06 2.32
CA THR D 826 -22.71 25.27 1.82
C THR D 826 -21.50 26.19 1.82
N SER D 827 -20.80 26.24 2.95
CA SER D 827 -19.68 27.15 3.14
C SER D 827 -18.38 26.36 3.20
N LEU D 828 -17.28 27.04 2.90
CA LEU D 828 -15.95 26.44 2.91
C LEU D 828 -15.37 26.53 4.31
N LYS D 829 -15.25 25.38 4.98
CA LYS D 829 -14.68 25.30 6.31
C LYS D 829 -13.32 24.62 6.27
N VAL D 830 -12.59 24.72 7.37
CA VAL D 830 -11.24 24.16 7.45
C VAL D 830 -11.32 22.68 7.79
N PRO D 831 -10.46 21.84 7.22
CA PRO D 831 -10.56 20.39 7.46
C PRO D 831 -10.14 20.03 8.88
N HIS D 832 -10.60 18.85 9.31
CA HIS D 832 -10.37 18.42 10.69
C HIS D 832 -8.88 18.30 10.97
N GLY D 833 -8.48 18.79 12.14
CA GLY D 833 -7.10 18.78 12.56
C GLY D 833 -6.24 19.85 11.95
N GLU D 834 -6.61 20.38 10.79
CA GLU D 834 -5.80 21.41 10.14
C GLU D 834 -5.93 22.74 10.88
N SER D 835 -4.82 23.47 10.97
CA SER D 835 -4.80 24.74 11.67
C SER D 835 -3.68 25.60 11.09
N GLY D 836 -3.70 26.88 11.41
CA GLY D 836 -2.70 27.80 10.94
C GLY D 836 -3.29 29.19 10.81
N LYS D 837 -2.65 30.00 9.97
CA LYS D 837 -3.07 31.37 9.72
C LYS D 837 -3.25 31.57 8.22
N VAL D 838 -4.00 32.60 7.86
CA VAL D 838 -4.33 32.89 6.47
C VAL D 838 -3.23 33.78 5.89
N ILE D 839 -2.57 33.31 4.84
CA ILE D 839 -1.51 34.08 4.20
C ILE D 839 -2.10 35.05 3.18
N GLY D 840 -2.82 34.53 2.19
CA GLY D 840 -3.39 35.38 1.16
C GLY D 840 -4.69 34.78 0.64
N ILE D 841 -5.37 35.57 -0.18
CA ILE D 841 -6.64 35.17 -0.79
C ILE D 841 -6.63 35.59 -2.25
N ARG D 842 -7.02 34.68 -3.14
CA ARG D 842 -7.22 34.98 -4.55
C ARG D 842 -8.71 34.92 -4.85
N VAL D 843 -9.22 35.91 -5.57
CA VAL D 843 -10.64 36.01 -5.87
C VAL D 843 -10.82 36.29 -7.35
N PHE D 844 -11.57 35.43 -8.03
CA PHE D 844 -11.97 35.65 -9.42
C PHE D 844 -13.48 35.76 -9.45
N SER D 845 -13.99 36.86 -10.01
CA SER D 845 -15.40 37.20 -9.95
C SER D 845 -15.98 37.29 -11.35
N ARG D 846 -17.25 36.89 -11.49
CA ARG D 846 -17.93 37.01 -12.78
C ARG D 846 -18.28 38.45 -13.09
N GLU D 847 -18.68 39.22 -12.07
CA GLU D 847 -18.99 40.64 -12.27
C GLU D 847 -17.85 41.35 -12.97
N ASP D 848 -16.67 41.35 -12.34
CA ASP D 848 -15.47 41.75 -13.04
C ASP D 848 -15.21 40.76 -14.17
N ASP D 849 -14.58 41.25 -15.24
CA ASP D 849 -14.39 40.44 -16.45
C ASP D 849 -13.25 39.44 -16.22
N ASP D 850 -13.51 38.50 -15.31
CA ASP D 850 -12.63 37.35 -15.11
C ASP D 850 -13.09 36.19 -15.97
N GLU D 851 -12.15 35.34 -16.35
CA GLU D 851 -12.47 34.17 -17.16
C GLU D 851 -12.82 33.01 -16.23
N LEU D 852 -14.00 32.43 -16.44
CA LEU D 852 -14.49 31.32 -15.63
C LEU D 852 -15.10 30.26 -16.54
N PRO D 853 -15.12 29.01 -16.09
CA PRO D 853 -15.83 27.97 -16.84
C PRO D 853 -17.34 28.23 -16.83
N ALA D 854 -18.01 27.72 -17.86
CA ALA D 854 -19.43 27.97 -18.03
C ALA D 854 -20.21 27.60 -16.76
N GLY D 855 -21.04 28.54 -16.29
CA GLY D 855 -21.84 28.35 -15.11
C GLY D 855 -21.18 28.79 -13.81
N VAL D 856 -19.86 28.98 -13.81
CA VAL D 856 -19.14 29.38 -12.61
C VAL D 856 -19.05 30.90 -12.59
N ASN D 857 -19.50 31.50 -11.50
CA ASN D 857 -19.50 32.96 -11.37
C ASN D 857 -18.25 33.47 -10.65
N GLU D 858 -18.04 33.03 -9.41
CA GLU D 858 -16.96 33.54 -8.57
C GLU D 858 -16.09 32.38 -8.08
N LEU D 859 -14.79 32.65 -7.98
CA LEU D 859 -13.83 31.70 -7.44
C LEU D 859 -12.99 32.41 -6.40
N VAL D 860 -12.85 31.79 -5.23
CA VAL D 860 -12.03 32.33 -4.15
C VAL D 860 -11.16 31.20 -3.60
N ARG D 861 -9.85 31.46 -3.52
CA ARG D 861 -8.90 30.50 -3.00
C ARG D 861 -8.21 31.10 -1.77
N VAL D 862 -8.21 30.35 -0.67
CA VAL D 862 -7.59 30.78 0.58
C VAL D 862 -6.34 29.93 0.79
N TYR D 863 -5.23 30.59 1.11
CA TYR D 863 -3.96 29.93 1.37
C TYR D 863 -3.64 30.02 2.86
N VAL D 864 -3.52 28.88 3.52
CA VAL D 864 -3.24 28.80 4.95
C VAL D 864 -1.91 28.10 5.13
N ALA D 865 -1.04 28.70 5.94
CA ALA D 865 0.26 28.14 6.28
C ALA D 865 0.32 27.88 7.77
N GLN D 866 1.31 27.10 8.19
CA GLN D 866 1.45 26.78 9.60
C GLN D 866 2.89 26.39 9.89
N LYS D 867 3.38 26.80 11.07
CA LYS D 867 4.70 26.36 11.52
C LYS D 867 4.57 24.99 12.17
N ARG D 868 5.47 24.09 11.80
CA ARG D 868 5.44 22.70 12.28
C ARG D 868 6.69 22.45 13.12
N LYS D 869 6.58 22.69 14.43
CA LYS D 869 7.62 22.25 15.34
C LYS D 869 7.84 20.75 15.19
N ILE D 870 9.10 20.32 15.19
CA ILE D 870 9.37 18.90 15.12
C ILE D 870 8.70 18.21 16.29
N SER D 871 7.89 17.20 16.00
CA SER D 871 6.97 16.63 16.98
C SER D 871 7.14 15.12 17.09
N ASP D 872 6.67 14.58 18.20
CA ASP D 872 6.64 13.14 18.39
C ASP D 872 5.92 12.47 17.23
N GLY D 873 6.50 11.38 16.73
CA GLY D 873 5.92 10.64 15.63
C GLY D 873 6.35 11.09 14.25
N ASP D 874 6.94 12.27 14.12
CA ASP D 874 7.48 12.69 12.84
C ASP D 874 8.60 11.75 12.41
N LYS D 875 8.84 11.69 11.10
CA LYS D 875 9.80 10.76 10.53
C LYS D 875 11.07 11.51 10.17
N LEU D 876 12.19 11.09 10.74
CA LEU D 876 13.51 11.62 10.43
C LEU D 876 14.37 10.52 9.82
N ALA D 877 15.44 10.93 9.15
CA ALA D 877 16.29 9.96 8.48
C ALA D 877 17.59 10.64 8.04
N GLY D 878 18.64 9.83 7.94
CA GLY D 878 19.89 10.26 7.37
C GLY D 878 20.03 9.83 5.92
N ARG D 879 21.20 10.14 5.36
CA ARG D 879 21.49 9.85 3.96
C ARG D 879 21.87 8.40 3.70
N HIS D 880 21.92 7.56 4.72
CA HIS D 880 22.38 6.18 4.59
C HIS D 880 21.26 5.16 4.65
N GLY D 881 20.02 5.59 4.43
CA GLY D 881 18.89 4.69 4.50
C GLY D 881 18.42 4.39 5.90
N ASN D 882 19.02 4.98 6.92
CA ASN D 882 18.54 4.83 8.28
C ASN D 882 17.39 5.79 8.54
N LYS D 883 16.33 5.30 9.17
CA LYS D 883 15.12 6.07 9.35
C LYS D 883 14.42 5.61 10.62
N GLY D 884 13.61 6.50 11.18
CA GLY D 884 12.86 6.17 12.39
C GLY D 884 12.02 7.34 12.83
N VAL D 885 10.98 7.01 13.59
CA VAL D 885 10.09 8.03 14.14
C VAL D 885 10.70 8.58 15.43
N ILE D 886 10.17 9.73 15.86
CA ILE D 886 10.60 10.37 17.09
C ILE D 886 9.75 9.79 18.22
N GLY D 887 10.35 8.88 18.99
CA GLY D 887 9.61 8.22 20.06
C GLY D 887 9.31 9.16 21.21
N LYS D 888 10.27 9.98 21.61
CA LYS D 888 10.06 10.91 22.70
C LYS D 888 11.01 12.09 22.55
N ILE D 889 10.58 13.24 23.06
CA ILE D 889 11.38 14.45 23.09
C ILE D 889 11.60 14.82 24.55
N LEU D 890 12.86 14.87 24.95
CA LEU D 890 13.20 15.08 26.34
C LEU D 890 13.63 16.52 26.58
N PRO D 891 13.32 17.07 27.76
CA PRO D 891 13.84 18.40 28.09
C PRO D 891 15.36 18.41 28.03
N VAL D 892 15.92 19.55 27.59
CA VAL D 892 17.35 19.67 27.46
C VAL D 892 18.07 19.37 28.78
N GLU D 893 17.36 19.49 29.90
CA GLU D 893 17.99 19.30 31.20
C GLU D 893 18.43 17.86 31.41
N ASP D 894 17.55 16.89 31.10
CA ASP D 894 17.84 15.48 31.28
C ASP D 894 18.10 14.87 29.90
N MET D 895 19.36 14.95 29.47
CA MET D 895 19.82 14.44 28.19
C MET D 895 21.28 14.10 28.38
N PRO D 896 21.75 12.96 27.85
CA PRO D 896 23.18 12.67 27.92
C PRO D 896 23.99 13.83 27.37
N PHE D 897 24.90 14.35 28.19
CA PHE D 897 25.64 15.55 27.84
C PHE D 897 27.13 15.35 28.10
N LEU D 898 27.94 16.08 27.34
CA LEU D 898 29.39 16.01 27.47
C LEU D 898 29.85 16.71 28.75
N PRO D 899 31.12 16.53 29.12
CA PRO D 899 31.67 17.31 30.25
C PRO D 899 31.60 18.81 30.03
N ASP D 900 31.39 19.26 28.80
CA ASP D 900 31.16 20.68 28.54
C ASP D 900 29.89 21.18 29.18
N GLY D 901 28.94 20.29 29.47
CA GLY D 901 27.57 20.70 29.68
C GLY D 901 26.77 20.82 28.40
N THR D 902 27.36 20.46 27.26
CA THR D 902 26.73 20.50 25.96
C THR D 902 25.84 19.28 25.78
N PRO D 903 24.52 19.43 25.85
CA PRO D 903 23.64 18.28 25.66
C PRO D 903 23.61 17.82 24.21
N VAL D 904 23.41 16.53 24.02
CA VAL D 904 23.29 15.97 22.68
C VAL D 904 21.89 16.27 22.16
N ASP D 905 21.80 16.50 20.84
CA ASP D 905 20.52 16.83 20.24
C ASP D 905 19.66 15.59 20.00
N ILE D 906 20.29 14.47 19.66
CA ILE D 906 19.57 13.27 19.25
C ILE D 906 20.33 12.05 19.75
N ILE D 907 19.58 11.01 20.11
CA ILE D 907 20.14 9.76 20.62
C ILE D 907 19.67 8.63 19.72
N LEU D 908 20.62 7.88 19.17
CA LEU D 908 20.32 6.81 18.23
C LEU D 908 20.68 5.46 18.83
N ASN D 909 19.78 4.48 18.68
CA ASN D 909 19.99 3.16 19.25
C ASN D 909 21.18 2.48 18.57
N THR D 910 21.91 1.68 19.36
CA THR D 910 23.10 1.02 18.85
C THR D 910 22.77 -0.24 18.05
N HIS D 911 21.67 -0.92 18.38
CA HIS D 911 21.44 -2.25 17.86
C HIS D 911 21.07 -2.23 16.38
N GLY D 912 20.49 -1.12 15.89
CA GLY D 912 20.13 -1.06 14.49
C GLY D 912 21.27 -0.76 13.54
N VAL D 913 22.44 -0.39 14.06
CA VAL D 913 23.57 0.04 13.24
C VAL D 913 24.30 -1.16 12.64
N PRO D 914 24.66 -2.17 13.43
CA PRO D 914 25.53 -3.23 12.89
C PRO D 914 24.85 -4.12 11.88
N ARG D 915 23.56 -4.40 12.05
CA ARG D 915 22.91 -5.44 11.25
C ARG D 915 22.62 -4.99 9.83
N ARG D 916 22.46 -3.67 9.61
CA ARG D 916 21.93 -3.18 8.34
C ARG D 916 23.00 -2.81 7.31
N MET D 917 24.28 -2.86 7.69
CA MET D 917 25.37 -2.61 6.75
C MET D 917 25.37 -1.19 6.22
N ASN D 918 24.82 -0.25 6.99
CA ASN D 918 24.88 1.17 6.67
C ASN D 918 25.90 1.92 7.50
N ILE D 919 26.99 1.25 7.88
CA ILE D 919 27.96 1.81 8.80
C ILE D 919 28.64 3.06 8.27
N GLY D 920 28.41 3.42 7.01
CA GLY D 920 28.81 4.73 6.54
C GLY D 920 28.25 5.85 7.38
N GLN D 921 27.12 5.62 8.05
CA GLN D 921 26.55 6.63 8.94
C GLN D 921 27.43 6.84 10.17
N ILE D 922 28.19 5.82 10.57
CA ILE D 922 29.12 6.00 11.67
C ILE D 922 30.32 6.83 11.23
N LEU D 923 30.71 6.72 9.96
CA LEU D 923 31.86 7.47 9.47
C LEU D 923 31.56 8.97 9.45
N GLU D 924 30.47 9.38 8.80
CA GLU D 924 30.12 10.79 8.80
C GLU D 924 29.83 11.31 10.20
N THR D 925 29.49 10.42 11.15
CA THR D 925 29.36 10.84 12.53
C THR D 925 30.70 11.24 13.12
N HIS D 926 31.75 10.46 12.83
CA HIS D 926 33.09 10.83 13.25
C HIS D 926 33.56 12.08 12.52
N LEU D 927 33.47 12.09 11.19
CA LEU D 927 33.83 13.27 10.43
C LEU D 927 33.01 14.48 10.84
N GLY D 928 31.74 14.26 11.20
CA GLY D 928 30.91 15.37 11.64
C GLY D 928 31.49 16.08 12.85
N TRP D 929 31.98 15.32 13.82
CA TRP D 929 32.63 15.95 14.98
C TRP D 929 33.92 16.64 14.59
N VAL D 930 34.69 16.04 13.67
CA VAL D 930 35.93 16.65 13.22
C VAL D 930 35.66 18.00 12.60
N ALA D 931 34.64 18.09 11.74
CA ALA D 931 34.39 19.34 11.02
C ALA D 931 33.99 20.46 11.96
N LYS D 932 33.12 20.18 12.93
CA LYS D 932 32.66 21.23 13.84
C LYS D 932 33.71 21.61 14.87
N ALA D 933 34.67 20.74 15.15
CA ALA D 933 35.71 21.02 16.13
C ALA D 933 37.00 21.54 15.50
N GLY D 934 37.19 21.36 14.19
CA GLY D 934 38.42 21.75 13.55
C GLY D 934 39.56 20.80 13.87
N TRP D 935 40.71 21.07 13.27
CA TRP D 935 41.87 20.22 13.52
C TRP D 935 43.11 20.88 12.95
N ASN D 936 44.27 20.40 13.40
CA ASN D 936 45.56 20.78 12.84
C ASN D 936 46.45 19.55 12.97
N ILE D 937 46.84 18.96 11.83
CA ILE D 937 47.57 17.69 11.87
C ILE D 937 48.77 17.78 12.81
N ASP D 938 49.37 18.96 12.94
CA ASP D 938 50.45 19.19 13.90
C ASP D 938 51.54 18.12 13.76
N VAL D 939 52.04 17.98 12.53
CA VAL D 939 53.08 16.98 12.26
C VAL D 939 54.26 17.19 13.21
N ALA D 940 54.68 16.12 13.86
CA ALA D 940 55.87 16.19 14.70
C ALA D 940 57.06 16.68 13.90
N ALA D 941 57.44 15.91 12.87
CA ALA D 941 58.41 16.35 11.87
C ALA D 941 57.77 16.48 10.49
N GLY D 942 57.13 15.42 10.00
CA GLY D 942 56.41 15.46 8.74
C GLY D 942 55.08 14.75 8.86
N VAL D 943 54.36 14.71 7.75
CA VAL D 943 53.07 14.05 7.70
C VAL D 943 53.18 12.61 8.21
N PRO D 944 52.54 12.29 9.34
CA PRO D 944 52.58 10.91 9.83
C PRO D 944 52.16 9.93 8.73
N ASP D 945 52.70 8.71 8.83
CA ASP D 945 52.65 7.77 7.72
C ASP D 945 51.25 7.59 7.14
N TRP D 946 50.20 7.91 7.89
CA TRP D 946 48.85 7.75 7.35
C TRP D 946 48.55 8.83 6.31
N ALA D 947 49.05 10.04 6.51
CA ALA D 947 48.70 11.18 5.68
C ALA D 947 49.54 11.28 4.41
N SER D 948 50.13 10.18 3.96
CA SER D 948 50.93 10.21 2.74
C SER D 948 50.13 10.74 1.55
N LYS D 949 48.86 10.35 1.45
CA LYS D 949 48.02 10.73 0.32
C LYS D 949 47.16 11.96 0.59
N LEU D 950 47.33 12.61 1.73
CA LEU D 950 46.41 13.68 2.07
C LEU D 950 46.86 14.99 1.43
N PRO D 951 45.92 15.78 0.89
CA PRO D 951 46.29 17.09 0.36
C PRO D 951 46.67 18.06 1.46
N GLU D 952 47.56 19.00 1.12
CA GLU D 952 48.05 19.95 2.13
C GLU D 952 46.93 20.82 2.68
N GLU D 953 45.95 21.18 1.85
CA GLU D 953 44.87 22.03 2.31
C GLU D 953 44.07 21.39 3.44
N LEU D 954 44.09 20.07 3.54
CA LEU D 954 43.37 19.37 4.60
C LEU D 954 44.16 19.27 5.90
N TYR D 955 45.41 19.72 5.92
CA TYR D 955 46.22 19.61 7.13
C TYR D 955 45.65 20.47 8.25
N SER D 956 45.34 21.73 7.94
CA SER D 956 44.79 22.66 8.92
C SER D 956 43.32 22.94 8.61
N ALA D 957 42.58 23.26 9.66
CA ALA D 957 41.17 23.62 9.51
C ALA D 957 40.64 24.22 10.81
N PRO D 958 39.93 25.33 10.74
CA PRO D 958 39.32 25.91 11.95
C PRO D 958 37.98 25.23 12.24
N ALA D 959 37.35 25.70 13.32
CA ALA D 959 36.07 25.14 13.74
C ALA D 959 34.98 25.45 12.71
N ASP D 960 34.00 24.55 12.62
CA ASP D 960 32.81 24.74 11.81
C ASP D 960 33.09 24.70 10.31
N SER D 961 34.23 24.14 9.92
CA SER D 961 34.56 24.03 8.50
C SER D 961 33.73 22.93 7.84
N THR D 962 33.38 23.16 6.58
CA THR D 962 32.65 22.16 5.81
C THR D 962 33.63 21.24 5.08
N VAL D 963 33.21 19.99 4.89
CA VAL D 963 34.07 18.95 4.34
C VAL D 963 33.36 18.31 3.15
N ALA D 964 34.16 17.89 2.17
CA ALA D 964 33.65 17.25 0.96
C ALA D 964 34.41 15.96 0.74
N THR D 965 33.69 14.84 0.69
CA THR D 965 34.26 13.53 0.40
C THR D 965 33.47 12.91 -0.74
N PRO D 966 33.86 13.17 -1.99
CA PRO D 966 33.20 12.50 -3.11
C PRO D 966 33.11 11.00 -2.88
N VAL D 967 32.10 10.39 -3.49
CA VAL D 967 31.65 9.06 -3.05
C VAL D 967 32.77 8.04 -3.14
N PHE D 968 33.25 7.77 -4.36
CA PHE D 968 34.16 6.66 -4.55
C PHE D 968 35.63 7.03 -4.38
N ASP D 969 35.95 8.32 -4.27
CA ASP D 969 37.26 8.77 -3.79
C ASP D 969 36.99 9.86 -2.76
N GLY D 970 36.77 9.45 -1.51
CA GLY D 970 36.55 10.39 -0.43
C GLY D 970 37.52 10.15 0.71
N ALA D 971 37.08 10.41 1.93
CA ALA D 971 37.91 10.09 3.09
C ALA D 971 38.04 8.59 3.25
N GLN D 972 39.17 8.17 3.81
CA GLN D 972 39.43 6.76 4.09
C GLN D 972 39.75 6.60 5.57
N GLU D 973 39.85 5.34 5.99
CA GLU D 973 39.89 5.04 7.43
C GLU D 973 41.14 5.61 8.08
N GLY D 974 42.31 5.35 7.50
CA GLY D 974 43.54 5.85 8.10
C GLY D 974 43.51 7.35 8.32
N GLU D 975 43.05 8.10 7.30
CA GLU D 975 42.98 9.55 7.43
C GLU D 975 42.02 9.97 8.53
N LEU D 976 40.93 9.22 8.72
CA LEU D 976 39.93 9.60 9.72
C LEU D 976 40.49 9.51 11.14
N ALA D 977 41.11 8.38 11.48
CA ALA D 977 41.70 8.24 12.80
C ALA D 977 42.73 9.34 13.07
N GLY D 978 43.59 9.61 12.08
CA GLY D 978 44.54 10.70 12.22
C GLY D 978 43.86 12.04 12.46
N LEU D 979 42.80 12.32 11.69
CA LEU D 979 42.03 13.53 11.94
C LEU D 979 41.31 13.47 13.28
N LEU D 980 40.99 12.26 13.74
CA LEU D 980 40.45 12.11 15.09
C LEU D 980 41.51 12.37 16.14
N GLY D 981 42.78 12.08 15.83
CA GLY D 981 43.86 12.39 16.75
C GLY D 981 44.18 13.87 16.82
N SER D 982 43.90 14.60 15.74
CA SER D 982 44.05 16.05 15.70
C SER D 982 42.70 16.69 16.00
N THR D 983 42.56 17.29 17.18
CA THR D 983 41.32 17.91 17.60
C THR D 983 41.64 19.14 18.43
N LEU D 984 40.63 19.94 18.69
CA LEU D 984 40.85 21.20 19.38
C LEU D 984 40.01 21.29 20.65
N PRO D 985 40.53 21.95 21.68
CA PRO D 985 39.74 22.17 22.90
C PRO D 985 38.47 22.96 22.62
N ASN D 986 37.43 22.68 23.41
CA ASN D 986 36.11 23.25 23.20
C ASN D 986 36.08 24.77 23.36
N ARG D 987 36.21 25.25 24.60
CA ARG D 987 36.67 26.61 24.89
C ARG D 987 37.96 26.56 25.70
N ASP D 988 37.91 25.89 26.85
CA ASP D 988 39.06 25.66 27.69
C ASP D 988 39.95 24.59 27.06
N GLY D 989 41.10 24.35 27.67
CA GLY D 989 42.04 23.38 27.14
C GLY D 989 41.49 21.98 27.02
N GLU D 990 40.31 21.70 27.59
CA GLU D 990 39.79 20.35 27.64
C GLU D 990 39.35 19.88 26.25
N VAL D 991 39.69 18.63 25.94
CA VAL D 991 39.27 17.96 24.71
C VAL D 991 38.07 17.08 25.02
N MET D 992 37.06 17.10 24.13
CA MET D 992 35.77 16.50 24.42
C MET D 992 35.55 15.14 23.77
N VAL D 993 36.36 14.76 22.77
CA VAL D 993 36.17 13.49 22.07
C VAL D 993 37.54 12.84 21.85
N ASP D 994 37.65 11.56 22.19
CA ASP D 994 38.92 10.86 22.19
C ASP D 994 39.27 10.37 20.77
N ALA D 995 40.34 9.59 20.67
CA ALA D 995 40.89 9.21 19.37
C ALA D 995 40.02 8.20 18.64
N ASP D 996 39.18 7.43 19.35
CA ASP D 996 38.24 6.53 18.71
C ASP D 996 36.83 7.10 18.66
N GLY D 997 36.66 8.37 19.02
CA GLY D 997 35.40 9.06 18.80
C GLY D 997 34.35 8.86 19.85
N LYS D 998 34.74 8.71 21.11
CA LYS D 998 33.79 8.50 22.20
C LYS D 998 34.04 9.51 23.30
N SER D 999 33.04 9.67 24.18
CA SER D 999 33.15 10.59 25.30
C SER D 999 32.33 10.07 26.47
N THR D 1000 32.79 10.38 27.68
CA THR D 1000 32.07 10.01 28.89
C THR D 1000 30.90 10.98 29.06
N LEU D 1001 29.69 10.48 28.89
CA LEU D 1001 28.49 11.31 29.01
C LEU D 1001 27.90 11.17 30.40
N PHE D 1002 27.27 12.25 30.87
CA PHE D 1002 26.65 12.31 32.18
C PHE D 1002 25.14 12.16 32.03
N ASP D 1003 24.58 11.19 32.74
CA ASP D 1003 23.14 11.00 32.72
C ASP D 1003 22.45 12.23 33.29
N GLY D 1004 21.65 12.90 32.45
CA GLY D 1004 20.96 14.10 32.89
C GLY D 1004 19.90 13.85 33.94
N ARG D 1005 19.37 12.63 34.01
CA ARG D 1005 18.33 12.31 34.99
C ARG D 1005 18.92 12.09 36.37
N SER D 1006 19.81 11.11 36.50
CA SER D 1006 20.41 10.83 37.81
C SER D 1006 21.55 11.79 38.12
N GLY D 1007 22.39 12.10 37.12
CA GLY D 1007 23.56 12.94 37.30
C GLY D 1007 24.86 12.19 37.25
N GLU D 1008 24.85 10.90 37.58
CA GLU D 1008 26.06 10.11 37.57
C GLU D 1008 26.44 9.79 36.12
N PRO D 1009 27.73 9.76 35.81
CA PRO D 1009 28.15 9.57 34.40
C PRO D 1009 27.75 8.20 33.89
N PHE D 1010 27.88 8.05 32.57
CA PHE D 1010 27.60 6.75 31.96
C PHE D 1010 28.85 5.89 31.99
N PRO D 1011 28.73 4.63 32.40
CA PRO D 1011 29.94 3.80 32.61
C PRO D 1011 30.91 3.77 31.44
N TYR D 1012 30.41 3.61 30.22
CA TYR D 1012 31.38 3.41 29.15
C TYR D 1012 31.42 4.60 28.20
N PRO D 1013 32.60 4.98 27.74
CA PRO D 1013 32.69 6.03 26.71
C PRO D 1013 31.72 5.76 25.57
N VAL D 1014 30.91 6.76 25.25
CA VAL D 1014 29.87 6.66 24.24
C VAL D 1014 30.27 7.46 23.02
N THR D 1015 30.07 6.87 21.84
CA THR D 1015 30.40 7.54 20.59
C THR D 1015 29.47 8.73 20.38
N VAL D 1016 30.04 9.92 20.21
CA VAL D 1016 29.28 11.12 19.89
C VAL D 1016 29.85 11.75 18.63
N GLY D 1017 29.03 12.53 17.97
CA GLY D 1017 29.45 13.20 16.76
C GLY D 1017 28.34 14.08 16.23
N TYR D 1018 28.52 14.54 15.00
CA TYR D 1018 27.53 15.37 14.32
C TYR D 1018 27.08 14.65 13.07
N MET D 1019 25.79 14.36 12.98
CA MET D 1019 25.20 13.64 11.85
C MET D 1019 24.18 14.52 11.16
N TYR D 1020 24.19 14.48 9.83
CA TYR D 1020 23.27 15.26 9.01
C TYR D 1020 22.00 14.44 8.80
N ILE D 1021 20.89 14.89 9.38
CA ILE D 1021 19.63 14.19 9.32
C ILE D 1021 18.57 15.10 8.72
N LEU D 1022 17.56 14.49 8.11
CA LEU D 1022 16.55 15.20 7.34
C LEU D 1022 15.16 14.99 7.95
N LYS D 1023 14.33 16.02 7.86
CA LYS D 1023 12.92 15.90 8.21
C LYS D 1023 12.13 15.49 6.97
N LEU D 1024 11.39 14.39 7.08
CA LEU D 1024 10.74 13.78 5.94
C LEU D 1024 9.25 14.14 5.91
N HIS D 1025 8.69 14.09 4.69
CA HIS D 1025 7.34 14.58 4.44
C HIS D 1025 6.26 13.73 5.11
N HIS D 1026 6.62 12.68 5.83
CA HIS D 1026 5.67 11.92 6.64
C HIS D 1026 5.60 12.56 8.02
N LEU D 1027 4.45 13.15 8.34
CA LEU D 1027 4.28 13.88 9.59
C LEU D 1027 3.05 13.40 10.33
N VAL D 1028 3.09 13.50 11.66
CA VAL D 1028 2.00 12.99 12.49
C VAL D 1028 0.71 13.73 12.19
N ASP D 1029 0.76 15.07 12.19
CA ASP D 1029 -0.45 15.87 12.02
C ASP D 1029 -1.23 15.45 10.78
N ASP D 1030 -0.54 15.00 9.74
CA ASP D 1030 -1.20 14.58 8.51
C ASP D 1030 -1.67 13.13 8.54
N LYS D 1031 -1.11 12.30 9.42
CA LYS D 1031 -1.36 10.86 9.38
C LYS D 1031 -2.23 10.34 10.52
N ILE D 1032 -2.60 11.19 11.47
CA ILE D 1032 -3.49 10.76 12.56
C ILE D 1032 -4.94 10.94 12.10
N HIS D 1033 -5.73 9.87 12.21
CA HIS D 1033 -7.13 9.89 11.85
C HIS D 1033 -7.94 9.23 12.95
N ALA D 1034 -9.11 9.80 13.24
CA ALA D 1034 -10.03 9.25 14.22
C ALA D 1034 -11.45 9.51 13.75
N ARG D 1035 -12.34 8.55 13.98
CA ARG D 1035 -13.71 8.69 13.51
C ARG D 1035 -14.66 7.98 14.46
N SER D 1036 -15.74 8.65 14.81
CA SER D 1036 -16.86 8.05 15.53
C SER D 1036 -18.05 7.83 14.62
N THR D 1037 -18.51 8.88 13.93
CA THR D 1037 -19.55 8.78 12.93
C THR D 1037 -19.28 9.85 11.88
N GLY D 1038 -19.79 9.60 10.66
CA GLY D 1038 -19.59 10.53 9.58
C GLY D 1038 -20.34 10.14 8.32
N PRO D 1039 -19.91 10.69 7.18
CA PRO D 1039 -20.61 10.40 5.93
C PRO D 1039 -20.48 8.94 5.53
N TYR D 1040 -21.42 8.50 4.69
CA TYR D 1040 -21.44 7.14 4.18
C TYR D 1040 -21.54 7.17 2.66
N SER D 1041 -21.03 6.12 2.03
CA SER D 1041 -21.13 6.02 0.58
C SER D 1041 -22.58 5.99 0.15
N MET D 1042 -22.81 6.32 -1.12
CA MET D 1042 -24.18 6.36 -1.64
C MET D 1042 -24.64 4.99 -2.10
N ILE D 1043 -23.79 4.27 -2.84
CA ILE D 1043 -24.17 2.94 -3.31
C ILE D 1043 -24.11 1.92 -2.18
N THR D 1044 -22.92 1.72 -1.63
CA THR D 1044 -22.76 0.97 -0.39
C THR D 1044 -22.94 1.90 0.80
N GLN D 1045 -23.43 1.35 1.91
CA GLN D 1045 -23.73 2.13 3.10
C GLN D 1045 -22.59 2.12 4.11
N GLN D 1046 -21.38 1.79 3.66
CA GLN D 1046 -20.22 1.80 4.54
C GLN D 1046 -19.64 3.21 4.64
N PRO D 1047 -18.91 3.50 5.71
CA PRO D 1047 -18.17 4.76 5.76
C PRO D 1047 -17.15 4.82 4.63
N LEU D 1048 -17.03 5.99 4.01
CA LEU D 1048 -16.09 6.20 2.93
C LEU D 1048 -14.75 6.68 3.48
N GLY D 1049 -13.68 5.96 3.14
CA GLY D 1049 -12.38 6.19 3.72
C GLY D 1049 -11.69 7.43 3.18
N GLY D 1050 -10.46 7.62 3.65
CA GLY D 1050 -9.66 8.77 3.30
C GLY D 1050 -9.90 9.94 4.24
N LYS D 1051 -8.88 10.80 4.32
CA LYS D 1051 -8.98 12.00 5.15
C LYS D 1051 -9.94 13.03 4.56
N ALA D 1052 -10.24 12.92 3.27
CA ALA D 1052 -11.13 13.90 2.64
C ALA D 1052 -12.54 13.84 3.21
N GLN D 1053 -12.96 12.67 3.69
CA GLN D 1053 -14.34 12.46 4.11
C GLN D 1053 -14.47 12.16 5.60
N PHE D 1054 -13.46 12.47 6.40
CA PHE D 1054 -13.49 12.11 7.82
C PHE D 1054 -13.68 10.60 7.97
N GLY D 1055 -13.08 9.85 7.06
CA GLY D 1055 -13.41 8.46 6.88
C GLY D 1055 -12.95 7.56 8.01
N GLY D 1056 -13.44 6.33 7.99
CA GLY D 1056 -13.09 5.33 8.97
C GLY D 1056 -12.09 4.32 8.43
N GLN D 1057 -11.61 3.49 9.33
CA GLN D 1057 -10.60 2.49 8.99
C GLN D 1057 -11.24 1.25 8.40
N ARG D 1058 -10.48 0.57 7.53
CA ARG D 1058 -10.98 -0.60 6.82
C ARG D 1058 -10.64 -1.87 7.59
N PHE D 1059 -11.65 -2.69 7.82
CA PHE D 1059 -11.50 -4.00 8.47
C PHE D 1059 -11.57 -5.04 7.36
N GLY D 1060 -10.41 -5.44 6.85
CA GLY D 1060 -10.32 -6.20 5.63
C GLY D 1060 -10.44 -7.70 5.83
N GLU D 1061 -10.07 -8.43 4.78
CA GLU D 1061 -10.25 -9.88 4.77
C GLU D 1061 -9.36 -10.54 5.82
N MET D 1062 -8.09 -10.16 5.88
CA MET D 1062 -7.18 -10.77 6.84
C MET D 1062 -7.60 -10.47 8.28
N GLU D 1063 -8.10 -9.26 8.53
CA GLU D 1063 -8.48 -8.89 9.89
C GLU D 1063 -9.66 -9.73 10.36
N CYS D 1064 -10.60 -10.05 9.47
CA CYS D 1064 -11.69 -10.94 9.84
C CYS D 1064 -11.17 -12.33 10.20
N TRP D 1065 -10.12 -12.79 9.52
CA TRP D 1065 -9.53 -14.07 9.86
C TRP D 1065 -9.02 -14.09 11.30
N ALA D 1066 -8.37 -12.99 11.72
CA ALA D 1066 -7.83 -12.92 13.07
C ALA D 1066 -8.95 -12.96 14.10
N MET D 1067 -10.01 -12.17 13.89
CA MET D 1067 -11.13 -12.17 14.82
C MET D 1067 -11.76 -13.56 14.89
N GLN D 1068 -11.98 -14.19 13.73
CA GLN D 1068 -12.54 -15.55 13.73
C GLN D 1068 -11.61 -16.52 14.46
N ALA D 1069 -10.30 -16.34 14.33
CA ALA D 1069 -9.37 -17.18 15.05
C ALA D 1069 -9.52 -17.01 16.55
N TYR D 1070 -9.72 -15.78 17.01
CA TYR D 1070 -9.97 -15.52 18.43
C TYR D 1070 -11.30 -16.10 18.90
N GLY D 1071 -12.25 -16.32 17.98
CA GLY D 1071 -13.57 -16.76 18.37
C GLY D 1071 -14.47 -15.67 18.90
N ALA D 1072 -14.17 -14.41 18.59
CA ALA D 1072 -14.97 -13.28 19.07
C ALA D 1072 -16.06 -12.99 18.06
N ALA D 1073 -17.12 -13.81 18.11
CA ALA D 1073 -18.22 -13.67 17.15
C ALA D 1073 -18.88 -12.30 17.27
N TYR D 1074 -19.16 -11.86 18.51
CA TYR D 1074 -19.88 -10.61 18.68
C TYR D 1074 -19.05 -9.42 18.24
N THR D 1075 -17.75 -9.41 18.56
CA THR D 1075 -16.88 -8.33 18.09
C THR D 1075 -16.86 -8.28 16.57
N LEU D 1076 -16.80 -9.44 15.91
CA LEU D 1076 -16.79 -9.46 14.45
C LEU D 1076 -18.14 -9.01 13.89
N GLN D 1077 -19.23 -9.52 14.43
CA GLN D 1077 -20.55 -9.11 13.98
C GLN D 1077 -20.73 -7.61 14.15
N GLU D 1078 -20.32 -7.08 15.32
CA GLU D 1078 -20.45 -5.65 15.58
C GLU D 1078 -19.72 -4.84 14.52
N LEU D 1079 -18.53 -5.27 14.11
CA LEU D 1079 -17.74 -4.52 13.14
C LEU D 1079 -18.39 -4.53 11.77
N LEU D 1080 -19.05 -5.61 11.38
CA LEU D 1080 -19.57 -5.76 10.04
C LEU D 1080 -21.04 -5.43 9.90
N THR D 1081 -21.76 -5.18 11.00
CA THR D 1081 -23.18 -4.88 10.90
C THR D 1081 -23.53 -3.48 11.39
N ILE D 1082 -23.25 -3.13 12.64
CA ILE D 1082 -23.72 -1.87 13.20
C ILE D 1082 -22.68 -0.77 13.17
N LYS D 1083 -21.42 -1.10 12.90
CA LYS D 1083 -20.40 -0.08 12.74
C LYS D 1083 -20.29 0.43 11.31
N SER D 1084 -20.68 -0.37 10.31
CA SER D 1084 -20.58 0.06 8.92
C SER D 1084 -21.90 0.08 8.18
N ASP D 1085 -22.62 -1.04 8.11
CA ASP D 1085 -23.60 -1.26 7.06
C ASP D 1085 -25.06 -1.28 7.51
N ASP D 1086 -25.34 -1.40 8.81
CA ASP D 1086 -26.71 -1.46 9.28
C ASP D 1086 -27.30 -0.05 9.25
N THR D 1087 -28.13 0.22 8.24
CA THR D 1087 -28.72 1.55 8.12
C THR D 1087 -29.49 1.93 9.38
N VAL D 1088 -30.21 0.98 9.97
CA VAL D 1088 -30.94 1.26 11.20
C VAL D 1088 -30.13 0.91 12.44
N GLY D 1089 -29.20 -0.04 12.33
CA GLY D 1089 -28.45 -0.46 13.49
C GLY D 1089 -27.47 0.59 13.98
N ARG D 1090 -26.77 1.24 13.05
CA ARG D 1090 -25.77 2.22 13.45
C ARG D 1090 -26.40 3.46 14.06
N VAL D 1091 -27.60 3.82 13.63
CA VAL D 1091 -28.26 4.98 14.21
C VAL D 1091 -28.87 4.66 15.56
N LYS D 1092 -29.33 3.42 15.75
CA LYS D 1092 -29.89 3.05 17.05
C LYS D 1092 -28.81 2.90 18.12
N VAL D 1093 -27.63 2.41 17.73
CA VAL D 1093 -26.55 2.28 18.71
C VAL D 1093 -26.11 3.65 19.20
N TYR D 1094 -26.05 4.64 18.30
CA TYR D 1094 -25.75 6.00 18.72
C TYR D 1094 -26.80 6.50 19.71
N GLU D 1095 -28.08 6.25 19.42
CA GLU D 1095 -29.13 6.61 20.36
C GLU D 1095 -28.95 5.89 21.69
N ALA D 1096 -28.49 4.65 21.65
CA ALA D 1096 -28.29 3.89 22.88
C ALA D 1096 -27.12 4.44 23.69
N ILE D 1097 -26.02 4.78 23.02
CA ILE D 1097 -24.86 5.32 23.74
C ILE D 1097 -25.21 6.62 24.42
N VAL D 1098 -25.92 7.50 23.72
CA VAL D 1098 -26.28 8.80 24.29
C VAL D 1098 -27.22 8.61 25.47
N LYS D 1099 -28.25 7.78 25.30
CA LYS D 1099 -29.15 7.49 26.40
C LYS D 1099 -28.54 6.58 27.46
N GLY D 1100 -27.35 6.04 27.20
CA GLY D 1100 -26.71 5.17 28.17
C GLY D 1100 -27.36 3.81 28.30
N GLU D 1101 -28.11 3.37 27.29
CA GLU D 1101 -28.77 2.07 27.33
C GLU D 1101 -27.86 0.98 26.78
N ASN D 1102 -28.33 -0.27 26.86
CA ASN D 1102 -27.63 -1.36 26.23
C ASN D 1102 -27.59 -1.17 24.72
N ILE D 1103 -26.60 -1.77 24.08
CA ILE D 1103 -26.44 -1.66 22.63
C ILE D 1103 -27.33 -2.68 21.96
N PRO D 1104 -28.03 -2.31 20.89
CA PRO D 1104 -29.08 -3.17 20.34
C PRO D 1104 -28.53 -4.35 19.56
N GLU D 1105 -29.44 -5.27 19.25
CA GLU D 1105 -29.08 -6.42 18.43
C GLU D 1105 -28.93 -5.99 16.97
N PRO D 1106 -27.89 -6.44 16.29
CA PRO D 1106 -27.65 -5.97 14.92
C PRO D 1106 -28.71 -6.48 13.94
N GLY D 1107 -28.79 -5.80 12.82
CA GLY D 1107 -29.70 -6.14 11.74
C GLY D 1107 -29.00 -6.86 10.60
N ILE D 1108 -29.49 -6.63 9.39
CA ILE D 1108 -28.96 -7.27 8.19
C ILE D 1108 -27.99 -6.29 7.53
N PRO D 1109 -26.75 -6.70 7.24
CA PRO D 1109 -25.83 -5.78 6.56
C PRO D 1109 -26.37 -5.38 5.20
N GLU D 1110 -26.38 -4.07 4.94
CA GLU D 1110 -26.84 -3.60 3.63
C GLU D 1110 -26.04 -4.24 2.50
N SER D 1111 -24.75 -4.51 2.74
CA SER D 1111 -23.94 -5.18 1.73
C SER D 1111 -24.58 -6.50 1.29
N PHE D 1112 -25.08 -7.28 2.24
CA PHE D 1112 -25.72 -8.54 1.89
C PHE D 1112 -26.97 -8.32 1.05
N LYS D 1113 -27.84 -7.40 1.48
CA LYS D 1113 -29.04 -7.13 0.70
C LYS D 1113 -28.69 -6.67 -0.72
N VAL D 1114 -27.68 -5.82 -0.86
CA VAL D 1114 -27.22 -5.43 -2.18
C VAL D 1114 -26.75 -6.65 -2.96
N LEU D 1115 -26.13 -7.61 -2.28
CA LEU D 1115 -25.68 -8.83 -2.95
C LEU D 1115 -26.84 -9.60 -3.53
N LEU D 1116 -27.93 -9.73 -2.76
CA LEU D 1116 -29.11 -10.45 -3.26
C LEU D 1116 -29.65 -9.79 -4.53
N LYS D 1117 -29.74 -8.46 -4.52
CA LYS D 1117 -30.26 -7.77 -5.71
C LYS D 1117 -29.34 -7.96 -6.90
N GLU D 1118 -28.03 -7.92 -6.67
CA GLU D 1118 -27.08 -8.10 -7.77
C GLU D 1118 -27.18 -9.50 -8.36
N LEU D 1119 -27.50 -10.50 -7.55
CA LEU D 1119 -27.73 -11.84 -8.08
C LEU D 1119 -29.02 -11.91 -8.87
N GLN D 1120 -30.09 -11.28 -8.37
CA GLN D 1120 -31.33 -11.22 -9.12
C GLN D 1120 -31.12 -10.60 -10.50
N SER D 1121 -30.35 -9.52 -10.55
CA SER D 1121 -30.08 -8.85 -11.83
C SER D 1121 -29.38 -9.77 -12.82
N LEU D 1122 -28.72 -10.82 -12.33
CA LEU D 1122 -28.11 -11.82 -13.19
C LEU D 1122 -29.06 -12.95 -13.55
N CYS D 1123 -30.36 -12.78 -13.31
CA CYS D 1123 -31.35 -13.82 -13.57
C CYS D 1123 -31.14 -15.04 -12.67
N LEU D 1124 -30.60 -14.80 -11.48
CA LEU D 1124 -30.44 -15.83 -10.46
C LEU D 1124 -31.48 -15.60 -9.37
N ASN D 1125 -32.40 -16.55 -9.22
CA ASN D 1125 -33.45 -16.45 -8.22
C ASN D 1125 -32.91 -16.98 -6.90
N VAL D 1126 -32.52 -16.07 -6.01
CA VAL D 1126 -32.06 -16.41 -4.67
C VAL D 1126 -33.19 -16.11 -3.69
N GLU D 1127 -33.47 -17.07 -2.81
CA GLU D 1127 -34.54 -16.94 -1.82
C GLU D 1127 -33.98 -17.26 -0.45
N VAL D 1128 -34.07 -16.31 0.47
CA VAL D 1128 -33.80 -16.60 1.88
C VAL D 1128 -34.96 -17.41 2.44
N LEU D 1129 -34.64 -18.48 3.17
CA LEU D 1129 -35.65 -19.43 3.61
C LEU D 1129 -35.52 -19.69 5.10
N SER D 1130 -36.66 -19.80 5.77
CA SER D 1130 -36.72 -20.15 7.18
C SER D 1130 -36.90 -21.67 7.31
N SER D 1131 -37.11 -22.15 8.54
CA SER D 1131 -37.36 -23.57 8.74
C SER D 1131 -38.59 -24.02 7.98
N ASP D 1132 -39.64 -23.19 7.95
CA ASP D 1132 -40.87 -23.56 7.26
C ASP D 1132 -40.67 -23.73 5.76
N GLY D 1133 -39.60 -23.18 5.20
CA GLY D 1133 -39.43 -23.16 3.77
C GLY D 1133 -40.15 -22.03 3.07
N ALA D 1134 -40.64 -21.04 3.82
CA ALA D 1134 -41.33 -19.91 3.24
C ALA D 1134 -40.35 -18.79 2.91
N ALA D 1135 -40.57 -18.15 1.76
CA ALA D 1135 -39.74 -17.01 1.39
C ALA D 1135 -39.94 -15.87 2.38
N ILE D 1136 -38.92 -15.03 2.50
CA ILE D 1136 -38.93 -13.90 3.42
C ILE D 1136 -38.65 -12.63 2.65
N GLU D 1137 -39.53 -11.64 2.80
CA GLU D 1137 -39.35 -10.36 2.12
C GLU D 1137 -38.19 -9.60 2.75
N MET D 1138 -37.17 -9.32 1.95
CA MET D 1138 -36.00 -8.57 2.39
C MET D 1138 -36.29 -7.08 2.19
N ARG D 1139 -36.86 -6.46 3.22
CA ARG D 1139 -37.18 -5.03 3.17
C ARG D 1139 -37.19 -4.43 4.57
N ASP E 3 -37.29 -7.80 9.50
CA ASP E 3 -35.90 -7.96 9.94
C ASP E 3 -35.78 -9.05 10.99
N VAL E 4 -35.75 -10.31 10.54
CA VAL E 4 -35.67 -11.44 11.45
C VAL E 4 -34.25 -11.62 11.95
N ASN E 5 -33.29 -11.72 11.04
CA ASN E 5 -31.87 -11.91 11.30
C ASN E 5 -31.54 -13.35 11.65
N PHE E 6 -32.52 -14.24 11.77
CA PHE E 6 -32.29 -15.65 12.06
C PHE E 6 -33.19 -16.47 11.12
N PHE E 7 -32.66 -16.79 9.94
CA PHE E 7 -33.35 -17.64 8.98
C PHE E 7 -32.45 -18.81 8.61
N ASP E 8 -33.08 -19.92 8.21
CA ASP E 8 -32.39 -21.20 8.14
C ASP E 8 -31.58 -21.35 6.85
N GLU E 9 -32.26 -21.35 5.69
CA GLU E 9 -31.64 -21.74 4.43
C GLU E 9 -31.49 -20.56 3.48
N LEU E 10 -30.57 -20.71 2.54
CA LEU E 10 -30.40 -19.80 1.41
C LEU E 10 -30.34 -20.64 0.13
N ARG E 11 -31.27 -20.39 -0.78
CA ARG E 11 -31.45 -21.22 -1.97
C ARG E 11 -31.34 -20.37 -3.22
N ILE E 12 -30.79 -20.97 -4.28
CA ILE E 12 -30.58 -20.29 -5.55
C ILE E 12 -31.05 -21.21 -6.67
N GLY E 13 -31.56 -20.59 -7.74
CA GLY E 13 -32.04 -21.35 -8.88
C GLY E 13 -32.25 -20.44 -10.08
N LEU E 14 -32.47 -21.09 -11.23
CA LEU E 14 -32.71 -20.34 -12.46
C LEU E 14 -33.98 -19.51 -12.34
N ALA E 15 -33.88 -18.24 -12.72
CA ALA E 15 -35.01 -17.32 -12.68
C ALA E 15 -35.76 -17.41 -14.00
N THR E 16 -36.97 -17.96 -13.96
CA THR E 16 -37.80 -18.05 -15.15
C THR E 16 -38.23 -16.64 -15.59
N ALA E 17 -38.74 -16.56 -16.82
CA ALA E 17 -39.27 -15.29 -17.30
C ALA E 17 -40.40 -14.79 -16.41
N ASP E 18 -41.19 -15.69 -15.84
CA ASP E 18 -42.27 -15.27 -14.94
C ASP E 18 -41.72 -14.73 -13.63
N ASP E 19 -40.65 -15.36 -13.11
CA ASP E 19 -40.02 -14.84 -11.90
C ASP E 19 -39.53 -13.42 -12.12
N ILE E 20 -38.77 -13.19 -13.19
CA ILE E 20 -38.33 -11.84 -13.53
C ILE E 20 -39.55 -10.95 -13.77
N ARG E 21 -40.50 -11.43 -14.57
CA ARG E 21 -41.73 -10.70 -14.81
C ARG E 21 -42.41 -10.31 -13.50
N ASN E 22 -42.41 -11.22 -12.52
CA ASN E 22 -43.10 -10.97 -11.27
C ASN E 22 -42.36 -9.93 -10.42
N TRP E 23 -41.05 -10.09 -10.25
CA TRP E 23 -40.27 -9.18 -9.43
C TRP E 23 -40.51 -7.72 -9.83
N SER E 24 -40.45 -7.44 -11.13
CA SER E 24 -40.39 -6.07 -11.61
C SER E 24 -41.64 -5.29 -11.21
N TYR E 25 -41.41 -4.05 -10.75
CA TYR E 25 -42.48 -3.10 -10.48
C TYR E 25 -42.87 -2.30 -11.72
N GLY E 26 -42.49 -2.76 -12.90
CA GLY E 26 -42.82 -2.10 -14.14
C GLY E 26 -41.77 -2.36 -15.20
N GLU E 27 -42.19 -2.22 -16.45
CA GLU E 27 -41.29 -2.41 -17.59
C GLU E 27 -40.72 -1.05 -18.01
N VAL E 28 -39.41 -0.91 -17.94
CA VAL E 28 -38.74 0.29 -18.44
C VAL E 28 -38.76 0.25 -19.97
N LYS E 29 -39.33 1.29 -20.58
CA LYS E 29 -39.60 1.29 -22.01
C LYS E 29 -38.68 2.19 -22.81
N LYS E 30 -38.01 3.16 -22.18
CA LYS E 30 -37.18 4.11 -22.90
C LYS E 30 -35.74 4.09 -22.38
N PRO E 31 -34.76 4.34 -23.28
CA PRO E 31 -33.36 4.46 -22.88
C PRO E 31 -33.00 5.87 -22.40
N GLU E 32 -33.88 6.45 -21.57
CA GLU E 32 -33.72 7.81 -21.07
C GLU E 32 -33.42 7.75 -19.59
N THR E 33 -32.43 8.53 -19.15
CA THR E 33 -32.04 8.59 -17.74
C THR E 33 -32.74 9.72 -17.00
N ILE E 34 -32.51 10.96 -17.43
CA ILE E 34 -33.08 12.13 -16.78
C ILE E 34 -33.20 13.25 -17.80
N ASN E 35 -34.17 14.14 -17.57
CA ASN E 35 -34.32 15.31 -18.42
C ASN E 35 -33.04 16.14 -18.37
N TYR E 36 -32.68 16.73 -19.51
CA TYR E 36 -31.42 17.48 -19.58
C TYR E 36 -31.53 18.87 -18.98
N ARG E 37 -32.72 19.45 -18.91
CA ARG E 37 -32.91 20.75 -18.28
C ARG E 37 -33.35 20.62 -16.82
N THR E 38 -34.49 19.97 -16.57
CA THR E 38 -34.97 19.79 -15.21
C THR E 38 -34.12 18.83 -14.41
N LEU E 39 -33.40 17.92 -15.07
CA LEU E 39 -32.53 16.98 -14.39
C LEU E 39 -33.37 15.96 -13.63
N LYS E 40 -34.70 16.06 -13.72
CA LYS E 40 -35.55 15.09 -13.05
C LYS E 40 -35.68 13.81 -13.87
N PRO E 41 -36.01 12.70 -13.23
CA PRO E 41 -36.08 11.41 -13.95
C PRO E 41 -37.12 11.46 -15.06
N GLU E 42 -36.76 10.88 -16.20
CA GLU E 42 -37.69 10.79 -17.33
C GLU E 42 -38.64 9.61 -17.14
N LYS E 43 -39.92 9.85 -17.42
CA LYS E 43 -40.92 8.81 -17.26
C LYS E 43 -40.71 7.68 -18.27
N ASP E 44 -41.05 6.46 -17.84
CA ASP E 44 -40.85 5.21 -18.59
C ASP E 44 -39.38 4.91 -18.83
N GLY E 45 -38.47 5.72 -18.31
CA GLY E 45 -37.04 5.56 -18.50
C GLY E 45 -36.39 4.75 -17.40
N LEU E 46 -35.06 4.88 -17.30
CA LEU E 46 -34.27 4.04 -16.40
C LEU E 46 -34.39 4.46 -14.93
N PHE E 47 -34.72 5.72 -14.65
CA PHE E 47 -34.92 6.19 -13.29
C PHE E 47 -36.36 6.60 -13.03
N CYS E 48 -37.29 6.17 -13.89
CA CYS E 48 -38.69 6.54 -13.76
C CYS E 48 -39.21 6.28 -12.35
N GLU E 49 -39.63 7.35 -11.67
CA GLU E 49 -40.17 7.19 -10.33
C GLU E 49 -41.43 6.33 -10.33
N LYS E 50 -42.15 6.29 -11.45
CA LYS E 50 -43.40 5.55 -11.52
C LYS E 50 -43.19 4.08 -11.15
N ILE E 51 -42.02 3.52 -11.47
CA ILE E 51 -41.76 2.10 -11.27
C ILE E 51 -40.76 1.87 -10.15
N PHE E 52 -39.66 2.63 -10.13
CA PHE E 52 -38.58 2.33 -9.20
C PHE E 52 -38.85 2.92 -7.81
N GLY E 53 -39.41 4.12 -7.74
CA GLY E 53 -39.74 4.72 -6.47
C GLY E 53 -39.52 6.21 -6.42
N PRO E 54 -40.01 6.86 -5.35
CA PRO E 54 -39.86 8.31 -5.24
C PRO E 54 -38.43 8.72 -4.99
N THR E 55 -38.08 9.91 -5.46
CA THR E 55 -36.74 10.46 -5.27
C THR E 55 -36.60 11.06 -3.87
N LYS E 86 -36.18 5.00 0.64
CA LYS E 86 -35.36 3.80 0.76
C LYS E 86 -35.76 2.76 -0.29
N VAL E 87 -36.99 2.87 -0.80
CA VAL E 87 -37.50 1.88 -1.75
C VAL E 87 -36.81 2.01 -3.11
N ARG E 88 -36.23 3.16 -3.43
CA ARG E 88 -35.47 3.29 -4.67
C ARG E 88 -34.28 2.34 -4.73
N ARG E 89 -33.90 1.75 -3.59
CA ARG E 89 -32.86 0.73 -3.54
C ARG E 89 -33.44 -0.68 -3.58
N GLU E 90 -34.75 -0.83 -3.40
CA GLU E 90 -35.39 -2.14 -3.28
C GLU E 90 -36.13 -2.57 -4.55
N ARG E 91 -36.79 -1.64 -5.23
CA ARG E 91 -37.60 -1.99 -6.39
C ARG E 91 -36.73 -2.31 -7.60
N MET E 92 -37.21 -3.22 -8.44
CA MET E 92 -36.57 -3.60 -9.68
C MET E 92 -37.53 -3.42 -10.85
N GLY E 93 -36.95 -3.33 -12.05
CA GLY E 93 -37.70 -3.28 -13.28
C GLY E 93 -37.37 -4.47 -14.17
N HIS E 94 -38.04 -4.52 -15.31
CA HIS E 94 -37.79 -5.56 -16.29
C HIS E 94 -37.97 -4.99 -17.69
N ILE E 95 -37.31 -5.62 -18.65
CA ILE E 95 -37.43 -5.27 -20.06
C ILE E 95 -37.98 -6.46 -20.80
N GLU E 96 -39.08 -6.25 -21.53
CA GLU E 96 -39.69 -7.30 -22.32
C GLU E 96 -39.05 -7.34 -23.70
N LEU E 97 -38.43 -8.46 -24.04
CA LEU E 97 -37.65 -8.60 -25.27
C LEU E 97 -38.55 -9.01 -26.43
N ALA E 98 -38.37 -8.34 -27.56
CA ALA E 98 -39.11 -8.68 -28.77
C ALA E 98 -38.62 -9.99 -29.41
N ALA E 99 -37.51 -10.54 -28.92
CA ALA E 99 -36.96 -11.79 -29.40
C ALA E 99 -36.24 -12.45 -28.24
N PRO E 100 -36.37 -13.77 -28.08
CA PRO E 100 -35.69 -14.45 -26.97
C PRO E 100 -34.19 -14.23 -27.00
N VAL E 101 -33.55 -14.52 -25.88
CA VAL E 101 -32.11 -14.30 -25.72
C VAL E 101 -31.56 -15.36 -24.78
N THR E 102 -30.37 -15.87 -25.10
CA THR E 102 -29.71 -16.86 -24.28
C THR E 102 -28.85 -16.17 -23.22
N HIS E 103 -28.92 -16.70 -21.99
CA HIS E 103 -28.05 -16.20 -20.92
C HIS E 103 -26.61 -16.61 -21.21
N ILE E 104 -25.74 -15.61 -21.37
CA ILE E 104 -24.37 -15.89 -21.80
C ILE E 104 -23.66 -16.82 -20.82
N TRP E 105 -24.07 -16.81 -19.56
CA TRP E 105 -23.43 -17.66 -18.57
C TRP E 105 -23.57 -19.13 -18.91
N TYR E 106 -24.76 -19.54 -19.37
CA TYR E 106 -25.02 -20.95 -19.62
C TYR E 106 -24.55 -21.41 -21.00
N PHE E 107 -24.28 -20.49 -21.92
CA PHE E 107 -23.79 -20.85 -23.25
C PHE E 107 -22.27 -20.81 -23.32
N LYS E 108 -21.65 -19.74 -22.82
CA LYS E 108 -20.21 -19.55 -22.95
C LYS E 108 -19.43 -20.11 -21.77
N GLY E 109 -20.07 -20.30 -20.63
CA GLY E 109 -19.38 -20.93 -19.51
C GLY E 109 -18.90 -22.32 -19.89
N VAL E 110 -17.67 -22.65 -19.46
CA VAL E 110 -17.01 -23.90 -19.82
C VAL E 110 -17.16 -24.87 -18.65
N PRO E 111 -17.70 -26.08 -18.87
CA PRO E 111 -18.19 -26.51 -20.18
C PRO E 111 -19.57 -25.94 -20.50
N SER E 112 -19.90 -25.81 -21.78
CA SER E 112 -21.17 -25.23 -22.19
C SER E 112 -22.35 -25.99 -21.60
N ARG E 113 -23.10 -25.35 -20.72
CA ARG E 113 -24.25 -26.00 -20.11
C ARG E 113 -25.30 -26.35 -21.16
N LEU E 114 -25.60 -25.41 -22.05
CA LEU E 114 -26.49 -25.70 -23.18
C LEU E 114 -25.89 -26.77 -24.08
N GLY E 115 -24.59 -26.66 -24.37
CA GLY E 115 -23.96 -27.62 -25.24
C GLY E 115 -24.05 -29.05 -24.73
N TYR E 116 -23.99 -29.23 -23.41
CA TYR E 116 -24.14 -30.55 -22.84
C TYR E 116 -25.60 -30.95 -22.64
N LEU E 117 -26.51 -29.99 -22.58
CA LEU E 117 -27.92 -30.31 -22.37
C LEU E 117 -28.59 -30.79 -23.65
N LEU E 118 -28.26 -30.16 -24.78
CA LEU E 118 -28.77 -30.58 -26.08
C LEU E 118 -27.77 -31.41 -26.86
N ASP E 119 -26.58 -31.65 -26.31
CA ASP E 119 -25.53 -32.40 -26.99
C ASP E 119 -25.13 -31.70 -28.30
N LEU E 120 -24.83 -30.41 -28.20
CA LEU E 120 -24.37 -29.61 -29.32
C LEU E 120 -22.95 -29.14 -29.05
N ALA E 121 -22.07 -29.30 -30.03
CA ALA E 121 -20.71 -28.80 -29.89
C ALA E 121 -20.76 -27.30 -29.60
N PRO E 122 -20.03 -26.83 -28.59
CA PRO E 122 -20.07 -25.38 -28.28
C PRO E 122 -19.80 -24.50 -29.49
N LYS E 123 -18.83 -24.86 -30.33
CA LYS E 123 -18.60 -24.09 -31.54
C LYS E 123 -19.81 -24.10 -32.46
N ASP E 124 -20.56 -25.21 -32.47
CA ASP E 124 -21.80 -25.25 -33.23
C ASP E 124 -22.86 -24.36 -32.60
N LEU E 125 -23.04 -24.45 -31.28
CA LEU E 125 -24.07 -23.67 -30.62
C LEU E 125 -23.84 -22.18 -30.82
N GLU E 126 -22.57 -21.75 -30.84
CA GLU E 126 -22.27 -20.34 -31.09
C GLU E 126 -22.81 -19.90 -32.45
N LYS E 127 -22.76 -20.81 -33.44
CA LYS E 127 -23.25 -20.46 -34.77
C LYS E 127 -24.76 -20.31 -34.81
N ILE E 128 -25.47 -21.00 -33.92
CA ILE E 128 -26.93 -20.92 -33.91
C ILE E 128 -27.39 -19.67 -33.17
N ILE E 129 -26.98 -19.54 -31.90
CA ILE E 129 -27.47 -18.44 -31.07
C ILE E 129 -27.19 -17.10 -31.72
N TYR E 130 -26.01 -16.93 -32.32
CA TYR E 130 -25.60 -15.66 -32.88
C TYR E 130 -25.76 -15.61 -34.40
N PHE E 131 -26.68 -16.41 -34.94
CA PHE E 131 -27.20 -16.23 -36.30
C PHE E 131 -26.12 -16.46 -37.36
N ALA E 132 -25.36 -17.56 -37.21
CA ALA E 132 -24.37 -17.95 -38.19
C ALA E 132 -24.77 -19.20 -38.97
N ALA E 133 -25.78 -19.93 -38.52
CA ALA E 133 -26.19 -21.15 -39.19
C ALA E 133 -27.60 -21.52 -38.73
N TYR E 134 -28.34 -22.18 -39.62
CA TYR E 134 -29.68 -22.64 -39.31
C TYR E 134 -29.63 -23.94 -38.51
N VAL E 135 -30.77 -24.31 -37.93
CA VAL E 135 -30.91 -25.55 -37.18
C VAL E 135 -32.29 -26.12 -37.44
N ILE E 136 -32.36 -27.44 -37.53
CA ILE E 136 -33.62 -28.13 -37.79
C ILE E 136 -34.38 -28.23 -36.46
N THR E 137 -35.50 -27.54 -36.36
CA THR E 137 -36.31 -27.57 -35.15
C THR E 137 -37.33 -28.70 -35.15
N SER E 138 -37.85 -29.07 -36.31
CA SER E 138 -38.87 -30.11 -36.39
C SER E 138 -38.83 -30.76 -37.77
N VAL E 139 -39.32 -31.99 -37.85
CA VAL E 139 -39.42 -32.73 -39.10
C VAL E 139 -40.61 -33.65 -39.02
N ASP E 140 -41.32 -33.80 -40.14
CA ASP E 140 -42.49 -34.66 -40.23
C ASP E 140 -42.06 -36.00 -40.82
N ASP E 141 -41.99 -37.02 -39.97
CA ASP E 141 -41.47 -38.32 -40.42
C ASP E 141 -42.45 -39.02 -41.36
N GLU E 142 -43.74 -39.03 -41.00
CA GLU E 142 -44.72 -39.71 -41.85
C GLU E 142 -44.75 -39.09 -43.25
N MET E 143 -44.88 -37.77 -43.33
CA MET E 143 -44.96 -37.12 -44.63
C MET E 143 -43.71 -37.37 -45.46
N ARG E 144 -42.54 -37.36 -44.82
CA ARG E 144 -41.32 -37.66 -45.55
C ARG E 144 -41.32 -39.09 -46.07
N HIS E 145 -41.82 -40.03 -45.26
CA HIS E 145 -41.82 -41.43 -45.66
C HIS E 145 -42.89 -41.71 -46.72
N ASN E 146 -44.11 -41.21 -46.50
CA ASN E 146 -45.21 -41.51 -47.41
C ASN E 146 -44.90 -41.04 -48.83
N GLU E 147 -44.35 -39.83 -48.97
CA GLU E 147 -44.07 -39.25 -50.27
C GLU E 147 -42.62 -39.43 -50.70
N LEU E 148 -41.85 -40.25 -49.97
CA LEU E 148 -40.43 -40.41 -50.29
C LEU E 148 -40.25 -40.99 -51.69
N SER E 149 -41.05 -41.99 -52.05
CA SER E 149 -40.94 -42.61 -53.37
C SER E 149 -41.03 -41.56 -54.48
N THR E 150 -42.01 -40.66 -54.37
CA THR E 150 -42.22 -39.66 -55.42
C THR E 150 -41.04 -38.70 -55.51
N LEU E 151 -40.57 -38.19 -54.36
CA LEU E 151 -39.45 -37.26 -54.36
C LEU E 151 -38.22 -37.90 -54.97
N GLU E 152 -37.90 -39.13 -54.56
CA GLU E 152 -36.75 -39.83 -55.12
C GLU E 152 -36.85 -39.91 -56.65
N ALA E 153 -38.06 -40.11 -57.16
CA ALA E 153 -38.25 -40.16 -58.61
C ALA E 153 -37.99 -38.79 -59.25
N GLU E 154 -38.70 -37.77 -58.79
CA GLU E 154 -38.49 -36.43 -59.32
C GLU E 154 -37.03 -35.99 -59.20
N MET E 155 -36.35 -36.44 -58.15
CA MET E 155 -34.96 -36.06 -57.95
C MET E 155 -34.08 -36.65 -59.05
N ALA E 156 -34.15 -37.97 -59.24
CA ALA E 156 -33.33 -38.61 -60.27
C ALA E 156 -33.61 -38.05 -61.65
N VAL E 157 -34.87 -37.73 -61.93
CA VAL E 157 -35.22 -37.17 -63.25
C VAL E 157 -34.54 -35.82 -63.44
N GLU E 158 -34.56 -34.98 -62.41
CA GLU E 158 -33.85 -33.71 -62.49
C GLU E 158 -32.34 -33.94 -62.63
N LYS E 159 -31.80 -34.87 -61.82
CA LYS E 159 -30.39 -35.19 -61.92
C LYS E 159 -30.05 -35.73 -63.30
N LYS E 160 -30.92 -36.58 -63.86
CA LYS E 160 -30.70 -37.08 -65.22
C LYS E 160 -30.81 -35.96 -66.24
N ALA E 161 -31.78 -35.05 -66.07
CA ALA E 161 -31.91 -33.93 -66.99
C ALA E 161 -30.63 -33.12 -67.05
N VAL E 162 -29.95 -32.95 -65.92
CA VAL E 162 -28.67 -32.26 -65.91
C VAL E 162 -27.61 -33.09 -66.60
N GLU E 163 -27.65 -34.42 -66.42
CA GLU E 163 -26.66 -35.29 -67.05
C GLU E 163 -26.79 -35.26 -68.57
N ASP E 164 -28.02 -35.31 -69.08
CA ASP E 164 -28.21 -35.24 -70.52
C ASP E 164 -27.62 -33.96 -71.11
N GLN E 165 -27.82 -32.83 -70.41
CA GLN E 165 -27.27 -31.56 -70.88
C GLN E 165 -25.74 -31.63 -70.92
N ARG E 166 -25.12 -32.13 -69.86
CA ARG E 166 -23.67 -32.25 -69.80
C ARG E 166 -23.13 -32.95 -71.04
N ASP E 167 -23.57 -34.19 -71.26
CA ASP E 167 -23.09 -34.95 -72.41
C ASP E 167 -23.46 -34.25 -73.72
N ALA E 168 -24.63 -33.62 -73.77
CA ALA E 168 -25.04 -32.91 -74.98
C ALA E 168 -24.14 -31.71 -75.26
N ASP E 169 -23.77 -30.97 -74.22
CA ASP E 169 -22.90 -29.82 -74.43
C ASP E 169 -21.48 -30.25 -74.79
N LEU E 170 -21.00 -31.34 -74.20
CA LEU E 170 -19.64 -31.78 -74.44
C LEU E 170 -19.45 -32.24 -75.88
N GLU E 171 -20.41 -33.00 -76.42
CA GLU E 171 -20.27 -33.50 -77.78
C GLU E 171 -20.30 -32.37 -78.80
N ALA E 172 -21.19 -31.39 -78.59
CA ALA E 172 -21.22 -30.24 -79.50
C ALA E 172 -19.90 -29.49 -79.47
N ARG E 173 -19.29 -29.38 -78.28
CA ARG E 173 -18.00 -28.70 -78.18
C ARG E 173 -16.89 -29.49 -78.85
N ALA E 174 -16.90 -30.82 -78.69
CA ALA E 174 -15.88 -31.64 -79.32
C ALA E 174 -16.02 -31.64 -80.84
N GLN E 175 -17.25 -31.58 -81.35
CA GLN E 175 -17.42 -31.42 -82.80
C GLN E 175 -16.89 -30.06 -83.26
N LYS E 176 -17.11 -29.02 -82.46
CA LYS E 176 -16.53 -27.72 -82.79
C LYS E 176 -15.01 -27.79 -82.81
N LEU E 177 -14.41 -28.50 -81.86
CA LEU E 177 -12.97 -28.68 -81.85
C LEU E 177 -12.49 -29.35 -83.14
N GLU E 178 -13.08 -30.49 -83.47
CA GLU E 178 -12.68 -31.20 -84.68
C GLU E 178 -12.84 -30.32 -85.92
N ALA E 179 -13.89 -29.49 -85.95
CA ALA E 179 -14.08 -28.58 -87.08
C ALA E 179 -13.00 -27.52 -87.12
N ASP E 180 -12.65 -26.95 -85.96
CA ASP E 180 -11.65 -25.89 -85.93
C ASP E 180 -10.27 -26.42 -86.30
N LEU E 181 -9.86 -27.53 -85.68
CA LEU E 181 -8.58 -28.13 -86.02
C LEU E 181 -8.55 -28.59 -87.48
N ALA E 182 -9.72 -28.84 -88.08
CA ALA E 182 -9.77 -29.17 -89.50
C ALA E 182 -9.48 -27.95 -90.37
N GLU E 183 -10.06 -26.80 -90.01
CA GLU E 183 -9.72 -25.56 -90.70
C GLU E 183 -8.22 -25.31 -90.67
N LEU E 184 -7.58 -25.58 -89.53
CA LEU E 184 -6.14 -25.41 -89.43
C LEU E 184 -5.39 -26.43 -90.30
N GLU E 185 -5.96 -27.62 -90.48
CA GLU E 185 -5.36 -28.59 -91.38
C GLU E 185 -5.42 -28.11 -92.83
N ALA E 186 -6.56 -27.56 -93.23
CA ALA E 186 -6.67 -26.98 -94.57
C ALA E 186 -5.81 -25.73 -94.70
N GLU E 187 -5.89 -24.84 -93.72
CA GLU E 187 -5.01 -23.68 -93.68
C GLU E 187 -3.59 -24.10 -93.34
N GLY E 188 -2.69 -23.12 -93.30
CA GLY E 188 -1.34 -23.40 -92.83
C GLY E 188 -1.36 -23.87 -91.38
N ALA E 189 -0.57 -24.90 -91.09
CA ALA E 189 -0.61 -25.55 -89.79
C ALA E 189 0.79 -25.66 -89.21
N LYS E 190 0.93 -25.26 -87.95
CA LYS E 190 2.16 -25.46 -87.19
C LYS E 190 1.89 -26.46 -86.06
N SER E 191 2.84 -27.36 -85.83
CA SER E 191 2.64 -28.39 -84.82
C SER E 191 2.40 -27.78 -83.44
N ASP E 192 2.98 -26.62 -83.17
CA ASP E 192 2.81 -26.00 -81.86
C ASP E 192 1.54 -25.16 -81.80
N VAL E 193 1.20 -24.48 -82.90
CA VAL E 193 -0.02 -23.67 -82.93
C VAL E 193 -1.25 -24.55 -82.74
N ARG E 194 -1.35 -25.62 -83.53
CA ARG E 194 -2.50 -26.53 -83.41
C ARG E 194 -2.60 -27.09 -81.99
N ARG E 195 -1.45 -27.35 -81.35
CA ARG E 195 -1.46 -27.95 -80.03
C ARG E 195 -2.10 -27.02 -79.00
N LYS E 196 -1.79 -25.72 -79.06
CA LYS E 196 -2.38 -24.80 -78.10
C LYS E 196 -3.88 -24.63 -78.36
N VAL E 197 -4.30 -24.63 -79.62
CA VAL E 197 -5.73 -24.66 -79.92
C VAL E 197 -6.35 -25.93 -79.35
N ARG E 198 -5.73 -27.08 -79.64
CA ARG E 198 -6.15 -28.33 -79.03
C ARG E 198 -6.14 -28.21 -77.51
N ASP E 199 -5.01 -27.78 -76.94
CA ASP E 199 -4.92 -27.62 -75.50
C ASP E 199 -5.98 -26.65 -74.98
N SER E 200 -6.32 -25.63 -75.77
CA SER E 200 -7.36 -24.69 -75.36
C SER E 200 -8.73 -25.36 -75.36
N GLY E 201 -9.00 -26.20 -76.36
CA GLY E 201 -10.28 -26.88 -76.42
C GLY E 201 -10.48 -27.85 -75.27
N GLU E 202 -9.45 -28.65 -74.97
CA GLU E 202 -9.54 -29.56 -73.83
C GLU E 202 -9.79 -28.81 -72.54
N ARG E 203 -9.22 -27.62 -72.40
CA ARG E 203 -9.44 -26.83 -71.19
C ARG E 203 -10.89 -26.41 -71.07
N GLU E 204 -11.47 -25.89 -72.15
CA GLU E 204 -12.88 -25.49 -72.11
C GLU E 204 -13.78 -26.69 -71.79
N MET E 205 -13.50 -27.84 -72.40
CA MET E 205 -14.30 -29.03 -72.11
C MET E 205 -14.19 -29.43 -70.63
N ARG E 206 -12.99 -29.34 -70.07
CA ARG E 206 -12.82 -29.64 -68.65
C ARG E 206 -13.63 -28.67 -67.79
N GLN E 207 -13.71 -27.41 -68.21
CA GLN E 207 -14.52 -26.44 -67.48
C GLN E 207 -15.99 -26.80 -67.53
N LEU E 208 -16.48 -27.25 -68.70
CA LEU E 208 -17.88 -27.61 -68.84
C LEU E 208 -18.24 -28.81 -67.97
N ARG E 209 -17.39 -29.85 -67.99
CA ARG E 209 -17.68 -31.03 -67.19
C ARG E 209 -17.61 -30.72 -65.70
N ASP E 210 -16.56 -30.01 -65.27
CA ASP E 210 -16.41 -29.71 -63.85
C ASP E 210 -17.61 -28.92 -63.33
N ARG E 211 -18.13 -27.99 -64.11
CA ARG E 211 -19.29 -27.22 -63.65
C ARG E 211 -20.53 -28.09 -63.56
N ALA E 212 -20.72 -28.98 -64.54
CA ALA E 212 -21.84 -29.91 -64.47
C ALA E 212 -21.69 -30.87 -63.29
N GLN E 213 -20.46 -31.27 -62.99
CA GLN E 213 -20.25 -32.14 -61.84
C GLN E 213 -20.59 -31.44 -60.53
N ARG E 214 -20.20 -30.17 -60.39
CA ARG E 214 -20.57 -29.40 -59.21
C ARG E 214 -22.08 -29.40 -59.03
N GLU E 215 -22.82 -29.14 -60.11
CA GLU E 215 -24.27 -29.14 -60.05
C GLU E 215 -24.80 -30.47 -59.54
N LEU E 216 -24.22 -31.58 -60.00
CA LEU E 216 -24.65 -32.89 -59.53
C LEU E 216 -24.29 -33.09 -58.05
N ASP E 217 -23.06 -32.73 -57.68
CA ASP E 217 -22.67 -32.85 -56.27
C ASP E 217 -23.60 -32.06 -55.37
N ARG E 218 -23.96 -30.84 -55.77
CA ARG E 218 -24.92 -30.06 -54.98
C ARG E 218 -26.26 -30.77 -54.91
N LEU E 219 -26.71 -31.35 -56.04
CA LEU E 219 -28.00 -32.04 -56.04
C LEU E 219 -27.98 -33.25 -55.12
N ASP E 220 -26.91 -34.05 -55.19
CA ASP E 220 -26.79 -35.17 -54.25
C ASP E 220 -26.74 -34.68 -52.81
N GLU E 221 -26.13 -33.52 -52.59
CA GLU E 221 -26.08 -32.96 -51.24
C GLU E 221 -27.47 -32.58 -50.74
N ILE E 222 -28.29 -32.02 -51.63
CA ILE E 222 -29.65 -31.66 -51.25
C ILE E 222 -30.44 -32.90 -50.85
N TRP E 223 -30.37 -33.95 -51.67
CA TRP E 223 -31.15 -35.15 -51.40
C TRP E 223 -30.65 -35.87 -50.14
N ASN E 224 -29.34 -36.02 -50.00
CA ASN E 224 -28.81 -36.67 -48.80
C ASN E 224 -29.19 -35.91 -47.55
N THR E 225 -29.08 -34.57 -47.57
CA THR E 225 -29.44 -33.78 -46.41
C THR E 225 -30.91 -33.95 -46.06
N PHE E 226 -31.77 -34.08 -47.07
CA PHE E 226 -33.20 -34.15 -46.83
C PHE E 226 -33.62 -35.51 -46.28
N THR E 227 -33.09 -36.60 -46.86
CA THR E 227 -33.46 -37.93 -46.36
C THR E 227 -33.03 -38.10 -44.91
N LYS E 228 -31.80 -37.72 -44.60
CA LYS E 228 -31.26 -37.84 -43.24
C LYS E 228 -31.58 -36.64 -42.37
N LEU E 229 -32.49 -35.78 -42.80
CA LEU E 229 -32.91 -34.62 -42.00
C LEU E 229 -33.39 -35.08 -40.63
N ALA E 230 -32.87 -34.43 -39.59
CA ALA E 230 -33.23 -34.77 -38.22
C ALA E 230 -33.16 -33.53 -37.35
N PRO E 231 -33.98 -33.43 -36.31
CA PRO E 231 -33.87 -32.31 -35.38
C PRO E 231 -32.47 -32.24 -34.78
N LYS E 232 -32.05 -31.01 -34.44
CA LYS E 232 -30.74 -30.69 -33.88
C LYS E 232 -29.66 -30.67 -34.94
N GLN E 233 -29.95 -31.05 -36.18
CA GLN E 233 -28.96 -30.96 -37.24
C GLN E 233 -28.68 -29.50 -37.59
N LEU E 234 -27.50 -29.27 -38.14
CA LEU E 234 -27.04 -27.92 -38.48
C LEU E 234 -26.91 -27.78 -39.99
N ILE E 235 -27.55 -26.76 -40.55
CA ILE E 235 -27.44 -26.45 -41.97
C ILE E 235 -26.70 -25.12 -42.12
N VAL E 236 -25.38 -25.18 -42.29
CA VAL E 236 -24.58 -23.97 -42.35
C VAL E 236 -24.69 -23.29 -43.71
N ASP E 237 -24.95 -24.05 -44.77
CA ASP E 237 -24.96 -23.50 -46.12
C ASP E 237 -26.25 -22.73 -46.35
N GLU E 238 -26.11 -21.45 -46.75
CA GLU E 238 -27.30 -20.62 -46.99
C GLU E 238 -28.10 -21.14 -48.17
N VAL E 239 -27.44 -21.37 -49.31
CA VAL E 239 -28.15 -21.80 -50.51
C VAL E 239 -28.81 -23.14 -50.29
N LEU E 240 -28.14 -24.05 -49.57
CA LEU E 240 -28.72 -25.37 -49.34
C LEU E 240 -30.00 -25.27 -48.53
N TYR E 241 -30.01 -24.44 -47.49
CA TYR E 241 -31.18 -24.34 -46.63
C TYR E 241 -32.41 -23.90 -47.40
N ARG E 242 -32.30 -22.79 -48.15
CA ARG E 242 -33.45 -22.31 -48.90
C ARG E 242 -33.79 -23.21 -50.07
N GLU E 243 -32.84 -24.02 -50.55
CA GLU E 243 -33.17 -25.07 -51.51
C GLU E 243 -34.04 -26.13 -50.83
N LEU E 244 -33.69 -26.50 -49.60
CA LEU E 244 -34.55 -27.39 -48.82
C LEU E 244 -35.88 -26.72 -48.46
N GLN E 245 -35.95 -25.39 -48.56
CA GLN E 245 -37.17 -24.69 -48.18
C GLN E 245 -38.19 -24.67 -49.31
N ASP E 246 -37.75 -24.28 -50.52
CA ASP E 246 -38.66 -24.24 -51.65
C ASP E 246 -39.27 -25.61 -51.91
N ARG E 247 -38.42 -26.61 -52.09
CA ARG E 247 -38.84 -28.01 -52.16
C ARG E 247 -38.54 -28.68 -50.82
N TYR E 248 -39.53 -29.37 -50.28
CA TYR E 248 -39.51 -30.07 -48.99
C TYR E 248 -39.76 -29.12 -47.82
N GLY E 249 -39.98 -27.82 -48.05
CA GLY E 249 -40.20 -26.90 -46.95
C GLY E 249 -41.41 -27.24 -46.09
N GLU E 250 -42.36 -28.00 -46.64
CA GLU E 250 -43.55 -28.38 -45.90
C GLU E 250 -43.35 -29.56 -44.97
N TYR E 251 -42.24 -30.30 -45.14
CA TYR E 251 -41.97 -31.49 -44.34
C TYR E 251 -41.22 -31.18 -43.04
N PHE E 252 -40.64 -29.99 -42.91
CA PHE E 252 -39.79 -29.69 -41.77
C PHE E 252 -39.91 -28.20 -41.44
N THR E 253 -39.24 -27.82 -40.35
CA THR E 253 -39.13 -26.42 -39.94
C THR E 253 -37.73 -26.17 -39.40
N GLY E 254 -37.25 -24.94 -39.60
CA GLY E 254 -35.95 -24.55 -39.10
C GLY E 254 -35.95 -23.08 -38.73
N ALA E 255 -34.98 -22.70 -37.90
CA ALA E 255 -34.91 -21.33 -37.41
C ALA E 255 -33.46 -21.03 -37.01
N MET E 256 -33.25 -19.81 -36.53
CA MET E 256 -31.96 -19.36 -36.03
C MET E 256 -32.14 -18.66 -34.70
N GLY E 257 -31.02 -18.37 -34.05
CA GLY E 257 -31.04 -17.56 -32.84
C GLY E 257 -31.67 -18.29 -31.66
N ALA E 258 -31.70 -17.57 -30.53
CA ALA E 258 -32.27 -18.13 -29.30
C ALA E 258 -33.70 -18.59 -29.51
N GLU E 259 -34.42 -18.01 -30.49
CA GLU E 259 -35.75 -18.49 -30.83
C GLU E 259 -35.73 -19.98 -31.12
N SER E 260 -34.74 -20.43 -31.88
CA SER E 260 -34.65 -21.86 -32.21
C SER E 260 -34.32 -22.70 -30.99
N ILE E 261 -33.42 -22.21 -30.13
CA ILE E 261 -33.06 -22.95 -28.93
C ILE E 261 -34.28 -23.14 -28.03
N LYS E 262 -35.07 -22.07 -27.86
CA LYS E 262 -36.28 -22.17 -27.04
C LYS E 262 -37.20 -23.27 -27.57
N LYS E 263 -37.27 -23.43 -28.89
CA LYS E 263 -38.09 -24.49 -29.45
C LYS E 263 -37.53 -25.86 -29.11
N LEU E 264 -36.22 -26.04 -29.23
CA LEU E 264 -35.61 -27.33 -28.95
C LEU E 264 -35.80 -27.71 -27.48
N ILE E 265 -35.70 -26.74 -26.58
CA ILE E 265 -35.95 -27.03 -25.17
C ILE E 265 -37.42 -27.38 -24.96
N GLU E 266 -38.32 -26.78 -25.75
CA GLU E 266 -39.74 -27.14 -25.66
C GLU E 266 -39.96 -28.59 -26.06
N ASN E 267 -39.37 -29.01 -27.18
CA ASN E 267 -39.46 -30.39 -27.64
C ASN E 267 -38.28 -31.19 -27.09
N PHE E 268 -38.32 -31.41 -25.78
CA PHE E 268 -37.24 -32.07 -25.06
C PHE E 268 -37.84 -33.00 -24.02
N ASP E 269 -37.83 -34.30 -24.30
CA ASP E 269 -38.23 -35.29 -23.31
C ASP E 269 -37.11 -35.42 -22.29
N ILE E 270 -37.19 -34.67 -21.19
CA ILE E 270 -36.16 -34.85 -20.18
C ILE E 270 -36.60 -35.94 -19.21
N ASP E 271 -36.69 -37.17 -19.71
CA ASP E 271 -36.44 -38.38 -18.96
C ASP E 271 -35.76 -39.40 -19.87
N ALA E 272 -36.20 -39.45 -21.13
CA ALA E 272 -35.69 -40.42 -22.08
C ALA E 272 -34.34 -39.99 -22.63
N GLU E 273 -34.17 -38.69 -22.90
CA GLU E 273 -32.84 -38.15 -23.14
C GLU E 273 -31.92 -38.51 -21.99
N ALA E 274 -32.46 -38.56 -20.77
CA ALA E 274 -31.64 -38.90 -19.61
C ALA E 274 -31.35 -40.39 -19.56
N GLU E 275 -32.39 -41.23 -19.72
CA GLU E 275 -32.20 -42.66 -19.56
C GLU E 275 -31.38 -43.25 -20.70
N SER E 276 -31.68 -42.85 -21.95
CA SER E 276 -30.84 -43.25 -23.06
C SER E 276 -29.40 -42.82 -22.83
N LEU E 277 -29.21 -41.61 -22.28
CA LEU E 277 -27.90 -41.19 -21.82
C LEU E 277 -27.42 -42.05 -20.66
N ARG E 278 -28.35 -42.55 -19.84
CA ARG E 278 -27.98 -43.24 -18.61
C ARG E 278 -27.33 -44.59 -18.88
N GLU E 279 -27.80 -45.30 -19.90
CA GLU E 279 -27.33 -46.66 -20.15
C GLU E 279 -26.02 -46.69 -20.94
N VAL E 280 -25.84 -45.73 -21.85
CA VAL E 280 -24.71 -45.78 -22.78
C VAL E 280 -23.38 -45.76 -22.05
N ILE E 281 -23.33 -45.18 -20.85
CA ILE E 281 -22.06 -45.04 -20.14
C ILE E 281 -21.47 -46.41 -19.80
N ARG E 282 -22.32 -47.35 -19.38
CA ARG E 282 -21.80 -48.65 -18.96
C ARG E 282 -21.44 -49.54 -20.14
N SER E 283 -22.12 -49.39 -21.28
CA SER E 283 -21.87 -50.26 -22.43
C SER E 283 -20.72 -49.76 -23.30
N GLY E 284 -20.77 -48.50 -23.74
CA GLY E 284 -19.75 -47.97 -24.61
C GLY E 284 -18.59 -47.34 -23.86
N LYS E 285 -18.00 -48.07 -22.93
CA LYS E 285 -16.90 -47.52 -22.15
C LYS E 285 -15.72 -47.18 -23.05
N GLY E 286 -15.12 -46.03 -22.79
CA GLY E 286 -13.98 -45.56 -23.57
C GLY E 286 -13.94 -44.05 -23.54
N GLN E 287 -13.47 -43.47 -24.65
CA GLN E 287 -13.41 -42.02 -24.76
C GLN E 287 -14.82 -41.42 -24.81
N LYS E 288 -15.77 -42.11 -25.44
CA LYS E 288 -17.12 -41.58 -25.55
C LYS E 288 -17.89 -41.69 -24.24
N LYS E 289 -17.51 -42.61 -23.34
CA LYS E 289 -18.17 -42.71 -22.06
C LYS E 289 -17.98 -41.44 -21.23
N LEU E 290 -16.77 -40.89 -21.25
CA LEU E 290 -16.51 -39.64 -20.53
C LEU E 290 -17.40 -38.52 -21.04
N ARG E 291 -17.57 -38.42 -22.37
CA ARG E 291 -18.45 -37.40 -22.92
C ARG E 291 -19.88 -37.58 -22.41
N ALA E 292 -20.36 -38.83 -22.36
CA ALA E 292 -21.71 -39.09 -21.87
C ALA E 292 -21.79 -38.91 -20.36
N LEU E 293 -20.73 -39.30 -19.64
CA LEU E 293 -20.73 -39.17 -18.19
C LEU E 293 -20.90 -37.71 -17.76
N LYS E 294 -20.00 -36.83 -18.22
CA LYS E 294 -20.12 -35.42 -17.89
C LYS E 294 -21.46 -34.86 -18.33
N ARG E 295 -21.90 -35.21 -19.54
CA ARG E 295 -23.18 -34.70 -20.05
C ARG E 295 -24.34 -35.16 -19.18
N LEU E 296 -24.25 -36.35 -18.58
CA LEU E 296 -25.31 -36.82 -17.70
C LEU E 296 -25.42 -35.95 -16.44
N LYS E 297 -24.32 -35.33 -16.02
CA LYS E 297 -24.33 -34.55 -14.79
C LYS E 297 -25.34 -33.40 -14.89
N VAL E 298 -25.34 -32.67 -16.00
CA VAL E 298 -26.26 -31.55 -16.14
C VAL E 298 -27.67 -32.02 -16.47
N VAL E 299 -27.81 -33.12 -17.22
CA VAL E 299 -29.13 -33.61 -17.57
C VAL E 299 -29.86 -34.10 -16.33
N ALA E 300 -29.17 -34.86 -15.47
CA ALA E 300 -29.80 -35.34 -14.25
C ALA E 300 -30.03 -34.21 -13.26
N ALA E 301 -29.16 -33.21 -13.25
CA ALA E 301 -29.35 -32.07 -12.34
C ALA E 301 -30.68 -31.38 -12.60
N PHE E 302 -31.13 -31.35 -13.85
CA PHE E 302 -32.46 -30.82 -14.15
C PHE E 302 -33.55 -31.82 -13.83
N GLN E 303 -33.25 -33.12 -13.91
CA GLN E 303 -34.26 -34.14 -13.63
C GLN E 303 -34.70 -34.09 -12.17
N GLN E 304 -33.74 -34.06 -11.25
CA GLN E 304 -34.09 -34.10 -9.83
C GLN E 304 -34.82 -32.85 -9.40
N SER E 305 -34.45 -31.70 -9.95
CA SER E 305 -35.09 -30.44 -9.59
C SER E 305 -36.38 -30.26 -10.39
N GLY E 306 -37.37 -29.65 -9.74
CA GLY E 306 -38.61 -29.31 -10.39
C GLY E 306 -38.59 -28.03 -11.19
N ASN E 307 -37.41 -27.49 -11.48
CA ASN E 307 -37.27 -26.22 -12.18
C ASN E 307 -37.01 -26.47 -13.66
N SER E 308 -37.70 -25.72 -14.50
CA SER E 308 -37.63 -25.93 -15.94
C SER E 308 -36.30 -25.44 -16.50
N PRO E 309 -35.78 -26.10 -17.54
CA PRO E 309 -34.56 -25.62 -18.20
C PRO E 309 -34.80 -24.45 -19.15
N MET E 310 -36.06 -24.04 -19.35
CA MET E 310 -36.34 -22.89 -20.20
C MET E 310 -35.71 -21.62 -19.68
N GLY E 311 -35.39 -21.55 -18.38
CA GLY E 311 -34.78 -20.35 -17.83
C GLY E 311 -33.50 -19.94 -18.50
N MET E 312 -32.86 -20.83 -19.26
CA MET E 312 -31.61 -20.49 -19.92
C MET E 312 -31.82 -19.54 -21.08
N VAL E 313 -33.06 -19.39 -21.57
CA VAL E 313 -33.42 -18.39 -22.56
C VAL E 313 -34.37 -17.39 -21.91
N LEU E 314 -34.01 -16.12 -21.96
CA LEU E 314 -34.78 -15.07 -21.32
C LEU E 314 -35.73 -14.42 -22.32
N ASP E 315 -37.01 -14.37 -21.96
CA ASP E 315 -37.97 -13.53 -22.67
C ASP E 315 -38.00 -12.10 -22.14
N ALA E 316 -37.59 -11.91 -20.88
CA ALA E 316 -37.47 -10.59 -20.28
C ALA E 316 -36.21 -10.56 -19.42
N VAL E 317 -35.67 -9.37 -19.23
CA VAL E 317 -34.42 -9.17 -18.51
C VAL E 317 -34.69 -8.26 -17.33
N PRO E 318 -34.29 -8.63 -16.10
CA PRO E 318 -34.51 -7.76 -14.96
C PRO E 318 -33.60 -6.54 -14.99
N VAL E 319 -34.07 -5.45 -14.41
CA VAL E 319 -33.34 -4.20 -14.36
C VAL E 319 -33.02 -3.89 -12.90
N ILE E 320 -31.74 -3.76 -12.59
CA ILE E 320 -31.27 -3.54 -11.23
C ILE E 320 -31.76 -2.18 -10.74
N PRO E 321 -32.06 -2.04 -9.44
CA PRO E 321 -32.59 -0.77 -8.94
C PRO E 321 -31.67 0.39 -9.27
N PRO E 322 -32.21 1.62 -9.35
CA PRO E 322 -31.35 2.77 -9.69
C PRO E 322 -30.34 3.11 -8.62
N GLU E 323 -30.68 2.90 -7.33
CA GLU E 323 -29.75 3.25 -6.26
C GLU E 323 -28.44 2.48 -6.38
N LEU E 324 -28.49 1.25 -6.88
CA LEU E 324 -27.29 0.45 -7.06
C LEU E 324 -26.58 0.76 -8.37
N ARG E 325 -27.20 1.52 -9.26
CA ARG E 325 -26.58 1.99 -10.50
C ARG E 325 -26.77 3.51 -10.58
N PRO E 326 -26.30 4.24 -9.57
CA PRO E 326 -26.72 5.62 -9.40
C PRO E 326 -26.22 6.53 -10.51
N MET E 327 -26.92 7.65 -10.66
CA MET E 327 -26.48 8.76 -11.50
C MET E 327 -26.60 10.02 -10.66
N VAL E 328 -25.48 10.52 -10.15
CA VAL E 328 -25.45 11.65 -9.25
C VAL E 328 -24.49 12.69 -9.80
N GLN E 329 -24.77 13.95 -9.48
CA GLN E 329 -23.89 15.05 -9.88
C GLN E 329 -22.91 15.31 -8.75
N LEU E 330 -21.68 14.83 -8.91
CA LEU E 330 -20.61 15.29 -8.04
C LEU E 330 -20.50 16.80 -8.18
N ASP E 331 -20.05 17.46 -7.11
CA ASP E 331 -20.08 18.90 -7.13
C ASP E 331 -19.20 19.44 -8.26
N GLY E 332 -19.47 20.68 -8.64
CA GLY E 332 -19.03 21.17 -9.93
C GLY E 332 -20.07 21.03 -11.01
N GLY E 333 -21.27 20.53 -10.67
CA GLY E 333 -22.39 20.41 -11.57
C GLY E 333 -22.27 19.22 -12.51
N ARG E 334 -21.05 18.72 -12.69
CA ARG E 334 -20.83 17.60 -13.60
C ARG E 334 -21.49 16.33 -13.08
N PHE E 335 -21.79 15.42 -14.00
CA PHE E 335 -22.53 14.21 -13.70
C PHE E 335 -21.64 12.98 -13.89
N ALA E 336 -21.85 11.98 -13.03
CA ALA E 336 -21.24 10.68 -13.15
C ALA E 336 -22.32 9.62 -12.99
N THR E 337 -22.12 8.47 -13.63
CA THR E 337 -23.11 7.41 -13.58
C THR E 337 -22.45 6.08 -13.88
N SER E 338 -23.07 5.01 -13.37
CA SER E 338 -22.53 3.67 -13.58
C SER E 338 -22.59 3.28 -15.06
N ASP E 339 -21.69 2.38 -15.44
CA ASP E 339 -21.69 1.89 -16.81
C ASP E 339 -22.96 1.08 -17.09
N LEU E 340 -23.57 0.50 -16.06
CA LEU E 340 -24.77 -0.30 -16.25
C LEU E 340 -25.85 0.47 -17.01
N ASN E 341 -25.94 1.78 -16.79
CA ASN E 341 -26.96 2.57 -17.46
C ASN E 341 -26.74 2.56 -18.97
N ASP E 342 -25.49 2.78 -19.40
CA ASP E 342 -25.20 2.69 -20.83
C ASP E 342 -25.38 1.28 -21.35
N LEU E 343 -25.10 0.27 -20.52
CA LEU E 343 -25.31 -1.11 -20.95
C LEU E 343 -26.79 -1.44 -21.07
N TYR E 344 -27.59 -1.03 -20.08
CA TYR E 344 -29.03 -1.13 -20.21
C TYR E 344 -29.53 -0.31 -21.39
N ARG E 345 -28.91 0.86 -21.61
CA ARG E 345 -29.33 1.72 -22.73
C ARG E 345 -29.12 1.01 -24.06
N ARG E 346 -28.00 0.31 -24.21
CA ARG E 346 -27.77 -0.44 -25.45
C ARG E 346 -28.83 -1.50 -25.66
N VAL E 347 -29.18 -2.24 -24.61
CA VAL E 347 -30.13 -3.35 -24.74
C VAL E 347 -31.50 -2.82 -25.14
N ILE E 348 -32.00 -1.82 -24.40
CA ILE E 348 -33.36 -1.33 -24.67
C ILE E 348 -33.43 -0.64 -26.02
N ASN E 349 -32.36 0.05 -26.43
CA ASN E 349 -32.34 0.68 -27.75
C ASN E 349 -32.52 -0.37 -28.84
N ARG E 350 -31.71 -1.43 -28.82
CA ARG E 350 -31.79 -2.45 -29.84
C ARG E 350 -33.08 -3.26 -29.74
N ASN E 351 -33.63 -3.41 -28.53
CA ASN E 351 -34.90 -4.08 -28.37
C ASN E 351 -36.01 -3.30 -29.06
N ASN E 352 -36.08 -1.99 -28.83
CA ASN E 352 -37.12 -1.17 -29.44
C ASN E 352 -36.94 -1.12 -30.96
N ARG E 353 -35.70 -0.94 -31.43
CA ARG E 353 -35.47 -0.93 -32.88
C ARG E 353 -35.94 -2.23 -33.51
N LEU E 354 -35.75 -3.35 -32.82
CA LEU E 354 -36.23 -4.63 -33.32
C LEU E 354 -37.76 -4.62 -33.45
N LYS E 355 -38.46 -4.22 -32.40
CA LYS E 355 -39.90 -4.06 -32.48
C LYS E 355 -40.28 -3.23 -33.71
N ARG E 356 -39.56 -2.13 -33.91
CA ARG E 356 -39.86 -1.25 -35.05
C ARG E 356 -39.65 -1.98 -36.37
N LEU E 357 -38.59 -2.78 -36.47
CA LEU E 357 -38.34 -3.50 -37.71
C LEU E 357 -39.40 -4.57 -37.96
N ILE E 358 -39.82 -5.28 -36.91
CA ILE E 358 -40.86 -6.29 -37.06
C ILE E 358 -42.15 -5.62 -37.56
N ASP E 359 -42.62 -4.59 -36.85
CA ASP E 359 -43.88 -3.96 -37.20
C ASP E 359 -43.86 -3.44 -38.63
N LEU E 360 -42.76 -2.83 -39.05
CA LEU E 360 -42.64 -2.38 -40.44
C LEU E 360 -42.70 -3.55 -41.40
N GLY E 361 -42.03 -4.65 -41.05
CA GLY E 361 -41.82 -5.74 -41.97
C GLY E 361 -40.52 -5.49 -42.70
N ALA E 362 -39.50 -6.29 -42.44
CA ALA E 362 -38.18 -5.99 -42.94
C ALA E 362 -37.50 -7.27 -43.40
N PRO E 363 -36.60 -7.17 -44.39
CA PRO E 363 -35.90 -8.36 -44.87
C PRO E 363 -35.28 -9.13 -43.73
N GLU E 364 -35.24 -10.46 -43.88
CA GLU E 364 -34.73 -11.32 -42.82
C GLU E 364 -33.30 -10.93 -42.43
N ILE E 365 -32.51 -10.46 -43.39
CA ILE E 365 -31.13 -10.07 -43.09
C ILE E 365 -31.11 -8.94 -42.06
N ILE E 366 -31.99 -7.94 -42.24
CA ILE E 366 -32.00 -6.80 -41.32
C ILE E 366 -32.51 -7.21 -39.96
N VAL E 367 -33.60 -7.99 -39.93
CA VAL E 367 -34.16 -8.43 -38.64
C VAL E 367 -33.19 -9.34 -37.93
N ASN E 368 -32.62 -10.31 -38.65
CA ASN E 368 -31.65 -11.22 -38.03
C ASN E 368 -30.44 -10.45 -37.52
N ASN E 369 -29.97 -9.46 -38.28
CA ASN E 369 -28.86 -8.64 -37.80
C ASN E 369 -29.20 -7.96 -36.50
N GLU E 370 -30.43 -7.44 -36.38
CA GLU E 370 -30.84 -6.77 -35.15
C GLU E 370 -30.92 -7.76 -33.98
N LYS E 371 -31.42 -8.97 -34.24
CA LYS E 371 -31.53 -9.96 -33.17
C LYS E 371 -30.15 -10.36 -32.65
N ARG E 372 -29.19 -10.54 -33.55
CA ARG E 372 -27.82 -10.82 -33.10
C ARG E 372 -27.28 -9.68 -32.25
N MET E 373 -27.49 -8.43 -32.69
CA MET E 373 -27.03 -7.28 -31.92
C MET E 373 -27.69 -7.25 -30.54
N LEU E 374 -28.99 -7.53 -30.48
CA LEU E 374 -29.69 -7.54 -29.19
C LEU E 374 -29.10 -8.59 -28.26
N GLN E 375 -28.88 -9.81 -28.77
CA GLN E 375 -28.28 -10.86 -27.96
C GLN E 375 -26.93 -10.43 -27.41
N GLU E 376 -26.13 -9.76 -28.25
CA GLU E 376 -24.80 -9.34 -27.80
C GLU E 376 -24.90 -8.30 -26.69
N SER E 377 -25.88 -7.40 -26.77
CA SER E 377 -26.03 -6.37 -25.73
C SER E 377 -26.37 -6.99 -24.39
N VAL E 378 -27.29 -7.97 -24.37
CA VAL E 378 -27.60 -8.66 -23.12
C VAL E 378 -26.37 -9.40 -22.60
N ASP E 379 -25.60 -10.00 -23.51
CA ASP E 379 -24.35 -10.64 -23.10
C ASP E 379 -23.40 -9.64 -22.47
N ALA E 380 -23.21 -8.49 -23.14
CA ALA E 380 -22.36 -7.44 -22.60
C ALA E 380 -22.90 -6.95 -21.26
N LEU E 381 -24.23 -6.84 -21.15
CA LEU E 381 -24.83 -6.41 -19.89
C LEU E 381 -24.47 -7.36 -18.75
N PHE E 382 -24.54 -8.67 -19.00
CA PHE E 382 -24.30 -9.64 -17.94
C PHE E 382 -22.81 -9.82 -17.67
N ASP E 383 -22.06 -10.28 -18.66
CA ASP E 383 -20.63 -10.50 -18.53
C ASP E 383 -19.96 -9.89 -19.75
N ASN E 384 -19.50 -8.65 -19.63
CA ASN E 384 -18.87 -7.96 -20.74
C ASN E 384 -17.46 -8.48 -20.96
N GLY E 385 -17.06 -8.59 -22.22
CA GLY E 385 -15.78 -9.15 -22.58
C GLY E 385 -15.71 -10.67 -22.52
N ARG E 386 -16.67 -11.33 -21.87
CA ARG E 386 -16.64 -12.79 -21.80
C ARG E 386 -16.70 -13.41 -23.19
N ARG E 387 -17.51 -12.85 -24.07
CA ARG E 387 -17.59 -13.29 -25.47
C ARG E 387 -17.04 -12.18 -26.36
N GLY E 388 -15.80 -12.35 -26.83
CA GLY E 388 -15.25 -11.46 -27.81
C GLY E 388 -14.97 -10.06 -27.29
N ARG E 389 -15.08 -9.09 -28.19
CA ARG E 389 -14.72 -7.70 -27.90
C ARG E 389 -15.53 -7.17 -26.72
N PRO E 390 -14.87 -6.65 -25.68
CA PRO E 390 -15.62 -5.99 -24.60
C PRO E 390 -16.07 -4.59 -25.01
N VAL E 391 -17.28 -4.24 -24.58
CA VAL E 391 -17.81 -2.91 -24.86
C VAL E 391 -17.02 -1.87 -24.07
N THR E 392 -16.58 -0.82 -24.75
CA THR E 392 -15.75 0.21 -24.14
C THR E 392 -16.43 1.57 -24.24
N GLY E 393 -16.09 2.46 -23.32
CA GLY E 393 -16.55 3.82 -23.37
C GLY E 393 -15.44 4.75 -23.85
N PRO E 394 -15.44 5.98 -23.37
CA PRO E 394 -14.35 6.90 -23.71
C PRO E 394 -13.02 6.41 -23.14
N GLY E 395 -11.95 6.68 -23.87
CA GLY E 395 -10.64 6.22 -23.45
C GLY E 395 -10.42 4.73 -23.58
N ASN E 396 -11.32 4.01 -24.26
CA ASN E 396 -11.17 2.58 -24.51
C ASN E 396 -11.22 1.75 -23.23
N ARG E 397 -11.78 2.28 -22.16
CA ARG E 397 -11.89 1.44 -20.98
C ARG E 397 -13.16 0.60 -21.05
N PRO E 398 -13.07 -0.72 -20.89
CA PRO E 398 -14.27 -1.56 -21.02
C PRO E 398 -15.28 -1.26 -19.92
N LEU E 399 -16.56 -1.29 -20.30
CA LEU E 399 -17.63 -1.03 -19.36
C LEU E 399 -17.71 -2.15 -18.31
N LYS E 400 -18.15 -1.77 -17.11
CA LYS E 400 -18.24 -2.70 -15.99
C LYS E 400 -19.58 -3.41 -16.04
N SER E 401 -19.56 -4.71 -16.31
CA SER E 401 -20.77 -5.50 -16.40
C SER E 401 -21.28 -5.87 -15.02
N LEU E 402 -22.48 -6.47 -14.99
CA LEU E 402 -23.02 -6.99 -13.74
C LEU E 402 -22.05 -8.00 -13.13
N SER E 403 -21.46 -8.87 -13.95
CA SER E 403 -20.48 -9.82 -13.44
C SER E 403 -19.31 -9.12 -12.78
N ASP E 404 -18.93 -7.94 -13.27
CA ASP E 404 -17.80 -7.22 -12.69
C ASP E 404 -18.10 -6.70 -11.29
N LEU E 405 -19.38 -6.64 -10.90
CA LEU E 405 -19.71 -6.23 -9.53
C LEU E 405 -19.31 -7.31 -8.54
N LEU E 406 -19.46 -8.58 -8.90
CA LEU E 406 -19.29 -9.70 -7.98
C LEU E 406 -17.88 -10.27 -7.96
N LYS E 407 -17.16 -10.24 -9.08
CA LYS E 407 -16.06 -11.18 -9.30
C LYS E 407 -14.72 -10.77 -8.71
N GLY E 408 -14.30 -9.52 -8.88
CA GLY E 408 -12.92 -9.16 -8.65
C GLY E 408 -12.56 -8.92 -7.20
N LYS E 409 -11.32 -8.44 -7.00
CA LYS E 409 -10.92 -7.95 -5.69
C LYS E 409 -11.82 -6.82 -5.22
N GLN E 410 -12.30 -6.00 -6.16
CA GLN E 410 -13.39 -5.09 -5.87
C GLN E 410 -14.75 -5.77 -5.94
N GLY E 411 -14.79 -7.05 -6.34
CA GLY E 411 -16.00 -7.84 -6.26
C GLY E 411 -16.55 -7.83 -4.84
N ARG E 412 -17.87 -7.87 -4.72
CA ARG E 412 -18.52 -7.65 -3.42
C ARG E 412 -17.91 -8.51 -2.32
N PHE E 413 -17.55 -9.77 -2.63
CA PHE E 413 -17.17 -10.69 -1.58
C PHE E 413 -15.88 -10.25 -0.87
N ARG E 414 -14.95 -9.63 -1.60
CA ARG E 414 -13.73 -9.16 -0.98
C ARG E 414 -13.83 -7.69 -0.57
N GLN E 415 -14.33 -6.84 -1.45
CA GLN E 415 -14.31 -5.40 -1.21
C GLN E 415 -15.34 -4.95 -0.20
N ASN E 416 -16.52 -5.58 -0.17
CA ASN E 416 -17.57 -5.17 0.75
C ASN E 416 -17.98 -6.27 1.72
N LEU E 417 -18.31 -7.46 1.23
CA LEU E 417 -18.96 -8.46 2.06
C LEU E 417 -18.10 -8.84 3.26
N LEU E 418 -16.88 -9.34 3.01
CA LEU E 418 -16.03 -9.74 4.13
C LEU E 418 -15.28 -8.55 4.72
N GLY E 419 -14.80 -7.65 3.87
CA GLY E 419 -14.04 -6.49 4.32
C GLY E 419 -14.79 -5.21 4.02
N LYS E 420 -14.92 -4.36 5.05
CA LYS E 420 -15.64 -3.11 4.92
C LYS E 420 -15.16 -2.15 6.00
N ARG E 421 -15.18 -0.86 5.68
CA ARG E 421 -14.77 0.15 6.64
C ARG E 421 -15.79 0.27 7.77
N VAL E 422 -15.33 0.70 8.95
CA VAL E 422 -16.14 0.67 10.15
C VAL E 422 -16.07 2.01 10.86
N ASP E 423 -17.10 2.28 11.66
CA ASP E 423 -17.13 3.44 12.53
C ASP E 423 -16.28 3.19 13.77
N TYR E 424 -16.21 4.20 14.64
CA TYR E 424 -15.49 4.11 15.91
C TYR E 424 -14.13 3.45 15.73
N SER E 425 -13.32 4.08 14.87
CA SER E 425 -11.99 3.56 14.56
C SER E 425 -11.10 4.73 14.18
N GLY E 426 -9.80 4.49 14.29
CA GLY E 426 -8.81 5.49 13.93
C GLY E 426 -7.46 4.83 13.75
N ARG E 427 -6.49 5.65 13.35
CA ARG E 427 -5.13 5.16 13.16
C ARG E 427 -4.17 6.33 13.32
N SER E 428 -2.89 5.99 13.46
CA SER E 428 -1.81 6.97 13.56
C SER E 428 -0.50 6.21 13.58
N VAL E 429 0.60 6.96 13.56
CA VAL E 429 1.92 6.35 13.67
C VAL E 429 2.16 5.94 15.12
N ILE E 430 3.00 4.92 15.30
CA ILE E 430 3.25 4.36 16.62
C ILE E 430 4.64 4.76 17.08
N VAL E 431 4.77 4.96 18.39
CA VAL E 431 6.05 5.24 19.03
C VAL E 431 6.20 4.28 20.22
N VAL E 432 7.44 4.12 20.67
CA VAL E 432 7.74 3.14 21.70
C VAL E 432 7.09 3.55 23.01
N GLY E 433 6.62 2.56 23.76
CA GLY E 433 5.91 2.79 25.01
C GLY E 433 6.59 2.16 26.21
N PRO E 434 7.92 2.32 26.31
CA PRO E 434 8.69 1.52 27.29
C PRO E 434 8.17 1.61 28.72
N GLN E 435 7.47 2.68 29.08
CA GLN E 435 6.95 2.83 30.43
C GLN E 435 5.57 2.21 30.60
N LEU E 436 5.04 1.57 29.56
CA LEU E 436 3.70 1.00 29.62
C LEU E 436 3.72 -0.39 30.22
N LYS E 437 2.60 -0.78 30.81
CA LYS E 437 2.39 -2.17 31.21
C LYS E 437 1.88 -2.97 30.01
N LEU E 438 2.06 -4.29 30.08
CA LEU E 438 1.72 -5.14 28.94
C LEU E 438 0.27 -5.02 28.52
N HIS E 439 -0.62 -4.61 29.43
CA HIS E 439 -2.04 -4.49 29.14
C HIS E 439 -2.45 -3.06 28.78
N GLN E 440 -1.49 -2.17 28.58
CA GLN E 440 -1.77 -0.76 28.36
C GLN E 440 -1.24 -0.31 27.01
N CYS E 441 -1.84 0.77 26.48
CA CYS E 441 -1.42 1.35 25.23
C CYS E 441 -1.65 2.85 25.28
N GLY E 442 -0.71 3.62 24.71
CA GLY E 442 -0.83 5.06 24.67
C GLY E 442 -1.75 5.54 23.56
N LEU E 443 -2.77 6.30 23.93
CA LEU E 443 -3.79 6.76 22.98
C LEU E 443 -3.74 8.28 22.90
N PRO E 444 -3.46 8.87 21.75
CA PRO E 444 -3.50 10.34 21.63
C PRO E 444 -4.83 10.88 22.12
N LYS E 445 -4.75 11.91 22.98
CA LYS E 445 -5.96 12.46 23.58
C LYS E 445 -6.98 12.88 22.53
N LEU E 446 -6.51 13.48 21.43
CA LEU E 446 -7.43 13.88 20.37
C LEU E 446 -8.11 12.68 19.75
N MET E 447 -7.35 11.62 19.46
CA MET E 447 -7.95 10.42 18.88
C MET E 447 -8.93 9.78 19.86
N ALA E 448 -8.52 9.64 21.12
CA ALA E 448 -9.41 9.06 22.13
C ALA E 448 -10.68 9.89 22.29
N LEU E 449 -10.61 11.20 22.06
CA LEU E 449 -11.77 12.06 22.19
C LEU E 449 -12.82 11.72 21.13
N GLU E 450 -12.43 11.81 19.85
CA GLU E 450 -13.38 11.56 18.77
C GLU E 450 -13.91 10.14 18.81
N LEU E 451 -13.04 9.17 19.09
CA LEU E 451 -13.48 7.78 19.18
C LEU E 451 -14.59 7.63 20.22
N PHE E 452 -14.39 8.19 21.41
CA PHE E 452 -15.35 8.13 22.50
C PHE E 452 -16.36 9.27 22.48
N LYS E 453 -16.42 10.03 21.39
CA LYS E 453 -17.22 11.26 21.36
C LYS E 453 -18.62 11.09 21.93
N PRO E 454 -19.42 10.11 21.52
CA PRO E 454 -20.74 9.96 22.15
C PRO E 454 -20.67 9.64 23.62
N PHE E 455 -19.67 8.87 24.06
CA PHE E 455 -19.59 8.49 25.47
C PHE E 455 -19.35 9.70 26.35
N VAL E 456 -18.37 10.53 26.02
CA VAL E 456 -18.12 11.74 26.79
C VAL E 456 -19.30 12.70 26.68
N MET E 457 -19.95 12.74 25.52
CA MET E 457 -21.13 13.57 25.37
C MET E 457 -22.23 13.15 26.34
N LYS E 458 -22.37 11.84 26.59
CA LYS E 458 -23.42 11.37 27.48
C LYS E 458 -23.14 11.73 28.92
N ARG E 459 -21.93 11.41 29.40
CA ARG E 459 -21.62 11.66 30.81
C ARG E 459 -21.51 13.15 31.11
N LEU E 460 -21.10 13.96 30.12
CA LEU E 460 -21.02 15.40 30.35
C LEU E 460 -22.39 16.06 30.32
N VAL E 461 -23.41 15.39 29.81
CA VAL E 461 -24.78 15.84 29.97
C VAL E 461 -25.37 15.33 31.28
N ASP E 462 -24.95 14.15 31.74
CA ASP E 462 -25.33 13.69 33.08
C ASP E 462 -24.92 14.74 34.11
N LEU E 463 -23.64 15.09 34.14
CA LEU E 463 -23.22 16.27 34.88
C LEU E 463 -23.82 17.51 34.23
N ASN E 464 -23.98 18.56 35.02
CA ASN E 464 -24.67 19.75 34.57
C ASN E 464 -23.82 20.64 33.66
N HIS E 465 -22.72 20.12 33.14
CA HIS E 465 -21.86 20.93 32.27
C HIS E 465 -22.60 21.38 31.02
N ALA E 466 -23.41 20.50 30.44
CA ALA E 466 -24.21 20.81 29.27
C ALA E 466 -25.68 20.52 29.55
N GLN E 467 -26.55 21.44 29.14
CA GLN E 467 -27.98 21.26 29.39
C GLN E 467 -28.59 20.23 28.44
N ASN E 468 -28.14 20.20 27.19
CA ASN E 468 -28.68 19.27 26.20
C ASN E 468 -27.53 18.71 25.37
N ILE E 469 -27.86 17.79 24.46
CA ILE E 469 -26.85 17.10 23.68
C ILE E 469 -26.13 18.06 22.74
N LYS E 470 -26.88 18.92 22.06
CA LYS E 470 -26.25 19.83 21.09
C LYS E 470 -25.20 20.71 21.76
N SER E 471 -25.40 21.06 23.03
CA SER E 471 -24.36 21.78 23.75
C SER E 471 -23.14 20.89 23.99
N ALA E 472 -23.37 19.62 24.32
CA ALA E 472 -22.26 18.70 24.53
C ALA E 472 -21.46 18.51 23.24
N LYS E 473 -22.15 18.36 22.11
CA LYS E 473 -21.45 18.15 20.84
C LYS E 473 -20.62 19.37 20.48
N ARG E 474 -21.21 20.57 20.58
CA ARG E 474 -20.44 21.78 20.37
C ARG E 474 -19.24 21.86 21.31
N MET E 475 -19.44 21.44 22.56
CA MET E 475 -18.36 21.51 23.55
C MET E 475 -17.18 20.65 23.12
N VAL E 476 -17.44 19.40 22.72
CA VAL E 476 -16.36 18.49 22.36
C VAL E 476 -15.64 18.99 21.12
N GLU E 477 -16.38 19.45 20.12
CA GLU E 477 -15.75 19.86 18.87
C GLU E 477 -14.81 21.04 19.07
N ARG E 478 -15.14 21.95 19.98
CA ARG E 478 -14.23 23.06 20.28
C ARG E 478 -13.16 22.67 21.28
N GLN E 479 -13.11 21.41 21.70
CA GLN E 479 -12.08 20.92 22.62
C GLN E 479 -12.08 21.73 23.92
N ARG E 480 -13.27 21.94 24.47
CA ARG E 480 -13.39 22.71 25.69
C ARG E 480 -12.63 22.01 26.82
N PRO E 481 -11.87 22.75 27.63
CA PRO E 481 -10.98 22.10 28.61
C PRO E 481 -11.70 21.23 29.62
N GLN E 482 -13.01 21.42 29.81
CA GLN E 482 -13.73 20.62 30.79
C GLN E 482 -13.83 19.16 30.37
N VAL E 483 -13.69 18.85 29.08
CA VAL E 483 -13.94 17.50 28.60
C VAL E 483 -12.80 16.54 28.94
N TRP E 484 -11.61 17.06 29.25
CA TRP E 484 -10.46 16.19 29.42
C TRP E 484 -10.62 15.28 30.64
N ASP E 485 -10.86 15.86 31.81
CA ASP E 485 -11.06 15.05 33.00
C ASP E 485 -12.22 14.07 32.83
N VAL E 486 -13.24 14.48 32.07
CA VAL E 486 -14.35 13.57 31.78
C VAL E 486 -13.86 12.37 30.96
N LEU E 487 -13.08 12.64 29.92
CA LEU E 487 -12.64 11.57 29.02
C LEU E 487 -11.93 10.47 29.79
N GLU E 488 -11.15 10.83 30.82
CA GLU E 488 -10.50 9.81 31.63
C GLU E 488 -11.52 8.88 32.28
N GLU E 489 -12.66 9.43 32.71
CA GLU E 489 -13.66 8.62 33.39
C GLU E 489 -14.33 7.63 32.43
N VAL E 490 -14.59 8.06 31.19
CA VAL E 490 -15.24 7.17 30.23
C VAL E 490 -14.25 6.15 29.67
N ILE E 491 -12.99 6.54 29.51
CA ILE E 491 -11.99 5.62 28.98
C ILE E 491 -11.58 4.56 30.00
N ALA E 492 -11.81 4.81 31.29
CA ALA E 492 -11.34 3.91 32.33
C ALA E 492 -11.89 2.50 32.12
N GLU E 493 -10.98 1.52 32.08
CA GLU E 493 -11.34 0.11 31.98
C GLU E 493 -12.22 -0.17 30.77
N HIS E 494 -12.09 0.64 29.73
CA HIS E 494 -12.78 0.39 28.46
C HIS E 494 -11.75 -0.03 27.43
N PRO E 495 -11.67 -1.31 27.08
CA PRO E 495 -10.58 -1.77 26.23
C PRO E 495 -10.72 -1.27 24.79
N VAL E 496 -9.58 -1.26 24.10
CA VAL E 496 -9.52 -0.91 22.69
C VAL E 496 -8.68 -1.94 21.97
N LEU E 497 -9.02 -2.21 20.71
CA LEU E 497 -8.30 -3.16 19.90
C LEU E 497 -7.25 -2.44 19.05
N LEU E 498 -6.05 -2.98 19.01
CA LEU E 498 -4.96 -2.44 18.21
C LEU E 498 -4.59 -3.46 17.13
N ASN E 499 -4.28 -2.95 15.94
CA ASN E 499 -4.02 -3.81 14.80
C ASN E 499 -3.03 -3.14 13.85
N ARG E 500 -2.15 -3.94 13.27
CA ARG E 500 -1.16 -3.47 12.31
C ARG E 500 -1.23 -4.35 11.07
N ALA E 501 -1.31 -3.71 9.90
CA ALA E 501 -1.36 -4.47 8.65
C ALA E 501 0.07 -4.76 8.16
N PRO E 502 0.30 -5.94 7.56
CA PRO E 502 -0.72 -6.98 7.34
C PRO E 502 -0.96 -7.84 8.59
N THR E 503 -2.19 -8.35 8.71
CA THR E 503 -2.56 -9.23 9.83
C THR E 503 -2.28 -10.66 9.42
N LEU E 504 -1.15 -11.20 9.89
CA LEU E 504 -0.77 -12.57 9.55
C LEU E 504 -1.40 -13.60 10.48
N HIS E 505 -1.40 -13.34 11.78
CA HIS E 505 -2.03 -14.22 12.76
C HIS E 505 -2.95 -13.40 13.65
N ARG E 506 -3.68 -14.08 14.54
CA ARG E 506 -4.64 -13.40 15.38
C ARG E 506 -3.97 -12.43 16.35
N LEU E 507 -2.76 -12.75 16.81
CA LEU E 507 -2.01 -11.83 17.67
C LEU E 507 -1.70 -10.51 16.97
N GLY E 508 -1.99 -10.39 15.67
CA GLY E 508 -1.93 -9.10 15.01
C GLY E 508 -3.03 -8.14 15.44
N ILE E 509 -3.99 -8.61 16.22
CA ILE E 509 -5.00 -7.77 16.85
C ILE E 509 -5.03 -8.13 18.33
N GLN E 510 -4.81 -7.14 19.19
CA GLN E 510 -4.78 -7.37 20.63
C GLN E 510 -5.46 -6.21 21.34
N ALA E 511 -6.13 -6.53 22.44
CA ALA E 511 -6.81 -5.53 23.24
C ALA E 511 -5.87 -4.93 24.26
N PHE E 512 -6.09 -3.66 24.58
CA PHE E 512 -5.28 -2.92 25.54
C PHE E 512 -6.18 -2.02 26.36
N GLU E 513 -5.63 -1.50 27.46
CA GLU E 513 -6.32 -0.47 28.22
C GLU E 513 -5.80 0.89 27.77
N PRO E 514 -6.67 1.79 27.31
CA PRO E 514 -6.18 3.05 26.75
C PRO E 514 -5.66 3.99 27.83
N GLN E 515 -4.61 4.73 27.49
CA GLN E 515 -4.05 5.75 28.37
C GLN E 515 -3.98 7.06 27.59
N LEU E 516 -4.70 8.07 28.07
CA LEU E 516 -4.62 9.39 27.46
C LEU E 516 -3.18 9.89 27.50
N VAL E 517 -2.59 10.07 26.32
CA VAL E 517 -1.22 10.53 26.19
C VAL E 517 -1.20 11.75 25.27
N GLU E 518 -0.11 12.50 25.35
CA GLU E 518 0.03 13.72 24.57
C GLU E 518 0.72 13.42 23.23
N GLY E 519 0.62 14.38 22.32
CA GLY E 519 1.08 14.16 20.96
C GLY E 519 0.04 13.42 20.14
N LYS E 520 0.39 13.19 18.88
CA LYS E 520 -0.51 12.51 17.95
C LYS E 520 -0.03 11.13 17.57
N ALA E 521 0.99 10.61 18.25
CA ALA E 521 1.51 9.27 18.01
C ALA E 521 0.91 8.28 19.01
N ILE E 522 0.93 7.01 18.63
CA ILE E 522 0.42 5.93 19.47
C ILE E 522 1.59 5.26 20.18
N GLN E 523 1.52 5.19 21.50
CA GLN E 523 2.56 4.54 22.30
C GLN E 523 2.24 3.06 22.42
N LEU E 524 3.16 2.22 21.94
CA LEU E 524 2.98 0.78 21.89
C LEU E 524 3.96 0.10 22.84
N HIS E 525 3.48 -0.89 23.56
CA HIS E 525 4.34 -1.63 24.47
C HIS E 525 5.43 -2.35 23.68
N PRO E 526 6.70 -2.25 24.09
CA PRO E 526 7.79 -2.80 23.27
C PRO E 526 7.77 -4.32 23.16
N LEU E 527 7.01 -5.02 23.99
CA LEU E 527 7.02 -6.48 23.95
C LEU E 527 6.16 -7.01 22.81
N VAL E 528 5.06 -6.32 22.51
CA VAL E 528 4.11 -6.79 21.50
C VAL E 528 4.64 -6.53 20.09
N CYS E 529 5.76 -5.82 19.99
CA CYS E 529 6.38 -5.58 18.69
C CYS E 529 6.62 -6.89 17.94
N GLU E 530 7.07 -7.92 18.65
CA GLU E 530 7.29 -9.21 18.02
C GLU E 530 6.01 -9.76 17.40
N ALA E 531 4.89 -9.64 18.10
CA ALA E 531 3.63 -10.18 17.58
C ALA E 531 3.12 -9.37 16.40
N PHE E 532 3.18 -8.05 16.49
CA PHE E 532 2.71 -7.19 15.41
C PHE E 532 3.69 -7.07 14.26
N ASN E 533 4.94 -7.51 14.45
CA ASN E 533 5.99 -7.26 13.46
C ASN E 533 6.12 -5.76 13.20
N ALA E 534 6.09 -4.97 14.28
CA ALA E 534 6.05 -3.52 14.21
C ALA E 534 7.42 -2.94 14.58
N ASP E 535 8.08 -2.33 13.60
CA ASP E 535 9.26 -1.51 13.83
C ASP E 535 8.87 -0.05 13.74
N PHE E 536 9.53 0.79 14.54
CA PHE E 536 9.13 2.19 14.69
C PHE E 536 9.84 3.06 13.65
N ASP E 537 9.41 2.89 12.40
CA ASP E 537 9.84 3.74 11.29
C ASP E 537 8.59 4.09 10.49
N GLY E 538 7.90 5.15 10.91
CA GLY E 538 6.67 5.56 10.26
C GLY E 538 5.58 4.51 10.26
N ASP E 539 5.71 3.48 11.11
CA ASP E 539 4.70 2.42 11.16
C ASP E 539 3.43 2.94 11.81
N GLN E 540 2.29 2.65 11.17
CA GLN E 540 0.99 3.07 11.65
C GLN E 540 0.16 1.85 12.07
N MET E 541 -0.66 2.04 13.09
CA MET E 541 -1.56 1.01 13.57
C MET E 541 -2.97 1.57 13.72
N ALA E 542 -3.96 0.70 13.61
CA ALA E 542 -5.35 1.09 13.67
C ALA E 542 -5.94 0.76 15.03
N VAL E 543 -6.90 1.59 15.46
CA VAL E 543 -7.59 1.42 16.73
C VAL E 543 -9.06 1.14 16.44
N HIS E 544 -9.63 0.19 17.18
CA HIS E 544 -11.04 -0.13 17.08
C HIS E 544 -11.65 -0.13 18.47
N LEU E 545 -12.86 0.44 18.58
CA LEU E 545 -13.53 0.59 19.86
C LEU E 545 -14.64 -0.46 19.98
N PRO E 546 -14.44 -1.54 20.73
CA PRO E 546 -15.55 -2.47 20.97
C PRO E 546 -16.65 -1.79 21.75
N LEU E 547 -17.88 -1.92 21.26
CA LEU E 547 -19.02 -1.19 21.82
C LEU E 547 -19.86 -2.05 22.75
N SER E 548 -20.40 -3.16 22.25
CA SER E 548 -21.36 -3.94 23.03
C SER E 548 -20.67 -4.59 24.23
N ALA E 549 -21.49 -5.03 25.19
CA ALA E 549 -20.96 -5.73 26.35
C ALA E 549 -20.23 -7.00 25.94
N GLU E 550 -20.77 -7.74 24.98
CA GLU E 550 -20.09 -8.92 24.49
C GLU E 550 -18.77 -8.56 23.83
N ALA E 551 -18.75 -7.46 23.06
CA ALA E 551 -17.51 -7.05 22.40
C ALA E 551 -16.44 -6.71 23.43
N GLN E 552 -16.78 -5.92 24.44
CA GLN E 552 -15.82 -5.58 25.48
C GLN E 552 -15.38 -6.81 26.26
N ALA E 553 -16.33 -7.74 26.51
CA ALA E 553 -15.98 -8.96 27.20
C ALA E 553 -14.98 -9.79 26.40
N GLU E 554 -15.23 -9.94 25.09
CA GLU E 554 -14.30 -10.67 24.24
C GLU E 554 -12.95 -9.99 24.19
N ALA E 555 -12.92 -8.66 24.26
CA ALA E 555 -11.65 -7.94 24.26
C ALA E 555 -10.89 -8.16 25.55
N ARG E 556 -11.57 -8.03 26.69
CA ARG E 556 -10.90 -8.19 27.98
C ARG E 556 -10.50 -9.64 28.24
N ILE E 557 -11.28 -10.59 27.73
CA ILE E 557 -11.06 -12.00 28.04
C ILE E 557 -10.25 -12.67 26.93
N LEU E 558 -10.76 -12.60 25.70
CA LEU E 558 -10.16 -13.36 24.59
C LEU E 558 -8.91 -12.67 24.05
N MET E 559 -8.97 -11.37 23.82
CA MET E 559 -7.93 -10.66 23.08
C MET E 559 -7.07 -9.76 23.94
N LEU E 560 -7.10 -9.93 25.26
CA LEU E 560 -6.26 -9.11 26.12
C LEU E 560 -4.78 -9.37 25.83
N SER E 561 -3.98 -8.30 25.88
CA SER E 561 -2.57 -8.41 25.54
C SER E 561 -1.85 -9.39 26.46
N SER E 562 -1.97 -9.20 27.77
CA SER E 562 -1.23 -10.00 28.73
C SER E 562 -1.73 -11.43 28.84
N ASN E 563 -2.83 -11.78 28.19
CA ASN E 563 -3.30 -13.15 28.19
C ASN E 563 -2.79 -13.94 26.99
N ASN E 564 -2.30 -13.26 25.95
CA ASN E 564 -1.74 -13.89 24.76
C ASN E 564 -0.24 -13.62 24.76
N ILE E 565 0.53 -14.53 25.34
CA ILE E 565 1.99 -14.45 25.37
C ILE E 565 2.62 -15.43 24.39
N LEU E 566 2.24 -16.69 24.48
CA LEU E 566 2.82 -17.71 23.61
C LEU E 566 2.23 -17.60 22.19
N SER E 567 3.09 -17.79 21.20
CA SER E 567 2.61 -17.81 19.82
C SER E 567 1.75 -19.06 19.62
N PRO E 568 0.52 -18.92 19.13
CA PRO E 568 -0.32 -20.11 18.94
C PRO E 568 0.04 -20.87 17.69
N ALA E 569 1.34 -21.01 17.45
CA ALA E 569 1.87 -21.86 16.39
C ALA E 569 2.86 -22.88 16.92
N SER E 570 3.79 -22.44 17.77
CA SER E 570 4.80 -23.30 18.35
C SER E 570 4.73 -23.38 19.87
N GLY E 571 3.89 -22.57 20.50
CA GLY E 571 3.86 -22.48 21.95
C GLY E 571 4.98 -21.70 22.57
N LYS E 572 5.97 -21.29 21.79
CA LYS E 572 7.08 -20.52 22.32
C LYS E 572 6.61 -19.13 22.75
N PRO E 573 7.28 -18.52 23.73
CA PRO E 573 6.88 -17.18 24.16
C PRO E 573 7.26 -16.12 23.14
N LEU E 574 6.32 -15.20 22.88
CA LEU E 574 6.52 -14.09 21.94
C LEU E 574 6.84 -12.79 22.65
N ALA E 575 6.13 -12.47 23.74
CA ALA E 575 6.47 -11.31 24.55
C ALA E 575 7.80 -11.47 25.27
N MET E 576 8.49 -12.59 25.05
CA MET E 576 9.83 -12.77 25.58
C MET E 576 10.72 -11.59 25.16
N PRO E 577 11.60 -11.10 26.03
CA PRO E 577 12.41 -9.92 25.70
C PRO E 577 13.24 -10.13 24.44
N ARG E 578 13.59 -9.03 23.79
CA ARG E 578 14.36 -9.06 22.54
C ARG E 578 15.38 -7.92 22.56
N LEU E 579 15.92 -7.61 21.38
CA LEU E 579 17.22 -6.96 21.20
C LEU E 579 17.70 -6.15 22.40
N ASP E 580 17.08 -4.99 22.67
CA ASP E 580 17.63 -4.10 23.69
C ASP E 580 17.64 -4.76 25.05
N MET E 581 16.51 -5.34 25.46
CA MET E 581 16.41 -5.93 26.79
C MET E 581 17.27 -7.17 26.93
N VAL E 582 17.52 -7.89 25.82
CA VAL E 582 18.37 -9.07 25.89
C VAL E 582 19.79 -8.69 26.28
N THR E 583 20.38 -7.72 25.56
CA THR E 583 21.74 -7.29 25.90
C THR E 583 21.81 -6.73 27.31
N GLY E 584 20.76 -6.02 27.74
CA GLY E 584 20.76 -5.50 29.10
C GLY E 584 20.83 -6.59 30.15
N LEU E 585 19.97 -7.60 30.02
CA LEU E 585 19.99 -8.70 30.98
C LEU E 585 21.25 -9.54 30.82
N TYR E 586 21.73 -9.70 29.59
CA TYR E 586 22.98 -10.42 29.36
C TYR E 586 24.13 -9.76 30.10
N TYR E 587 24.29 -8.45 29.93
CA TYR E 587 25.33 -7.71 30.65
C TYR E 587 25.09 -7.78 32.15
N LEU E 588 23.83 -7.82 32.59
CA LEU E 588 23.52 -7.77 34.01
C LEU E 588 23.96 -9.05 34.71
N THR E 589 23.74 -10.20 34.08
CA THR E 589 24.03 -11.50 34.69
C THR E 589 25.38 -12.08 34.29
N THR E 590 26.06 -11.49 33.30
CA THR E 590 27.35 -12.02 32.88
C THR E 590 28.37 -11.94 34.01
N LEU E 591 29.36 -12.82 33.95
CA LEU E 591 30.34 -12.98 35.02
C LEU E 591 31.71 -12.53 34.52
N VAL E 592 32.27 -11.52 35.18
CA VAL E 592 33.57 -10.95 34.79
C VAL E 592 34.64 -11.45 35.75
N GLU E 593 35.68 -12.04 35.20
CA GLU E 593 36.84 -12.43 35.99
C GLU E 593 37.70 -11.21 36.29
N GLY E 594 38.13 -11.09 37.54
CA GLY E 594 38.92 -9.94 37.94
C GLY E 594 38.14 -8.65 37.99
N ALA E 595 36.90 -8.69 38.50
CA ALA E 595 36.08 -7.51 38.62
C ALA E 595 36.28 -6.85 39.99
N THR E 596 35.80 -5.62 40.11
CA THR E 596 35.94 -4.88 41.36
C THR E 596 35.10 -5.53 42.45
N GLY E 597 35.70 -5.75 43.61
CA GLY E 597 35.04 -6.45 44.70
C GLY E 597 35.15 -7.95 44.62
N GLU E 598 36.09 -8.47 43.83
CA GLU E 598 36.15 -9.91 43.58
C GLU E 598 36.50 -10.67 44.85
N TYR E 599 35.78 -11.78 45.07
CA TYR E 599 35.99 -12.64 46.22
C TYR E 599 37.19 -13.56 45.95
N GLN E 600 38.11 -13.63 46.91
CA GLN E 600 39.29 -14.48 46.77
C GLN E 600 39.43 -15.52 47.87
N ALA E 601 38.67 -15.44 48.95
CA ALA E 601 38.74 -16.40 50.04
C ALA E 601 40.17 -16.53 50.55
N ALA E 602 40.81 -15.39 50.77
CA ALA E 602 42.18 -15.38 51.25
C ALA E 602 42.32 -16.26 52.49
N THR E 603 43.46 -16.95 52.59
CA THR E 603 43.64 -18.00 53.60
C THR E 603 44.71 -17.64 54.63
N LYS E 604 45.93 -17.36 54.21
CA LYS E 604 47.04 -17.19 55.13
C LYS E 604 47.07 -15.78 55.67
N ASP E 605 46.83 -15.63 56.98
CA ASP E 605 46.83 -14.34 57.67
C ASP E 605 45.77 -13.38 57.14
N ALA E 606 44.80 -13.86 56.37
CA ALA E 606 43.76 -13.01 55.81
C ALA E 606 42.47 -13.79 55.71
N PRO E 607 41.33 -13.18 56.06
CA PRO E 607 40.05 -13.87 55.93
C PRO E 607 39.58 -13.96 54.48
N GLU E 608 38.37 -14.50 54.26
CA GLU E 608 37.83 -14.57 52.91
C GLU E 608 37.65 -13.18 52.31
N GLN E 609 36.93 -12.31 53.02
CA GLN E 609 36.76 -10.91 52.63
C GLN E 609 36.12 -10.77 51.25
N GLY E 610 35.24 -11.70 50.89
CA GLY E 610 34.52 -11.60 49.64
C GLY E 610 33.02 -11.76 49.81
N VAL E 611 32.59 -11.85 51.07
CA VAL E 611 31.20 -12.12 51.39
C VAL E 611 30.55 -10.83 51.87
N TYR E 612 29.23 -10.76 51.73
CA TYR E 612 28.45 -9.59 52.11
C TYR E 612 27.27 -10.01 52.97
N SER E 613 26.92 -9.15 53.93
CA SER E 613 25.85 -9.46 54.88
C SER E 613 24.54 -9.77 54.18
N SER E 614 24.26 -9.07 53.08
CA SER E 614 23.01 -9.26 52.35
C SER E 614 23.16 -8.62 50.98
N PRO E 615 22.19 -8.83 50.09
CA PRO E 615 22.21 -8.09 48.81
C PRO E 615 22.11 -6.59 49.01
N ALA E 616 21.52 -6.14 50.12
CA ALA E 616 21.42 -4.70 50.37
C ALA E 616 22.79 -4.11 50.67
N GLU E 617 23.61 -4.80 51.48
CA GLU E 617 24.96 -4.31 51.73
C GLU E 617 25.78 -4.29 50.45
N ALA E 618 25.61 -5.29 49.59
CA ALA E 618 26.34 -5.32 48.33
C ALA E 618 25.96 -4.13 47.46
N ILE E 619 24.70 -3.67 47.53
CA ILE E 619 24.28 -2.51 46.77
C ILE E 619 24.98 -1.26 47.28
N MET E 620 25.04 -1.09 48.60
CA MET E 620 25.79 0.03 49.17
C MET E 620 27.25 -0.03 48.76
N ALA E 621 27.78 -1.24 48.56
CA ALA E 621 29.15 -1.38 48.06
C ALA E 621 29.25 -1.08 46.57
N MET E 622 28.15 -1.27 45.83
CA MET E 622 28.16 -0.93 44.41
C MET E 622 28.09 0.57 44.19
N ASP E 623 27.30 1.28 45.00
CA ASP E 623 27.24 2.73 44.87
C ASP E 623 28.61 3.35 45.17
N ARG E 624 29.28 2.89 46.21
CA ARG E 624 30.69 3.19 46.36
C ARG E 624 31.50 2.37 45.36
N GLY E 625 32.76 2.77 45.16
CA GLY E 625 33.59 2.09 44.18
C GLY E 625 34.07 0.73 44.61
N ALA E 626 33.40 0.13 45.58
CA ALA E 626 33.90 -1.10 46.19
C ALA E 626 33.50 -2.35 45.42
N LEU E 627 32.33 -2.35 44.78
CA LEU E 627 31.79 -3.56 44.18
C LEU E 627 31.44 -3.31 42.72
N SER E 628 31.58 -4.37 41.91
CA SER E 628 31.14 -4.38 40.53
C SER E 628 29.95 -5.32 40.38
N VAL E 629 28.98 -4.91 39.54
CA VAL E 629 27.73 -5.66 39.42
C VAL E 629 27.95 -7.05 38.88
N ARG E 630 29.03 -7.27 38.14
CA ARG E 630 29.28 -8.55 37.48
C ARG E 630 30.38 -9.36 38.14
N ALA E 631 30.61 -9.16 39.43
CA ALA E 631 31.68 -9.82 40.15
C ALA E 631 31.21 -11.15 40.73
N LYS E 632 32.10 -12.12 40.73
CA LYS E 632 31.85 -13.33 41.51
C LYS E 632 31.96 -12.97 42.98
N ILE E 633 30.88 -13.18 43.72
CA ILE E 633 30.83 -12.89 45.15
C ILE E 633 29.93 -13.91 45.83
N LYS E 634 29.99 -13.95 47.16
CA LYS E 634 29.13 -14.80 47.95
C LYS E 634 28.35 -13.94 48.93
N VAL E 635 27.03 -14.04 48.90
CA VAL E 635 26.15 -13.34 49.82
C VAL E 635 25.07 -14.31 50.29
N ARG E 636 24.40 -13.93 51.37
CA ARG E 636 23.30 -14.71 51.90
C ARG E 636 21.98 -14.02 51.57
N LEU E 637 21.00 -14.80 51.13
CA LEU E 637 19.71 -14.29 50.71
C LEU E 637 18.64 -14.83 51.64
N THR E 638 17.86 -13.93 52.23
CA THR E 638 16.76 -14.33 53.11
C THR E 638 15.41 -14.35 52.40
N GLU E 639 15.30 -13.70 51.24
CA GLU E 639 14.04 -13.59 50.53
C GLU E 639 14.02 -14.32 49.19
N LEU E 640 15.10 -14.99 48.83
CA LEU E 640 15.16 -15.76 47.60
C LEU E 640 15.21 -17.26 47.92
N ARG E 641 14.90 -18.07 46.91
CA ARG E 641 14.88 -19.51 47.07
C ARG E 641 16.07 -20.16 46.38
N PRO E 642 16.73 -21.11 47.02
CA PRO E 642 17.92 -21.73 46.42
C PRO E 642 17.54 -22.63 45.26
N PRO E 643 18.52 -23.12 44.52
CA PRO E 643 18.24 -24.11 43.47
C PRO E 643 17.74 -25.40 44.09
N THR E 644 17.35 -26.33 43.21
CA THR E 644 16.79 -27.60 43.66
C THR E 644 17.81 -28.40 44.48
N ASP E 645 18.96 -28.69 43.88
CA ASP E 645 19.98 -29.48 44.57
C ASP E 645 20.35 -28.86 45.91
N LEU E 646 20.65 -27.55 45.91
CA LEU E 646 21.09 -26.91 47.14
C LEU E 646 19.95 -26.75 48.14
N GLU E 647 18.73 -26.50 47.66
CA GLU E 647 17.59 -26.42 48.57
C GLU E 647 17.40 -27.75 49.30
N ALA E 648 17.55 -28.87 48.58
CA ALA E 648 17.34 -30.18 49.20
C ALA E 648 18.32 -30.42 50.34
N GLN E 649 19.61 -30.33 50.06
CA GLN E 649 20.62 -30.68 51.06
C GLN E 649 20.81 -29.58 52.09
N LEU E 650 20.94 -28.33 51.65
CA LEU E 650 21.26 -27.24 52.55
C LEU E 650 20.12 -26.91 53.51
N PHE E 651 18.90 -27.36 53.21
CA PHE E 651 17.72 -26.97 53.98
C PHE E 651 16.98 -28.21 54.48
N GLU E 652 16.80 -28.29 55.80
CA GLU E 652 15.91 -29.29 56.37
C GLU E 652 14.56 -29.24 55.67
N ASN E 653 14.11 -30.40 55.19
CA ASN E 653 12.94 -30.46 54.32
C ASN E 653 11.64 -30.27 55.11
N GLY E 654 11.54 -29.12 55.77
CA GLY E 654 10.27 -28.65 56.26
C GLY E 654 9.73 -27.57 55.33
N TRP E 655 10.65 -26.74 54.85
CA TRP E 655 10.38 -25.69 53.87
C TRP E 655 11.71 -24.98 53.62
N LYS E 656 11.71 -24.05 52.67
CA LYS E 656 12.89 -23.23 52.46
C LYS E 656 12.53 -21.77 52.15
N PRO E 657 11.54 -21.17 52.85
CA PRO E 657 11.32 -19.73 52.70
C PRO E 657 11.99 -18.92 53.79
N GLY E 658 12.22 -17.63 53.56
CA GLY E 658 12.60 -16.70 54.59
C GLY E 658 13.72 -17.13 55.52
N ASP E 659 14.50 -18.13 55.11
CA ASP E 659 15.63 -18.61 55.90
C ASP E 659 16.92 -18.27 55.17
N ALA E 660 17.90 -17.77 55.91
CA ALA E 660 19.14 -17.31 55.30
C ALA E 660 19.92 -18.48 54.70
N TRP E 661 20.50 -18.25 53.54
CA TRP E 661 21.38 -19.18 52.86
C TRP E 661 22.32 -18.39 51.97
N THR E 662 23.57 -18.80 51.90
CA THR E 662 24.58 -18.08 51.15
C THR E 662 24.97 -18.86 49.90
N ALA E 663 24.83 -18.22 48.75
CA ALA E 663 25.32 -18.74 47.48
C ALA E 663 26.25 -17.71 46.85
N GLU E 664 27.07 -18.17 45.91
CA GLU E 664 28.04 -17.30 45.24
C GLU E 664 27.58 -17.07 43.81
N THR E 665 27.10 -15.85 43.55
CA THR E 665 26.69 -15.43 42.23
C THR E 665 26.99 -13.95 42.09
N THR E 666 26.87 -13.44 40.87
CA THR E 666 27.04 -12.02 40.65
C THR E 666 25.87 -11.25 41.26
N LEU E 667 26.15 -10.06 41.77
CA LEU E 667 25.08 -9.20 42.27
C LEU E 667 24.00 -9.01 41.21
N GLY E 668 24.41 -8.88 39.94
CA GLY E 668 23.44 -8.79 38.86
C GLY E 668 22.50 -9.97 38.84
N ARG E 669 23.06 -11.19 38.84
CA ARG E 669 22.23 -12.38 38.85
C ARG E 669 21.30 -12.41 40.05
N VAL E 670 21.71 -11.79 41.16
CA VAL E 670 20.83 -11.69 42.32
C VAL E 670 19.67 -10.74 42.03
N MET E 671 19.99 -9.51 41.61
CA MET E 671 18.95 -8.57 41.21
C MET E 671 18.08 -9.14 40.11
N PHE E 672 18.66 -9.98 39.24
CA PHE E 672 17.87 -10.64 38.20
C PHE E 672 16.83 -11.56 38.80
N ASN E 673 17.25 -12.44 39.72
CA ASN E 673 16.32 -13.36 40.35
C ASN E 673 15.30 -12.66 41.23
N GLU E 674 15.55 -11.40 41.61
CA GLU E 674 14.53 -10.62 42.30
C GLU E 674 13.37 -10.24 41.38
N LEU E 675 13.58 -10.28 40.06
CA LEU E 675 12.51 -10.02 39.11
C LEU E 675 11.61 -11.24 38.95
N LEU E 676 12.16 -12.45 39.01
CA LEU E 676 11.35 -13.65 38.95
C LEU E 676 10.52 -13.78 40.23
N PRO E 677 9.49 -14.62 40.20
CA PRO E 677 8.66 -14.79 41.39
C PRO E 677 9.49 -15.27 42.58
N LYS E 678 9.11 -14.80 43.77
CA LYS E 678 9.77 -15.24 44.99
C LYS E 678 9.74 -16.76 45.10
N SER E 679 8.74 -17.40 44.52
CA SER E 679 8.61 -18.86 44.53
C SER E 679 9.52 -19.54 43.52
N TYR E 680 10.28 -18.79 42.73
CA TYR E 680 11.05 -19.48 41.70
C TYR E 680 12.47 -19.74 42.15
N PRO E 681 13.04 -20.88 41.76
CA PRO E 681 14.42 -21.20 42.17
C PRO E 681 15.42 -20.19 41.64
N PHE E 682 16.57 -20.14 42.30
CA PHE E 682 17.68 -19.32 41.84
C PHE E 682 18.32 -19.98 40.61
N VAL E 683 18.60 -19.17 39.59
CA VAL E 683 19.09 -19.69 38.32
C VAL E 683 20.61 -19.70 38.28
N ASN E 684 21.22 -18.53 38.48
CA ASN E 684 22.68 -18.38 38.47
C ASN E 684 23.27 -18.80 37.13
N GLU E 685 22.90 -18.03 36.10
CA GLU E 685 23.48 -18.15 34.78
C GLU E 685 23.59 -16.76 34.15
N GLN E 686 24.38 -16.67 33.08
CA GLN E 686 24.40 -15.47 32.27
C GLN E 686 23.32 -15.59 31.20
N MET E 687 22.50 -14.56 31.06
CA MET E 687 21.24 -14.66 30.34
C MET E 687 21.45 -14.46 28.84
N HIS E 688 21.82 -15.56 28.17
CA HIS E 688 21.65 -15.62 26.73
C HIS E 688 20.16 -15.60 26.41
N LYS E 689 19.84 -15.17 25.19
CA LYS E 689 18.43 -15.10 24.78
C LYS E 689 17.75 -16.45 24.94
N LYS E 690 18.45 -17.54 24.60
CA LYS E 690 17.87 -18.87 24.74
C LYS E 690 17.52 -19.16 26.19
N VAL E 691 18.41 -18.80 27.12
CA VAL E 691 18.13 -19.02 28.53
C VAL E 691 16.86 -18.30 28.95
N GLN E 692 16.63 -17.11 28.40
CA GLN E 692 15.41 -16.37 28.71
C GLN E 692 14.17 -17.10 28.20
N ALA E 693 14.25 -17.67 27.00
CA ALA E 693 13.15 -18.46 26.49
C ALA E 693 12.88 -19.67 27.38
N ARG E 694 13.94 -20.31 27.87
CA ARG E 694 13.78 -21.43 28.80
C ARG E 694 12.94 -21.02 30.00
N ILE E 695 13.31 -19.92 30.65
CA ILE E 695 12.65 -19.54 31.89
C ILE E 695 11.20 -19.15 31.65
N ILE E 696 10.92 -18.42 30.58
CA ILE E 696 9.55 -18.00 30.30
C ILE E 696 8.70 -19.18 29.87
N ASN E 697 9.25 -20.07 29.04
CA ASN E 697 8.58 -21.32 28.76
C ASN E 697 8.29 -22.08 30.04
N ASP E 698 9.29 -22.17 30.92
CA ASP E 698 9.09 -22.86 32.20
C ASP E 698 8.08 -22.12 33.08
N LEU E 699 8.05 -20.79 33.01
CA LEU E 699 7.10 -20.03 33.80
C LEU E 699 5.67 -20.24 33.33
N ALA E 700 5.46 -20.42 32.02
CA ALA E 700 4.11 -20.67 31.53
C ALA E 700 3.55 -21.97 32.09
N GLU E 701 4.42 -22.98 32.24
CA GLU E 701 3.96 -24.27 32.78
C GLU E 701 3.59 -24.15 34.25
N ARG E 702 4.44 -23.49 35.04
CA ARG E 702 4.39 -23.55 36.49
C ARG E 702 3.62 -22.40 37.12
N PHE E 703 3.20 -21.41 36.36
CA PHE E 703 2.57 -20.23 36.93
C PHE E 703 1.42 -19.75 36.05
N PRO E 704 0.48 -19.01 36.62
CA PRO E 704 -0.57 -18.40 35.81
C PRO E 704 -0.02 -17.31 34.91
N MET E 705 -0.86 -16.87 33.97
CA MET E 705 -0.42 -15.87 32.99
C MET E 705 -0.05 -14.55 33.66
N ILE E 706 -0.84 -14.12 34.65
CA ILE E 706 -0.58 -12.83 35.27
C ILE E 706 0.81 -12.80 35.88
N VAL E 707 1.23 -13.92 36.48
CA VAL E 707 2.60 -14.01 37.00
C VAL E 707 3.60 -13.85 35.87
N VAL E 708 3.34 -14.47 34.73
CA VAL E 708 4.24 -14.35 33.58
C VAL E 708 4.21 -12.93 33.03
N ALA E 709 3.01 -12.37 32.84
CA ALA E 709 2.89 -11.03 32.29
C ALA E 709 3.66 -10.02 33.11
N GLN E 710 3.47 -10.03 34.43
CA GLN E 710 4.15 -9.06 35.28
C GLN E 710 5.65 -9.31 35.33
N THR E 711 6.06 -10.57 35.35
CA THR E 711 7.48 -10.88 35.37
C THR E 711 8.18 -10.36 34.13
N VAL E 712 7.58 -10.56 32.96
CA VAL E 712 8.17 -10.05 31.73
C VAL E 712 8.17 -8.53 31.73
N ASP E 713 7.19 -7.91 32.38
CA ASP E 713 7.21 -6.46 32.56
C ASP E 713 8.44 -6.04 33.36
N LYS E 714 8.70 -6.72 34.47
CA LYS E 714 9.89 -6.41 35.27
C LYS E 714 11.16 -6.69 34.48
N LEU E 715 11.15 -7.75 33.67
CA LEU E 715 12.30 -8.03 32.81
C LEU E 715 12.52 -6.90 31.80
N LYS E 716 11.44 -6.25 31.38
CA LYS E 716 11.57 -5.13 30.45
C LYS E 716 12.25 -3.94 31.11
N ASP E 717 11.77 -3.56 32.31
CA ASP E 717 12.35 -2.42 33.01
C ASP E 717 13.83 -2.64 33.28
N ALA E 718 14.17 -3.82 33.80
CA ALA E 718 15.57 -4.10 34.12
C ALA E 718 16.40 -4.26 32.85
N GLY E 719 15.86 -4.93 31.83
CA GLY E 719 16.59 -5.09 30.59
C GLY E 719 16.96 -3.77 29.95
N PHE E 720 16.02 -2.83 29.91
CA PHE E 720 16.30 -1.52 29.33
C PHE E 720 17.29 -0.74 30.18
N TYR E 721 17.06 -0.69 31.50
CA TYR E 721 17.94 0.05 32.38
C TYR E 721 19.39 -0.34 32.17
N TRP E 722 19.69 -1.64 32.23
CA TRP E 722 21.05 -2.11 32.05
C TRP E 722 21.48 -2.10 30.59
N ALA E 723 20.53 -2.00 29.66
CA ALA E 723 20.91 -1.86 28.25
C ALA E 723 21.63 -0.54 28.02
N THR E 724 21.17 0.54 28.65
CA THR E 724 21.87 1.82 28.53
C THR E 724 23.16 1.81 29.33
N ARG E 725 23.11 1.30 30.57
CA ARG E 725 24.32 1.18 31.37
C ARG E 725 25.28 0.13 30.83
N SER E 726 24.88 -0.62 29.80
CA SER E 726 25.76 -1.64 29.23
C SER E 726 26.93 -1.03 28.47
N GLY E 727 26.87 0.26 28.14
CA GLY E 727 27.95 0.88 27.39
C GLY E 727 28.20 0.24 26.04
N VAL E 728 27.14 -0.16 25.35
CA VAL E 728 27.24 -0.77 24.04
C VAL E 728 27.00 0.32 23.00
N THR E 729 28.06 0.72 22.30
CA THR E 729 27.96 1.65 21.20
C THR E 729 28.70 1.06 20.00
N VAL E 730 28.55 1.72 18.85
CA VAL E 730 29.27 1.36 17.64
C VAL E 730 30.23 2.48 17.31
N SER E 731 31.45 2.12 16.93
CA SER E 731 32.47 3.09 16.57
C SER E 731 33.31 2.52 15.45
N MET E 732 34.05 3.41 14.80
CA MET E 732 35.01 2.97 13.79
C MET E 732 36.01 1.97 14.39
N ALA E 733 36.48 2.25 15.62
CA ALA E 733 37.46 1.37 16.24
C ALA E 733 36.87 0.00 16.55
N ASP E 734 35.64 -0.03 17.07
CA ASP E 734 35.04 -1.30 17.48
C ASP E 734 34.96 -2.28 16.32
N VAL E 735 34.77 -1.78 15.10
CA VAL E 735 34.85 -2.61 13.90
C VAL E 735 36.33 -2.78 13.56
N LEU E 736 36.94 -3.89 13.98
CA LEU E 736 38.33 -4.17 13.70
C LEU E 736 38.43 -5.26 12.65
N VAL E 737 39.29 -5.04 11.67
CA VAL E 737 39.59 -6.05 10.66
C VAL E 737 40.66 -7.00 11.18
N PRO E 738 40.48 -8.30 11.04
CA PRO E 738 41.53 -9.23 11.48
C PRO E 738 42.79 -9.03 10.68
N PRO E 739 43.97 -9.17 11.31
CA PRO E 739 45.23 -8.92 10.58
C PRO E 739 45.70 -10.09 9.74
N GLN E 740 45.13 -11.29 9.93
CA GLN E 740 45.49 -12.47 9.17
C GLN E 740 44.84 -12.52 7.79
N LYS E 741 44.18 -11.43 7.36
CA LYS E 741 43.38 -11.44 6.15
C LYS E 741 44.20 -11.10 4.90
N GLN E 742 45.21 -10.24 5.02
CA GLN E 742 46.01 -9.89 3.84
C GLN E 742 46.71 -11.12 3.28
N GLU E 743 47.44 -11.85 4.14
CA GLU E 743 48.09 -13.07 3.71
C GLU E 743 47.09 -14.10 3.21
N ILE E 744 45.97 -14.25 3.93
CA ILE E 744 45.06 -15.37 3.66
C ILE E 744 44.53 -15.31 2.24
N LEU E 745 44.14 -14.12 1.77
CA LEU E 745 43.67 -13.97 0.40
C LEU E 745 44.74 -14.38 -0.60
N GLU E 746 45.92 -13.75 -0.51
CA GLU E 746 47.03 -14.11 -1.38
C GLU E 746 47.26 -15.62 -1.37
N ARG E 747 47.19 -16.24 -0.19
CA ARG E 747 47.23 -17.69 -0.10
C ARG E 747 46.17 -18.32 -0.99
N HIS E 748 44.93 -17.84 -0.88
CA HIS E 748 43.86 -18.32 -1.76
C HIS E 748 43.95 -17.73 -3.15
N GLU E 749 44.39 -16.47 -3.26
CA GLU E 749 44.61 -15.89 -4.59
C GLU E 749 45.60 -16.73 -5.39
N ALA E 750 46.74 -17.08 -4.79
CA ALA E 750 47.73 -17.89 -5.46
C ALA E 750 47.14 -19.22 -5.93
N GLU E 751 46.22 -19.79 -5.16
CA GLU E 751 45.54 -21.00 -5.59
C GLU E 751 44.66 -20.78 -6.80
N ALA E 752 44.50 -19.53 -7.23
CA ALA E 752 43.71 -19.22 -8.42
C ALA E 752 44.56 -19.10 -9.68
N ASP E 753 45.79 -18.60 -9.57
CA ASP E 753 46.68 -18.59 -10.73
C ASP E 753 47.10 -20.00 -11.12
N ALA E 754 47.06 -20.95 -10.18
CA ALA E 754 47.40 -22.32 -10.50
C ALA E 754 46.25 -23.04 -11.18
N ILE E 755 45.01 -22.76 -10.77
CA ILE E 755 43.86 -23.25 -11.53
C ILE E 755 43.76 -22.53 -12.86
N GLU E 756 44.33 -21.33 -12.97
CA GLU E 756 44.54 -20.73 -14.28
C GLU E 756 45.53 -21.54 -15.10
N ARG E 757 46.52 -22.14 -14.43
CA ARG E 757 47.39 -23.09 -15.11
C ARG E 757 46.61 -24.29 -15.60
N LYS E 758 45.70 -24.82 -14.77
CA LYS E 758 44.87 -25.92 -15.20
C LYS E 758 43.95 -25.51 -16.35
N TYR E 759 43.43 -24.28 -16.30
CA TYR E 759 42.67 -23.77 -17.43
C TYR E 759 43.57 -23.51 -18.63
N GLN E 760 44.74 -22.90 -18.41
CA GLN E 760 45.68 -22.70 -19.49
C GLN E 760 46.21 -24.02 -20.01
N ARG E 761 46.29 -25.04 -19.16
CA ARG E 761 46.67 -26.38 -19.62
C ARG E 761 45.53 -27.05 -20.37
N GLY E 762 44.28 -26.73 -20.02
CA GLY E 762 43.13 -27.26 -20.72
C GLY E 762 42.70 -28.66 -20.34
N ALA E 763 43.34 -29.26 -19.34
CA ALA E 763 42.97 -30.62 -18.95
C ALA E 763 41.56 -30.67 -18.35
N LEU E 764 41.12 -29.58 -17.71
CA LEU E 764 39.80 -29.49 -17.12
C LEU E 764 38.96 -28.46 -17.86
N ASN E 765 37.66 -28.71 -17.93
CA ASN E 765 36.76 -27.85 -18.68
C ASN E 765 36.63 -26.49 -18.00
N HIS E 766 35.91 -25.58 -18.68
CA HIS E 766 35.78 -24.22 -18.19
C HIS E 766 34.83 -24.13 -17.00
N THR E 767 33.67 -24.79 -17.09
CA THR E 767 32.75 -24.81 -15.96
C THR E 767 33.40 -25.45 -14.73
N GLU E 768 34.33 -26.38 -14.94
CA GLU E 768 35.10 -26.92 -13.82
C GLU E 768 36.09 -25.89 -13.28
N ARG E 769 36.59 -25.00 -14.15
CA ARG E 769 37.46 -23.92 -13.69
C ARG E 769 36.72 -23.02 -12.71
N ASN E 770 35.53 -22.55 -13.09
CA ASN E 770 34.72 -21.76 -12.16
C ASN E 770 34.42 -22.54 -10.89
N GLU E 771 34.09 -23.83 -11.02
CA GLU E 771 33.75 -24.64 -9.86
C GLU E 771 34.92 -24.70 -8.88
N SER E 772 36.10 -25.11 -9.37
CA SER E 772 37.27 -25.13 -8.50
C SER E 772 37.61 -23.74 -7.98
N LEU E 773 37.29 -22.70 -8.75
CA LEU E 773 37.49 -21.33 -8.28
C LEU E 773 36.52 -20.98 -7.16
N VAL E 774 35.25 -21.41 -7.28
CA VAL E 774 34.25 -21.08 -6.28
C VAL E 774 34.52 -21.82 -4.98
N LYS E 775 34.90 -23.10 -5.07
CA LYS E 775 35.13 -23.89 -3.87
C LYS E 775 36.32 -23.37 -3.08
N ILE E 776 37.38 -22.95 -3.76
CA ILE E 776 38.55 -22.40 -3.07
C ILE E 776 38.21 -21.03 -2.49
N TRP E 777 37.49 -20.19 -3.25
CA TRP E 777 37.15 -18.86 -2.77
C TRP E 777 36.12 -18.92 -1.65
N GLN E 778 35.08 -19.74 -1.81
CA GLN E 778 34.10 -19.88 -0.74
C GLN E 778 34.65 -20.64 0.45
N ASP E 779 35.90 -21.12 0.38
CA ASP E 779 36.60 -21.62 1.57
C ASP E 779 37.27 -20.49 2.33
N ALA E 780 38.04 -19.65 1.63
CA ALA E 780 38.69 -18.50 2.21
C ALA E 780 37.71 -17.68 3.05
N THR E 781 36.46 -17.66 2.62
CA THR E 781 35.43 -16.96 3.39
C THR E 781 35.31 -17.54 4.79
N GLU E 782 35.32 -18.87 4.91
CA GLU E 782 35.28 -19.49 6.23
C GLU E 782 36.57 -19.28 6.99
N GLU E 783 37.70 -19.21 6.30
CA GLU E 783 38.97 -18.99 6.98
C GLU E 783 39.06 -17.60 7.57
N VAL E 784 38.63 -16.57 6.82
CA VAL E 784 38.58 -15.23 7.37
C VAL E 784 37.49 -15.12 8.44
N GLY E 785 36.49 -16.00 8.40
CA GLY E 785 35.48 -16.03 9.45
C GLY E 785 36.07 -16.41 10.78
N LYS E 786 36.69 -17.59 10.86
CA LYS E 786 37.39 -17.99 12.07
C LYS E 786 38.50 -17.00 12.41
N ALA E 787 39.19 -16.49 11.40
CA ALA E 787 40.23 -15.48 11.64
C ALA E 787 39.66 -14.28 12.35
N LEU E 788 38.49 -13.79 11.89
CA LEU E 788 37.85 -12.65 12.52
C LEU E 788 37.52 -12.93 13.98
N GLU E 789 36.93 -14.10 14.24
CA GLU E 789 36.47 -14.40 15.60
C GLU E 789 37.63 -14.50 16.57
N GLU E 790 38.74 -15.09 16.13
CA GLU E 790 39.89 -15.25 17.02
C GLU E 790 40.43 -13.91 17.49
N PHE E 791 40.29 -12.87 16.67
CA PHE E 791 40.88 -11.57 16.98
C PHE E 791 40.00 -10.73 17.89
N TYR E 792 38.68 -10.92 17.84
CA TYR E 792 37.77 -10.05 18.56
C TYR E 792 37.83 -10.33 20.06
N PRO E 793 37.84 -9.30 20.90
CA PRO E 793 37.65 -9.51 22.34
C PRO E 793 36.20 -9.85 22.64
N ALA E 794 36.00 -10.77 23.59
CA ALA E 794 34.66 -11.24 23.90
C ALA E 794 33.75 -10.11 24.38
N ASP E 795 34.31 -9.01 24.85
CA ASP E 795 33.52 -7.88 25.33
C ASP E 795 33.36 -6.80 24.28
N ASN E 796 33.75 -7.07 23.04
CA ASN E 796 33.54 -6.10 21.97
C ASN E 796 32.05 -5.83 21.79
N PRO E 797 31.63 -4.56 21.70
CA PRO E 797 30.19 -4.29 21.67
C PRO E 797 29.46 -4.96 20.51
N ILE E 798 30.06 -5.02 19.33
CA ILE E 798 29.39 -5.64 18.20
C ILE E 798 29.22 -7.14 18.41
N ILE E 799 30.24 -7.80 18.96
CA ILE E 799 30.14 -9.23 19.22
C ILE E 799 29.15 -9.50 20.35
N THR E 800 29.16 -8.65 21.38
CA THR E 800 28.22 -8.83 22.48
C THR E 800 26.78 -8.79 21.97
N ILE E 801 26.49 -7.90 21.02
CA ILE E 801 25.15 -7.83 20.43
C ILE E 801 24.77 -9.18 19.84
N VAL E 802 25.68 -9.81 19.11
CA VAL E 802 25.37 -11.08 18.45
C VAL E 802 25.40 -12.23 19.44
N LYS E 803 26.38 -12.24 20.35
CA LYS E 803 26.49 -13.32 21.32
C LYS E 803 25.22 -13.46 22.15
N SER E 804 24.68 -12.34 22.64
CA SER E 804 23.52 -12.38 23.50
C SER E 804 22.29 -12.96 22.82
N GLY E 805 22.29 -13.07 21.49
CA GLY E 805 21.12 -13.47 20.75
C GLY E 805 20.12 -12.37 20.51
N ALA E 806 20.40 -11.15 20.98
CA ALA E 806 19.48 -10.04 20.78
C ALA E 806 19.21 -9.81 19.29
N THR E 807 20.27 -9.58 18.52
CA THR E 807 20.12 -9.33 17.09
C THR E 807 21.46 -9.53 16.40
N GLY E 808 21.40 -9.85 15.12
CA GLY E 808 22.57 -9.95 14.28
C GLY E 808 22.87 -11.37 13.85
N ASN E 809 23.81 -11.47 12.91
CA ASN E 809 24.31 -12.74 12.40
C ASN E 809 25.82 -12.65 12.27
N LEU E 810 26.47 -13.80 12.36
CA LEU E 810 27.91 -13.84 12.10
C LEU E 810 28.22 -13.57 10.63
N THR E 811 27.33 -13.97 9.72
CA THR E 811 27.52 -13.67 8.31
C THR E 811 27.57 -12.17 8.08
N GLN E 812 26.67 -11.42 8.73
CA GLN E 812 26.66 -9.97 8.56
C GLN E 812 27.93 -9.34 9.12
N THR E 813 28.41 -9.85 10.26
CA THR E 813 29.65 -9.33 10.82
C THR E 813 30.83 -9.59 9.90
N ARG E 814 30.83 -10.74 9.21
CA ARG E 814 31.91 -11.04 8.29
C ARG E 814 31.91 -10.10 7.09
N THR E 815 30.71 -9.70 6.63
CA THR E 815 30.62 -8.75 5.53
C THR E 815 30.94 -7.32 5.97
N LEU E 816 30.79 -7.02 7.26
CA LEU E 816 31.15 -5.69 7.75
C LEU E 816 32.66 -5.52 7.78
N ALA E 817 33.36 -6.41 8.48
CA ALA E 817 34.81 -6.43 8.51
C ALA E 817 35.29 -7.78 7.99
N GLY E 818 36.36 -7.76 7.20
CA GLY E 818 36.82 -8.97 6.54
C GLY E 818 36.64 -8.89 5.03
N MET E 819 35.68 -9.64 4.50
CA MET E 819 35.36 -9.56 3.08
C MET E 819 33.91 -9.97 2.86
N LYS E 820 33.28 -9.35 1.86
CA LYS E 820 31.90 -9.69 1.52
C LYS E 820 31.76 -11.14 1.13
N GLY E 821 32.64 -11.62 0.27
CA GLY E 821 32.54 -12.97 -0.28
C GLY E 821 31.98 -12.97 -1.68
N LEU E 822 31.70 -14.17 -2.17
CA LEU E 822 31.13 -14.32 -3.50
C LEU E 822 29.70 -13.80 -3.52
N VAL E 823 29.32 -13.16 -4.63
CA VAL E 823 28.01 -12.58 -4.81
C VAL E 823 27.34 -13.24 -6.01
N THR E 824 26.04 -12.97 -6.16
CA THR E 824 25.26 -13.57 -7.23
C THR E 824 25.40 -12.77 -8.52
N ASN E 825 25.40 -13.50 -9.66
CA ASN E 825 25.18 -12.88 -10.95
C ASN E 825 23.67 -12.79 -11.21
N PRO E 826 23.23 -11.81 -12.00
CA PRO E 826 21.77 -11.68 -12.23
C PRO E 826 21.15 -12.98 -12.70
N LYS E 827 21.87 -13.72 -13.54
CA LYS E 827 21.39 -14.99 -14.04
C LYS E 827 21.26 -16.03 -12.94
N GLY E 828 21.98 -15.86 -11.83
CA GLY E 828 21.86 -16.73 -10.67
C GLY E 828 23.09 -17.53 -10.32
N GLU E 829 24.13 -17.52 -11.15
CA GLU E 829 25.32 -18.33 -10.88
C GLU E 829 26.36 -17.51 -10.13
N PHE E 830 27.06 -18.17 -9.20
CA PHE E 830 28.11 -17.51 -8.43
C PHE E 830 29.19 -16.96 -9.35
N ILE E 831 29.58 -15.71 -9.11
CA ILE E 831 30.75 -15.17 -9.81
C ILE E 831 31.99 -15.92 -9.33
N PRO E 832 32.91 -16.30 -10.22
CA PRO E 832 34.20 -16.81 -9.72
C PRO E 832 35.00 -15.75 -9.01
N ARG E 833 34.82 -14.48 -9.37
CA ARG E 833 35.58 -13.40 -8.76
C ARG E 833 34.93 -13.00 -7.44
N PRO E 834 35.65 -13.05 -6.32
CA PRO E 834 35.09 -12.60 -5.04
C PRO E 834 35.38 -11.13 -4.79
N ILE E 835 34.61 -10.57 -3.86
CA ILE E 835 34.82 -9.20 -3.39
C ILE E 835 35.76 -9.29 -2.19
N LYS E 836 37.03 -8.98 -2.40
CA LYS E 836 38.01 -9.11 -1.33
C LYS E 836 37.84 -8.02 -0.27
N SER E 837 37.32 -6.87 -0.66
CA SER E 837 37.14 -5.77 0.28
C SER E 837 35.89 -5.99 1.15
N SER E 838 35.85 -5.28 2.27
CA SER E 838 34.71 -5.27 3.16
C SER E 838 34.13 -3.87 3.22
N PHE E 839 32.86 -3.78 3.63
CA PHE E 839 32.22 -2.48 3.74
C PHE E 839 32.92 -1.57 4.75
N ARG E 840 33.76 -2.13 5.62
CA ARG E 840 34.57 -1.30 6.50
C ARG E 840 35.66 -0.59 5.70
N GLU E 841 36.50 -1.35 4.98
CA GLU E 841 37.49 -0.76 4.10
C GLU E 841 36.84 -0.06 2.92
N GLY E 842 35.57 -0.33 2.65
CA GLY E 842 34.89 0.26 1.52
C GLY E 842 35.12 -0.50 0.23
N LEU E 843 34.07 -0.72 -0.55
CA LEU E 843 34.21 -1.36 -1.84
C LEU E 843 34.63 -0.34 -2.89
N THR E 844 35.04 -0.84 -4.05
CA THR E 844 35.46 0.00 -5.16
C THR E 844 34.30 0.18 -6.13
N VAL E 845 34.58 0.82 -7.27
CA VAL E 845 33.54 1.06 -8.27
C VAL E 845 33.01 -0.26 -8.80
N LEU E 846 33.92 -1.16 -9.23
CA LEU E 846 33.50 -2.43 -9.79
C LEU E 846 32.98 -3.37 -8.71
N GLU E 847 33.61 -3.37 -7.53
CA GLU E 847 33.14 -4.21 -6.45
C GLU E 847 31.74 -3.82 -6.01
N TYR E 848 31.48 -2.52 -5.90
CA TYR E 848 30.13 -2.06 -5.54
C TYR E 848 29.13 -2.41 -6.62
N PHE E 849 29.51 -2.20 -7.88
CA PHE E 849 28.60 -2.48 -9.00
C PHE E 849 28.17 -3.94 -9.01
N ILE E 850 29.12 -4.86 -8.86
CA ILE E 850 28.81 -6.29 -8.90
C ILE E 850 27.84 -6.67 -7.79
N ASN E 851 28.00 -6.05 -6.61
CA ASN E 851 27.14 -6.40 -5.49
C ASN E 851 25.70 -5.95 -5.72
N THR E 852 25.49 -4.89 -6.51
CA THR E 852 24.15 -4.41 -6.77
C THR E 852 23.28 -5.49 -7.40
N HIS E 853 23.87 -6.36 -8.22
CA HIS E 853 23.11 -7.45 -8.82
C HIS E 853 22.43 -8.30 -7.76
N GLY E 854 23.21 -8.81 -6.80
CA GLY E 854 22.64 -9.66 -5.78
C GLY E 854 21.80 -8.90 -4.75
N ALA E 855 22.09 -7.62 -4.56
CA ALA E 855 21.33 -6.84 -3.59
C ALA E 855 19.95 -6.49 -4.12
N ARG E 856 19.85 -6.10 -5.40
CA ARG E 856 18.55 -5.78 -5.98
C ARG E 856 17.73 -7.05 -6.21
N LYS E 857 18.36 -8.08 -6.78
CA LYS E 857 17.64 -9.32 -7.02
C LYS E 857 17.07 -9.91 -5.73
N GLY E 858 17.76 -9.71 -4.60
CA GLY E 858 17.22 -10.16 -3.33
C GLY E 858 16.13 -9.26 -2.79
N LEU E 859 16.15 -7.98 -3.16
CA LEU E 859 15.12 -7.05 -2.71
C LEU E 859 13.83 -7.17 -3.51
N ALA E 860 13.90 -7.70 -4.73
CA ALA E 860 12.70 -8.00 -5.50
C ALA E 860 12.11 -9.37 -5.15
N ASP E 861 12.94 -10.29 -4.67
CA ASP E 861 12.43 -11.58 -4.24
C ASP E 861 11.52 -11.43 -3.02
N THR E 862 11.90 -10.53 -2.11
CA THR E 862 11.06 -10.21 -0.96
C THR E 862 9.90 -9.29 -1.32
N ALA E 863 9.82 -8.84 -2.57
CA ALA E 863 8.73 -7.99 -3.02
C ALA E 863 7.52 -8.80 -3.47
N LEU E 864 7.73 -9.85 -4.27
CA LEU E 864 6.65 -10.73 -4.69
C LEU E 864 6.46 -11.91 -3.75
N ARG E 865 7.35 -12.08 -2.76
CA ARG E 865 7.18 -13.17 -1.80
C ARG E 865 5.89 -12.99 -0.99
N THR E 866 5.54 -11.74 -0.67
CA THR E 866 4.36 -11.49 0.14
C THR E 866 3.07 -11.75 -0.65
N ALA E 867 3.09 -11.55 -1.96
CA ALA E 867 1.88 -11.77 -2.76
C ALA E 867 1.55 -13.25 -2.86
N ASP E 868 2.56 -14.10 -3.06
CA ASP E 868 2.29 -15.54 -3.15
C ASP E 868 1.95 -16.13 -1.79
N SER E 869 2.59 -15.64 -0.73
CA SER E 869 2.27 -16.13 0.62
C SER E 869 0.85 -15.75 1.01
N GLY E 870 0.41 -14.54 0.65
CA GLY E 870 -0.95 -14.15 0.95
C GLY E 870 -1.97 -14.99 0.21
N TYR E 871 -1.70 -15.31 -1.06
CA TYR E 871 -2.61 -16.16 -1.81
C TYR E 871 -2.62 -17.58 -1.26
N LEU E 872 -1.48 -18.05 -0.73
CA LEU E 872 -1.45 -19.36 -0.09
C LEU E 872 -2.23 -19.34 1.21
N THR E 873 -2.03 -18.31 2.04
CA THR E 873 -2.75 -18.21 3.30
C THR E 873 -4.25 -18.17 3.08
N ARG E 874 -4.70 -17.52 2.01
CA ARG E 874 -6.13 -17.42 1.74
C ARG E 874 -6.72 -18.79 1.41
N ARG E 875 -5.99 -19.62 0.65
CA ARG E 875 -6.48 -20.95 0.35
C ARG E 875 -6.46 -21.85 1.57
N LEU E 876 -5.43 -21.71 2.42
CA LEU E 876 -5.41 -22.45 3.68
C LEU E 876 -6.62 -22.09 4.53
N VAL E 877 -6.92 -20.79 4.65
CA VAL E 877 -8.02 -20.36 5.50
C VAL E 877 -9.35 -20.90 4.98
N ASP E 878 -9.56 -20.81 3.66
CA ASP E 878 -10.86 -21.19 3.11
C ASP E 878 -11.10 -22.68 3.19
N VAL E 879 -10.05 -23.50 3.09
CA VAL E 879 -10.23 -24.94 3.15
C VAL E 879 -10.43 -25.45 4.57
N SER E 880 -10.04 -24.67 5.58
CA SER E 880 -10.05 -25.12 6.96
C SER E 880 -10.88 -24.25 7.89
N GLN E 881 -11.54 -23.21 7.38
CA GLN E 881 -12.18 -22.23 8.26
C GLN E 881 -13.27 -22.88 9.11
N ASP E 882 -14.00 -23.84 8.55
CA ASP E 882 -15.12 -24.45 9.27
C ASP E 882 -14.69 -25.54 10.25
N VAL E 883 -13.39 -25.79 10.40
CA VAL E 883 -12.90 -26.81 11.32
C VAL E 883 -12.79 -26.19 12.71
N ILE E 884 -13.65 -26.63 13.63
CA ILE E 884 -13.62 -26.18 15.01
C ILE E 884 -13.82 -27.37 15.92
N VAL E 885 -13.43 -27.21 17.18
CA VAL E 885 -13.62 -28.26 18.18
C VAL E 885 -15.09 -28.29 18.57
N ARG E 886 -15.69 -29.48 18.55
CA ARG E 886 -17.11 -29.65 18.81
C ARG E 886 -17.43 -30.45 20.06
N GLU E 887 -16.48 -31.20 20.61
CA GLU E 887 -16.75 -32.01 21.78
C GLU E 887 -15.45 -32.29 22.52
N HIS E 888 -15.58 -32.59 23.81
CA HIS E 888 -14.40 -32.82 24.64
C HIS E 888 -13.62 -34.04 24.17
N ASP E 889 -14.33 -35.14 23.89
CA ASP E 889 -13.68 -36.40 23.56
C ASP E 889 -14.55 -37.18 22.59
N CYS E 890 -13.92 -37.80 21.60
CA CYS E 890 -14.60 -38.72 20.70
C CYS E 890 -14.33 -40.18 21.06
N GLU E 891 -13.48 -40.43 22.06
CA GLU E 891 -13.27 -41.75 22.66
C GLU E 891 -12.67 -42.76 21.70
N THR E 892 -12.14 -42.32 20.57
CA THR E 892 -11.50 -43.26 19.65
C THR E 892 -10.15 -43.72 20.21
N GLU E 893 -9.75 -44.93 19.82
CA GLU E 893 -8.48 -45.50 20.23
C GLU E 893 -7.42 -45.41 19.14
N ARG E 894 -7.76 -44.86 17.98
CA ARG E 894 -6.80 -44.73 16.90
C ARG E 894 -5.82 -43.59 17.18
N GLY E 895 -4.67 -43.65 16.53
CA GLY E 895 -3.66 -42.65 16.74
C GLY E 895 -2.51 -42.81 15.76
N ILE E 896 -1.44 -42.05 16.01
CA ILE E 896 -0.25 -42.08 15.20
C ILE E 896 0.97 -42.23 16.10
N ASN E 897 2.01 -42.87 15.56
CA ASN E 897 3.22 -43.16 16.33
C ASN E 897 4.26 -42.07 16.07
N VAL E 898 4.69 -41.41 17.14
CA VAL E 898 5.72 -40.39 17.07
C VAL E 898 7.08 -41.06 17.28
N THR E 899 8.12 -40.52 16.64
CA THR E 899 9.41 -41.20 16.61
C THR E 899 10.13 -41.09 17.96
N LEU E 900 10.20 -39.88 18.52
CA LEU E 900 10.58 -39.66 19.93
C LEU E 900 11.92 -40.32 20.27
N ALA E 901 12.96 -39.81 19.63
CA ALA E 901 14.35 -40.09 20.02
C ALA E 901 14.82 -41.48 19.62
N GLU E 902 14.45 -41.93 18.43
CA GLU E 902 14.94 -43.18 17.88
C GLU E 902 16.19 -42.93 17.04
N ILE E 910 19.83 -41.10 21.00
CA ILE E 910 19.68 -39.68 21.32
C ILE E 910 18.29 -39.16 20.91
N ARG E 911 17.89 -38.05 21.52
CA ARG E 911 16.56 -37.50 21.24
C ARG E 911 16.44 -37.09 19.78
N ASP E 912 15.23 -37.25 19.24
CA ASP E 912 14.96 -36.81 17.89
C ASP E 912 15.03 -35.29 17.82
N ALA E 913 15.54 -34.79 16.69
CA ALA E 913 15.76 -33.35 16.55
C ALA E 913 14.52 -32.55 16.91
N HIS E 914 13.37 -32.96 16.39
CA HIS E 914 12.11 -32.22 16.55
C HIS E 914 11.06 -33.13 17.17
N VAL E 915 11.08 -33.22 18.50
CA VAL E 915 9.96 -33.76 19.26
C VAL E 915 9.11 -32.66 19.85
N GLU E 916 9.62 -31.42 19.89
CA GLU E 916 8.84 -30.29 20.36
C GLU E 916 7.66 -30.00 19.44
N THR E 917 7.81 -30.26 18.14
CA THR E 917 6.76 -30.02 17.17
C THR E 917 5.94 -31.26 16.83
N SER E 918 6.38 -32.44 17.24
CA SER E 918 5.72 -33.69 16.90
C SER E 918 5.19 -34.44 18.11
N ALA E 919 5.98 -34.57 19.17
CA ALA E 919 5.56 -35.30 20.37
C ALA E 919 5.07 -34.38 21.48
N PHE E 920 5.70 -33.23 21.66
CA PHE E 920 5.29 -32.29 22.70
C PHE E 920 3.92 -31.71 22.39
N ALA E 921 3.12 -31.52 23.44
CA ALA E 921 1.78 -30.94 23.37
C ALA E 921 0.75 -31.91 22.80
N ARG E 922 1.04 -33.21 22.78
CA ARG E 922 0.10 -34.21 22.33
C ARG E 922 -0.53 -34.93 23.51
N THR E 923 -1.53 -35.75 23.22
CA THR E 923 -2.20 -36.57 24.22
C THR E 923 -2.01 -38.04 23.88
N LEU E 924 -1.68 -38.85 24.90
CA LEU E 924 -1.37 -40.25 24.67
C LEU E 924 -2.60 -41.01 24.21
N ALA E 925 -2.48 -41.71 23.09
CA ALA E 925 -3.55 -42.60 22.65
C ALA E 925 -3.63 -43.83 23.54
N THR E 926 -2.49 -44.39 23.92
CA THR E 926 -2.43 -45.57 24.77
C THR E 926 -1.44 -45.34 25.91
N ASP E 927 -1.55 -46.19 26.93
CA ASP E 927 -0.64 -46.12 28.06
C ASP E 927 0.80 -46.32 27.60
N ALA E 928 1.71 -45.55 28.20
CA ALA E 928 3.14 -45.69 27.92
C ALA E 928 3.69 -46.84 28.74
N VAL E 929 4.13 -47.90 28.08
CA VAL E 929 4.57 -49.12 28.73
C VAL E 929 6.08 -49.26 28.60
N ASP E 930 6.73 -49.57 29.72
CA ASP E 930 8.10 -50.03 29.73
C ASP E 930 8.12 -51.55 29.71
N ALA E 931 9.23 -52.12 29.24
CA ALA E 931 9.39 -53.57 29.26
C ALA E 931 9.43 -54.06 30.70
N ASN E 932 8.66 -55.10 31.00
CA ASN E 932 7.89 -55.83 29.99
C ASN E 932 6.43 -55.38 29.73
N GLY E 933 5.78 -54.64 30.64
CA GLY E 933 6.32 -54.24 31.93
C GLY E 933 5.64 -53.03 32.53
N ASN E 934 6.44 -52.17 33.17
CA ASN E 934 5.91 -51.07 33.95
C ASN E 934 5.30 -49.99 33.07
N VAL E 935 4.16 -49.45 33.49
CA VAL E 935 3.51 -48.34 32.81
C VAL E 935 3.99 -47.04 33.45
N ILE E 936 4.66 -46.20 32.67
CA ILE E 936 5.30 -45.00 33.19
C ILE E 936 4.41 -43.78 33.00
N ILE E 937 3.65 -43.74 31.91
CA ILE E 937 2.73 -42.65 31.64
C ILE E 937 1.43 -43.22 31.12
N GLU E 938 0.32 -42.92 31.79
CA GLU E 938 -0.98 -43.41 31.38
C GLU E 938 -1.48 -42.66 30.14
N ARG E 939 -2.42 -43.27 29.44
CA ARG E 939 -2.99 -42.64 28.27
C ARG E 939 -3.78 -41.39 28.67
N GLY E 940 -4.12 -40.58 27.67
CA GLY E 940 -4.86 -39.36 27.93
C GLY E 940 -4.12 -38.36 28.79
N HIS E 941 -2.80 -38.26 28.61
CA HIS E 941 -1.99 -37.29 29.33
C HIS E 941 -1.39 -36.30 28.34
N ASP E 942 -0.99 -35.14 28.88
CA ASP E 942 -0.66 -33.99 28.03
C ASP E 942 0.74 -34.05 27.44
N LEU E 943 1.63 -34.88 27.97
CA LEU E 943 3.00 -34.97 27.47
C LEU E 943 3.72 -33.63 27.59
N GLY E 944 3.84 -33.16 28.83
CA GLY E 944 4.67 -32.01 29.13
C GLY E 944 6.14 -32.37 29.03
N ASP E 945 6.99 -31.39 29.33
CA ASP E 945 8.43 -31.63 29.29
C ASP E 945 8.81 -32.73 30.26
N PRO E 946 8.46 -32.61 31.55
CA PRO E 946 8.79 -33.67 32.51
C PRO E 946 8.34 -35.05 32.05
N ALA E 947 7.21 -35.14 31.35
CA ALA E 947 6.77 -36.42 30.83
C ALA E 947 7.80 -37.00 29.86
N ILE E 948 8.40 -36.16 29.02
CA ILE E 948 9.34 -36.65 28.02
C ILE E 948 10.56 -37.25 28.70
N ASP E 949 11.20 -36.50 29.60
CA ASP E 949 12.38 -37.00 30.28
C ASP E 949 12.09 -38.28 31.04
N ALA E 950 11.05 -38.26 31.88
CA ALA E 950 10.62 -39.48 32.55
C ALA E 950 10.42 -40.60 31.54
N LEU E 951 9.62 -40.34 30.50
CA LEU E 951 9.54 -41.27 29.38
C LEU E 951 10.92 -41.60 28.84
N LEU E 952 11.68 -40.57 28.46
CA LEU E 952 13.03 -40.78 27.93
C LEU E 952 13.85 -41.69 28.83
N ALA E 953 13.68 -41.57 30.15
CA ALA E 953 14.45 -42.39 31.08
C ALA E 953 14.08 -43.87 30.95
N ALA E 954 12.77 -44.17 30.84
CA ALA E 954 12.32 -45.56 30.83
C ALA E 954 12.88 -46.37 29.67
N GLY E 955 13.54 -45.73 28.69
CA GLY E 955 14.05 -46.43 27.55
C GLY E 955 13.08 -46.61 26.40
N ILE E 956 11.91 -45.97 26.46
CA ILE E 956 10.97 -46.02 25.35
C ILE E 956 11.47 -45.14 24.21
N THR E 957 11.14 -45.54 22.99
CA THR E 957 11.50 -44.78 21.80
C THR E 957 10.30 -44.21 21.07
N THR E 958 9.19 -44.95 20.97
CA THR E 958 8.03 -44.49 20.24
C THR E 958 6.82 -44.39 21.17
N VAL E 959 5.85 -43.61 20.74
CA VAL E 959 4.60 -43.42 21.48
C VAL E 959 3.47 -43.24 20.49
N LYS E 960 2.34 -43.88 20.76
CA LYS E 960 1.12 -43.65 19.99
C LYS E 960 0.38 -42.46 20.59
N VAL E 961 -0.03 -41.54 19.72
CA VAL E 961 -0.54 -40.25 20.17
C VAL E 961 -1.80 -39.89 19.39
N ARG E 962 -2.72 -39.20 20.06
CA ARG E 962 -3.95 -38.75 19.44
C ARG E 962 -3.67 -37.66 18.41
N SER E 963 -4.46 -37.64 17.35
CA SER E 963 -4.30 -36.66 16.29
C SER E 963 -5.65 -36.41 15.62
N VAL E 964 -5.77 -35.22 15.03
CA VAL E 964 -6.98 -34.89 14.29
C VAL E 964 -7.11 -35.72 13.02
N LEU E 965 -6.02 -36.36 12.58
CA LEU E 965 -6.10 -37.24 11.43
C LEU E 965 -6.95 -38.47 11.71
N THR E 966 -6.85 -38.99 12.94
CA THR E 966 -7.58 -40.17 13.35
C THR E 966 -8.85 -39.85 14.15
N CYS E 967 -9.09 -38.58 14.43
CA CYS E 967 -10.24 -38.20 15.24
C CYS E 967 -11.54 -38.63 14.56
N THR E 968 -12.39 -39.35 15.31
CA THR E 968 -13.64 -39.88 14.80
C THR E 968 -14.82 -38.94 15.04
N SER E 969 -14.56 -37.67 15.36
CA SER E 969 -15.63 -36.74 15.65
C SER E 969 -16.52 -36.54 14.43
N ALA E 970 -17.84 -36.60 14.64
CA ALA E 970 -18.78 -36.42 13.54
C ALA E 970 -18.58 -35.05 12.88
N THR E 971 -18.71 -33.99 13.67
CA THR E 971 -18.51 -32.63 13.18
C THR E 971 -17.27 -32.04 13.83
N GLY E 972 -16.40 -31.43 13.02
CA GLY E 972 -15.19 -30.86 13.55
C GLY E 972 -14.28 -31.92 14.15
N VAL E 973 -13.60 -31.54 15.22
CA VAL E 973 -12.69 -32.43 15.95
C VAL E 973 -12.99 -32.27 17.44
N CYS E 974 -12.34 -33.10 18.24
CA CYS E 974 -12.53 -33.11 19.68
C CYS E 974 -11.32 -32.53 20.40
N ALA E 975 -11.53 -32.17 21.66
CA ALA E 975 -10.47 -31.50 22.42
C ALA E 975 -9.32 -32.44 22.72
N MET E 976 -9.61 -33.70 23.05
CA MET E 976 -8.54 -34.63 23.42
C MET E 976 -7.65 -34.94 22.23
N CYS E 977 -8.22 -35.01 21.02
CA CYS E 977 -7.42 -35.30 19.85
C CYS E 977 -6.54 -34.10 19.46
N TYR E 978 -7.09 -32.89 19.53
CA TYR E 978 -6.31 -31.72 19.16
C TYR E 978 -5.18 -31.48 20.16
N GLY E 979 -5.47 -31.61 21.45
CA GLY E 979 -4.45 -31.46 22.47
C GLY E 979 -4.34 -30.06 23.03
N ARG E 980 -3.15 -29.73 23.52
CA ARG E 980 -2.94 -28.44 24.19
C ARG E 980 -3.10 -27.29 23.22
N SER E 981 -3.63 -26.18 23.72
CA SER E 981 -3.66 -24.94 22.96
C SER E 981 -2.35 -24.21 23.15
N MET E 982 -1.65 -23.96 22.05
CA MET E 982 -0.31 -23.37 22.14
C MET E 982 -0.31 -22.03 22.85
N ALA E 983 -1.40 -21.27 22.73
CA ALA E 983 -1.48 -19.97 23.38
C ALA E 983 -1.74 -20.11 24.88
N THR E 984 -2.80 -20.84 25.24
CA THR E 984 -3.17 -20.97 26.64
C THR E 984 -2.24 -21.91 27.41
N GLY E 985 -1.55 -22.81 26.71
CA GLY E 985 -0.75 -23.80 27.39
C GLY E 985 -1.55 -24.84 28.14
N LYS E 986 -2.83 -24.99 27.80
CA LYS E 986 -3.71 -25.95 28.45
C LYS E 986 -4.57 -26.60 27.38
N LEU E 987 -5.39 -27.56 27.80
CA LEU E 987 -6.28 -28.25 26.86
C LEU E 987 -7.08 -27.23 26.07
N VAL E 988 -7.25 -27.50 24.77
CA VAL E 988 -7.94 -26.56 23.90
C VAL E 988 -9.38 -26.40 24.36
N ASP E 989 -9.84 -25.15 24.40
CA ASP E 989 -11.22 -24.87 24.74
C ASP E 989 -12.14 -25.44 23.65
N ILE E 990 -13.42 -25.56 23.99
CA ILE E 990 -14.36 -26.21 23.09
C ILE E 990 -14.56 -25.40 21.82
N GLY E 991 -14.82 -24.11 21.97
CA GLY E 991 -15.18 -23.29 20.82
C GLY E 991 -14.04 -22.96 19.88
N GLU E 992 -12.80 -23.31 20.23
CA GLU E 992 -11.65 -22.91 19.43
C GLU E 992 -11.82 -23.28 17.96
N ALA E 993 -11.59 -22.30 17.09
CA ALA E 993 -11.60 -22.52 15.65
C ALA E 993 -10.16 -22.82 15.23
N VAL E 994 -9.79 -24.10 15.32
CA VAL E 994 -8.41 -24.50 15.05
C VAL E 994 -8.08 -24.50 13.56
N GLY E 995 -9.07 -24.59 12.69
CA GLY E 995 -8.79 -24.56 11.26
C GLY E 995 -8.16 -23.25 10.83
N ILE E 996 -8.76 -22.14 11.25
CA ILE E 996 -8.19 -20.82 10.92
C ILE E 996 -6.85 -20.63 11.61
N VAL E 997 -6.75 -21.03 12.88
CA VAL E 997 -5.49 -20.91 13.60
C VAL E 997 -4.38 -21.65 12.88
N ALA E 998 -4.69 -22.83 12.33
CA ALA E 998 -3.69 -23.58 11.58
C ALA E 998 -3.32 -22.85 10.29
N ALA E 999 -4.32 -22.42 9.53
CA ALA E 999 -4.05 -21.72 8.27
C ALA E 999 -3.18 -20.50 8.49
N GLN E 1000 -3.36 -19.80 9.61
CA GLN E 1000 -2.54 -18.64 9.91
C GLN E 1000 -1.18 -19.05 10.47
N SER E 1001 -1.15 -20.08 11.32
CA SER E 1001 0.12 -20.57 11.83
C SER E 1001 1.04 -20.99 10.70
N ILE E 1002 0.47 -21.55 9.63
CA ILE E 1002 1.26 -21.90 8.45
C ILE E 1002 1.44 -20.71 7.52
N GLY E 1003 0.55 -19.72 7.60
CA GLY E 1003 0.57 -18.61 6.67
C GLY E 1003 1.49 -17.48 7.07
N GLU E 1004 1.65 -17.25 8.38
CA GLU E 1004 2.56 -16.18 8.82
C GLU E 1004 3.98 -16.42 8.31
N PRO E 1005 4.57 -17.60 8.46
CA PRO E 1005 5.79 -17.90 7.72
C PRO E 1005 5.49 -18.00 6.23
N GLY E 1006 6.57 -17.98 5.43
CA GLY E 1006 6.49 -17.85 4.00
C GLY E 1006 7.11 -16.57 3.49
N THR E 1007 7.01 -15.50 4.27
CA THR E 1007 7.90 -14.36 4.06
C THR E 1007 9.33 -14.71 4.41
N GLN E 1008 9.50 -15.68 5.31
CA GLN E 1008 10.81 -16.21 5.69
C GLN E 1008 11.24 -17.37 4.80
N LEU E 1009 10.32 -17.92 4.00
CA LEU E 1009 10.67 -18.99 3.06
C LEU E 1009 11.30 -18.41 1.81
N THR E 1010 12.45 -18.96 1.43
CA THR E 1010 13.15 -18.50 0.23
C THR E 1010 13.10 -19.55 -0.87
N GLY E 1027 12.24 -25.91 -2.92
CA GLY E 1027 12.73 -25.71 -1.56
C GLY E 1027 12.20 -24.45 -0.91
N GLY E 1028 10.93 -24.15 -1.16
CA GLY E 1028 10.30 -22.97 -0.60
C GLY E 1028 8.81 -22.92 -0.85
N LEU E 1029 8.27 -21.72 -1.01
CA LEU E 1029 6.85 -21.56 -1.29
C LEU E 1029 6.36 -22.43 -2.45
N PRO E 1030 7.11 -22.57 -3.55
CA PRO E 1030 6.64 -23.48 -4.60
C PRO E 1030 6.43 -24.91 -4.13
N ARG E 1031 7.40 -25.45 -3.36
CA ARG E 1031 7.25 -26.81 -2.86
C ARG E 1031 6.07 -26.94 -1.90
N VAL E 1032 5.86 -25.92 -1.05
CA VAL E 1032 4.77 -25.97 -0.09
C VAL E 1032 3.43 -25.97 -0.82
N GLN E 1033 3.29 -25.14 -1.86
CA GLN E 1033 2.06 -25.13 -2.64
C GLN E 1033 1.86 -26.44 -3.37
N GLU E 1034 2.94 -27.05 -3.86
CA GLU E 1034 2.82 -28.32 -4.56
C GLU E 1034 2.27 -29.41 -3.64
N LEU E 1035 2.65 -29.37 -2.36
CA LEU E 1035 2.20 -30.40 -1.42
C LEU E 1035 0.73 -30.22 -1.06
N PHE E 1036 0.35 -29.03 -0.60
CA PHE E 1036 -1.03 -28.82 -0.21
C PHE E 1036 -1.99 -28.93 -1.39
N GLU E 1037 -1.53 -28.56 -2.59
CA GLU E 1037 -2.36 -28.71 -3.78
C GLU E 1037 -2.36 -30.13 -4.30
N ALA E 1038 -1.45 -30.99 -3.83
CA ALA E 1038 -1.45 -32.41 -4.17
C ALA E 1038 -1.19 -32.63 -5.66
N ARG E 1039 -0.35 -31.79 -6.24
CA ARG E 1039 -0.01 -31.94 -7.65
C ARG E 1039 1.02 -33.05 -7.84
N VAL E 1040 1.15 -33.51 -9.08
CA VAL E 1040 2.20 -34.49 -9.38
C VAL E 1040 3.56 -33.85 -9.10
N PRO E 1041 4.44 -34.50 -8.35
CA PRO E 1041 5.68 -33.84 -7.94
C PRO E 1041 6.47 -33.30 -9.11
N ARG E 1042 7.14 -32.18 -8.88
CA ARG E 1042 7.93 -31.53 -9.92
C ARG E 1042 8.90 -32.51 -10.57
N ASN E 1043 9.68 -33.21 -9.75
CA ASN E 1043 10.53 -34.31 -10.21
C ASN E 1043 10.07 -35.56 -9.46
N LYS E 1044 9.30 -36.40 -10.15
CA LYS E 1044 8.67 -37.54 -9.49
C LYS E 1044 9.71 -38.55 -9.03
N ALA E 1045 9.50 -39.11 -7.84
CA ALA E 1045 10.33 -40.15 -7.29
C ALA E 1045 9.53 -41.42 -7.08
N PRO E 1046 10.08 -42.58 -7.40
CA PRO E 1046 9.33 -43.83 -7.25
C PRO E 1046 9.36 -44.35 -5.83
N ILE E 1047 8.28 -45.04 -5.46
CA ILE E 1047 8.18 -45.74 -4.19
C ILE E 1047 8.04 -47.22 -4.46
N ALA E 1048 8.50 -48.03 -3.50
CA ALA E 1048 8.37 -49.47 -3.63
C ALA E 1048 6.90 -49.88 -3.65
N ASP E 1049 6.54 -50.73 -4.61
CA ASP E 1049 5.18 -51.26 -4.67
C ASP E 1049 5.02 -52.51 -3.82
N VAL E 1050 6.12 -53.13 -3.41
CA VAL E 1050 6.08 -54.33 -2.58
C VAL E 1050 7.45 -54.50 -1.95
N ALA E 1051 7.52 -55.25 -0.85
CA ALA E 1051 8.76 -55.45 -0.12
C ALA E 1051 9.52 -56.64 -0.68
N GLY E 1052 10.85 -56.53 -0.71
CA GLY E 1052 11.69 -57.59 -1.20
C GLY E 1052 13.05 -57.06 -1.59
N ARG E 1053 13.80 -57.91 -2.29
CA ARG E 1053 15.11 -57.53 -2.78
C ARG E 1053 15.00 -56.47 -3.86
N VAL E 1054 16.12 -55.79 -4.12
CA VAL E 1054 16.23 -54.79 -5.17
C VAL E 1054 17.42 -55.14 -6.05
N ARG E 1055 17.18 -55.20 -7.35
CA ARG E 1055 18.23 -55.44 -8.33
C ARG E 1055 18.49 -54.14 -9.07
N LEU E 1056 19.64 -53.52 -8.79
CA LEU E 1056 20.00 -52.25 -9.40
C LEU E 1056 20.78 -52.50 -10.68
N GLU E 1057 20.19 -52.13 -11.81
CA GLU E 1057 20.84 -52.23 -13.11
C GLU E 1057 21.06 -50.82 -13.66
N GLU E 1058 22.16 -50.65 -14.40
CA GLU E 1058 22.54 -49.36 -14.97
C GLU E 1058 22.51 -49.46 -16.49
N SER E 1059 21.54 -48.80 -17.10
CA SER E 1059 21.49 -48.69 -18.55
C SER E 1059 22.47 -47.62 -19.00
N ASP E 1060 22.36 -47.19 -20.26
CA ASP E 1060 23.26 -46.14 -20.76
C ASP E 1060 22.94 -44.84 -20.04
N LYS E 1061 23.71 -44.54 -18.99
CA LYS E 1061 23.47 -43.39 -18.13
C LYS E 1061 21.99 -43.30 -17.73
N PHE E 1062 21.44 -44.44 -17.34
CA PHE E 1062 20.08 -44.54 -16.82
C PHE E 1062 20.10 -45.44 -15.59
N PHE E 1063 19.01 -45.39 -14.82
CA PHE E 1063 18.84 -46.23 -13.66
C PHE E 1063 17.59 -47.07 -13.83
N LYS E 1064 17.74 -48.38 -13.68
CA LYS E 1064 16.65 -49.34 -13.84
C LYS E 1064 16.57 -50.19 -12.58
N ILE E 1065 15.48 -50.05 -11.84
CA ILE E 1065 15.33 -50.68 -10.53
C ILE E 1065 14.24 -51.74 -10.62
N THR E 1066 14.60 -52.98 -10.28
CA THR E 1066 13.65 -54.08 -10.20
C THR E 1066 13.56 -54.56 -8.76
N ILE E 1067 12.35 -54.91 -8.33
CA ILE E 1067 12.11 -55.41 -6.98
C ILE E 1067 11.68 -56.86 -7.09
N VAL E 1068 12.48 -57.76 -6.52
CA VAL E 1068 12.13 -59.17 -6.43
C VAL E 1068 11.36 -59.37 -5.13
N PRO E 1069 10.04 -59.54 -5.20
CA PRO E 1069 9.26 -59.61 -3.96
C PRO E 1069 9.62 -60.84 -3.14
N ASP E 1070 9.34 -60.75 -1.84
CA ASP E 1070 9.61 -61.84 -0.91
C ASP E 1070 8.56 -62.95 -0.96
N ASP E 1071 7.57 -62.83 -1.84
CA ASP E 1071 6.50 -63.82 -1.89
C ASP E 1071 7.05 -65.22 -2.18
N GLY E 1072 7.81 -65.36 -3.27
CA GLY E 1072 8.10 -64.29 -4.20
C GLY E 1072 7.26 -64.40 -5.46
N GLY E 1073 6.64 -63.29 -5.86
CA GLY E 1073 5.78 -63.30 -7.03
C GLY E 1073 6.29 -62.50 -8.20
N GLU E 1074 5.38 -61.90 -8.94
CA GLU E 1074 5.74 -61.12 -10.13
C GLU E 1074 6.68 -59.98 -9.76
N GLU E 1075 7.84 -59.94 -10.41
CA GLU E 1075 8.80 -58.86 -10.17
C GLU E 1075 8.18 -57.52 -10.51
N VAL E 1076 8.66 -56.47 -9.86
CA VAL E 1076 8.20 -55.10 -10.08
C VAL E 1076 9.38 -54.30 -10.60
N VAL E 1077 9.25 -53.77 -11.81
CA VAL E 1077 10.34 -53.10 -12.50
C VAL E 1077 10.00 -51.63 -12.70
N TYR E 1078 11.03 -50.79 -12.70
CA TYR E 1078 10.91 -49.37 -12.98
C TYR E 1078 11.82 -49.06 -14.17
N ASP E 1079 11.21 -48.72 -15.30
CA ASP E 1079 11.88 -48.87 -16.59
C ASP E 1079 13.02 -47.86 -16.77
N LYS E 1080 12.70 -46.57 -16.79
CA LYS E 1080 13.66 -45.54 -17.14
C LYS E 1080 13.67 -44.46 -16.06
N LEU E 1081 14.87 -44.14 -15.57
CA LEU E 1081 15.04 -43.14 -14.51
C LEU E 1081 16.34 -42.40 -14.73
N SER E 1082 16.27 -41.07 -14.74
CA SER E 1082 17.45 -40.25 -14.99
C SER E 1082 18.53 -40.54 -13.96
N LYS E 1083 19.74 -40.84 -14.45
CA LYS E 1083 20.86 -41.07 -13.55
C LYS E 1083 21.31 -39.78 -12.87
N ARG E 1084 21.01 -38.61 -13.47
CA ARG E 1084 21.38 -37.35 -12.85
C ARG E 1084 20.56 -37.05 -11.60
N GLN E 1085 19.43 -37.75 -11.42
CA GLN E 1085 18.61 -37.60 -10.22
C GLN E 1085 18.99 -38.72 -9.26
N ARG E 1086 19.72 -38.36 -8.21
CA ARG E 1086 20.36 -39.34 -7.34
C ARG E 1086 19.33 -40.21 -6.63
N LEU E 1087 19.81 -41.32 -6.07
CA LEU E 1087 18.99 -42.26 -5.33
C LEU E 1087 18.82 -41.79 -3.88
N ARG E 1088 17.88 -42.42 -3.19
CA ARG E 1088 17.67 -42.12 -1.78
C ARG E 1088 18.82 -42.68 -0.94
N VAL E 1089 18.90 -42.21 0.30
CA VAL E 1089 19.91 -42.64 1.26
C VAL E 1089 19.24 -43.41 2.38
N ILE E 1090 19.92 -44.45 2.87
CA ILE E 1090 19.39 -45.26 3.97
C ILE E 1090 19.64 -44.58 5.31
N GLY E 1098 23.76 -45.37 3.86
CA GLY E 1098 24.26 -44.77 2.63
C GLY E 1098 23.28 -44.83 1.48
N VAL E 1099 23.76 -44.55 0.27
CA VAL E 1099 22.89 -44.56 -0.90
C VAL E 1099 22.47 -45.99 -1.21
N LEU E 1100 21.31 -46.12 -1.85
CA LEU E 1100 20.80 -47.44 -2.20
C LEU E 1100 21.73 -48.13 -3.18
N SER E 1101 21.97 -49.43 -2.94
CA SER E 1101 22.87 -50.22 -3.75
C SER E 1101 22.23 -51.57 -4.07
N ASP E 1102 22.87 -52.31 -4.97
CA ASP E 1102 22.33 -53.60 -5.40
C ASP E 1102 22.39 -54.60 -4.23
N GLY E 1103 21.26 -55.25 -3.98
CA GLY E 1103 21.17 -56.25 -2.94
C GLY E 1103 20.48 -55.79 -1.68
N ASP E 1104 20.30 -54.48 -1.49
CA ASP E 1104 19.64 -53.97 -0.30
C ASP E 1104 18.21 -54.49 -0.22
N HIS E 1105 17.63 -54.41 0.97
CA HIS E 1105 16.26 -54.80 1.21
C HIS E 1105 15.39 -53.55 1.38
N VAL E 1106 14.19 -53.59 0.80
CA VAL E 1106 13.28 -52.45 0.80
C VAL E 1106 11.93 -52.90 1.33
N GLU E 1107 11.27 -52.03 2.08
CA GLU E 1107 9.95 -52.29 2.60
C GLU E 1107 8.91 -51.67 1.68
N VAL E 1108 7.64 -51.66 2.12
CA VAL E 1108 6.54 -51.31 1.22
C VAL E 1108 6.64 -49.86 0.78
N GLY E 1109 6.56 -48.93 1.73
CA GLY E 1109 6.41 -47.53 1.39
C GLY E 1109 7.71 -46.75 1.24
N ASP E 1110 8.83 -47.45 1.07
CA ASP E 1110 10.13 -46.80 1.03
C ASP E 1110 10.28 -45.97 -0.24
N GLN E 1111 11.07 -44.90 -0.13
CA GLN E 1111 11.35 -44.01 -1.25
C GLN E 1111 12.59 -44.53 -1.98
N LEU E 1112 12.42 -44.87 -3.26
CA LEU E 1112 13.50 -45.52 -3.99
C LEU E 1112 14.59 -44.53 -4.44
N MET E 1113 14.22 -43.30 -4.75
CA MET E 1113 15.20 -42.31 -5.19
C MET E 1113 14.94 -40.98 -4.51
N GLU E 1114 15.98 -40.15 -4.46
CA GLU E 1114 15.83 -38.80 -3.94
C GLU E 1114 14.85 -38.02 -4.80
N GLY E 1115 14.01 -37.21 -4.15
CA GLY E 1115 12.99 -36.45 -4.85
C GLY E 1115 11.72 -36.35 -4.05
N ALA E 1116 10.58 -36.20 -4.75
CA ALA E 1116 9.29 -36.07 -4.10
C ALA E 1116 8.39 -37.22 -4.55
N ALA E 1117 7.90 -38.00 -3.58
CA ALA E 1117 7.00 -39.10 -3.90
C ALA E 1117 5.63 -38.55 -4.31
N ASP E 1118 5.07 -39.12 -5.37
CA ASP E 1118 3.74 -38.73 -5.81
C ASP E 1118 2.74 -39.05 -4.70
N PRO E 1119 2.13 -38.03 -4.07
CA PRO E 1119 1.21 -38.31 -2.97
C PRO E 1119 0.09 -39.26 -3.34
N HIS E 1120 -0.35 -39.26 -4.60
CA HIS E 1120 -1.38 -40.20 -5.03
C HIS E 1120 -0.83 -41.63 -5.03
N GLU E 1121 0.43 -41.81 -5.44
CA GLU E 1121 1.00 -43.15 -5.49
C GLU E 1121 1.18 -43.72 -4.09
N VAL E 1122 1.72 -42.93 -3.16
CA VAL E 1122 1.86 -43.39 -1.79
C VAL E 1122 0.48 -43.61 -1.15
N LEU E 1123 -0.54 -42.90 -1.62
CA LEU E 1123 -1.89 -43.12 -1.13
C LEU E 1123 -2.36 -44.54 -1.44
N ARG E 1124 -2.38 -44.91 -2.72
CA ARG E 1124 -2.87 -46.22 -3.11
C ARG E 1124 -1.98 -47.34 -2.60
N VAL E 1125 -0.72 -47.06 -2.27
CA VAL E 1125 0.17 -48.10 -1.78
C VAL E 1125 0.02 -48.30 -0.28
N GLN E 1126 0.16 -47.22 0.49
CA GLN E 1126 0.18 -47.32 1.95
C GLN E 1126 -1.16 -47.01 2.61
N GLY E 1127 -2.13 -46.48 1.87
CA GLY E 1127 -3.42 -46.16 2.42
C GLY E 1127 -3.51 -44.74 2.93
N PRO E 1128 -4.72 -44.29 3.25
CA PRO E 1128 -4.89 -42.87 3.63
C PRO E 1128 -4.09 -42.45 4.85
N ARG E 1129 -4.04 -43.29 5.88
CA ARG E 1129 -3.39 -42.89 7.13
C ARG E 1129 -1.95 -42.43 6.90
N GLU E 1130 -1.27 -43.01 5.92
CA GLU E 1130 0.14 -42.70 5.70
C GLU E 1130 0.34 -41.48 4.80
N VAL E 1131 -0.56 -41.26 3.84
CA VAL E 1131 -0.45 -40.07 2.98
C VAL E 1131 -0.37 -38.82 3.84
N GLN E 1132 -1.22 -38.73 4.87
CA GLN E 1132 -1.19 -37.58 5.76
C GLN E 1132 0.15 -37.47 6.48
N ILE E 1133 0.75 -38.60 6.84
CA ILE E 1133 2.04 -38.57 7.51
C ILE E 1133 3.14 -38.14 6.54
N HIS E 1134 3.08 -38.63 5.30
CA HIS E 1134 4.07 -38.23 4.30
C HIS E 1134 3.98 -36.74 4.01
N LEU E 1135 2.77 -36.21 3.84
CA LEU E 1135 2.62 -34.80 3.54
C LEU E 1135 3.09 -33.92 4.70
N VAL E 1136 2.74 -34.30 5.94
CA VAL E 1136 3.17 -33.53 7.10
C VAL E 1136 4.70 -33.51 7.18
N LYS E 1137 5.34 -34.63 6.86
CA LYS E 1137 6.80 -34.69 6.87
C LYS E 1137 7.38 -33.74 5.82
N GLU E 1138 6.92 -33.88 4.57
CA GLU E 1138 7.45 -33.06 3.49
C GLU E 1138 7.25 -31.57 3.78
N VAL E 1139 6.04 -31.20 4.21
CA VAL E 1139 5.78 -29.79 4.54
C VAL E 1139 6.65 -29.36 5.70
N GLN E 1140 6.68 -30.16 6.77
CA GLN E 1140 7.49 -29.81 7.93
C GLN E 1140 8.97 -29.77 7.58
N GLU E 1141 9.39 -30.55 6.58
CA GLU E 1141 10.79 -30.53 6.17
C GLU E 1141 11.16 -29.18 5.57
N VAL E 1142 10.24 -28.57 4.83
CA VAL E 1142 10.50 -27.26 4.24
C VAL E 1142 10.60 -26.19 5.32
N TYR E 1143 9.55 -26.04 6.12
CA TYR E 1143 9.53 -24.97 7.12
C TYR E 1143 10.67 -25.14 8.12
N ARG E 1144 10.98 -26.38 8.49
CA ARG E 1144 12.12 -26.60 9.40
C ARG E 1144 13.44 -26.29 8.72
N ALA E 1145 13.52 -26.51 7.40
CA ALA E 1145 14.75 -26.20 6.68
C ALA E 1145 15.04 -24.70 6.71
N GLN E 1146 13.99 -23.88 6.62
CA GLN E 1146 14.14 -22.43 6.72
C GLN E 1146 14.26 -21.94 8.16
N GLY E 1147 14.02 -22.82 9.15
CA GLY E 1147 14.16 -22.47 10.54
C GLY E 1147 12.88 -22.18 11.28
N VAL E 1148 11.72 -22.33 10.63
CA VAL E 1148 10.44 -21.99 11.25
C VAL E 1148 9.97 -23.14 12.13
N SER E 1149 9.45 -22.80 13.31
CA SER E 1149 8.94 -23.78 14.26
C SER E 1149 7.42 -23.75 14.21
N ILE E 1150 6.82 -24.80 13.66
CA ILE E 1150 5.37 -24.97 13.64
C ILE E 1150 5.05 -26.37 14.15
N HIS E 1151 4.02 -26.47 14.99
CA HIS E 1151 3.64 -27.76 15.56
C HIS E 1151 2.88 -28.58 14.53
N ASP E 1152 3.12 -29.89 14.55
CA ASP E 1152 2.55 -30.77 13.52
C ASP E 1152 1.04 -30.67 13.44
N LYS E 1153 0.37 -30.39 14.57
CA LYS E 1153 -1.09 -30.45 14.58
C LYS E 1153 -1.71 -29.45 13.62
N HIS E 1154 -1.07 -28.29 13.43
CA HIS E 1154 -1.61 -27.30 12.50
C HIS E 1154 -1.64 -27.86 11.08
N ILE E 1155 -0.52 -28.45 10.64
CA ILE E 1155 -0.49 -29.06 9.31
C ILE E 1155 -1.49 -30.21 9.24
N GLU E 1156 -1.62 -30.97 10.33
CA GLU E 1156 -2.57 -32.08 10.34
C GLU E 1156 -4.00 -31.58 10.14
N VAL E 1157 -4.34 -30.44 10.74
CA VAL E 1157 -5.67 -29.88 10.55
C VAL E 1157 -5.93 -29.59 9.07
N ILE E 1158 -4.94 -29.04 8.38
CA ILE E 1158 -5.08 -28.77 6.95
C ILE E 1158 -5.16 -30.08 6.17
N VAL E 1159 -4.22 -30.99 6.43
CA VAL E 1159 -4.16 -32.24 5.68
C VAL E 1159 -5.42 -33.06 5.89
N ARG E 1160 -6.00 -33.00 7.09
CA ARG E 1160 -7.23 -33.73 7.36
C ARG E 1160 -8.31 -33.41 6.34
N GLN E 1161 -8.35 -32.16 5.86
CA GLN E 1161 -9.39 -31.72 4.93
C GLN E 1161 -9.18 -32.24 3.51
N MET E 1162 -8.05 -32.87 3.21
CA MET E 1162 -7.79 -33.38 1.87
C MET E 1162 -8.33 -34.78 1.66
N LEU E 1163 -8.33 -35.62 2.69
CA LEU E 1163 -8.79 -37.00 2.60
C LEU E 1163 -10.22 -37.19 3.08
N ARG E 1164 -10.99 -36.11 3.16
CA ARG E 1164 -12.35 -36.19 3.69
C ARG E 1164 -13.35 -36.81 2.72
N ARG E 1165 -12.98 -37.01 1.46
CA ARG E 1165 -13.95 -37.44 0.46
C ARG E 1165 -13.43 -38.66 -0.29
N VAL E 1166 -14.37 -39.45 -0.80
CA VAL E 1166 -14.07 -40.70 -1.49
C VAL E 1166 -14.83 -40.73 -2.81
N THR E 1167 -14.19 -41.26 -3.85
CA THR E 1167 -14.79 -41.31 -5.17
C THR E 1167 -15.80 -42.45 -5.27
N ILE E 1168 -16.91 -42.20 -5.93
CA ILE E 1168 -17.95 -43.20 -6.15
C ILE E 1168 -17.66 -43.99 -7.42
N THR E 1182 -17.54 -37.41 -2.97
CA THR E 1182 -18.52 -37.32 -1.91
C THR E 1182 -17.86 -37.44 -0.53
N GLU E 1183 -18.41 -36.72 0.44
CA GLU E 1183 -17.84 -36.74 1.79
C GLU E 1183 -17.91 -38.14 2.39
N ARG E 1184 -16.99 -38.42 3.30
CA ARG E 1184 -16.86 -39.77 3.84
C ARG E 1184 -18.07 -40.13 4.72
N ALA E 1185 -18.28 -39.38 5.79
CA ALA E 1185 -19.32 -39.74 6.75
C ALA E 1185 -20.71 -39.73 6.11
N GLU E 1186 -20.95 -38.79 5.19
CA GLU E 1186 -22.27 -38.70 4.57
C GLU E 1186 -22.49 -39.83 3.59
N PHE E 1187 -21.45 -40.21 2.84
CA PHE E 1187 -21.59 -41.30 1.87
C PHE E 1187 -21.74 -42.65 2.56
N GLU E 1188 -21.11 -42.83 3.71
CA GLU E 1188 -21.20 -44.09 4.45
C GLU E 1188 -22.63 -44.38 4.88
N ALA E 1202 -22.17 -49.92 -4.57
CA ALA E 1202 -21.87 -48.67 -3.90
C ALA E 1202 -20.53 -48.74 -3.18
N ALA E 1203 -19.46 -48.90 -3.95
CA ALA E 1203 -18.11 -48.96 -3.41
C ALA E 1203 -17.35 -47.68 -3.75
N GLY E 1204 -16.35 -47.38 -2.94
CA GLY E 1204 -15.56 -46.18 -3.14
C GLY E 1204 -14.13 -46.36 -2.67
N ARG E 1205 -13.25 -45.53 -3.22
CA ARG E 1205 -11.83 -45.55 -2.88
C ARG E 1205 -11.41 -44.22 -2.27
N PRO E 1206 -10.47 -44.24 -1.33
CA PRO E 1206 -10.01 -42.98 -0.73
C PRO E 1206 -9.41 -42.06 -1.78
N VAL E 1207 -9.69 -40.77 -1.66
CA VAL E 1207 -9.31 -39.77 -2.65
C VAL E 1207 -8.42 -38.73 -1.99
N LEU E 1208 -7.34 -38.36 -2.68
CA LEU E 1208 -6.48 -37.26 -2.29
C LEU E 1208 -6.77 -36.09 -3.22
N MET E 1209 -7.04 -34.92 -2.64
CA MET E 1209 -7.35 -33.74 -3.43
C MET E 1209 -6.80 -32.50 -2.76
N GLY E 1210 -6.30 -31.56 -3.56
CA GLY E 1210 -5.69 -30.36 -3.03
C GLY E 1210 -6.70 -29.46 -2.32
N ILE E 1211 -6.15 -28.42 -1.69
CA ILE E 1211 -6.99 -27.52 -0.91
C ILE E 1211 -7.91 -26.71 -1.82
N THR E 1212 -7.38 -26.20 -2.93
CA THR E 1212 -8.22 -25.44 -3.85
C THR E 1212 -9.36 -26.29 -4.38
N LYS E 1213 -9.07 -27.54 -4.74
CA LYS E 1213 -10.12 -28.43 -5.24
C LYS E 1213 -11.03 -28.91 -4.12
N ALA E 1214 -10.48 -29.11 -2.92
CA ALA E 1214 -11.29 -29.58 -1.80
C ALA E 1214 -12.20 -28.50 -1.26
N SER E 1215 -11.76 -27.24 -1.28
CA SER E 1215 -12.58 -26.15 -0.76
C SER E 1215 -13.74 -25.85 -1.70
N LEU E 1216 -13.53 -25.96 -3.01
CA LEU E 1216 -14.60 -25.73 -3.96
C LEU E 1216 -15.71 -26.78 -3.85
N ALA E 1217 -15.41 -27.92 -3.25
CA ALA E 1217 -16.38 -29.01 -3.11
C ALA E 1217 -17.15 -28.94 -1.80
N THR E 1218 -17.10 -27.82 -1.09
CA THR E 1218 -17.84 -27.68 0.15
C THR E 1218 -19.34 -27.58 -0.11
N ASP E 1219 -20.13 -27.99 0.87
CA ASP E 1219 -21.58 -28.04 0.71
C ASP E 1219 -22.22 -26.66 0.67
N SER E 1220 -21.48 -25.60 0.97
CA SER E 1220 -22.01 -24.23 0.94
C SER E 1220 -21.63 -23.57 -0.37
N TRP E 1221 -22.62 -23.04 -1.08
CA TRP E 1221 -22.38 -22.51 -2.42
C TRP E 1221 -21.95 -21.05 -2.42
N LEU E 1222 -22.37 -20.24 -1.44
CA LEU E 1222 -21.87 -18.87 -1.40
C LEU E 1222 -20.47 -18.78 -0.80
N SER E 1223 -20.06 -19.78 -0.02
CA SER E 1223 -18.67 -19.84 0.41
C SER E 1223 -17.74 -20.12 -0.77
N ALA E 1224 -18.09 -21.12 -1.59
CA ALA E 1224 -17.30 -21.40 -2.78
C ALA E 1224 -17.37 -20.25 -3.78
N ALA E 1225 -18.47 -19.50 -3.79
CA ALA E 1225 -18.57 -18.36 -4.69
C ALA E 1225 -17.65 -17.23 -4.25
N SER E 1226 -17.53 -17.01 -2.94
CA SER E 1226 -16.66 -15.96 -2.41
C SER E 1226 -15.19 -16.36 -2.41
N PHE E 1227 -14.87 -17.58 -2.82
CA PHE E 1227 -13.47 -18.02 -2.81
C PHE E 1227 -12.80 -17.82 -4.16
N GLN E 1228 -13.34 -18.43 -5.22
CA GLN E 1228 -12.69 -18.38 -6.51
C GLN E 1228 -13.68 -18.74 -7.61
N GLU E 1229 -13.59 -18.05 -8.74
CA GLU E 1229 -14.44 -18.29 -9.91
C GLU E 1229 -15.92 -18.24 -9.54
N THR E 1230 -16.34 -17.03 -9.16
CA THR E 1230 -17.72 -16.81 -8.74
C THR E 1230 -18.71 -17.26 -9.81
N THR E 1231 -18.40 -17.01 -11.08
CA THR E 1231 -19.35 -17.29 -12.15
C THR E 1231 -19.64 -18.79 -12.24
N ARG E 1232 -18.59 -19.62 -12.27
CA ARG E 1232 -18.80 -21.05 -12.46
C ARG E 1232 -19.59 -21.65 -11.30
N VAL E 1233 -19.32 -21.19 -10.07
CA VAL E 1233 -20.04 -21.72 -8.91
C VAL E 1233 -21.51 -21.34 -8.96
N LEU E 1234 -21.81 -20.09 -9.34
CA LEU E 1234 -23.20 -19.63 -9.37
C LEU E 1234 -24.00 -20.37 -10.42
N THR E 1235 -23.42 -20.57 -11.62
CA THR E 1235 -24.14 -21.28 -12.67
C THR E 1235 -24.45 -22.71 -12.27
N ASP E 1236 -23.45 -23.41 -11.72
CA ASP E 1236 -23.66 -24.79 -11.30
C ASP E 1236 -24.59 -24.89 -10.11
N ALA E 1237 -24.57 -23.88 -9.22
CA ALA E 1237 -25.46 -23.90 -8.07
C ALA E 1237 -26.90 -23.59 -8.45
N ALA E 1238 -27.10 -22.63 -9.37
CA ALA E 1238 -28.44 -22.32 -9.82
C ALA E 1238 -29.07 -23.50 -10.56
N ILE E 1239 -28.28 -24.18 -11.39
CA ILE E 1239 -28.79 -25.36 -12.10
C ILE E 1239 -29.17 -26.46 -11.12
N ASN E 1240 -28.22 -26.84 -10.26
CA ASN E 1240 -28.48 -27.87 -9.26
C ASN E 1240 -29.52 -27.43 -8.23
N CYS E 1241 -29.95 -26.17 -8.26
CA CYS E 1241 -30.94 -25.67 -7.31
C CYS E 1241 -30.48 -25.87 -5.88
N ARG E 1242 -29.18 -25.70 -5.67
CA ARG E 1242 -28.58 -25.96 -4.36
C ARG E 1242 -29.15 -25.04 -3.29
N SER E 1243 -29.09 -25.51 -2.05
CA SER E 1243 -29.51 -24.75 -0.88
C SER E 1243 -28.39 -24.76 0.14
N ASP E 1244 -28.19 -23.62 0.80
CA ASP E 1244 -27.10 -23.44 1.77
C ASP E 1244 -27.68 -23.45 3.17
N LYS E 1245 -27.21 -24.38 4.00
CA LYS E 1245 -27.67 -24.45 5.39
C LYS E 1245 -27.26 -23.24 6.21
N LEU E 1246 -26.39 -22.38 5.68
CA LEU E 1246 -25.90 -21.21 6.41
C LEU E 1246 -25.31 -21.62 7.77
N ASN E 1247 -24.53 -22.70 7.77
CA ASN E 1247 -23.91 -23.21 8.97
C ASN E 1247 -22.40 -23.01 9.02
N GLY E 1248 -21.76 -22.74 7.89
CA GLY E 1248 -20.36 -22.34 7.91
C GLY E 1248 -20.20 -20.95 8.48
N LEU E 1249 -18.96 -20.59 8.78
CA LEU E 1249 -18.72 -19.29 9.42
C LEU E 1249 -18.60 -18.14 8.44
N LYS E 1250 -18.03 -18.38 7.24
CA LYS E 1250 -17.98 -17.30 6.24
C LYS E 1250 -19.39 -16.92 5.80
N GLU E 1251 -20.27 -17.90 5.65
CA GLU E 1251 -21.65 -17.61 5.29
C GLU E 1251 -22.29 -16.65 6.28
N ASN E 1252 -22.19 -16.97 7.58
CA ASN E 1252 -22.77 -16.10 8.60
C ASN E 1252 -22.15 -14.70 8.54
N VAL E 1253 -20.86 -14.62 8.25
CA VAL E 1253 -20.20 -13.32 8.13
C VAL E 1253 -20.87 -12.50 7.03
N ILE E 1254 -21.14 -13.13 5.88
CA ILE E 1254 -21.74 -12.40 4.76
C ILE E 1254 -23.12 -11.90 5.13
N ILE E 1255 -23.95 -12.76 5.74
CA ILE E 1255 -25.31 -12.35 6.10
C ILE E 1255 -25.37 -11.61 7.42
N GLY E 1256 -24.26 -11.53 8.16
CA GLY E 1256 -24.23 -10.80 9.42
C GLY E 1256 -24.61 -11.60 10.64
N LYS E 1257 -24.54 -12.93 10.57
CA LYS E 1257 -24.89 -13.78 11.69
C LYS E 1257 -23.66 -14.05 12.56
N LEU E 1258 -23.90 -14.57 13.76
CA LEU E 1258 -22.80 -14.98 14.62
C LEU E 1258 -22.11 -16.20 14.02
N ILE E 1259 -20.79 -16.14 13.92
CA ILE E 1259 -20.04 -17.27 13.37
C ILE E 1259 -20.19 -18.48 14.29
N PRO E 1260 -20.39 -19.68 13.76
CA PRO E 1260 -20.52 -20.86 14.63
C PRO E 1260 -19.19 -21.28 15.25
N ALA E 1261 -18.59 -20.40 16.04
CA ALA E 1261 -17.31 -20.69 16.67
C ALA E 1261 -17.11 -19.69 17.80
N GLY E 1262 -16.29 -20.09 18.78
CA GLY E 1262 -16.03 -19.22 19.92
C GLY E 1262 -17.33 -18.91 20.64
N THR E 1263 -17.54 -17.63 20.93
CA THR E 1263 -18.74 -17.19 21.63
C THR E 1263 -19.99 -17.31 20.78
N GLY E 1264 -19.89 -17.80 19.55
CA GLY E 1264 -21.06 -17.94 18.69
C GLY E 1264 -21.71 -19.30 18.77
N ILE E 1265 -21.05 -20.24 19.46
CA ILE E 1265 -21.60 -21.58 19.61
C ILE E 1265 -22.87 -21.54 20.46
N SER E 1266 -23.80 -22.46 20.18
CA SER E 1266 -25.09 -22.44 20.86
C SER E 1266 -24.94 -22.64 22.36
N ARG E 1267 -24.11 -23.61 22.77
CA ARG E 1267 -23.97 -23.90 24.20
C ARG E 1267 -23.48 -22.69 24.99
N TYR E 1268 -22.86 -21.72 24.32
CA TYR E 1268 -22.33 -20.54 25.00
C TYR E 1268 -23.27 -19.34 24.95
N ARG E 1269 -23.99 -19.14 23.84
CA ARG E 1269 -24.82 -17.95 23.71
C ARG E 1269 -26.14 -18.09 24.45
N ASN E 1270 -26.65 -19.31 24.61
CA ASN E 1270 -27.91 -19.53 25.32
C ASN E 1270 -27.74 -19.66 26.83
N ILE E 1271 -26.58 -19.28 27.37
CA ILE E 1271 -26.38 -19.34 28.81
C ILE E 1271 -27.40 -18.42 29.50
N GLN E 1272 -27.82 -18.84 30.68
CA GLN E 1272 -28.73 -18.06 31.51
C GLN E 1272 -27.99 -17.64 32.77
N VAL E 1273 -28.00 -16.34 33.06
CA VAL E 1273 -27.23 -15.77 34.16
C VAL E 1273 -28.20 -15.18 35.17
N GLN E 1274 -28.19 -15.72 36.37
CA GLN E 1274 -28.97 -15.20 37.49
C GLN E 1274 -28.16 -15.36 38.77
N PRO E 1275 -28.34 -14.46 39.73
CA PRO E 1275 -27.67 -14.63 41.02
C PRO E 1275 -28.27 -15.79 41.78
N THR E 1276 -27.41 -16.48 42.55
CA THR E 1276 -27.90 -17.56 43.38
C THR E 1276 -28.88 -17.03 44.42
N GLU E 1277 -29.84 -17.87 44.79
CA GLU E 1277 -30.80 -17.47 45.82
C GLU E 1277 -30.09 -16.98 47.07
N GLU E 1278 -28.96 -17.59 47.40
CA GLU E 1278 -28.16 -17.13 48.54
C GLU E 1278 -27.63 -15.73 48.29
N ALA E 1279 -27.19 -15.43 47.07
CA ALA E 1279 -26.55 -14.16 46.79
C ALA E 1279 -27.54 -13.00 46.83
N ARG E 1280 -28.70 -13.17 46.20
CA ARG E 1280 -29.67 -12.09 46.16
C ARG E 1280 -30.06 -11.62 47.56
N ALA E 1281 -30.11 -12.55 48.51
CA ALA E 1281 -30.49 -12.18 49.87
C ALA E 1281 -29.42 -11.31 50.53
N ALA E 1282 -28.16 -11.76 50.49
CA ALA E 1282 -27.08 -11.01 51.14
C ALA E 1282 -26.99 -9.59 50.61
N ALA E 1283 -27.32 -9.37 49.34
CA ALA E 1283 -27.32 -8.03 48.76
C ALA E 1283 -26.00 -7.32 49.01
N SER F 24 1.52 -16.98 49.22
CA SER F 24 1.51 -16.89 47.76
C SER F 24 1.11 -15.49 47.31
N ALA F 25 1.84 -14.96 46.32
CA ALA F 25 1.54 -13.64 45.79
C ALA F 25 2.09 -13.53 44.38
N TYR F 26 1.25 -13.07 43.46
CA TYR F 26 1.71 -12.73 42.11
C TYR F 26 2.07 -11.25 42.07
N ASP F 27 1.06 -10.39 42.24
CA ASP F 27 1.20 -8.99 42.62
C ASP F 27 -0.20 -8.38 42.60
N THR F 28 -0.32 -7.11 42.97
CA THR F 28 -1.59 -6.42 42.82
C THR F 28 -1.85 -6.14 41.34
N PRO F 29 -2.95 -6.62 40.78
CA PRO F 29 -3.24 -6.34 39.36
C PRO F 29 -3.85 -4.96 39.17
N LEU F 30 -3.70 -4.44 37.95
CA LEU F 30 -4.10 -3.08 37.62
C LEU F 30 -5.23 -3.10 36.61
N GLY F 31 -6.38 -2.54 37.00
CA GLY F 31 -7.47 -2.27 36.08
C GLY F 31 -8.06 -3.48 35.37
N ILE F 32 -7.83 -3.57 34.06
CA ILE F 32 -8.48 -4.59 33.25
C ILE F 32 -7.99 -5.99 33.65
N THR F 33 -6.72 -6.12 34.02
CA THR F 33 -6.17 -7.42 34.35
C THR F 33 -6.72 -7.97 35.66
N ASN F 34 -7.51 -7.21 36.40
CA ASN F 34 -8.18 -7.66 37.61
C ASN F 34 -9.66 -7.87 37.34
N PRO F 35 -10.23 -9.02 37.71
CA PRO F 35 -9.53 -10.14 38.35
C PRO F 35 -8.73 -11.00 37.37
N PRO F 36 -7.83 -11.84 37.89
CA PRO F 36 -7.07 -12.74 37.02
C PRO F 36 -8.00 -13.64 36.20
N ILE F 37 -7.61 -13.88 34.95
CA ILE F 37 -8.40 -14.75 34.08
C ILE F 37 -8.40 -16.18 34.61
N ASP F 38 -7.31 -16.61 35.24
CA ASP F 38 -7.21 -17.98 35.73
C ASP F 38 -8.24 -18.25 36.83
N GLU F 39 -8.34 -17.34 37.80
CA GLU F 39 -9.32 -17.52 38.88
C GLU F 39 -10.75 -17.45 38.36
N LEU F 40 -10.96 -16.76 37.23
CA LEU F 40 -12.29 -16.71 36.63
C LEU F 40 -12.59 -17.97 35.84
N LEU F 41 -11.60 -18.51 35.13
CA LEU F 41 -11.81 -19.72 34.34
C LEU F 41 -12.22 -20.90 35.20
N SER F 42 -11.88 -20.90 36.49
CA SER F 42 -12.34 -21.95 37.38
C SER F 42 -13.83 -21.88 37.63
N ARG F 43 -14.48 -20.76 37.30
CA ARG F 43 -15.89 -20.57 37.55
C ARG F 43 -16.78 -21.02 36.39
N ALA F 44 -16.21 -21.27 35.22
CA ALA F 44 -16.98 -21.66 34.05
C ALA F 44 -16.21 -22.73 33.27
N SER F 45 -16.79 -23.17 32.16
CA SER F 45 -16.21 -24.26 31.38
C SER F 45 -15.07 -23.78 30.49
N SER F 46 -15.32 -22.74 29.70
CA SER F 46 -14.34 -22.23 28.74
C SER F 46 -14.27 -20.71 28.84
N LYS F 47 -13.29 -20.15 28.12
CA LYS F 47 -13.18 -18.69 28.06
C LYS F 47 -14.39 -18.07 27.37
N TYR F 48 -14.91 -18.75 26.34
CA TYR F 48 -16.08 -18.22 25.64
C TYR F 48 -17.31 -18.21 26.54
N ALA F 49 -17.50 -19.27 27.34
CA ALA F 49 -18.55 -19.24 28.34
C ALA F 49 -18.39 -18.05 29.27
N LEU F 50 -17.17 -17.84 29.77
CA LEU F 50 -16.90 -16.70 30.63
C LEU F 50 -17.32 -15.38 29.97
N VAL F 51 -17.09 -15.27 28.66
CA VAL F 51 -17.47 -14.05 27.95
C VAL F 51 -18.97 -13.83 28.04
N ILE F 52 -19.77 -14.84 27.68
CA ILE F 52 -21.22 -14.71 27.74
C ILE F 52 -21.67 -14.44 29.18
N TYR F 53 -21.07 -15.14 30.14
CA TYR F 53 -21.40 -14.93 31.55
C TYR F 53 -21.37 -13.46 31.91
N ALA F 54 -20.19 -12.83 31.80
CA ALA F 54 -20.07 -11.42 32.18
C ALA F 54 -20.92 -10.54 31.29
N ALA F 55 -20.98 -10.85 29.99
CA ALA F 55 -21.78 -10.05 29.07
C ALA F 55 -23.25 -10.06 29.47
N LYS F 56 -23.84 -11.25 29.58
CA LYS F 56 -25.24 -11.35 29.97
C LYS F 56 -25.51 -10.62 31.28
N ARG F 57 -24.63 -10.80 32.26
CA ARG F 57 -24.81 -10.12 33.55
C ARG F 57 -24.55 -8.63 33.43
N ALA F 58 -23.63 -8.22 32.56
CA ALA F 58 -23.36 -6.79 32.39
C ALA F 58 -24.60 -6.05 31.89
N ARG F 59 -25.30 -6.62 30.91
CA ARG F 59 -26.55 -6.01 30.46
C ARG F 59 -27.57 -5.99 31.58
N GLN F 60 -27.59 -7.04 32.40
CA GLN F 60 -28.53 -7.11 33.52
C GLN F 60 -28.36 -5.91 34.46
N ILE F 61 -27.12 -5.66 34.88
CA ILE F 61 -26.87 -4.58 35.84
C ILE F 61 -27.25 -3.23 35.23
N ASN F 62 -26.92 -3.01 33.96
CA ASN F 62 -27.22 -1.72 33.33
C ASN F 62 -28.72 -1.51 33.22
N ASP F 63 -29.47 -2.57 32.87
CA ASP F 63 -30.92 -2.45 32.85
C ASP F 63 -31.46 -2.04 34.21
N TYR F 64 -30.84 -2.52 35.29
CA TYR F 64 -31.28 -2.18 36.63
C TYR F 64 -31.06 -0.70 36.94
N TYR F 65 -29.95 -0.14 36.45
CA TYR F 65 -29.68 1.28 36.66
C TYR F 65 -30.68 2.17 35.95
N ASN F 66 -31.33 1.69 34.90
CA ASN F 66 -32.38 2.44 34.22
C ASN F 66 -33.65 1.61 34.16
N GLN F 67 -34.04 1.05 35.29
CA GLN F 67 -35.20 0.16 35.40
C GLN F 67 -36.32 0.53 34.44
N GLU F 74 -34.31 -8.29 32.92
CA GLU F 74 -33.83 -8.84 34.18
C GLU F 74 -33.17 -7.75 35.02
N TYR F 75 -33.64 -7.58 36.26
CA TYR F 75 -33.22 -6.48 37.13
C TYR F 75 -32.86 -7.04 38.50
N VAL F 76 -31.55 -7.15 38.78
CA VAL F 76 -31.04 -7.58 40.07
C VAL F 76 -29.66 -6.95 40.28
N GLY F 77 -29.14 -7.09 41.49
CA GLY F 77 -27.81 -6.61 41.80
C GLY F 77 -27.71 -5.10 41.77
N PRO F 78 -26.47 -4.57 41.84
CA PRO F 78 -25.22 -5.34 41.94
C PRO F 78 -25.05 -6.02 43.30
N LEU F 79 -24.58 -7.27 43.28
CA LEU F 79 -24.44 -8.04 44.51
C LEU F 79 -23.24 -7.59 45.31
N VAL F 80 -22.12 -7.32 44.64
CA VAL F 80 -20.93 -6.81 45.32
C VAL F 80 -21.04 -5.30 45.47
N GLU F 81 -20.39 -4.76 46.49
CA GLU F 81 -20.38 -3.32 46.69
C GLU F 81 -19.66 -2.66 45.51
N PRO F 82 -20.35 -1.92 44.65
CA PRO F 82 -19.69 -1.36 43.47
C PRO F 82 -19.00 -0.02 43.73
N GLY F 83 -17.73 0.07 43.39
CA GLY F 83 -17.09 1.38 43.36
C GLY F 83 -17.71 2.25 42.29
N LEU F 84 -17.83 3.54 42.59
CA LEU F 84 -18.52 4.46 41.70
C LEU F 84 -17.97 4.37 40.28
N GLN F 85 -18.88 4.37 39.31
CA GLN F 85 -18.55 4.41 37.88
C GLN F 85 -17.96 3.11 37.36
N GLU F 86 -17.95 2.04 38.15
CA GLU F 86 -17.45 0.77 37.66
C GLU F 86 -18.30 0.30 36.48
N LYS F 87 -17.65 0.11 35.33
CA LYS F 87 -18.34 -0.43 34.17
C LYS F 87 -19.06 -1.72 34.55
N PRO F 88 -20.36 -1.82 34.31
CA PRO F 88 -21.11 -3.01 34.74
C PRO F 88 -20.46 -4.31 34.30
N LEU F 89 -19.64 -4.25 33.24
CA LEU F 89 -18.86 -5.42 32.85
C LEU F 89 -17.84 -5.76 33.93
N SER F 90 -17.17 -4.75 34.49
CA SER F 90 -16.20 -4.99 35.55
C SER F 90 -16.87 -5.50 36.81
N ILE F 91 -18.07 -4.98 37.12
CA ILE F 91 -18.81 -5.47 38.28
C ILE F 91 -19.19 -6.93 38.08
N ALA F 92 -19.67 -7.27 36.88
CA ALA F 92 -20.06 -8.66 36.62
C ALA F 92 -18.87 -9.60 36.72
N LEU F 93 -17.67 -9.13 36.39
CA LEU F 93 -16.49 -9.98 36.50
C LEU F 93 -16.16 -10.28 37.96
N ARG F 94 -16.18 -9.25 38.81
CA ARG F 94 -15.92 -9.47 40.22
C ARG F 94 -17.01 -10.33 40.86
N GLU F 95 -18.24 -10.26 40.35
CA GLU F 95 -19.29 -11.16 40.82
C GLU F 95 -18.92 -12.62 40.53
N ILE F 96 -18.47 -12.89 39.30
CA ILE F 96 -18.09 -14.26 38.96
C ILE F 96 -16.88 -14.70 39.77
N HIS F 97 -16.00 -13.76 40.14
CA HIS F 97 -14.84 -14.12 40.95
C HIS F 97 -15.27 -14.67 42.31
N GLY F 98 -16.30 -14.08 42.90
CA GLY F 98 -16.78 -14.48 44.21
C GLY F 98 -17.84 -15.57 44.20
N ASP F 99 -18.06 -16.25 43.07
CA ASP F 99 -19.05 -17.33 42.98
C ASP F 99 -20.47 -16.84 43.24
N LEU F 100 -20.71 -15.53 43.07
CA LEU F 100 -21.99 -14.95 43.50
C LEU F 100 -23.16 -15.29 42.57
N LEU F 101 -22.93 -16.00 41.46
CA LEU F 101 -24.02 -16.26 40.52
C LEU F 101 -23.78 -17.57 39.78
N GLU F 102 -24.88 -18.26 39.50
CA GLU F 102 -24.89 -19.42 38.61
C GLU F 102 -25.63 -19.02 37.33
N HIS F 103 -24.95 -19.09 36.19
CA HIS F 103 -23.90 -20.07 35.85
C HIS F 103 -24.56 -21.45 35.60
N THR F 104 -25.38 -21.46 34.55
CA THR F 104 -25.92 -22.67 33.93
C THR F 104 -25.70 -22.59 32.42
N GLU F 105 -25.28 -23.70 31.82
CA GLU F 105 -25.00 -23.76 30.39
C GLU F 105 -26.11 -24.53 29.67
N GLY F 106 -26.61 -23.97 28.57
CA GLY F 106 -27.66 -24.61 27.81
C GLY F 106 -27.17 -25.22 26.51
N ALA G 163 -16.49 -15.33 -36.67
CA ALA G 163 -15.35 -14.83 -35.89
C ALA G 163 -15.69 -13.49 -35.23
N ASP G 164 -16.21 -12.57 -36.04
CA ASP G 164 -16.54 -11.23 -35.58
C ASP G 164 -17.92 -10.83 -36.11
N SER G 165 -18.63 -10.03 -35.32
CA SER G 165 -20.02 -9.74 -35.63
C SER G 165 -20.17 -8.94 -36.92
N VAL G 166 -19.51 -7.77 -37.01
CA VAL G 166 -19.61 -6.97 -38.22
C VAL G 166 -19.09 -7.77 -39.41
N ARG G 167 -17.97 -8.45 -39.25
CA ARG G 167 -17.43 -9.28 -40.32
C ARG G 167 -18.48 -10.25 -40.86
N ALA G 168 -19.41 -10.69 -40.01
CA ALA G 168 -20.45 -11.61 -40.46
C ALA G 168 -21.51 -10.90 -41.30
N TYR G 169 -21.84 -9.65 -40.94
CA TYR G 169 -22.90 -8.93 -41.64
C TYR G 169 -22.48 -8.58 -43.06
N LEU G 170 -21.25 -8.11 -43.25
CA LEU G 170 -20.79 -7.79 -44.60
C LEU G 170 -20.73 -9.03 -45.47
N LYS G 171 -20.45 -10.20 -44.87
CA LYS G 171 -20.44 -11.44 -45.63
C LYS G 171 -21.77 -11.67 -46.34
N GLN G 172 -22.88 -11.34 -45.67
CA GLN G 172 -24.20 -11.67 -46.18
C GLN G 172 -24.77 -10.59 -47.10
N ILE G 173 -24.49 -9.32 -46.81
CA ILE G 173 -24.98 -8.26 -47.69
C ILE G 173 -24.34 -8.37 -49.06
N GLY G 174 -23.10 -8.87 -49.13
CA GLY G 174 -22.41 -9.02 -50.39
C GLY G 174 -22.93 -10.14 -51.27
N LYS G 175 -23.81 -10.99 -50.75
CA LYS G 175 -24.33 -12.11 -51.51
C LYS G 175 -25.40 -11.72 -52.52
N VAL G 176 -25.77 -10.44 -52.59
CA VAL G 176 -26.73 -9.94 -53.56
C VAL G 176 -26.02 -9.01 -54.52
N ALA G 177 -26.16 -9.26 -55.82
CA ALA G 177 -25.50 -8.44 -56.82
C ALA G 177 -26.15 -7.07 -56.92
N LEU G 178 -25.33 -6.04 -57.08
CA LEU G 178 -25.82 -4.68 -57.21
C LEU G 178 -26.57 -4.51 -58.52
N LEU G 179 -27.61 -3.68 -58.49
CA LEU G 179 -28.50 -3.51 -59.63
C LEU G 179 -28.02 -2.41 -60.57
N ASN G 180 -28.65 -2.34 -61.73
CA ASN G 180 -28.47 -1.25 -62.68
C ASN G 180 -29.77 -0.46 -62.80
N ALA G 181 -29.70 0.63 -63.56
CA ALA G 181 -30.81 1.58 -63.59
C ALA G 181 -32.11 0.92 -63.98
N GLU G 182 -32.13 0.23 -65.12
CA GLU G 182 -33.36 -0.43 -65.57
C GLU G 182 -33.89 -1.40 -64.52
N GLU G 183 -33.00 -2.15 -63.88
CA GLU G 183 -33.42 -3.07 -62.82
C GLU G 183 -34.12 -2.32 -61.70
N GLU G 184 -33.55 -1.18 -61.28
CA GLU G 184 -34.17 -0.39 -60.22
C GLU G 184 -35.57 0.07 -60.61
N VAL G 185 -35.71 0.59 -61.84
CA VAL G 185 -37.00 1.13 -62.27
C VAL G 185 -38.07 0.03 -62.24
N GLU G 186 -37.74 -1.15 -62.76
CA GLU G 186 -38.72 -2.24 -62.76
C GLU G 186 -39.14 -2.60 -61.34
N LEU G 187 -38.17 -2.91 -60.48
CA LEU G 187 -38.48 -3.17 -59.07
C LEU G 187 -39.33 -2.06 -58.48
N ALA G 188 -39.01 -0.80 -58.80
CA ALA G 188 -39.79 0.33 -58.30
C ALA G 188 -41.20 0.34 -58.87
N LYS G 189 -41.42 -0.28 -60.03
CA LYS G 189 -42.77 -0.38 -60.57
C LYS G 189 -43.58 -1.46 -59.84
N ARG G 190 -43.03 -2.67 -59.81
CA ARG G 190 -43.75 -3.78 -59.16
C ARG G 190 -44.07 -3.45 -57.71
N ILE G 191 -43.11 -2.84 -57.00
CA ILE G 191 -43.35 -2.45 -55.61
C ILE G 191 -44.52 -1.47 -55.52
N GLU G 192 -44.68 -0.63 -56.55
CA GLU G 192 -45.75 0.37 -56.54
C GLU G 192 -47.09 -0.24 -56.92
N ALA G 193 -47.10 -1.09 -57.96
CA ALA G 193 -48.35 -1.74 -58.36
C ALA G 193 -48.90 -2.60 -57.23
N GLY G 194 -48.04 -3.42 -56.62
CA GLY G 194 -48.49 -4.23 -55.50
C GLY G 194 -49.08 -3.40 -54.38
N LEU G 195 -48.51 -2.20 -54.15
CA LEU G 195 -49.00 -1.34 -53.09
C LEU G 195 -50.38 -0.79 -53.41
N TYR G 196 -50.62 -0.43 -54.67
CA TYR G 196 -51.95 0.04 -55.06
C TYR G 196 -52.94 -1.11 -55.15
N ALA G 197 -52.50 -2.24 -55.71
CA ALA G 197 -53.36 -3.42 -55.75
C ALA G 197 -53.83 -3.80 -54.34
N THR G 198 -52.98 -3.60 -53.34
CA THR G 198 -53.37 -3.87 -51.96
C THR G 198 -54.42 -2.86 -51.48
N GLN G 199 -54.18 -1.58 -51.72
CA GLN G 199 -55.12 -0.56 -51.28
C GLN G 199 -56.45 -0.66 -52.02
N LYS G 200 -56.40 -1.01 -53.31
CA LYS G 200 -57.62 -1.15 -54.09
C LYS G 200 -58.56 -2.16 -53.44
N LEU G 201 -58.05 -3.36 -53.13
CA LEU G 201 -58.89 -4.40 -52.56
C LEU G 201 -59.49 -3.98 -51.22
N ALA G 202 -58.72 -3.25 -50.40
CA ALA G 202 -59.23 -2.82 -49.11
C ALA G 202 -60.41 -1.85 -49.26
N GLU G 203 -60.27 -0.87 -50.16
CA GLU G 203 -61.36 0.08 -50.37
C GLU G 203 -62.62 -0.60 -50.88
N LEU G 204 -62.47 -1.67 -51.66
CA LEU G 204 -63.63 -2.31 -52.28
C LEU G 204 -64.59 -2.83 -51.22
N ALA G 205 -64.08 -3.56 -50.22
CA ALA G 205 -64.94 -4.12 -49.19
C ALA G 205 -65.78 -3.05 -48.51
N GLU G 206 -65.19 -1.88 -48.27
CA GLU G 206 -65.93 -0.79 -47.63
C GLU G 206 -67.05 -0.28 -48.53
N LYS G 207 -66.77 -0.13 -49.82
CA LYS G 207 -67.73 0.38 -50.77
C LYS G 207 -68.59 -0.72 -51.41
N GLY G 208 -68.21 -1.98 -51.24
CA GLY G 208 -68.84 -3.08 -51.94
C GLY G 208 -67.99 -3.50 -53.13
N GLU G 209 -68.40 -3.09 -54.32
CA GLU G 209 -67.58 -3.17 -55.53
C GLU G 209 -66.81 -4.49 -55.61
N LYS G 210 -67.56 -5.58 -55.65
CA LYS G 210 -66.93 -6.87 -55.89
C LYS G 210 -66.26 -6.85 -57.26
N LEU G 211 -65.20 -7.64 -57.40
CA LEU G 211 -64.45 -7.69 -58.65
C LEU G 211 -64.59 -9.05 -59.32
N PRO G 212 -64.23 -9.14 -60.60
CA PRO G 212 -64.17 -10.45 -61.24
C PRO G 212 -63.33 -11.42 -60.43
N VAL G 213 -63.90 -12.60 -60.15
CA VAL G 213 -63.22 -13.58 -59.31
C VAL G 213 -61.79 -13.79 -59.80
N GLN G 214 -61.60 -13.89 -61.11
CA GLN G 214 -60.26 -14.12 -61.65
C GLN G 214 -59.38 -12.89 -61.48
N GLN G 215 -59.89 -11.71 -61.85
CA GLN G 215 -59.09 -10.50 -61.75
C GLN G 215 -58.58 -10.28 -60.32
N ARG G 216 -59.43 -10.55 -59.33
CA ARG G 216 -59.01 -10.42 -57.94
C ARG G 216 -57.85 -11.36 -57.63
N ARG G 217 -57.84 -12.53 -58.25
CA ARG G 217 -56.78 -13.51 -57.98
C ARG G 217 -55.41 -12.95 -58.35
N ASP G 218 -55.26 -12.54 -59.61
CA ASP G 218 -53.98 -11.98 -60.04
C ASP G 218 -53.75 -10.57 -59.52
N MET G 219 -54.78 -9.93 -58.95
CA MET G 219 -54.54 -8.69 -58.21
C MET G 219 -53.86 -8.99 -56.88
N GLN G 220 -54.35 -10.00 -56.16
CA GLN G 220 -53.72 -10.38 -54.89
C GLN G 220 -52.29 -10.85 -55.10
N TRP G 221 -52.00 -11.49 -56.24
CA TRP G 221 -50.63 -11.90 -56.51
C TRP G 221 -49.73 -10.69 -56.77
N ILE G 222 -50.28 -9.64 -57.38
CA ILE G 222 -49.50 -8.41 -57.55
C ILE G 222 -49.16 -7.81 -56.19
N CYS G 223 -50.12 -7.83 -55.27
CA CYS G 223 -49.82 -7.43 -53.90
C CYS G 223 -48.69 -8.27 -53.31
N ARG G 224 -48.79 -9.59 -53.46
CA ARG G 224 -47.73 -10.46 -52.98
C ARG G 224 -46.42 -10.22 -53.73
N ASP G 225 -46.50 -9.94 -55.03
CA ASP G 225 -45.30 -9.80 -55.85
C ASP G 225 -44.54 -8.52 -55.52
N GLY G 226 -45.23 -7.48 -55.06
CA GLY G 226 -44.57 -6.22 -54.77
C GLY G 226 -43.56 -6.32 -53.63
N ASP G 227 -43.80 -7.23 -52.68
CA ASP G 227 -42.92 -7.32 -51.52
C ASP G 227 -41.57 -7.93 -51.88
N ARG G 228 -41.56 -8.89 -52.79
CA ARG G 228 -40.28 -9.39 -53.31
C ARG G 228 -39.50 -8.24 -53.94
N ALA G 229 -40.20 -7.36 -54.68
CA ALA G 229 -39.55 -6.18 -55.24
C ALA G 229 -39.03 -5.27 -54.12
N LYS G 230 -39.80 -5.13 -53.05
CA LYS G 230 -39.37 -4.29 -51.94
C LYS G 230 -38.13 -4.86 -51.27
N ASN G 231 -38.16 -6.15 -50.91
CA ASN G 231 -37.03 -6.75 -50.20
C ASN G 231 -35.83 -6.91 -51.13
N HIS G 232 -36.07 -7.24 -52.40
CA HIS G 232 -34.96 -7.37 -53.34
C HIS G 232 -34.25 -6.03 -53.51
N LEU G 233 -34.99 -4.92 -53.50
CA LEU G 233 -34.38 -3.62 -53.65
C LEU G 233 -33.57 -3.24 -52.43
N LEU G 234 -34.06 -3.59 -51.23
CA LEU G 234 -33.32 -3.29 -50.01
C LEU G 234 -32.01 -4.08 -49.95
N GLU G 235 -32.09 -5.39 -50.11
CA GLU G 235 -30.90 -6.24 -50.01
C GLU G 235 -29.84 -5.87 -51.03
N ALA G 236 -30.22 -5.23 -52.13
CA ALA G 236 -29.24 -4.85 -53.15
C ALA G 236 -28.44 -3.62 -52.74
N ASN G 237 -29.04 -2.69 -52.02
CA ASN G 237 -28.38 -1.44 -51.65
C ASN G 237 -27.89 -1.43 -50.21
N LEU G 238 -27.81 -2.59 -49.56
CA LEU G 238 -27.29 -2.63 -48.20
C LEU G 238 -25.83 -2.18 -48.16
N ARG G 239 -25.05 -2.58 -49.15
CA ARG G 239 -23.66 -2.13 -49.21
C ARG G 239 -23.56 -0.61 -49.17
N LEU G 240 -24.55 0.09 -49.75
CA LEU G 240 -24.52 1.54 -49.73
C LEU G 240 -24.59 2.09 -48.31
N VAL G 241 -25.43 1.49 -47.47
CA VAL G 241 -25.55 1.93 -46.08
C VAL G 241 -24.20 1.84 -45.38
N VAL G 242 -23.61 0.64 -45.40
CA VAL G 242 -22.28 0.46 -44.80
C VAL G 242 -21.30 1.47 -45.37
N SER G 243 -21.36 1.69 -46.69
CA SER G 243 -20.50 2.69 -47.32
C SER G 243 -20.63 4.05 -46.66
N LEU G 244 -21.85 4.42 -46.26
CA LEU G 244 -22.08 5.72 -45.62
C LEU G 244 -21.82 5.65 -44.12
N ALA G 245 -22.08 4.51 -43.48
CA ALA G 245 -21.99 4.44 -42.03
C ALA G 245 -20.55 4.49 -41.53
N LYS G 246 -19.60 4.00 -42.34
CA LYS G 246 -18.21 3.98 -41.90
C LYS G 246 -17.75 5.36 -41.44
N ARG G 247 -18.19 6.42 -42.12
CA ARG G 247 -17.68 7.76 -41.87
C ARG G 247 -18.12 8.34 -40.53
N TYR G 248 -18.98 7.65 -39.78
CA TYR G 248 -19.51 8.19 -38.54
C TYR G 248 -19.15 7.34 -37.32
N THR G 249 -18.26 6.37 -37.47
CA THR G 249 -17.82 5.58 -36.32
C THR G 249 -17.04 6.45 -35.35
N GLY G 250 -17.04 6.04 -34.08
CA GLY G 250 -16.25 6.71 -33.06
C GLY G 250 -16.82 7.98 -32.51
N ARG G 251 -18.05 8.36 -32.89
CA ARG G 251 -18.69 9.55 -32.36
C ARG G 251 -19.73 9.22 -31.30
N GLY G 252 -19.54 8.12 -30.59
CA GLY G 252 -20.46 7.71 -29.53
C GLY G 252 -21.46 6.65 -29.92
N MET G 253 -21.32 6.02 -31.09
CA MET G 253 -22.23 4.98 -31.53
C MET G 253 -21.46 3.82 -32.12
N ALA G 254 -21.90 2.60 -31.79
CA ALA G 254 -21.28 1.41 -32.35
C ALA G 254 -21.56 1.33 -33.85
N PHE G 255 -20.60 0.76 -34.58
CA PHE G 255 -20.72 0.69 -36.04
C PHE G 255 -22.01 0.00 -36.45
N LEU G 256 -22.37 -1.10 -35.77
CA LEU G 256 -23.56 -1.84 -36.16
C LEU G 256 -24.82 -1.00 -35.96
N ASP G 257 -24.92 -0.29 -34.83
CA ASP G 257 -26.07 0.57 -34.61
C ASP G 257 -26.20 1.62 -35.71
N LEU G 258 -25.08 2.23 -36.09
CA LEU G 258 -25.09 3.15 -37.23
C LEU G 258 -25.62 2.43 -38.48
N ILE G 259 -25.16 1.19 -38.70
CA ILE G 259 -25.57 0.45 -39.89
C ILE G 259 -27.07 0.19 -39.88
N GLN G 260 -27.61 -0.21 -38.72
CA GLN G 260 -29.04 -0.51 -38.65
C GLN G 260 -29.88 0.74 -38.87
N GLU G 261 -29.57 1.83 -38.16
CA GLU G 261 -30.30 3.07 -38.37
C GLU G 261 -30.20 3.53 -39.82
N GLY G 262 -29.03 3.32 -40.43
CA GLY G 262 -28.90 3.59 -41.85
C GLY G 262 -29.85 2.74 -42.68
N ASN G 263 -29.95 1.44 -42.35
CA ASN G 263 -30.90 0.58 -43.04
C ASN G 263 -32.32 1.11 -42.92
N LEU G 264 -32.66 1.72 -41.78
CA LEU G 264 -33.97 2.33 -41.65
C LEU G 264 -34.16 3.45 -42.68
N GLY G 265 -33.15 4.30 -42.83
CA GLY G 265 -33.21 5.32 -43.87
C GLY G 265 -33.33 4.73 -45.25
N LEU G 266 -32.58 3.66 -45.52
CA LEU G 266 -32.69 2.98 -46.81
C LEU G 266 -34.12 2.48 -47.03
N ILE G 267 -34.78 1.99 -45.98
CA ILE G 267 -36.15 1.50 -46.11
C ILE G 267 -37.05 2.62 -46.61
N ARG G 268 -37.01 3.79 -45.95
CA ARG G 268 -37.87 4.89 -46.36
C ARG G 268 -37.53 5.37 -47.76
N ALA G 269 -36.23 5.42 -48.09
CA ALA G 269 -35.82 5.78 -49.44
C ALA G 269 -36.54 4.90 -50.48
N VAL G 270 -36.57 3.59 -50.21
CA VAL G 270 -37.33 2.69 -51.08
C VAL G 270 -38.81 3.04 -51.05
N GLU G 271 -39.34 3.36 -49.87
CA GLU G 271 -40.75 3.71 -49.76
C GLU G 271 -41.07 4.97 -50.53
N LYS G 272 -40.14 5.93 -50.57
CA LYS G 272 -40.38 7.24 -51.16
C LYS G 272 -39.73 7.40 -52.53
N PHE G 273 -39.08 6.36 -53.04
CA PHE G 273 -38.40 6.47 -54.33
C PHE G 273 -39.40 6.73 -55.46
N ASP G 274 -38.95 7.47 -56.47
CA ASP G 274 -39.76 7.79 -57.64
C ASP G 274 -38.93 7.47 -58.88
N TYR G 275 -39.34 6.46 -59.64
CA TYR G 275 -38.60 6.08 -60.84
C TYR G 275 -38.87 7.02 -62.01
N THR G 276 -40.05 7.65 -62.04
CA THR G 276 -40.38 8.55 -63.13
C THR G 276 -39.41 9.72 -63.22
N LYS G 277 -38.73 10.07 -62.13
CA LYS G 277 -37.73 11.14 -62.18
C LYS G 277 -36.50 10.74 -62.97
N GLY G 278 -36.27 9.44 -63.16
CA GLY G 278 -35.15 8.98 -63.95
C GLY G 278 -33.79 9.12 -63.29
N TYR G 279 -33.73 9.46 -62.01
CA TYR G 279 -32.47 9.60 -61.31
C TYR G 279 -32.03 8.25 -60.73
N LYS G 280 -30.72 8.03 -60.69
CA LYS G 280 -30.18 6.82 -60.10
C LYS G 280 -30.59 6.71 -58.64
N PHE G 281 -30.79 5.48 -58.18
CA PHE G 281 -31.33 5.27 -56.84
C PHE G 281 -30.38 5.79 -55.77
N SER G 282 -29.08 5.53 -55.92
CA SER G 282 -28.12 5.97 -54.90
C SER G 282 -28.16 7.47 -54.71
N THR G 283 -28.49 8.22 -55.77
CA THR G 283 -28.59 9.68 -55.65
C THR G 283 -29.59 10.07 -54.57
N TYR G 284 -30.77 9.46 -54.58
CA TYR G 284 -31.83 9.84 -53.66
C TYR G 284 -31.74 9.11 -52.32
N ALA G 285 -31.32 7.85 -52.32
CA ALA G 285 -31.26 7.09 -51.08
C ALA G 285 -30.17 7.60 -50.14
N THR G 286 -29.15 8.29 -50.67
CA THR G 286 -28.06 8.76 -49.82
C THR G 286 -28.55 9.80 -48.81
N TRP G 287 -29.49 10.66 -49.21
CA TRP G 287 -30.05 11.64 -48.29
C TRP G 287 -30.71 10.96 -47.10
N TRP G 288 -31.53 9.95 -47.37
CA TRP G 288 -32.28 9.31 -46.28
C TRP G 288 -31.37 8.52 -45.36
N ILE G 289 -30.34 7.86 -45.90
CA ILE G 289 -29.43 7.11 -45.05
C ILE G 289 -28.58 8.05 -44.20
N ARG G 290 -28.11 9.15 -44.80
CA ARG G 290 -27.35 10.13 -44.05
C ARG G 290 -28.19 10.77 -42.96
N GLN G 291 -29.44 11.12 -43.27
CA GLN G 291 -30.32 11.73 -42.26
C GLN G 291 -30.66 10.74 -41.16
N ALA G 292 -30.95 9.48 -41.53
CA ALA G 292 -31.32 8.49 -40.53
C ALA G 292 -30.19 8.22 -39.55
N ILE G 293 -28.93 8.31 -40.00
CA ILE G 293 -27.81 8.03 -39.12
C ILE G 293 -27.59 9.20 -38.17
N THR G 294 -27.58 10.43 -38.69
CA THR G 294 -27.34 11.58 -37.84
C THR G 294 -28.52 11.84 -36.91
N ARG G 295 -29.74 11.75 -37.43
CA ARG G 295 -30.90 11.84 -36.55
C ARG G 295 -30.79 10.84 -35.40
N ALA G 296 -30.33 9.63 -35.70
CA ALA G 296 -30.19 8.62 -34.65
C ALA G 296 -29.13 9.02 -33.63
N MET G 297 -28.00 9.55 -34.10
CA MET G 297 -26.93 9.92 -33.19
C MET G 297 -27.39 10.96 -32.17
N ALA G 298 -28.10 11.99 -32.64
CA ALA G 298 -28.63 12.99 -31.71
C ALA G 298 -29.62 12.36 -30.72
N ASP G 299 -30.38 11.36 -31.18
CA ASP G 299 -31.38 10.76 -30.31
C ASP G 299 -30.76 9.86 -29.25
N GLN G 300 -29.63 9.22 -29.54
CA GLN G 300 -29.13 8.13 -28.71
C GLN G 300 -27.72 8.32 -28.19
N ALA G 301 -26.82 8.94 -28.95
CA ALA G 301 -25.40 8.93 -28.60
C ALA G 301 -25.12 9.45 -27.20
N ARG G 302 -26.00 10.26 -26.63
CA ARG G 302 -25.78 10.85 -25.32
C ARG G 302 -26.59 10.09 -24.26
N THR G 303 -25.96 9.87 -23.10
CA THR G 303 -26.65 9.18 -22.02
C THR G 303 -27.82 9.99 -21.48
N ILE G 304 -27.77 11.33 -21.58
CA ILE G 304 -28.83 12.16 -21.05
C ILE G 304 -29.83 12.58 -22.13
N ARG G 305 -29.52 12.39 -23.41
CA ARG G 305 -30.43 12.56 -24.52
C ARG G 305 -30.97 13.99 -24.64
N ILE G 306 -30.11 14.90 -25.07
CA ILE G 306 -30.55 16.22 -25.55
C ILE G 306 -31.43 16.03 -26.79
N PRO G 307 -32.50 16.81 -26.93
CA PRO G 307 -33.34 16.72 -28.12
C PRO G 307 -32.61 17.22 -29.37
N VAL G 308 -33.25 17.00 -30.52
CA VAL G 308 -32.60 17.22 -31.80
C VAL G 308 -32.29 18.70 -32.02
N HIS G 309 -33.28 19.57 -31.78
CA HIS G 309 -33.07 20.99 -32.04
C HIS G 309 -31.97 21.57 -31.16
N MET G 310 -31.87 21.07 -29.92
CA MET G 310 -30.78 21.52 -29.06
C MET G 310 -29.46 20.91 -29.48
N VAL G 311 -29.48 19.67 -29.99
CA VAL G 311 -28.26 19.09 -30.56
C VAL G 311 -27.85 19.87 -31.80
N GLU G 312 -28.82 20.47 -32.50
CA GLU G 312 -28.51 21.24 -33.69
C GLU G 312 -27.81 22.55 -33.34
N VAL G 313 -28.23 23.21 -32.27
CA VAL G 313 -27.62 24.48 -31.90
C VAL G 313 -26.25 24.28 -31.26
N ILE G 314 -26.02 23.14 -30.63
CA ILE G 314 -24.68 22.84 -30.10
C ILE G 314 -23.69 22.70 -31.24
N ASN G 315 -24.03 21.87 -32.24
CA ASN G 315 -23.13 21.70 -33.38
C ASN G 315 -22.90 23.02 -34.10
N LYS G 316 -23.95 23.83 -34.23
CA LYS G 316 -23.81 25.13 -34.89
C LYS G 316 -22.90 26.05 -34.09
N LEU G 317 -23.00 26.02 -32.76
CA LEU G 317 -22.16 26.86 -31.92
C LEU G 317 -20.69 26.45 -32.04
N GLY G 318 -20.40 25.16 -31.86
CA GLY G 318 -19.04 24.70 -32.04
C GLY G 318 -18.50 25.02 -33.43
N ARG G 319 -19.36 24.90 -34.45
CA ARG G 319 -18.99 25.35 -35.78
C ARG G 319 -18.51 26.79 -35.76
N ILE G 320 -19.30 27.68 -35.14
CA ILE G 320 -18.97 29.10 -35.12
C ILE G 320 -17.64 29.33 -34.39
N GLN G 321 -17.51 28.75 -33.20
CA GLN G 321 -16.25 28.86 -32.47
C GLN G 321 -15.07 28.39 -33.31
N ARG G 322 -15.26 27.33 -34.09
CA ARG G 322 -14.18 26.82 -34.93
C ARG G 322 -13.81 27.82 -36.02
N GLU G 323 -14.80 28.26 -36.80
CA GLU G 323 -14.54 29.28 -37.82
C GLU G 323 -13.85 30.50 -37.22
N LEU G 324 -14.47 31.08 -36.18
CA LEU G 324 -13.94 32.28 -35.57
C LEU G 324 -12.51 32.07 -35.06
N LEU G 325 -12.26 30.94 -34.42
CA LEU G 325 -10.92 30.66 -33.89
C LEU G 325 -9.86 30.90 -34.95
N GLN G 326 -10.12 30.46 -36.19
CA GLN G 326 -9.16 30.69 -37.27
C GLN G 326 -9.11 32.15 -37.67
N ASP G 327 -10.25 32.86 -37.61
CA ASP G 327 -10.26 34.28 -37.94
C ASP G 327 -9.55 35.11 -36.87
N LEU G 328 -9.67 34.70 -35.60
CA LEU G 328 -9.15 35.47 -34.48
C LEU G 328 -7.76 35.03 -34.04
N GLY G 329 -7.44 33.74 -34.15
CA GLY G 329 -6.20 33.22 -33.61
C GLY G 329 -6.26 32.83 -32.16
N ARG G 330 -7.44 32.88 -31.54
CA ARG G 330 -7.61 32.55 -30.13
C ARG G 330 -9.04 32.08 -29.93
N GLU G 331 -9.27 31.37 -28.83
CA GLU G 331 -10.61 30.92 -28.53
C GLU G 331 -11.50 32.11 -28.17
N PRO G 332 -12.73 32.17 -28.68
CA PRO G 332 -13.55 33.36 -28.48
C PRO G 332 -14.09 33.46 -27.07
N THR G 333 -14.59 34.66 -26.75
CA THR G 333 -15.29 34.93 -25.51
C THR G 333 -16.79 34.77 -25.70
N PRO G 334 -17.53 34.55 -24.62
CA PRO G 334 -18.98 34.32 -24.76
C PRO G 334 -19.70 35.45 -25.50
N GLU G 335 -19.23 36.69 -25.39
CA GLU G 335 -19.91 37.80 -26.06
C GLU G 335 -19.74 37.72 -27.57
N GLU G 336 -18.58 37.26 -28.04
CA GLU G 336 -18.34 37.18 -29.47
C GLU G 336 -19.17 36.08 -30.11
N LEU G 337 -19.23 34.89 -29.48
CA LEU G 337 -20.08 33.83 -29.98
C LEU G 337 -21.54 34.22 -29.94
N ALA G 338 -21.94 34.99 -28.93
CA ALA G 338 -23.34 35.43 -28.83
C ALA G 338 -23.72 36.31 -30.01
N LYS G 339 -22.85 37.26 -30.36
CA LYS G 339 -23.15 38.15 -31.49
C LYS G 339 -23.04 37.40 -32.81
N GLU G 340 -22.03 36.53 -32.95
CA GLU G 340 -21.84 35.80 -34.20
C GLU G 340 -23.01 34.87 -34.48
N MET G 341 -23.64 34.33 -33.43
CA MET G 341 -24.76 33.42 -33.58
C MET G 341 -26.11 34.12 -33.46
N ASP G 342 -26.12 35.41 -33.16
CA ASP G 342 -27.35 36.18 -32.97
C ASP G 342 -28.17 35.61 -31.81
N ILE G 343 -27.51 35.49 -30.65
CA ILE G 343 -28.14 35.04 -29.42
C ILE G 343 -27.53 35.81 -28.25
N THR G 344 -28.12 35.62 -27.07
CA THR G 344 -27.66 36.33 -25.89
C THR G 344 -26.41 35.66 -25.32
N PRO G 345 -25.53 36.44 -24.67
CA PRO G 345 -24.35 35.84 -24.05
C PRO G 345 -24.70 34.86 -22.94
N GLU G 346 -25.82 35.06 -22.25
CA GLU G 346 -26.27 34.11 -21.25
C GLU G 346 -26.88 32.87 -21.89
N LYS G 347 -27.31 32.96 -23.15
CA LYS G 347 -27.80 31.79 -23.86
C LYS G 347 -26.65 30.84 -24.21
N VAL G 348 -25.61 31.37 -24.86
CA VAL G 348 -24.49 30.53 -25.25
C VAL G 348 -23.84 29.88 -24.04
N LEU G 349 -23.77 30.61 -22.92
CA LEU G 349 -23.25 30.01 -21.70
C LEU G 349 -24.15 28.88 -21.23
N GLU G 350 -25.48 29.08 -21.31
CA GLU G 350 -26.41 28.03 -20.93
C GLU G 350 -26.31 26.83 -21.87
N ILE G 351 -25.95 27.07 -23.14
CA ILE G 351 -25.78 25.97 -24.08
C ILE G 351 -24.53 25.17 -23.75
N GLN G 352 -23.43 25.85 -23.40
CA GLN G 352 -22.21 25.15 -23.06
C GLN G 352 -22.35 24.33 -21.78
N GLN G 353 -23.31 24.66 -20.91
CA GLN G 353 -23.59 23.80 -19.77
C GLN G 353 -24.36 22.56 -20.19
N TYR G 354 -25.27 22.69 -21.16
CA TYR G 354 -25.99 21.52 -21.66
C TYR G 354 -25.04 20.56 -22.36
N ALA G 355 -24.07 21.09 -23.10
CA ALA G 355 -23.17 20.26 -23.91
C ALA G 355 -22.24 19.40 -23.07
N ARG G 356 -22.10 19.68 -21.77
CA ARG G 356 -21.28 18.83 -20.90
C ARG G 356 -21.74 17.38 -21.00
N GLU G 357 -20.78 16.47 -21.07
CA GLU G 357 -21.13 15.06 -21.11
C GLU G 357 -20.71 14.37 -19.81
N PRO G 358 -21.46 13.36 -19.37
CA PRO G 358 -21.18 12.72 -18.08
C PRO G 358 -19.89 11.92 -18.05
N ILE G 359 -19.59 11.36 -16.87
CA ILE G 359 -18.40 10.54 -16.65
C ILE G 359 -18.85 9.30 -15.87
N SER G 360 -17.95 8.33 -15.78
CA SER G 360 -18.27 7.01 -15.23
C SER G 360 -17.87 6.94 -13.77
N LEU G 361 -18.81 6.55 -12.92
CA LEU G 361 -18.49 6.24 -11.53
C LEU G 361 -17.61 5.01 -11.44
N ASP G 362 -17.89 4.00 -12.27
CA ASP G 362 -17.10 2.77 -12.27
C ASP G 362 -15.66 3.01 -12.70
N GLN G 363 -15.32 4.20 -13.17
CA GLN G 363 -13.95 4.54 -13.49
C GLN G 363 -13.11 4.59 -12.22
N THR G 364 -11.81 4.34 -12.38
CA THR G 364 -10.90 4.22 -11.25
C THR G 364 -9.91 5.38 -11.24
N ILE G 365 -9.56 5.84 -10.04
CA ILE G 365 -8.56 6.88 -9.87
C ILE G 365 -7.73 6.60 -8.62
N GLU G 368 -5.21 7.41 -6.67
CA GLU G 368 -4.33 6.80 -7.66
C GLU G 368 -4.17 5.30 -7.44
N GLY G 369 -4.85 4.50 -8.25
CA GLY G 369 -4.68 3.06 -8.22
C GLY G 369 -5.68 2.30 -7.37
N ASP G 370 -6.44 1.43 -8.01
CA ASP G 370 -7.33 0.45 -7.38
C ASP G 370 -8.55 1.06 -6.71
N SER G 371 -8.75 2.37 -6.78
CA SER G 371 -9.89 3.03 -6.14
C SER G 371 -10.82 3.58 -7.21
N GLN G 372 -11.98 2.95 -7.38
CA GLN G 372 -13.00 3.47 -8.27
C GLN G 372 -13.60 4.74 -7.69
N LEU G 373 -14.00 5.65 -8.58
CA LEU G 373 -14.57 6.92 -8.15
C LEU G 373 -15.80 6.71 -7.28
N GLY G 374 -16.63 5.71 -7.61
CA GLY G 374 -17.94 5.59 -6.99
C GLY G 374 -17.95 5.61 -5.48
N ASP G 375 -16.86 5.15 -4.85
CA ASP G 375 -16.84 5.00 -3.40
C ASP G 375 -16.76 6.32 -2.67
N PHE G 376 -16.77 7.46 -3.36
CA PHE G 376 -16.57 8.75 -2.71
C PHE G 376 -17.84 9.60 -2.64
N ILE G 377 -18.97 9.09 -3.10
CA ILE G 377 -20.20 9.87 -3.15
C ILE G 377 -20.93 9.74 -1.82
N GLU G 378 -21.23 10.87 -1.20
CA GLU G 378 -21.98 10.89 0.05
C GLU G 378 -23.47 10.68 -0.21
N ASP G 379 -24.12 9.99 0.73
CA ASP G 379 -25.57 9.85 0.73
C ASP G 379 -26.15 11.01 1.54
N SER G 380 -26.79 11.95 0.85
CA SER G 380 -27.19 13.20 1.51
C SER G 380 -28.37 12.97 2.45
N GLU G 381 -29.36 12.18 2.03
CA GLU G 381 -30.54 11.98 2.86
C GLU G 381 -30.33 10.91 3.94
N ALA G 382 -29.15 10.30 3.99
CA ALA G 382 -28.87 9.32 5.05
C ALA G 382 -29.04 9.96 6.42
N VAL G 383 -29.76 9.28 7.30
CA VAL G 383 -30.06 9.84 8.61
C VAL G 383 -28.77 10.01 9.41
N VAL G 384 -28.56 11.22 9.91
CA VAL G 384 -27.40 11.52 10.76
C VAL G 384 -27.83 11.32 12.21
N ALA G 385 -27.17 10.37 12.88
CA ALA G 385 -27.66 9.91 14.18
C ALA G 385 -27.65 11.02 15.23
N VAL G 386 -26.77 12.02 15.08
CA VAL G 386 -26.70 13.05 16.11
C VAL G 386 -27.89 14.00 16.04
N ASP G 387 -28.46 14.21 14.85
CA ASP G 387 -29.59 15.13 14.71
C ASP G 387 -30.93 14.44 14.91
N ALA G 388 -31.08 13.19 14.43
CA ALA G 388 -32.36 12.51 14.55
C ALA G 388 -32.72 12.27 16.01
N VAL G 389 -31.73 11.94 16.85
CA VAL G 389 -31.99 11.76 18.28
C VAL G 389 -32.43 13.07 18.91
N SER G 390 -31.69 14.15 18.64
CA SER G 390 -32.06 15.45 19.18
C SER G 390 -33.45 15.85 18.73
N PHE G 391 -33.84 15.48 17.51
CA PHE G 391 -35.20 15.72 17.05
C PHE G 391 -36.21 14.99 17.91
N THR G 392 -35.92 13.73 18.26
CA THR G 392 -36.79 12.99 19.16
C THR G 392 -36.80 13.62 20.54
N LEU G 393 -35.63 14.05 21.02
CA LEU G 393 -35.57 14.76 22.30
C LEU G 393 -36.26 16.11 22.22
N LEU G 394 -36.25 16.74 21.04
CA LEU G 394 -36.91 18.03 20.88
C LEU G 394 -38.42 17.88 20.95
N GLN G 395 -38.98 16.92 20.21
CA GLN G 395 -40.42 16.73 20.21
C GLN G 395 -40.96 16.28 21.56
N ASP G 396 -40.12 15.70 22.40
CA ASP G 396 -40.53 15.42 23.78
C ASP G 396 -40.59 16.70 24.60
N GLN G 397 -39.65 17.62 24.37
CA GLN G 397 -39.68 18.90 25.07
C GLN G 397 -40.92 19.69 24.70
N LEU G 398 -41.32 19.65 23.43
CA LEU G 398 -42.54 20.35 23.03
C LEU G 398 -43.78 19.70 23.64
N GLN G 399 -43.77 18.39 23.81
CA GLN G 399 -44.90 17.71 24.44
C GLN G 399 -45.13 18.21 25.86
N SER G 400 -44.08 18.68 26.52
CA SER G 400 -44.24 19.22 27.87
C SER G 400 -44.96 20.56 27.83
N VAL G 401 -44.55 21.45 26.93
CA VAL G 401 -45.16 22.77 26.85
C VAL G 401 -46.66 22.68 26.64
N LEU G 402 -47.10 21.72 25.81
CA LEU G 402 -48.52 21.63 25.48
C LEU G 402 -49.36 21.33 26.73
N GLU G 403 -48.83 20.54 27.67
CA GLU G 403 -49.59 20.27 28.88
C GLU G 403 -49.78 21.51 29.73
N THR G 404 -48.86 22.48 29.62
CA THR G 404 -49.02 23.73 30.36
C THR G 404 -50.13 24.60 29.77
N LEU G 405 -50.30 24.55 28.45
CA LEU G 405 -51.32 25.35 27.79
C LEU G 405 -52.71 24.78 28.06
N SER G 406 -53.72 25.62 27.79
CA SER G 406 -55.11 25.16 27.89
C SER G 406 -55.36 24.03 26.91
N GLU G 407 -56.27 23.13 27.30
CA GLU G 407 -56.59 21.99 26.44
C GLU G 407 -57.00 22.45 25.04
N ARG G 408 -57.84 23.47 24.97
CA ARG G 408 -58.21 24.04 23.67
C ARG G 408 -57.01 24.72 23.02
N GLU G 409 -56.15 25.36 23.83
CA GLU G 409 -55.00 26.05 23.28
C GLU G 409 -54.00 25.07 22.68
N ALA G 410 -53.67 24.00 23.42
CA ALA G 410 -52.75 23.00 22.91
C ALA G 410 -53.29 22.35 21.64
N GLY G 411 -54.59 22.06 21.61
CA GLY G 411 -55.18 21.44 20.42
C GLY G 411 -55.06 22.32 19.20
N VAL G 412 -55.17 23.64 19.39
CA VAL G 412 -55.12 24.56 18.24
C VAL G 412 -53.72 24.60 17.65
N VAL G 413 -52.70 24.70 18.50
CA VAL G 413 -51.33 24.84 18.00
C VAL G 413 -50.95 23.64 17.16
N ARG G 414 -51.30 22.42 17.60
CA ARG G 414 -51.00 21.23 16.83
C ARG G 414 -51.64 21.30 15.45
N LEU G 415 -52.97 21.38 15.41
CA LEU G 415 -53.70 21.34 14.15
C LEU G 415 -53.19 22.40 13.17
N ARG G 416 -52.90 23.60 13.68
CA ARG G 416 -52.40 24.67 12.82
C ARG G 416 -51.11 24.24 12.12
N PHE G 417 -50.26 23.48 12.81
CA PHE G 417 -49.04 22.95 12.23
C PHE G 417 -49.09 21.45 12.02
N GLY G 418 -50.19 20.79 12.38
CA GLY G 418 -50.36 19.37 12.16
C GLY G 418 -49.25 18.51 12.72
N LEU G 419 -48.94 18.70 14.01
CA LEU G 419 -47.89 17.89 14.62
C LEU G 419 -48.30 16.43 14.74
N THR G 420 -49.54 16.18 15.15
CA THR G 420 -50.01 14.79 15.29
C THR G 420 -50.37 14.18 13.95
N ASP G 421 -51.11 14.92 13.12
CA ASP G 421 -51.51 14.42 11.81
C ASP G 421 -50.40 14.50 10.77
N GLY G 422 -49.44 15.40 10.95
CA GLY G 422 -48.38 15.57 9.98
C GLY G 422 -48.70 16.54 8.86
N GLN G 423 -49.86 17.20 8.89
CA GLN G 423 -50.28 18.13 7.86
C GLN G 423 -50.87 19.38 8.48
N PRO G 424 -50.49 20.56 7.98
CA PRO G 424 -51.07 21.80 8.50
C PRO G 424 -52.57 21.86 8.24
N ARG G 425 -53.23 22.79 8.93
CA ARG G 425 -54.66 23.00 8.76
C ARG G 425 -54.95 24.49 8.80
N THR G 426 -55.80 24.95 7.88
CA THR G 426 -56.13 26.36 7.84
C THR G 426 -57.21 26.68 8.88
N LEU G 427 -57.36 27.98 9.15
CA LEU G 427 -58.19 28.41 10.27
C LEU G 427 -59.64 27.96 10.10
N ASP G 428 -60.22 28.19 8.92
CA ASP G 428 -61.60 27.76 8.68
C ASP G 428 -61.75 26.25 8.95
N GLU G 429 -60.73 25.47 8.58
CA GLU G 429 -60.79 24.03 8.86
C GLU G 429 -60.61 23.75 10.35
N ILE G 430 -59.88 24.60 11.06
CA ILE G 430 -59.80 24.48 12.51
C ILE G 430 -61.07 25.01 13.18
N GLY G 431 -61.86 25.83 12.47
CA GLY G 431 -63.11 26.30 13.03
C GLY G 431 -64.17 25.23 13.09
N GLN G 432 -64.17 24.31 12.12
CA GLN G 432 -65.18 23.26 12.09
C GLN G 432 -65.05 22.33 13.29
N VAL G 433 -63.82 21.97 13.64
CA VAL G 433 -63.61 21.05 14.76
C VAL G 433 -64.02 21.70 16.07
N TYR G 434 -63.75 23.00 16.22
CA TYR G 434 -64.08 23.74 17.44
C TYR G 434 -65.34 24.57 17.30
N GLY G 435 -65.99 24.55 16.14
CA GLY G 435 -67.27 25.21 15.98
C GLY G 435 -67.25 26.70 16.27
N VAL G 436 -66.15 27.38 15.94
CA VAL G 436 -66.01 28.80 16.20
C VAL G 436 -65.57 29.51 14.93
N THR G 437 -65.88 30.80 14.86
CA THR G 437 -65.44 31.61 13.73
C THR G 437 -63.93 31.47 13.54
N ARG G 438 -63.49 31.48 12.28
CA ARG G 438 -62.07 31.30 12.01
C ARG G 438 -61.23 32.45 12.57
N GLU G 439 -61.82 33.64 12.69
CA GLU G 439 -61.10 34.74 13.32
C GLU G 439 -60.77 34.42 14.78
N ARG G 440 -61.74 33.86 15.51
CA ARG G 440 -61.48 33.46 16.89
C ARG G 440 -60.28 32.51 16.96
N ILE G 441 -60.19 31.57 16.02
CA ILE G 441 -59.03 30.69 15.98
C ILE G 441 -57.76 31.49 15.77
N ARG G 442 -57.81 32.52 14.91
CA ARG G 442 -56.66 33.39 14.74
C ARG G 442 -56.34 34.13 16.04
N GLN G 443 -57.37 34.56 16.77
CA GLN G 443 -57.15 35.24 18.04
C GLN G 443 -56.54 34.29 19.06
N ILE G 444 -57.13 33.11 19.23
CA ILE G 444 -56.58 32.13 20.15
C ILE G 444 -55.14 31.80 19.79
N GLU G 445 -54.85 31.71 18.49
CA GLU G 445 -53.49 31.45 18.05
C GLU G 445 -52.55 32.57 18.49
N SER G 446 -52.97 33.83 18.32
CA SER G 446 -52.11 34.95 18.67
C SER G 446 -51.81 34.97 20.17
N LYS G 447 -52.84 34.77 21.00
CA LYS G 447 -52.65 34.80 22.44
C LYS G 447 -51.76 33.65 22.90
N THR G 448 -51.94 32.46 22.33
CA THR G 448 -51.15 31.30 22.75
C THR G 448 -49.70 31.42 22.30
N MET G 449 -49.47 31.98 21.11
CA MET G 449 -48.10 32.15 20.63
C MET G 449 -47.32 33.12 21.52
N SER G 450 -47.91 34.28 21.81
CA SER G 450 -47.26 35.23 22.70
C SER G 450 -46.96 34.59 24.05
N LYS G 451 -47.88 33.77 24.55
CA LYS G 451 -47.61 33.08 25.81
C LYS G 451 -46.48 32.06 25.67
N LEU G 452 -46.34 31.47 24.48
CA LEU G 452 -45.21 30.57 24.24
C LEU G 452 -43.89 31.34 24.23
N ARG G 453 -43.90 32.57 23.71
CA ARG G 453 -42.69 33.40 23.75
C ARG G 453 -42.37 33.86 25.16
N HIS G 454 -43.33 33.80 26.08
CA HIS G 454 -43.11 34.21 27.47
C HIS G 454 -41.82 33.59 27.98
N PRO G 455 -41.08 34.29 28.84
CA PRO G 455 -39.72 33.84 29.19
C PRO G 455 -39.65 32.40 29.69
N SER G 456 -40.60 31.99 30.53
CA SER G 456 -40.50 30.67 31.16
C SER G 456 -40.62 29.56 30.12
N ARG G 457 -41.57 29.67 29.19
CA ARG G 457 -41.92 28.54 28.35
C ARG G 457 -40.86 28.25 27.28
N SER G 458 -40.19 29.28 26.77
CA SER G 458 -39.31 29.11 25.62
C SER G 458 -37.83 29.02 26.00
N GLN G 459 -37.49 29.10 27.29
CA GLN G 459 -36.07 29.12 27.67
C GLN G 459 -35.34 27.88 27.18
N VAL G 460 -35.99 26.72 27.23
CA VAL G 460 -35.31 25.47 26.90
C VAL G 460 -35.02 25.40 25.41
N LEU G 461 -35.97 25.82 24.58
CA LEU G 461 -35.86 25.62 23.14
C LEU G 461 -34.87 26.56 22.47
N ARG G 462 -34.45 27.64 23.16
CA ARG G 462 -33.41 28.49 22.61
C ARG G 462 -32.16 27.67 22.27
N ASP G 463 -31.71 26.85 23.22
CA ASP G 463 -30.53 26.01 22.97
C ASP G 463 -30.78 25.02 21.84
N TYR G 464 -32.02 24.57 21.68
CA TYR G 464 -32.39 23.67 20.60
C TYR G 464 -32.58 24.39 19.26
N LEU G 465 -32.14 25.64 19.16
CA LEU G 465 -32.32 26.40 17.92
C LEU G 465 -31.56 25.77 16.76
N ASP G 466 -30.32 25.36 17.01
CA ASP G 466 -29.51 24.72 15.96
C ASP G 466 -28.41 23.87 16.57
N UNK I 1 -2.27 -21.26 -69.29
CA UNK I 1 -2.59 -22.41 -68.44
C UNK I 1 -2.77 -21.98 -66.99
N UNK I 2 -3.63 -20.98 -66.77
CA UNK I 2 -3.88 -20.44 -65.44
C UNK I 2 -5.20 -20.92 -64.86
N UNK I 3 -5.79 -21.98 -65.43
CA UNK I 3 -7.05 -22.49 -64.91
C UNK I 3 -6.88 -23.21 -63.57
N UNK I 4 -5.68 -23.71 -63.27
CA UNK I 4 -5.43 -24.26 -61.94
C UNK I 4 -5.41 -23.17 -60.88
N UNK I 5 -5.14 -21.92 -61.27
CA UNK I 5 -5.22 -20.81 -60.33
C UNK I 5 -6.66 -20.35 -60.13
N UNK I 6 -7.49 -20.46 -61.16
CA UNK I 6 -8.91 -20.10 -61.02
C UNK I 6 -9.66 -21.14 -60.20
N UNK I 7 -9.22 -22.40 -60.22
CA UNK I 7 -9.83 -23.42 -59.40
C UNK I 7 -9.40 -23.32 -57.94
N UNK I 8 -8.19 -22.82 -57.69
CA UNK I 8 -7.75 -22.61 -56.31
C UNK I 8 -8.42 -21.39 -55.69
N UNK I 9 -8.77 -20.38 -56.50
CA UNK I 9 -9.50 -19.23 -56.00
C UNK I 9 -10.97 -19.57 -55.72
N UNK I 10 -11.51 -20.55 -56.42
CA UNK I 10 -12.89 -20.97 -56.15
C UNK I 10 -12.97 -21.81 -54.89
N UNK I 11 -11.90 -22.51 -54.53
CA UNK I 11 -11.90 -23.31 -53.30
C UNK I 11 -11.73 -22.42 -52.08
N UNK I 12 -10.94 -21.36 -52.17
CA UNK I 12 -10.80 -20.44 -51.05
C UNK I 12 -12.03 -19.57 -50.88
N UNK I 13 -12.70 -19.20 -51.97
CA UNK I 13 -13.94 -18.45 -51.87
C UNK I 13 -15.06 -19.28 -51.26
N UNK I 14 -15.10 -20.58 -51.55
CA UNK I 14 -16.09 -21.46 -50.96
C UNK I 14 -15.74 -21.82 -49.52
N UNK I 15 -14.44 -21.99 -49.24
CA UNK I 15 -14.02 -22.27 -47.86
C UNK I 15 -14.20 -21.06 -46.96
N UNK I 16 -14.15 -19.85 -47.53
CA UNK I 16 -14.39 -18.65 -46.74
C UNK I 16 -15.87 -18.38 -46.56
N UNK I 17 -16.70 -18.81 -47.51
CA UNK I 17 -18.15 -18.68 -47.36
C UNK I 17 -18.66 -19.47 -46.15
N UNK I 18 -17.93 -20.50 -45.74
CA UNK I 18 -18.29 -21.27 -44.56
C UNK I 18 -17.62 -20.68 -43.32
N UNK I 19 -18.42 -20.41 -42.30
CA UNK I 19 -17.91 -19.83 -41.06
C UNK I 19 -17.20 -18.50 -41.31
#